data_8Y89
#
_entry.id   8Y89
#
_cell.length_a   1.00
_cell.length_b   1.00
_cell.length_c   1.00
_cell.angle_alpha   90.00
_cell.angle_beta   90.00
_cell.angle_gamma   90.00
#
_symmetry.space_group_name_H-M   'P 1'
#
loop_
_entity.id
_entity.type
_entity.pdbx_description
1 polymer 'Spike glycoprotein'
2 polymer 'Transmembrane protease serine 2'
3 branched 2-acetamido-2-deoxy-beta-D-glucopyranose-(1-4)-2-acetamido-2-deoxy-beta-D-glucopyranose
4 branched beta-D-mannopyranose-(1-4)-2-acetamido-2-deoxy-beta-D-glucopyranose-(1-4)-2-acetamido-2-deoxy-beta-D-glucopyranose
5 non-polymer 2-acetamido-2-deoxy-beta-D-glucopyranose
#
loop_
_entity_poly.entity_id
_entity_poly.type
_entity_poly.pdbx_seq_one_letter_code
_entity_poly.pdbx_strand_id
1 'polypeptide(L)'
;VIGDFNCTNSFINDYNKTIPRISEDVVDVSLGLGTYYVLNRVYLNTTLLFTGYFPKSGANFRDLALKGSIYLSTLWYKPP
FLSDFNNGIFSKVKNTKLYVNNTLYSEFSTIVIGSVFVNTSYTIVVQPHNGILEITACQYTMCEYPHTVCKSKGSIRNES
WHIDSSEPLCLFKKNFTYNVSADWLYFHFYQERGVFYAYYADVGMPTTFLFSLYLGTILSHYYVMPLTCNAISSNTDNET
LEYWVTPLSRRQYLLNFDEHGVITNAVDCSSSFLSEIQCKTQSFAPNTGVYDLSGFTVKPVATVYRRIPNLPDCDIDNWL
NNVSVPSPLNWERRIFSNCNFNLSTLLRLVHVDSFSCNNLDKSKIFGSCFNSITVDKFAIPNRRRDDLQLGSSGFLQSSN
YKIDISSSSCQLYYSLPLVNVTINNFNPSSWNRRYGFGSFNLSSYDVVYSDHCFSVNSDFCPCADPSVVNSCAKSKPPSA
ICPAGTKYRHCDLDTTLYVKNWCRCSCLPDPISTYSPNTCPQKKVVVGIGEHCPGLGINEEKCGTQLNHSSCFCSPDAFL
GWSFDSCISNNRCNIFSNFIFNGINSGTTCSNDLLYSNTEISTGVCVNYDLYGITGQGIFKEVSAAYYNNWQNLLYDSNG
NIIGFKDFLTNKTYTILPCYSGRVSAAFYQNSSSPALLYRNLKCSYVLNNISFISQPFYFDSYLGCVLNAVNLTSYSVSS
CDLRMGSGFCIDYALPSSGGSGSGISSPYRFVTFEPFNVSFVNDSVETVGGLFEIQIPTNFTIAGHEEFIQTSSPKVTID
CSAFVCSNYAACHDLLSEYGTFCDNINSILNEVNDLLDITQLQVANALMQGVTLSSNLNTNLHSDVDNIDFKSLLGCLGS
QCGSSSRSPLEDLLFNKVKLSDVGFVEAYNNCTGGSEIRDLLCVQSFNGIKVLPPILSETQISGYTTAATVAAMFPPWSA
AAGVPFPLNVQYRINGLGVTMDVLNKNQKLIANAFNKALLSIQNGFTATPSALAKIQSVVNANAQALNSLLQQLFNKFGA
ISSSLQEILSRLDPPEAQVQIDRLINGRLTALNAYVSQQLSDITLIKAGASRAIEKVNECVKSQSPRINFCGNGNHILSL
VQNAPYGLLFIHFSYKPTSFKTVLVSPGLCLSGDRGIAPKQGYFIKQNDSWMFTGSSYYYPEPISDKNVVFMNSCSVNFT
KAPFIYLNNSIPNLSDFEAELSLWFKNHTSIAPNLTFNSHINATFLDLYYEMNVIQESIKSLN
;
A,C,B
2 'polypeptide(L)'
;MGSKCSNSGIECDSSGTCINPSNWCDGVSHCPGGEDENRCVRLYGPNFILQVYSSQRKSWHPVCQDDWNENYGRAACRDM
GYKNNFYSSQGIVDDSGSTSFMKLNTSAGNVDIYKKLYHSDACSSKAVVSLRCIACGVNLNDDDDKIVGGESALPGAWPW
QVSLHVQNVHVCGGSIITPEWIVTAAHCVEKPLNNPWHWTAFAGILRQSFMFYGAGYQVEKVISHPNYDSKTKNNDIALM
KLQKPLTFNDLVKPVCLPNPGMMLQPEQLCWISGWGATEEKGKTSEVLNAAKVLLIETQRCNSRYVYDNLITPAMICAGF
LQGNVDSCQGDSGGPLVTSKNNIWWLIGDTSWGSGCAKAYRPGVYGNVMVFTDWIYRQMRADG
;
T,G
#
loop_
_chem_comp.id
_chem_comp.type
_chem_comp.name
_chem_comp.formula
BMA D-saccharide, beta linking beta-D-mannopyranose 'C6 H12 O6'
NAG D-saccharide, beta linking 2-acetamido-2-deoxy-beta-D-glucopyranose 'C8 H15 N O6'
#
# COMPACT_ATOMS: atom_id res chain seq x y z
N VAL A 1 40.70 -3.10 23.81
CA VAL A 1 39.34 -2.61 23.62
C VAL A 1 38.50 -3.67 22.91
N ILE A 2 38.62 -4.91 23.36
CA ILE A 2 37.87 -6.02 22.78
C ILE A 2 36.72 -6.39 23.71
N GLY A 3 37.05 -6.77 24.95
CA GLY A 3 36.07 -7.14 25.93
C GLY A 3 35.95 -6.11 27.06
N ASP A 4 35.09 -6.45 28.02
CA ASP A 4 34.84 -5.60 29.18
C ASP A 4 34.84 -6.46 30.45
N PHE A 5 35.85 -7.32 30.57
CA PHE A 5 35.98 -8.18 31.75
C PHE A 5 37.45 -8.45 32.01
N ASN A 6 37.87 -8.29 33.26
CA ASN A 6 39.26 -8.49 33.63
C ASN A 6 39.53 -9.98 33.82
N CYS A 7 40.48 -10.52 33.07
CA CYS A 7 40.87 -11.91 33.17
C CYS A 7 42.31 -12.12 33.61
N THR A 8 43.23 -11.26 33.19
CA THR A 8 44.63 -11.37 33.59
C THR A 8 45.28 -10.01 33.52
N ASN A 9 46.21 -9.77 34.45
CA ASN A 9 46.92 -8.49 34.54
C ASN A 9 48.40 -8.75 34.77
N SER A 10 48.96 -9.71 34.03
CA SER A 10 50.36 -10.08 34.15
C SER A 10 51.04 -9.95 32.79
N PHE A 11 52.28 -9.43 32.81
CA PHE A 11 53.06 -9.20 31.60
C PHE A 11 52.31 -8.30 30.61
N ILE A 12 52.04 -7.08 31.07
CA ILE A 12 51.30 -6.09 30.30
C ILE A 12 52.24 -4.91 30.06
N ASN A 13 52.82 -4.84 28.88
CA ASN A 13 53.69 -3.74 28.48
C ASN A 13 52.87 -2.70 27.73
N ASP A 14 53.56 -1.72 27.15
CA ASP A 14 52.92 -0.63 26.41
C ASP A 14 53.14 -0.73 24.91
N TYR A 15 54.39 -0.80 24.47
CA TYR A 15 54.68 -0.88 23.04
C TYR A 15 56.06 -1.48 22.86
N ASN A 16 56.22 -2.23 21.76
CA ASN A 16 57.50 -2.86 21.45
C ASN A 16 58.06 -2.33 20.14
N ILE A 19 52.96 -2.28 13.57
CA ILE A 19 52.84 -1.65 12.28
C ILE A 19 52.44 -2.67 11.22
N PRO A 20 51.25 -2.47 10.62
CA PRO A 20 50.81 -3.39 9.56
C PRO A 20 51.74 -3.35 8.35
N ARG A 21 52.35 -4.48 8.05
CA ARG A 21 53.27 -4.60 6.92
C ARG A 21 52.45 -4.67 5.63
N ILE A 22 52.40 -3.55 4.91
CA ILE A 22 51.65 -3.51 3.65
C ILE A 22 52.43 -4.24 2.57
N SER A 23 51.81 -5.23 1.96
CA SER A 23 52.45 -6.02 0.92
C SER A 23 52.36 -5.32 -0.42
N GLU A 24 53.35 -5.58 -1.28
CA GLU A 24 53.41 -4.99 -2.61
C GLU A 24 52.60 -5.76 -3.64
N ASP A 25 52.19 -6.99 -3.35
CA ASP A 25 51.43 -7.77 -4.30
C ASP A 25 49.99 -7.28 -4.39
N VAL A 26 49.32 -7.63 -5.48
CA VAL A 26 47.95 -7.23 -5.73
C VAL A 26 47.10 -8.47 -5.97
N VAL A 27 45.79 -8.29 -5.87
CA VAL A 27 44.86 -9.39 -6.08
C VAL A 27 44.83 -9.74 -7.57
N ASP A 28 44.99 -11.02 -7.88
CA ASP A 28 44.96 -11.50 -9.25
C ASP A 28 43.57 -12.02 -9.59
N VAL A 29 43.15 -11.78 -10.83
CA VAL A 29 41.84 -12.18 -11.32
C VAL A 29 42.02 -12.96 -12.61
N SER A 30 40.90 -13.35 -13.21
CA SER A 30 40.85 -14.14 -14.45
C SER A 30 41.52 -15.50 -14.29
N LEU A 31 41.71 -15.95 -13.05
CA LEU A 31 42.27 -17.26 -12.79
C LEU A 31 41.42 -18.03 -11.80
N GLY A 32 40.70 -17.32 -10.94
CA GLY A 32 39.84 -17.94 -9.96
C GLY A 32 39.99 -17.40 -8.56
N LEU A 33 41.15 -16.80 -8.28
CA LEU A 33 41.41 -16.26 -6.95
C LEU A 33 40.57 -15.01 -6.72
N GLY A 34 39.84 -15.00 -5.60
CA GLY A 34 38.99 -13.86 -5.27
C GLY A 34 37.52 -14.18 -5.36
N THR A 35 37.14 -14.99 -6.34
CA THR A 35 35.75 -15.38 -6.51
C THR A 35 35.41 -16.58 -5.64
N TYR A 36 34.12 -16.86 -5.54
CA TYR A 36 33.64 -17.96 -4.71
C TYR A 36 32.43 -18.60 -5.35
N TYR A 37 32.22 -19.88 -5.06
CA TYR A 37 31.04 -20.58 -5.55
C TYR A 37 29.79 -20.03 -4.89
N VAL A 38 28.64 -20.41 -5.45
CA VAL A 38 27.35 -20.02 -4.90
C VAL A 38 27.12 -20.80 -3.61
N LEU A 39 26.10 -20.42 -2.85
CA LEU A 39 25.80 -21.06 -1.57
C LEU A 39 25.62 -22.55 -1.73
N ASN A 40 24.58 -22.96 -2.50
CA ASN A 40 24.35 -24.37 -2.76
C ASN A 40 23.88 -24.60 -4.19
N ARG A 41 24.04 -23.62 -5.07
CA ARG A 41 23.59 -23.73 -6.46
C ARG A 41 24.76 -24.14 -7.35
N VAL A 42 24.46 -24.96 -8.36
CA VAL A 42 25.46 -25.48 -9.28
C VAL A 42 25.12 -25.01 -10.69
N TYR A 43 26.13 -24.55 -11.41
CA TYR A 43 26.01 -24.13 -12.80
C TYR A 43 26.95 -24.98 -13.65
N LEU A 44 26.45 -25.50 -14.76
CA LEU A 44 27.20 -26.40 -15.61
C LEU A 44 27.25 -25.85 -17.03
N ASN A 45 28.46 -25.53 -17.50
CA ASN A 45 28.71 -25.14 -18.88
C ASN A 45 27.88 -23.90 -19.27
N THR A 46 28.15 -22.80 -18.57
CA THR A 46 27.42 -21.57 -18.82
C THR A 46 28.22 -20.39 -18.25
N THR A 47 27.87 -19.20 -18.72
CA THR A 47 28.44 -17.95 -18.22
C THR A 47 27.39 -17.23 -17.38
N LEU A 48 27.77 -16.83 -16.18
CA LEU A 48 26.85 -16.23 -15.22
C LEU A 48 27.34 -14.85 -14.83
N LEU A 49 26.48 -13.85 -15.00
CA LEU A 49 26.76 -12.48 -14.57
C LEU A 49 26.19 -12.31 -13.17
N PHE A 50 27.04 -12.37 -12.15
CA PHE A 50 26.62 -12.41 -10.77
C PHE A 50 27.07 -11.16 -10.03
N THR A 51 26.15 -10.54 -9.30
CA THR A 51 26.45 -9.36 -8.49
C THR A 51 26.66 -9.81 -7.05
N GLY A 52 27.90 -9.73 -6.57
CA GLY A 52 28.21 -10.15 -5.22
C GLY A 52 29.16 -9.22 -4.52
N TYR A 53 29.93 -9.74 -3.57
CA TYR A 53 30.89 -8.96 -2.79
C TYR A 53 32.29 -9.43 -3.16
N PHE A 54 33.06 -8.56 -3.79
CA PHE A 54 34.38 -8.88 -4.31
C PHE A 54 35.29 -7.67 -4.13
N PRO A 55 36.60 -7.87 -4.21
CA PRO A 55 37.51 -6.71 -4.26
C PRO A 55 37.36 -5.95 -5.56
N LYS A 56 37.97 -4.77 -5.62
CA LYS A 56 37.77 -3.87 -6.74
C LYS A 56 38.82 -4.03 -7.84
N SER A 57 40.09 -3.79 -7.51
CA SER A 57 41.14 -3.84 -8.52
C SER A 57 42.44 -4.44 -8.01
N GLY A 58 42.49 -4.96 -6.78
CA GLY A 58 43.72 -5.50 -6.25
C GLY A 58 44.39 -4.58 -5.25
N ALA A 59 43.61 -4.05 -4.31
CA ALA A 59 44.15 -3.18 -3.28
C ALA A 59 45.22 -3.91 -2.46
N ASN A 60 46.09 -3.13 -1.84
CA ASN A 60 47.18 -3.69 -1.04
C ASN A 60 46.64 -4.38 0.21
N PHE A 61 47.35 -5.43 0.64
CA PHE A 61 46.96 -6.20 1.80
C PHE A 61 47.53 -5.58 3.07
N ARG A 62 47.06 -6.09 4.21
CA ARG A 62 47.52 -5.65 5.52
C ARG A 62 47.82 -6.88 6.37
N ASP A 63 49.01 -6.93 6.95
CA ASP A 63 49.41 -8.04 7.81
C ASP A 63 48.96 -7.73 9.24
N LEU A 64 47.89 -8.38 9.67
CA LEU A 64 47.33 -8.18 11.01
C LEU A 64 47.74 -9.27 11.98
N ALA A 65 48.72 -10.09 11.63
CA ALA A 65 49.17 -11.15 12.52
C ALA A 65 49.96 -10.57 13.69
N LEU A 66 49.56 -10.93 14.91
CA LEU A 66 50.21 -10.47 16.12
C LEU A 66 50.83 -11.66 16.83
N LYS A 67 52.08 -11.49 17.27
CA LYS A 67 52.82 -12.56 17.94
C LYS A 67 53.49 -11.99 19.18
N GLY A 68 53.42 -12.76 20.28
CA GLY A 68 54.06 -12.37 21.50
C GLY A 68 54.85 -13.52 22.09
N SER A 69 55.83 -13.18 22.91
CA SER A 69 56.71 -14.16 23.54
C SER A 69 56.52 -14.22 25.05
N ILE A 70 56.68 -13.09 25.74
CA ILE A 70 56.54 -13.06 27.19
C ILE A 70 55.54 -11.99 27.61
N TYR A 71 55.76 -10.76 27.14
CA TYR A 71 54.93 -9.63 27.51
C TYR A 71 53.90 -9.34 26.42
N LEU A 72 52.77 -8.77 26.84
CA LEU A 72 51.72 -8.34 25.94
C LEU A 72 51.77 -6.82 25.78
N SER A 73 50.86 -6.29 24.97
CA SER A 73 50.81 -4.86 24.71
C SER A 73 49.37 -4.37 24.79
N THR A 74 49.22 -3.10 25.14
CA THR A 74 47.89 -2.48 25.21
C THR A 74 47.50 -1.83 23.90
N LEU A 75 48.47 -1.33 23.12
CA LEU A 75 48.16 -0.74 21.82
C LEU A 75 47.70 -1.78 20.82
N TRP A 76 47.97 -3.06 21.06
CA TRP A 76 47.53 -4.10 20.13
C TRP A 76 46.01 -4.23 20.10
N TYR A 77 45.35 -3.98 21.23
CA TYR A 77 43.90 -4.06 21.31
C TYR A 77 43.25 -2.71 21.02
N LYS A 78 43.64 -2.10 19.90
CA LYS A 78 43.17 -0.78 19.51
C LYS A 78 43.43 -0.61 18.02
N PRO A 79 42.72 0.31 17.37
CA PRO A 79 42.99 0.59 15.95
C PRO A 79 44.42 1.05 15.74
N PRO A 80 44.98 0.87 14.53
CA PRO A 80 44.33 0.29 13.35
C PRO A 80 44.31 -1.25 13.35
N PHE A 81 44.72 -1.86 14.46
CA PHE A 81 44.69 -3.33 14.54
C PHE A 81 43.26 -3.84 14.65
N LEU A 82 42.39 -3.09 15.31
CA LEU A 82 40.97 -3.43 15.39
C LEU A 82 40.26 -2.69 14.28
N SER A 83 40.21 -3.31 13.10
CA SER A 83 39.62 -2.68 11.93
C SER A 83 38.10 -2.67 12.03
N ASP A 84 37.44 -2.18 10.98
CA ASP A 84 35.99 -2.06 10.93
C ASP A 84 35.47 -2.96 9.81
N PHE A 85 34.57 -3.88 10.16
CA PHE A 85 33.94 -4.78 9.19
C PHE A 85 32.83 -4.01 8.48
N ASN A 86 33.24 -3.24 7.46
CA ASN A 86 32.30 -2.39 6.75
C ASN A 86 31.24 -3.22 6.03
N ASN A 87 31.65 -3.95 4.99
CA ASN A 87 30.73 -4.79 4.24
C ASN A 87 31.29 -6.15 3.87
N GLY A 88 32.54 -6.45 4.21
CA GLY A 88 33.12 -7.73 3.88
C GLY A 88 34.62 -7.78 4.06
N ILE A 89 35.15 -8.99 4.23
CA ILE A 89 36.58 -9.22 4.47
C ILE A 89 37.00 -10.48 3.72
N PHE A 90 38.06 -10.35 2.91
CA PHE A 90 38.69 -11.48 2.24
C PHE A 90 40.07 -11.67 2.86
N SER A 91 40.32 -12.86 3.39
CA SER A 91 41.52 -13.12 4.17
C SER A 91 42.33 -14.25 3.52
N LYS A 92 43.65 -14.09 3.55
CA LYS A 92 44.59 -15.08 3.05
C LYS A 92 45.57 -15.41 4.17
N VAL A 93 45.57 -16.67 4.61
CA VAL A 93 46.36 -17.11 5.75
C VAL A 93 47.44 -18.06 5.25
N LYS A 94 48.63 -17.95 5.83
CA LYS A 94 49.74 -18.85 5.52
C LYS A 94 49.82 -19.93 6.58
N ASN A 95 49.86 -21.18 6.14
CA ASN A 95 49.86 -22.32 7.06
C ASN A 95 51.26 -22.51 7.63
N THR A 96 51.39 -22.32 8.94
CA THR A 96 52.68 -22.50 9.62
C THR A 96 52.84 -23.99 9.94
N LYS A 97 53.64 -24.68 9.13
CA LYS A 97 53.86 -26.11 9.28
C LYS A 97 55.11 -26.34 10.13
N LEU A 98 54.92 -26.86 11.33
CA LEU A 98 56.01 -27.15 12.24
C LEU A 98 56.26 -28.66 12.28
N TYR A 99 57.52 -29.03 12.53
CA TYR A 99 57.93 -30.43 12.59
C TYR A 99 58.59 -30.69 13.93
N VAL A 100 58.02 -31.64 14.69
CA VAL A 100 58.58 -32.04 15.97
C VAL A 100 58.49 -33.57 16.06
N ASN A 101 59.62 -34.21 16.31
CA ASN A 101 59.71 -35.67 16.40
C ASN A 101 59.09 -36.32 15.15
N ASN A 102 59.59 -35.89 13.98
CA ASN A 102 59.10 -36.32 12.67
C ASN A 102 57.58 -36.31 12.58
N THR A 103 56.94 -35.39 13.32
CA THR A 103 55.50 -35.24 13.33
C THR A 103 55.15 -33.83 12.88
N LEU A 104 54.17 -33.72 11.98
CA LEU A 104 53.78 -32.44 11.42
C LEU A 104 52.62 -31.84 12.20
N TYR A 105 52.68 -30.53 12.42
CA TYR A 105 51.62 -29.79 13.08
C TYR A 105 51.33 -28.52 12.30
N SER A 106 50.07 -28.11 12.29
CA SER A 106 49.63 -26.93 11.55
C SER A 106 48.65 -26.14 12.40
N GLU A 107 49.07 -24.96 12.85
CA GLU A 107 48.22 -24.07 13.63
C GLU A 107 48.39 -22.65 13.12
N PHE A 108 47.34 -21.85 13.27
CA PHE A 108 47.38 -20.45 12.84
C PHE A 108 46.47 -19.65 13.78
N SER A 109 46.13 -18.44 13.38
CA SER A 109 45.45 -17.50 14.25
C SER A 109 43.96 -17.84 14.38
N THR A 110 43.28 -17.06 15.21
CA THR A 110 41.86 -17.24 15.50
C THR A 110 41.13 -15.94 15.19
N ILE A 111 39.97 -16.03 14.56
CA ILE A 111 39.23 -14.85 14.12
C ILE A 111 37.93 -14.75 14.91
N VAL A 112 37.58 -13.52 15.31
CA VAL A 112 36.34 -13.25 16.04
C VAL A 112 35.67 -12.03 15.41
N ILE A 113 34.48 -12.22 14.87
CA ILE A 113 33.73 -11.14 14.24
C ILE A 113 32.48 -10.89 15.08
N GLY A 114 31.96 -9.66 15.01
CA GLY A 114 30.80 -9.30 15.78
C GLY A 114 30.75 -7.85 16.16
N SER A 115 30.65 -7.58 17.46
CA SER A 115 30.60 -6.22 18.00
C SER A 115 31.32 -6.25 19.34
N VAL A 116 31.09 -5.20 20.15
CA VAL A 116 31.66 -5.18 21.50
C VAL A 116 31.25 -6.43 22.26
N PHE A 117 29.95 -6.57 22.51
CA PHE A 117 29.34 -7.80 22.99
C PHE A 117 30.09 -8.38 24.19
N VAL A 118 30.02 -7.67 25.32
CA VAL A 118 30.57 -8.17 26.56
C VAL A 118 29.90 -9.51 26.86
N ASN A 119 28.57 -9.49 27.03
CA ASN A 119 27.79 -10.72 27.04
C ASN A 119 26.38 -10.51 26.50
N THR A 120 26.11 -9.41 25.79
CA THR A 120 24.77 -9.11 25.34
C THR A 120 24.43 -9.74 24.00
N SER A 121 25.33 -9.67 23.02
CA SER A 121 25.08 -10.18 21.68
C SER A 121 26.11 -11.24 21.31
N TYR A 122 25.83 -11.93 20.21
CA TYR A 122 26.65 -13.06 19.80
C TYR A 122 27.95 -12.61 19.15
N THR A 123 28.96 -13.46 19.23
CA THR A 123 30.24 -13.25 18.58
C THR A 123 30.60 -14.51 17.82
N ILE A 124 30.84 -14.37 16.51
CA ILE A 124 31.14 -15.51 15.66
C ILE A 124 32.66 -15.71 15.68
N VAL A 125 33.10 -16.81 16.29
CA VAL A 125 34.52 -17.08 16.46
C VAL A 125 34.87 -18.37 15.71
N VAL A 126 35.90 -18.28 14.87
CA VAL A 126 36.47 -19.42 14.17
C VAL A 126 37.87 -19.65 14.74
N GLN A 127 38.09 -20.86 15.29
CA GLN A 127 39.31 -21.20 15.99
C GLN A 127 39.87 -22.52 15.45
N PRO A 128 41.16 -22.59 15.14
CA PRO A 128 41.75 -23.84 14.66
C PRO A 128 42.35 -24.69 15.76
N HIS A 129 42.14 -26.00 15.65
CA HIS A 129 42.69 -27.00 16.58
C HIS A 129 43.30 -28.12 15.75
N ASN A 130 44.60 -27.97 15.43
CA ASN A 130 45.39 -29.03 14.79
C ASN A 130 44.67 -29.61 13.56
N GLY A 131 44.05 -28.73 12.78
CA GLY A 131 43.34 -29.15 11.59
C GLY A 131 41.84 -29.21 11.70
N ILE A 132 41.27 -28.82 12.84
CA ILE A 132 39.82 -28.82 13.03
C ILE A 132 39.40 -27.38 13.25
N LEU A 133 38.64 -26.83 12.30
CA LEU A 133 38.13 -25.47 12.40
C LEU A 133 36.80 -25.50 13.14
N GLU A 134 36.79 -24.96 14.35
CA GLU A 134 35.58 -24.85 15.16
C GLU A 134 34.99 -23.46 14.97
N ILE A 135 33.77 -23.41 14.42
CA ILE A 135 33.06 -22.16 14.19
C ILE A 135 31.87 -22.13 15.14
N THR A 136 31.88 -21.18 16.07
CA THR A 136 30.83 -21.09 17.08
C THR A 136 30.31 -19.66 17.15
N ALA A 137 28.99 -19.52 17.19
CA ALA A 137 28.32 -18.23 17.35
C ALA A 137 27.50 -18.31 18.63
N CYS A 138 28.02 -17.72 19.71
CA CYS A 138 27.40 -17.80 21.02
C CYS A 138 27.53 -16.44 21.70
N GLN A 139 27.30 -16.42 23.01
CA GLN A 139 27.42 -15.23 23.85
C GLN A 139 28.75 -15.20 24.58
N TYR A 140 29.82 -15.66 23.94
CA TYR A 140 31.14 -15.71 24.57
C TYR A 140 31.54 -14.34 25.10
N THR A 141 32.08 -14.33 26.32
CA THR A 141 32.52 -13.10 26.97
C THR A 141 34.01 -12.91 26.68
N MET A 142 34.32 -11.95 25.81
CA MET A 142 35.71 -11.68 25.46
C MET A 142 36.43 -11.02 26.64
N CYS A 143 37.64 -11.50 26.91
CA CYS A 143 38.44 -10.93 27.98
C CYS A 143 39.00 -9.58 27.57
N GLU A 144 39.58 -8.87 28.55
CA GLU A 144 40.21 -7.59 28.26
C GLU A 144 41.50 -7.77 27.49
N TYR A 145 42.16 -8.91 27.64
CA TYR A 145 43.41 -9.22 26.93
C TYR A 145 43.41 -10.68 26.52
N PRO A 146 42.64 -11.04 25.50
CA PRO A 146 42.61 -12.43 25.06
C PRO A 146 43.82 -12.79 24.22
N HIS A 147 44.08 -14.09 24.12
CA HIS A 147 45.17 -14.61 23.31
C HIS A 147 44.91 -16.10 23.08
N THR A 148 45.84 -16.75 22.38
CA THR A 148 45.72 -18.16 22.05
C THR A 148 47.10 -18.79 22.08
N VAL A 149 47.26 -19.81 22.91
CA VAL A 149 48.52 -20.55 23.00
C VAL A 149 48.49 -21.70 22.00
N CYS A 150 49.67 -22.23 21.68
CA CYS A 150 49.81 -23.29 20.71
C CYS A 150 50.03 -24.63 21.42
N LYS A 151 49.41 -25.68 20.87
CA LYS A 151 49.52 -27.01 21.47
C LYS A 151 50.95 -27.51 21.44
N SER A 152 51.50 -27.71 20.24
CA SER A 152 52.87 -28.16 20.10
C SER A 152 53.84 -27.03 20.45
N LYS A 153 54.86 -27.36 21.23
CA LYS A 153 55.82 -26.38 21.75
C LYS A 153 55.10 -25.28 22.54
N GLY A 154 54.45 -25.71 23.61
CA GLY A 154 53.65 -24.78 24.40
C GLY A 154 54.50 -23.73 25.08
N SER A 155 53.88 -22.58 25.34
CA SER A 155 54.53 -21.46 25.99
C SER A 155 54.31 -21.55 27.51
N ILE A 156 54.65 -20.47 28.21
CA ILE A 156 54.50 -20.43 29.67
C ILE A 156 53.13 -19.91 30.10
N ARG A 157 52.40 -19.23 29.22
CA ARG A 157 51.08 -18.71 29.56
C ARG A 157 50.01 -19.74 29.20
N ASN A 158 48.76 -19.44 29.57
CA ASN A 158 47.62 -20.30 29.34
C ASN A 158 46.57 -19.56 28.52
N GLU A 159 46.11 -20.18 27.45
CA GLU A 159 45.11 -19.56 26.58
C GLU A 159 43.77 -19.46 27.31
N SER A 160 43.25 -18.23 27.41
CA SER A 160 41.97 -18.00 28.07
C SER A 160 41.35 -16.74 27.47
N TRP A 161 40.37 -16.93 26.58
CA TRP A 161 39.67 -15.82 25.96
C TRP A 161 38.20 -15.75 26.35
N HIS A 162 37.70 -16.70 27.14
CA HIS A 162 36.32 -16.68 27.60
C HIS A 162 36.26 -17.24 29.01
N ILE A 163 35.43 -16.63 29.84
CA ILE A 163 35.27 -17.04 31.24
C ILE A 163 33.88 -17.60 31.49
N ASP A 164 33.20 -18.07 30.45
CA ASP A 164 31.86 -18.64 30.58
C ASP A 164 31.97 -20.03 31.20
N SER A 165 31.71 -20.11 32.51
CA SER A 165 31.76 -21.40 33.18
C SER A 165 30.64 -22.31 32.71
N SER A 166 29.46 -21.75 32.43
CA SER A 166 28.32 -22.50 31.93
C SER A 166 28.15 -22.25 30.44
N GLU A 167 27.67 -23.27 29.74
CA GLU A 167 27.45 -23.16 28.30
C GLU A 167 26.29 -22.24 28.01
N PRO A 168 26.49 -21.12 27.31
CA PRO A 168 25.40 -20.20 27.02
C PRO A 168 24.63 -20.66 25.78
N LEU A 169 23.65 -19.84 25.39
CA LEU A 169 22.84 -20.14 24.23
C LEU A 169 23.61 -19.83 22.95
N CYS A 170 23.43 -20.66 21.94
CA CYS A 170 24.14 -20.53 20.67
C CYS A 170 23.16 -20.71 19.52
N LEU A 171 23.58 -20.24 18.34
CA LEU A 171 22.79 -20.40 17.13
C LEU A 171 23.46 -21.31 16.09
N PHE A 172 24.78 -21.43 16.11
CA PHE A 172 25.48 -22.25 15.13
C PHE A 172 26.84 -22.62 15.70
N LYS A 173 27.03 -23.91 16.00
CA LYS A 173 28.33 -24.45 16.42
C LYS A 173 28.64 -25.65 15.55
N LYS A 174 29.77 -25.61 14.85
CA LYS A 174 30.10 -26.70 13.94
C LYS A 174 31.61 -26.86 13.85
N ASN A 175 32.03 -28.02 13.35
CA ASN A 175 33.42 -28.37 13.16
C ASN A 175 33.64 -28.75 11.70
N PHE A 176 34.73 -28.25 11.12
CA PHE A 176 35.10 -28.56 9.75
C PHE A 176 36.53 -29.09 9.71
N THR A 177 36.82 -29.88 8.68
CA THR A 177 38.12 -30.51 8.52
C THR A 177 38.76 -30.05 7.22
N TYR A 178 40.00 -29.57 7.31
CA TYR A 178 40.76 -29.15 6.15
C TYR A 178 42.06 -29.96 6.06
N ASN A 179 42.76 -29.79 4.95
CA ASN A 179 44.00 -30.52 4.72
C ASN A 179 45.09 -29.98 5.64
N VAL A 180 45.67 -30.88 6.45
CA VAL A 180 46.68 -30.46 7.43
C VAL A 180 48.04 -30.18 6.81
N SER A 181 48.23 -30.49 5.52
CA SER A 181 49.49 -30.27 4.84
C SER A 181 49.31 -29.32 3.66
N ALA A 182 48.57 -28.24 3.87
CA ALA A 182 48.34 -27.24 2.85
C ALA A 182 49.32 -26.08 2.99
N ASP A 183 49.36 -25.23 1.97
CA ASP A 183 50.26 -24.09 1.94
C ASP A 183 49.56 -22.77 2.30
N TRP A 184 48.41 -22.50 1.68
CA TRP A 184 47.66 -21.27 1.93
C TRP A 184 46.19 -21.60 2.14
N LEU A 185 45.52 -20.76 2.93
CA LEU A 185 44.10 -20.88 3.19
C LEU A 185 43.41 -19.57 2.84
N TYR A 186 42.19 -19.66 2.33
CA TYR A 186 41.42 -18.49 1.93
C TYR A 186 40.10 -18.46 2.69
N PHE A 187 39.70 -17.25 3.11
CA PHE A 187 38.46 -17.06 3.83
C PHE A 187 37.72 -15.85 3.28
N HIS A 188 36.40 -15.91 3.33
CA HIS A 188 35.54 -14.89 2.73
C HIS A 188 34.35 -14.68 3.66
N PHE A 189 34.22 -13.50 4.25
CA PHE A 189 33.13 -13.20 5.16
C PHE A 189 32.42 -11.94 4.72
N TYR A 190 31.09 -11.94 4.83
CA TYR A 190 30.30 -10.76 4.52
C TYR A 190 28.90 -10.96 5.08
N GLN A 191 28.11 -9.88 5.06
CA GLN A 191 26.75 -9.89 5.56
C GLN A 191 25.86 -9.11 4.60
N GLU A 192 24.58 -9.47 4.56
CA GLU A 192 23.63 -8.83 3.68
C GLU A 192 22.22 -9.17 4.13
N ARG A 193 21.33 -8.19 4.05
CA ARG A 193 19.92 -8.35 4.41
C ARG A 193 19.72 -8.88 5.82
N GLY A 194 20.73 -8.75 6.68
CA GLY A 194 20.65 -9.20 8.05
C GLY A 194 21.26 -10.56 8.32
N VAL A 195 21.62 -11.31 7.28
CA VAL A 195 22.20 -12.64 7.44
C VAL A 195 23.68 -12.59 7.07
N PHE A 196 24.48 -13.37 7.78
CA PHE A 196 25.93 -13.39 7.62
C PHE A 196 26.35 -14.69 6.97
N TYR A 197 27.11 -14.59 5.87
CA TYR A 197 27.58 -15.75 5.14
C TYR A 197 29.04 -16.02 5.45
N ALA A 198 29.49 -17.24 5.15
CA ALA A 198 30.89 -17.60 5.33
C ALA A 198 31.35 -18.51 4.20
N TYR A 199 32.61 -18.35 3.80
CA TYR A 199 33.21 -19.18 2.75
C TYR A 199 34.65 -19.48 3.12
N TYR A 200 35.09 -20.71 2.87
CA TYR A 200 36.46 -21.12 3.17
C TYR A 200 37.02 -21.93 2.01
N ALA A 201 38.34 -21.99 1.95
CA ALA A 201 39.03 -22.74 0.91
C ALA A 201 40.37 -23.19 1.45
N ASP A 202 40.59 -24.51 1.48
CA ASP A 202 41.84 -25.07 1.98
C ASP A 202 42.90 -25.20 0.89
N VAL A 203 42.51 -25.64 -0.30
CA VAL A 203 43.43 -25.71 -1.43
C VAL A 203 42.63 -25.50 -2.71
N GLY A 204 43.13 -24.64 -3.60
CA GLY A 204 42.45 -24.32 -4.83
C GLY A 204 42.29 -22.82 -5.00
N MET A 205 41.93 -22.45 -6.22
CA MET A 205 41.75 -21.04 -6.58
C MET A 205 40.41 -20.49 -6.10
N PRO A 206 39.28 -21.15 -6.34
CA PRO A 206 38.00 -20.63 -5.86
C PRO A 206 37.84 -20.88 -4.36
N THR A 207 36.67 -20.53 -3.85
CA THR A 207 36.34 -20.67 -2.44
C THR A 207 35.07 -21.48 -2.28
N THR A 208 35.03 -22.33 -1.25
CA THR A 208 33.90 -23.19 -0.97
C THR A 208 32.98 -22.59 0.09
N PHE A 209 31.76 -23.10 0.13
CA PHE A 209 30.74 -22.57 1.03
C PHE A 209 30.91 -23.15 2.43
N LEU A 210 30.61 -22.33 3.45
CA LEU A 210 30.68 -22.75 4.84
C LEU A 210 29.32 -22.80 5.51
N PHE A 211 28.60 -21.67 5.56
CA PHE A 211 27.30 -21.60 6.20
C PHE A 211 26.73 -20.19 6.01
N SER A 212 25.48 -20.04 6.42
CA SER A 212 24.79 -18.75 6.44
C SER A 212 23.90 -18.71 7.68
N LEU A 213 24.06 -17.67 8.49
CA LEU A 213 23.39 -17.58 9.77
C LEU A 213 22.56 -16.31 9.85
N TYR A 214 21.35 -16.44 10.39
CA TYR A 214 20.44 -15.31 10.57
C TYR A 214 20.64 -14.75 11.97
N LEU A 215 21.11 -13.50 12.04
CA LEU A 215 21.33 -12.81 13.30
C LEU A 215 20.35 -11.66 13.54
N GLY A 216 19.97 -10.93 12.49
CA GLY A 216 19.06 -9.83 12.62
C GLY A 216 19.71 -8.49 12.90
N THR A 217 20.93 -8.49 13.44
CA THR A 217 21.66 -7.27 13.74
C THR A 217 22.86 -7.12 12.80
N ILE A 218 23.38 -5.90 12.74
CA ILE A 218 24.51 -5.59 11.89
C ILE A 218 25.80 -5.73 12.70
N LEU A 219 26.75 -6.48 12.17
CA LEU A 219 28.03 -6.67 12.84
C LEU A 219 28.84 -5.37 12.78
N SER A 220 29.77 -5.24 13.73
CA SER A 220 30.53 -4.01 13.90
C SER A 220 32.01 -4.15 13.57
N HIS A 221 32.71 -5.08 14.21
CA HIS A 221 34.15 -5.18 14.06
C HIS A 221 34.59 -6.64 14.06
N TYR A 222 35.74 -6.89 13.44
CA TYR A 222 36.40 -8.18 13.45
C TYR A 222 37.79 -8.02 14.04
N TYR A 223 38.32 -9.11 14.58
CA TYR A 223 39.62 -9.07 15.22
C TYR A 223 40.29 -10.44 15.15
N VAL A 224 41.59 -10.42 14.88
CA VAL A 224 42.41 -11.63 14.87
C VAL A 224 43.19 -11.67 16.19
N MET A 225 42.98 -12.72 16.96
CA MET A 225 43.63 -12.82 18.26
C MET A 225 45.10 -13.16 18.10
N PRO A 226 45.98 -12.62 18.95
CA PRO A 226 47.41 -12.93 18.83
C PRO A 226 47.70 -14.37 19.26
N LEU A 227 48.87 -14.83 18.87
CA LEU A 227 49.33 -16.19 19.16
C LEU A 227 50.59 -16.09 20.01
N THR A 228 50.41 -16.00 21.33
CA THR A 228 51.52 -15.92 22.27
C THR A 228 51.99 -17.33 22.57
N CYS A 229 53.03 -17.76 21.88
CA CYS A 229 53.53 -19.13 21.99
C CYS A 229 54.90 -19.18 21.32
N ASN A 230 55.51 -20.36 21.34
CA ASN A 230 56.69 -20.62 20.52
C ASN A 230 56.29 -20.51 19.05
N ALA A 231 56.74 -19.46 18.38
CA ALA A 231 56.09 -19.04 17.15
C ALA A 231 57.13 -18.44 16.22
N ILE A 232 56.65 -17.64 15.26
CA ILE A 232 57.39 -17.14 14.10
C ILE A 232 58.75 -16.52 14.45
N SER A 233 58.94 -16.19 15.73
CA SER A 233 60.22 -15.65 16.18
C SER A 233 61.37 -16.55 15.74
N SER A 234 62.24 -16.03 14.88
CA SER A 234 63.28 -16.82 14.24
C SER A 234 64.59 -16.86 15.03
N ASN A 235 64.52 -16.66 16.35
CA ASN A 235 65.73 -16.76 17.15
C ASN A 235 66.24 -18.19 17.21
N THR A 236 65.36 -19.17 17.08
CA THR A 236 65.73 -20.58 17.10
C THR A 236 65.42 -21.28 15.79
N ASP A 237 64.20 -21.17 15.29
CA ASP A 237 63.79 -21.83 14.05
C ASP A 237 63.18 -20.81 13.10
N ASN A 238 63.47 -20.98 11.81
CA ASN A 238 62.97 -20.05 10.79
C ASN A 238 61.51 -20.36 10.49
N GLU A 239 60.69 -19.31 10.44
CA GLU A 239 59.27 -19.45 10.15
C GLU A 239 58.73 -18.10 9.68
N THR A 240 57.65 -18.14 8.90
CA THR A 240 57.02 -16.94 8.38
C THR A 240 55.51 -17.07 8.50
N LEU A 241 54.86 -16.00 8.95
CA LEU A 241 53.41 -15.94 9.06
C LEU A 241 52.90 -14.77 8.22
N GLU A 242 51.91 -15.03 7.37
CA GLU A 242 51.30 -14.00 6.54
C GLU A 242 49.79 -14.12 6.67
N TYR A 243 49.17 -13.09 7.25
CA TYR A 243 47.72 -13.03 7.44
C TYR A 243 47.24 -11.74 6.77
N TRP A 244 46.93 -11.83 5.48
CA TRP A 244 46.52 -10.67 4.70
C TRP A 244 45.00 -10.52 4.74
N VAL A 245 44.54 -9.27 4.83
CA VAL A 245 43.12 -8.95 4.90
C VAL A 245 42.84 -7.82 3.92
N THR A 246 41.80 -7.98 3.10
CA THR A 246 41.39 -6.95 2.17
C THR A 246 39.90 -6.71 2.25
N PRO A 247 39.46 -5.46 2.10
CA PRO A 247 38.03 -5.16 2.15
C PRO A 247 37.31 -5.68 0.92
N LEU A 248 35.98 -5.61 0.99
CA LEU A 248 35.10 -6.05 -0.07
C LEU A 248 34.26 -4.88 -0.59
N SER A 249 33.55 -5.13 -1.69
CA SER A 249 32.67 -4.13 -2.27
C SER A 249 31.65 -4.84 -3.14
N ARG A 250 30.45 -4.27 -3.21
CA ARG A 250 29.37 -4.85 -4.00
C ARG A 250 29.65 -4.55 -5.48
N ARG A 251 29.97 -5.60 -6.24
CA ARG A 251 30.36 -5.46 -7.63
C ARG A 251 29.83 -6.66 -8.42
N GLN A 252 29.72 -6.47 -9.73
CA GLN A 252 29.20 -7.48 -10.63
C GLN A 252 30.35 -8.09 -11.42
N TYR A 253 30.51 -9.41 -11.30
CA TYR A 253 31.51 -10.16 -12.04
C TYR A 253 30.82 -11.09 -13.05
N LEU A 254 31.64 -11.66 -13.93
CA LEU A 254 31.17 -12.65 -14.90
C LEU A 254 32.01 -13.91 -14.73
N LEU A 255 31.35 -15.00 -14.34
CA LEU A 255 32.01 -16.28 -14.08
C LEU A 255 31.66 -17.27 -15.18
N ASN A 256 32.53 -18.27 -15.35
CA ASN A 256 32.35 -19.31 -16.34
C ASN A 256 32.35 -20.67 -15.66
N PHE A 257 31.54 -21.59 -16.20
CA PHE A 257 31.46 -22.95 -15.68
C PHE A 257 31.53 -23.93 -16.85
N ASP A 258 32.44 -24.89 -16.76
CA ASP A 258 32.58 -25.90 -17.81
C ASP A 258 31.57 -27.02 -17.59
N GLU A 259 31.74 -28.13 -18.31
CA GLU A 259 30.80 -29.24 -18.24
C GLU A 259 30.85 -29.98 -16.91
N HIS A 260 31.83 -29.69 -16.05
CA HIS A 260 31.95 -30.33 -14.75
C HIS A 260 31.41 -29.48 -13.60
N GLY A 261 31.69 -28.19 -13.61
CA GLY A 261 31.18 -27.31 -12.57
C GLY A 261 32.26 -26.60 -11.79
N VAL A 262 33.44 -26.46 -12.37
CA VAL A 262 34.57 -25.77 -11.74
C VAL A 262 34.85 -24.50 -12.52
N ILE A 263 35.06 -23.40 -11.80
CA ILE A 263 35.30 -22.12 -12.44
C ILE A 263 36.68 -22.13 -13.10
N THR A 264 36.73 -21.73 -14.37
CA THR A 264 37.98 -21.64 -15.12
C THR A 264 38.54 -20.23 -15.15
N ASN A 265 37.68 -19.23 -15.36
CA ASN A 265 38.12 -17.84 -15.40
C ASN A 265 36.95 -16.94 -15.01
N ALA A 266 37.27 -15.81 -14.41
CA ALA A 266 36.26 -14.85 -13.95
C ALA A 266 36.74 -13.44 -14.26
N VAL A 267 35.88 -12.65 -14.88
CA VAL A 267 36.24 -11.31 -15.32
C VAL A 267 35.42 -10.27 -14.57
N ASP A 268 35.97 -9.07 -14.47
CA ASP A 268 35.31 -7.94 -13.83
C ASP A 268 34.47 -7.18 -14.86
N CYS A 269 33.76 -6.16 -14.40
CA CYS A 269 32.97 -5.32 -15.29
C CYS A 269 33.27 -3.83 -15.14
N SER A 270 34.11 -3.43 -14.18
CA SER A 270 34.44 -2.03 -13.96
C SER A 270 35.93 -1.86 -13.75
N SER A 271 36.73 -2.58 -14.53
CA SER A 271 38.19 -2.51 -14.45
C SER A 271 38.82 -1.93 -15.71
N SER A 272 38.47 -2.46 -16.87
CA SER A 272 38.99 -1.98 -18.16
C SER A 272 37.83 -1.80 -19.12
N PHE A 273 38.13 -1.22 -20.28
CA PHE A 273 37.11 -1.00 -21.29
C PHE A 273 36.66 -2.30 -21.94
N LEU A 274 37.55 -3.28 -22.03
CA LEU A 274 37.17 -4.57 -22.60
C LEU A 274 36.27 -5.36 -21.64
N SER A 275 36.45 -5.15 -20.33
CA SER A 275 35.63 -5.87 -19.36
C SER A 275 34.17 -5.45 -19.46
N GLU A 276 33.91 -4.17 -19.71
CA GLU A 276 32.55 -3.71 -19.87
C GLU A 276 31.89 -4.34 -21.10
N ILE A 277 32.63 -4.44 -22.20
CA ILE A 277 32.09 -5.09 -23.39
C ILE A 277 31.82 -6.57 -23.13
N GLN A 278 32.74 -7.23 -22.41
CA GLN A 278 32.55 -8.65 -22.12
C GLN A 278 31.34 -8.88 -21.23
N CYS A 279 31.09 -7.97 -20.28
CA CYS A 279 29.93 -8.11 -19.42
C CYS A 279 28.63 -7.75 -20.12
N LYS A 280 28.68 -6.81 -21.07
CA LYS A 280 27.49 -6.48 -21.83
C LYS A 280 27.11 -7.61 -22.79
N THR A 281 28.10 -8.19 -23.47
CA THR A 281 27.85 -9.30 -24.38
C THR A 281 27.71 -10.64 -23.66
N GLN A 282 28.04 -10.71 -22.37
CA GLN A 282 27.95 -11.94 -21.58
C GLN A 282 28.77 -13.06 -22.22
N SER A 283 29.94 -12.71 -22.75
CA SER A 283 30.82 -13.68 -23.37
C SER A 283 32.25 -13.21 -23.25
N PHE A 284 33.18 -14.17 -23.13
CA PHE A 284 34.60 -13.85 -23.02
C PHE A 284 35.24 -13.53 -24.35
N ALA A 285 34.58 -13.82 -25.46
CA ALA A 285 35.07 -13.50 -26.81
C ALA A 285 33.94 -12.83 -27.57
N PRO A 286 33.69 -11.54 -27.32
CA PRO A 286 32.58 -10.86 -28.00
C PRO A 286 32.86 -10.67 -29.48
N ASN A 287 31.79 -10.39 -30.22
CA ASN A 287 31.88 -10.23 -31.65
C ASN A 287 32.41 -8.83 -32.00
N THR A 288 32.52 -8.56 -33.29
CA THR A 288 33.01 -7.27 -33.78
C THR A 288 31.85 -6.29 -33.84
N GLY A 289 32.04 -5.12 -33.24
CA GLY A 289 30.98 -4.11 -33.26
C GLY A 289 31.40 -2.88 -32.50
N VAL A 290 30.51 -1.88 -32.54
CA VAL A 290 30.71 -0.60 -31.87
C VAL A 290 29.71 -0.53 -30.74
N TYR A 291 30.20 -0.55 -29.50
CA TYR A 291 29.37 -0.49 -28.31
C TYR A 291 29.50 0.88 -27.65
N ASP A 292 28.54 1.18 -26.78
CA ASP A 292 28.53 2.42 -26.01
C ASP A 292 28.80 2.09 -24.55
N LEU A 293 29.94 2.55 -24.05
CA LEU A 293 30.35 2.27 -22.67
C LEU A 293 29.82 3.38 -21.75
N SER A 294 30.28 3.39 -20.51
CA SER A 294 29.86 4.38 -19.52
C SER A 294 31.09 5.05 -18.91
N GLY A 295 30.94 6.32 -18.57
CA GLY A 295 32.01 7.09 -17.98
C GLY A 295 31.55 8.34 -17.29
N PRO A 300 32.09 17.34 -8.05
CA PRO A 300 31.46 17.54 -6.75
C PRO A 300 32.37 17.11 -5.59
N VAL A 301 33.28 17.99 -5.19
CA VAL A 301 34.23 17.68 -4.12
C VAL A 301 33.74 18.31 -2.82
N ALA A 302 33.63 19.64 -2.81
CA ALA A 302 33.22 20.38 -1.63
C ALA A 302 31.72 20.66 -1.68
N THR A 303 31.25 21.52 -0.77
CA THR A 303 29.84 21.92 -0.73
C THR A 303 29.76 23.40 -0.42
N VAL A 304 28.87 24.10 -1.13
CA VAL A 304 28.68 25.54 -0.93
C VAL A 304 27.57 25.69 0.10
N TYR A 305 27.96 25.78 1.38
CA TYR A 305 27.01 25.92 2.48
C TYR A 305 26.83 27.40 2.78
N ARG A 306 26.01 28.04 1.95
CA ARG A 306 25.77 29.48 2.04
C ARG A 306 24.29 29.78 1.89
N ARG A 307 23.45 29.02 2.59
CA ARG A 307 22.01 29.25 2.59
C ARG A 307 21.59 30.17 3.74
N ILE A 308 22.29 31.29 3.87
CA ILE A 308 22.06 32.21 4.99
C ILE A 308 21.66 33.58 4.45
N PRO A 309 20.38 33.81 4.17
CA PRO A 309 19.97 35.17 3.72
C PRO A 309 20.10 36.21 4.82
N ASN A 310 19.99 35.81 6.08
CA ASN A 310 20.11 36.74 7.19
C ASN A 310 21.42 36.55 7.94
N ASP A 313 23.95 40.20 14.93
CA ASP A 313 24.48 39.35 16.00
C ASP A 313 24.22 39.99 17.37
N CYS A 314 24.08 39.14 18.39
CA CYS A 314 23.82 39.65 19.73
C CYS A 314 25.03 40.35 20.32
N ASP A 315 26.24 39.95 19.91
CA ASP A 315 27.49 40.54 20.41
C ASP A 315 27.59 40.44 21.93
N ILE A 316 27.44 39.22 22.45
CA ILE A 316 27.52 39.00 23.88
C ILE A 316 28.97 38.93 24.34
N ASP A 317 29.84 38.35 23.51
CA ASP A 317 31.25 38.22 23.88
C ASP A 317 31.93 39.58 23.97
N ASN A 318 31.45 40.57 23.22
CA ASN A 318 32.03 41.90 23.28
C ASN A 318 31.78 42.55 24.64
N TRP A 319 30.60 42.31 25.21
CA TRP A 319 30.29 42.87 26.53
C TRP A 319 30.86 42.00 27.66
N LEU A 320 30.94 40.69 27.46
CA LEU A 320 31.50 39.83 28.50
C LEU A 320 33.00 40.03 28.65
N ASN A 321 33.70 40.38 27.56
CA ASN A 321 35.13 40.63 27.58
C ASN A 321 35.45 42.12 27.72
N ASN A 322 34.58 42.88 28.38
CA ASN A 322 34.81 44.31 28.56
C ASN A 322 35.97 44.54 29.51
N VAL A 323 36.66 45.68 29.34
CA VAL A 323 37.78 46.00 30.19
C VAL A 323 37.34 46.39 31.60
N SER A 324 36.08 46.78 31.77
CA SER A 324 35.55 47.16 33.07
C SER A 324 34.79 45.96 33.66
N VAL A 325 35.26 45.48 34.81
CA VAL A 325 34.64 44.36 35.51
C VAL A 325 33.87 44.92 36.71
N PRO A 326 32.55 44.84 36.73
CA PRO A 326 31.80 45.38 37.86
C PRO A 326 31.99 44.56 39.12
N SER A 327 31.88 45.23 40.27
CA SER A 327 32.01 44.56 41.55
C SER A 327 30.81 43.66 41.80
N PRO A 328 30.96 42.66 42.68
CA PRO A 328 29.81 41.79 43.00
C PRO A 328 28.63 42.54 43.58
N LEU A 329 28.85 43.72 44.16
CA LEU A 329 27.74 44.52 44.67
C LEU A 329 26.95 45.18 43.55
N ASN A 330 27.59 45.43 42.41
CA ASN A 330 26.91 46.09 41.30
C ASN A 330 26.13 45.08 40.45
N TRP A 331 26.81 44.04 39.97
CA TRP A 331 26.24 43.00 39.12
C TRP A 331 25.34 43.59 38.03
N GLU A 332 25.98 44.35 37.14
CA GLU A 332 25.26 45.00 36.05
C GLU A 332 24.53 43.97 35.20
N ARG A 333 23.30 44.32 34.80
CA ARG A 333 22.43 43.44 34.04
C ARG A 333 22.32 43.95 32.61
N ARG A 334 22.44 43.05 31.64
CA ARG A 334 22.29 43.40 30.23
C ARG A 334 21.29 42.45 29.58
N ILE A 335 20.35 43.00 28.82
CA ILE A 335 19.28 42.24 28.19
C ILE A 335 19.53 42.20 26.70
N PHE A 336 19.43 41.01 26.11
CA PHE A 336 19.56 40.80 24.67
C PHE A 336 18.24 40.26 24.14
N SER A 337 17.78 40.83 23.02
CA SER A 337 16.54 40.40 22.40
C SER A 337 16.58 40.75 20.92
N ASN A 338 15.91 39.92 20.12
CA ASN A 338 15.82 40.10 18.66
C ASN A 338 17.21 40.16 18.03
N CYS A 339 17.95 39.08 18.19
CA CYS A 339 19.30 38.98 17.65
C CYS A 339 19.66 37.51 17.50
N ASN A 340 20.78 37.26 16.83
CA ASN A 340 21.27 35.91 16.58
C ASN A 340 22.57 35.70 17.36
N PHE A 341 22.72 34.51 17.93
CA PHE A 341 23.91 34.19 18.73
C PHE A 341 24.32 32.75 18.46
N ASN A 342 25.59 32.46 18.70
CA ASN A 342 26.15 31.13 18.52
C ASN A 342 26.81 30.70 19.82
N LEU A 343 26.41 29.53 20.33
CA LEU A 343 26.96 29.04 21.59
C LEU A 343 28.40 28.57 21.42
N SER A 344 28.70 27.90 20.30
CA SER A 344 30.04 27.40 20.07
C SER A 344 31.05 28.53 19.94
N THR A 345 30.71 29.57 19.18
CA THR A 345 31.60 30.72 19.03
C THR A 345 31.79 31.44 20.36
N LEU A 346 30.73 31.56 21.15
CA LEU A 346 30.83 32.23 22.43
C LEU A 346 31.72 31.44 23.39
N LEU A 347 31.60 30.11 23.39
CA LEU A 347 32.45 29.29 24.25
C LEU A 347 33.88 29.22 23.75
N ARG A 348 34.11 29.40 22.45
CA ARG A 348 35.46 29.34 21.91
C ARG A 348 36.21 30.65 22.12
N LEU A 349 35.55 31.78 21.89
CA LEU A 349 36.20 33.09 22.02
C LEU A 349 36.37 33.52 23.47
N VAL A 350 35.82 32.78 24.43
CA VAL A 350 35.93 33.10 25.85
C VAL A 350 36.60 31.93 26.55
N HIS A 351 37.56 32.22 27.43
CA HIS A 351 38.26 31.18 28.18
C HIS A 351 37.33 30.59 29.23
N VAL A 352 36.67 29.49 28.89
CA VAL A 352 35.68 28.89 29.78
C VAL A 352 36.37 28.01 30.80
N ASP A 353 36.08 28.22 32.08
CA ASP A 353 36.58 27.38 33.16
C ASP A 353 35.53 26.41 33.68
N SER A 354 34.28 26.85 33.80
CA SER A 354 33.20 25.97 34.25
C SER A 354 31.89 26.51 33.71
N PHE A 355 30.99 25.60 33.32
CA PHE A 355 29.69 25.99 32.80
C PHE A 355 28.66 24.94 33.19
N SER A 356 27.56 25.40 33.79
CA SER A 356 26.49 24.51 34.20
C SER A 356 25.15 25.21 33.99
N CYS A 357 24.06 24.47 34.18
CA CYS A 357 22.73 25.03 34.05
C CYS A 357 21.81 24.37 35.07
N ASN A 358 20.80 25.12 35.50
CA ASN A 358 19.82 24.67 36.46
C ASN A 358 18.43 24.78 35.85
N ASN A 359 17.64 23.70 35.98
CA ASN A 359 16.30 23.61 35.40
C ASN A 359 16.33 23.76 33.88
N LEU A 360 17.46 23.43 33.27
CA LEU A 360 17.62 23.54 31.82
C LEU A 360 18.80 22.68 31.40
N ASP A 361 18.65 22.02 30.25
CA ASP A 361 19.68 21.15 29.71
C ASP A 361 20.37 21.80 28.52
N LYS A 362 21.65 21.50 28.34
CA LYS A 362 22.43 22.06 27.25
C LYS A 362 22.11 21.42 25.90
N SER A 363 21.40 20.30 25.88
CA SER A 363 21.08 19.65 24.62
C SER A 363 20.01 20.41 23.84
N LYS A 364 19.01 20.93 24.55
CA LYS A 364 17.92 21.66 23.90
C LYS A 364 18.28 23.08 23.53
N ILE A 365 19.47 23.56 23.91
CA ILE A 365 19.86 24.93 23.57
C ILE A 365 20.12 25.06 22.08
N PHE A 366 20.71 24.02 21.47
CA PHE A 366 21.03 24.05 20.05
C PHE A 366 19.74 24.00 19.24
N GLY A 367 19.40 25.11 18.58
CA GLY A 367 18.23 25.17 17.74
C GLY A 367 16.97 25.68 18.40
N SER A 368 17.07 26.32 19.56
CA SER A 368 15.93 26.84 20.27
C SER A 368 15.86 28.36 20.15
N CYS A 369 14.66 28.90 20.32
CA CYS A 369 14.42 30.33 20.23
C CYS A 369 13.91 30.83 21.58
N PHE A 370 14.33 32.04 21.94
CA PHE A 370 13.95 32.67 23.19
C PHE A 370 13.47 34.09 22.94
N ASN A 371 12.71 34.63 23.89
CA ASN A 371 12.22 36.00 23.76
C ASN A 371 13.27 37.01 24.19
N SER A 372 13.92 36.77 25.33
CA SER A 372 14.95 37.67 25.83
C SER A 372 15.91 36.89 26.72
N ILE A 373 17.14 37.39 26.82
CA ILE A 373 18.18 36.77 27.62
C ILE A 373 18.81 37.85 28.50
N THR A 374 18.69 37.69 29.81
CA THR A 374 19.28 38.64 30.75
C THR A 374 20.55 38.03 31.33
N VAL A 375 21.63 38.82 31.32
CA VAL A 375 22.95 38.38 31.73
C VAL A 375 23.42 39.27 32.88
N ASP A 376 23.82 38.64 33.98
CA ASP A 376 24.36 39.33 35.16
C ASP A 376 25.75 38.77 35.44
N LYS A 377 26.78 39.59 35.23
CA LYS A 377 28.16 39.15 35.42
C LYS A 377 28.83 39.99 36.50
N PHE A 378 29.74 39.35 37.24
CA PHE A 378 30.53 40.05 38.25
C PHE A 378 31.70 39.16 38.65
N ALA A 379 32.74 39.79 39.18
CA ALA A 379 33.95 39.08 39.55
C ALA A 379 33.69 38.13 40.71
N ILE A 380 34.59 37.17 40.88
CA ILE A 380 34.47 36.12 41.88
C ILE A 380 35.50 36.38 42.97
N PRO A 381 35.06 36.66 44.21
CA PRO A 381 36.03 36.77 45.31
C PRO A 381 36.61 35.41 45.65
N ASN A 382 37.89 35.41 46.03
CA ASN A 382 38.56 34.15 46.37
C ASN A 382 38.08 33.58 47.70
N ARG A 383 37.62 34.45 48.61
CA ARG A 383 37.17 33.98 49.92
C ARG A 383 35.75 33.41 49.84
N ARG A 384 34.85 34.09 49.11
CA ARG A 384 33.45 33.68 49.01
C ARG A 384 33.15 33.03 47.66
N ARG A 385 34.09 32.25 47.13
CA ARG A 385 33.85 31.58 45.85
C ARG A 385 32.82 30.48 45.96
N ASP A 386 32.76 29.79 47.11
CA ASP A 386 31.82 28.71 47.30
C ASP A 386 30.40 29.19 47.58
N ASP A 387 30.19 30.50 47.74
CA ASP A 387 28.87 31.04 48.01
C ASP A 387 28.02 31.20 46.75
N LEU A 388 28.56 30.86 45.58
CA LEU A 388 27.83 30.98 44.33
C LEU A 388 27.13 29.69 43.91
N GLN A 389 27.01 28.73 44.81
CA GLN A 389 26.36 27.46 44.50
C GLN A 389 24.85 27.64 44.43
N LEU A 390 24.17 26.60 43.96
CA LEU A 390 22.70 26.61 43.83
C LEU A 390 22.09 26.38 45.22
N GLY A 391 22.04 27.46 46.00
CA GLY A 391 21.48 27.40 47.33
C GLY A 391 22.54 27.36 48.41
N SER A 392 22.80 28.50 49.06
CA SER A 392 23.80 28.58 50.10
C SER A 392 23.55 29.84 50.92
N SER A 393 23.76 29.73 52.23
CA SER A 393 23.58 30.87 53.14
C SER A 393 24.84 31.71 53.23
N GLY A 394 25.34 32.15 52.08
CA GLY A 394 26.54 32.96 52.03
C GLY A 394 26.24 34.45 52.01
N PHE A 395 27.31 35.24 52.08
CA PHE A 395 27.17 36.69 52.08
C PHE A 395 26.79 37.22 50.71
N LEU A 396 27.27 36.58 49.64
CA LEU A 396 26.96 37.05 48.29
C LEU A 396 25.49 36.87 47.96
N GLN A 397 24.90 35.75 48.36
CA GLN A 397 23.49 35.49 48.12
C GLN A 397 22.58 36.19 49.12
N SER A 398 23.14 36.85 50.13
CA SER A 398 22.35 37.55 51.13
C SER A 398 22.42 39.06 51.01
N SER A 399 23.52 39.61 50.50
CA SER A 399 23.68 41.06 50.39
C SER A 399 24.22 41.54 49.05
N ASN A 400 24.71 40.65 48.19
CA ASN A 400 25.30 41.05 46.92
C ASN A 400 24.44 40.63 45.73
N TYR A 401 24.14 39.33 45.60
CA TYR A 401 23.36 38.85 44.46
C TYR A 401 22.80 37.48 44.80
N LYS A 402 21.47 37.37 44.82
CA LYS A 402 20.80 36.11 45.11
C LYS A 402 20.48 35.38 43.81
N ILE A 403 20.83 34.10 43.75
CA ILE A 403 20.60 33.29 42.57
C ILE A 403 19.29 32.52 42.75
N ASP A 404 18.38 32.70 41.81
CA ASP A 404 17.10 32.02 41.88
C ASP A 404 17.25 30.53 41.55
N ILE A 405 16.45 29.71 42.22
CA ILE A 405 16.52 28.27 42.05
C ILE A 405 15.35 27.72 41.25
N SER A 406 14.18 28.36 41.30
CA SER A 406 12.98 27.86 40.64
C SER A 406 12.82 28.38 39.21
N SER A 407 13.92 28.73 38.55
CA SER A 407 13.88 29.22 37.18
C SER A 407 15.00 28.58 36.38
N SER A 408 14.75 28.38 35.09
CA SER A 408 15.73 27.80 34.18
C SER A 408 16.81 28.85 33.89
N SER A 409 18.02 28.61 34.41
CA SER A 409 19.12 29.55 34.25
C SER A 409 20.40 28.77 33.97
N CYS A 410 21.49 29.51 33.74
CA CYS A 410 22.79 28.90 33.51
C CYS A 410 23.87 29.76 34.17
N GLN A 411 24.91 29.08 34.64
CA GLN A 411 26.04 29.72 35.32
C GLN A 411 27.32 29.44 34.54
N LEU A 412 28.17 30.45 34.42
CA LEU A 412 29.41 30.35 33.65
C LEU A 412 30.51 31.06 34.42
N TYR A 413 31.47 30.29 34.94
CA TYR A 413 32.65 30.84 35.60
C TYR A 413 33.80 30.82 34.59
N TYR A 414 34.28 32.00 34.22
CA TYR A 414 35.34 32.11 33.22
C TYR A 414 36.46 32.99 33.77
N SER A 415 37.51 33.14 32.98
CA SER A 415 38.69 33.89 33.38
C SER A 415 38.99 34.99 32.36
N LEU A 416 39.65 36.05 32.84
CA LEU A 416 40.01 37.20 32.04
C LEU A 416 41.45 37.58 32.35
N PRO A 417 42.24 37.89 31.32
CA PRO A 417 43.63 38.30 31.58
C PRO A 417 43.70 39.59 32.39
N LEU A 418 44.79 39.72 33.15
CA LEU A 418 45.00 40.87 34.02
C LEU A 418 45.48 42.10 33.26
N VAL A 419 45.68 42.02 31.96
CA VAL A 419 46.16 43.14 31.16
C VAL A 419 44.97 43.94 30.65
N ASN A 420 45.02 45.26 30.81
CA ASN A 420 43.98 46.17 30.33
C ASN A 420 42.62 45.83 30.94
N VAL A 421 42.58 45.71 32.26
CA VAL A 421 41.36 45.41 32.99
C VAL A 421 41.27 46.33 34.20
N THR A 422 40.05 46.76 34.52
CA THR A 422 39.80 47.63 35.66
C THR A 422 38.58 47.13 36.42
N ILE A 423 38.54 47.41 37.71
CA ILE A 423 37.45 47.02 38.58
C ILE A 423 36.80 48.28 39.12
N ASN A 424 35.48 48.41 38.91
CA ASN A 424 34.71 49.56 39.37
C ASN A 424 34.04 49.22 40.69
N ASN A 425 34.42 49.94 41.74
CA ASN A 425 33.85 49.75 43.08
C ASN A 425 32.93 50.95 43.36
N PHE A 426 31.66 50.81 42.98
CA PHE A 426 30.67 51.86 43.16
C PHE A 426 29.56 51.36 44.07
N ASN A 427 29.14 52.22 45.00
CA ASN A 427 28.08 51.87 45.93
C ASN A 427 26.75 52.40 45.40
N PRO A 428 25.79 51.55 45.08
CA PRO A 428 24.50 52.01 44.57
C PRO A 428 23.56 52.58 45.62
N SER A 429 24.03 52.77 46.85
CA SER A 429 23.19 53.31 47.91
C SER A 429 23.08 54.82 47.76
N SER A 430 21.85 55.35 47.82
CA SER A 430 21.61 56.77 47.68
C SER A 430 21.65 57.50 49.02
N TRP A 431 21.03 56.93 50.05
CA TRP A 431 21.00 57.61 51.34
C TRP A 431 22.37 57.66 51.99
N ASN A 432 23.25 56.70 51.68
CA ASN A 432 24.62 56.76 52.19
C ASN A 432 25.40 57.89 51.55
N ARG A 433 25.33 58.01 50.22
CA ARG A 433 26.00 59.09 49.53
C ARG A 433 25.35 60.45 49.78
N ARG A 434 24.11 60.45 50.30
CA ARG A 434 23.46 61.71 50.63
C ARG A 434 24.18 62.44 51.76
N TYR A 435 24.76 61.71 52.70
CA TYR A 435 25.47 62.30 53.83
C TYR A 435 26.95 62.53 53.54
N GLY A 436 27.40 62.31 52.30
CA GLY A 436 28.78 62.57 51.94
C GLY A 436 29.67 61.34 51.88
N PHE A 437 29.16 60.27 51.30
CA PHE A 437 29.93 59.04 51.12
C PHE A 437 30.69 59.10 49.80
N GLY A 438 31.99 58.84 49.86
CA GLY A 438 32.82 58.89 48.67
C GLY A 438 33.12 57.52 48.08
N SER A 439 34.35 57.06 48.24
CA SER A 439 34.78 55.77 47.71
C SER A 439 35.57 55.03 48.78
N PHE A 440 35.80 53.74 48.51
CA PHE A 440 36.54 52.90 49.46
C PHE A 440 38.04 53.20 49.44
N ASN A 441 38.56 53.71 48.32
CA ASN A 441 39.97 54.04 48.17
C ASN A 441 40.84 52.81 48.44
N LEU A 442 40.67 51.80 47.61
CA LEU A 442 41.38 50.54 47.72
C LEU A 442 42.32 50.35 46.53
N SER A 443 43.18 49.34 46.64
CA SER A 443 44.14 49.05 45.58
C SER A 443 43.44 48.36 44.40
N SER A 444 44.21 48.13 43.34
CA SER A 444 43.69 47.51 42.14
C SER A 444 43.57 46.00 42.34
N TYR A 445 42.86 45.36 41.41
CA TYR A 445 42.64 43.90 41.42
C TYR A 445 41.96 43.43 42.71
N ASP A 446 41.11 44.28 43.28
CA ASP A 446 40.38 43.96 44.50
C ASP A 446 38.90 44.26 44.29
N VAL A 447 38.05 43.36 44.76
CA VAL A 447 36.60 43.50 44.63
C VAL A 447 36.00 43.60 46.02
N VAL A 448 34.94 44.40 46.13
CA VAL A 448 34.26 44.65 47.39
C VAL A 448 32.95 43.87 47.41
N TYR A 449 32.72 43.14 48.49
CA TYR A 449 31.50 42.38 48.70
C TYR A 449 30.90 42.73 50.04
N SER A 450 29.58 42.76 50.11
CA SER A 450 28.86 43.12 51.33
C SER A 450 28.48 41.87 52.09
N ASP A 451 28.80 41.84 53.39
CA ASP A 451 28.44 40.74 54.26
C ASP A 451 27.18 41.00 55.06
N HIS A 452 26.89 42.26 55.39
CA HIS A 452 25.69 42.64 56.12
C HIS A 452 25.06 43.84 55.43
N CYS A 453 23.80 43.69 55.02
CA CYS A 453 23.07 44.75 54.34
C CYS A 453 21.94 45.25 55.22
N PHE A 454 21.69 46.56 55.17
CA PHE A 454 20.64 47.20 55.95
C PHE A 454 19.70 47.96 55.02
N SER A 455 18.62 48.48 55.60
CA SER A 455 17.64 49.25 54.84
C SER A 455 17.17 50.47 55.63
N LYS A 523 17.73 48.44 60.24
CA LYS A 523 17.25 47.07 60.32
C LYS A 523 17.89 46.20 59.24
N LYS A 524 18.22 44.96 59.60
CA LYS A 524 18.84 44.05 58.65
C LYS A 524 17.82 43.60 57.60
N VAL A 525 18.26 43.58 56.34
CA VAL A 525 17.41 43.19 55.23
C VAL A 525 18.20 42.24 54.33
N VAL A 526 17.48 41.35 53.65
CA VAL A 526 18.07 40.38 52.74
C VAL A 526 17.61 40.73 51.32
N VAL A 527 18.57 40.83 50.40
CA VAL A 527 18.25 41.17 49.03
C VAL A 527 17.48 40.02 48.36
N GLY A 528 16.62 40.37 47.42
CA GLY A 528 15.81 39.41 46.70
C GLY A 528 16.36 39.13 45.32
N ILE A 529 15.48 38.62 44.46
CA ILE A 529 15.84 38.30 43.08
C ILE A 529 15.85 39.59 42.26
N GLY A 530 17.02 39.98 41.78
CA GLY A 530 17.14 41.18 40.99
C GLY A 530 17.02 42.46 41.78
N GLU A 531 17.40 42.45 43.06
CA GLU A 531 17.33 43.63 43.90
C GLU A 531 18.69 43.86 44.55
N HIS A 532 19.14 45.11 44.55
CA HIS A 532 20.41 45.46 45.16
C HIS A 532 20.23 45.72 46.66
N CYS A 533 21.32 46.05 47.33
CA CYS A 533 21.26 46.38 48.75
C CYS A 533 20.91 47.85 48.93
N PRO A 534 19.90 48.18 49.72
CA PRO A 534 19.53 49.60 49.91
C PRO A 534 20.65 50.44 50.50
N GLY A 535 21.46 49.87 51.40
CA GLY A 535 22.55 50.63 51.99
C GLY A 535 23.23 49.82 53.07
N LEU A 536 24.40 50.32 53.46
CA LEU A 536 25.23 49.69 54.47
C LEU A 536 25.17 50.48 55.77
N GLY A 537 25.43 49.78 56.87
CA GLY A 537 25.41 50.40 58.19
C GLY A 537 26.67 51.17 58.52
N PHE A 559 31.31 53.85 58.30
CA PHE A 559 30.60 52.90 57.45
C PHE A 559 31.12 51.48 57.66
N LEU A 560 30.23 50.60 58.12
CA LEU A 560 30.57 49.21 58.38
C LEU A 560 29.58 48.31 57.68
N GLY A 561 30.04 47.10 57.33
CA GLY A 561 29.19 46.13 56.66
C GLY A 561 29.65 45.81 55.26
N TRP A 562 30.96 45.89 55.02
CA TRP A 562 31.53 45.59 53.72
C TRP A 562 32.95 45.10 53.90
N SER A 563 33.36 44.19 53.01
CA SER A 563 34.72 43.64 53.01
C SER A 563 35.26 43.67 51.59
N PHE A 564 36.58 43.46 51.47
CA PHE A 564 37.26 43.47 50.19
C PHE A 564 38.16 42.25 50.09
N ASP A 565 38.38 41.81 48.86
CA ASP A 565 39.22 40.62 48.63
C ASP A 565 39.79 40.67 47.23
N SER A 566 40.99 40.14 47.08
CA SER A 566 41.65 40.09 45.78
C SER A 566 40.97 39.06 44.89
N CYS A 567 41.30 39.11 43.59
CA CYS A 567 40.74 38.19 42.62
C CYS A 567 41.80 37.71 41.63
N ILE A 568 43.05 37.59 42.09
CA ILE A 568 44.16 37.17 41.24
C ILE A 568 44.35 35.66 41.42
N SER A 569 44.24 34.93 40.32
CA SER A 569 44.44 33.48 40.32
C SER A 569 45.08 33.09 39.00
N ASN A 570 46.31 32.57 39.06
CA ASN A 570 47.07 32.21 37.86
C ASN A 570 47.20 33.39 36.91
N ASN A 571 47.48 34.57 37.47
CA ASN A 571 47.63 35.81 36.70
C ASN A 571 46.37 36.14 35.89
N ARG A 572 45.22 35.67 36.35
CA ARG A 572 43.94 35.93 35.68
C ARG A 572 42.87 36.17 36.73
N CYS A 573 41.83 36.91 36.34
CA CYS A 573 40.72 37.21 37.23
C CYS A 573 39.51 36.34 36.87
N ASN A 574 38.86 35.80 37.90
CA ASN A 574 37.71 34.94 37.70
C ASN A 574 36.43 35.76 37.75
N ILE A 575 35.55 35.55 36.77
CA ILE A 575 34.28 36.26 36.69
C ILE A 575 33.17 35.24 36.50
N PHE A 576 32.12 35.36 37.30
CA PHE A 576 30.94 34.52 37.19
C PHE A 576 29.82 35.29 36.51
N SER A 577 29.16 34.63 35.56
CA SER A 577 28.03 35.19 34.83
C SER A 577 26.84 34.27 34.95
N ASN A 578 25.65 34.88 35.05
CA ASN A 578 24.39 34.15 35.16
C ASN A 578 23.50 34.58 34.01
N PHE A 579 23.05 33.61 33.22
CA PHE A 579 22.18 33.83 32.07
C PHE A 579 20.80 33.30 32.39
N ILE A 580 19.77 34.10 32.13
CA ILE A 580 18.38 33.70 32.35
C ILE A 580 17.61 33.97 31.07
N PHE A 581 16.92 32.94 30.56
CA PHE A 581 16.12 33.03 29.35
C PHE A 581 14.66 33.22 29.73
N ASN A 582 14.00 34.20 29.12
CA ASN A 582 12.60 34.47 29.37
C ASN A 582 11.78 33.88 28.23
N GLY A 583 11.07 32.79 28.51
CA GLY A 583 10.26 32.12 27.50
C GLY A 583 11.07 31.21 26.60
N ILE A 584 10.48 30.08 26.22
CA ILE A 584 11.14 29.10 25.37
C ILE A 584 10.25 28.80 24.18
N ASN A 585 10.88 28.45 23.05
CA ASN A 585 10.18 28.11 21.82
C ASN A 585 9.30 29.26 21.33
N SER A 586 9.79 30.49 21.51
CA SER A 586 9.06 31.68 21.08
C SER A 586 10.07 32.79 20.83
N GLY A 587 9.58 33.87 20.20
CA GLY A 587 10.42 35.01 19.92
C GLY A 587 11.24 34.82 18.65
N THR A 588 12.12 35.80 18.41
CA THR A 588 13.00 35.79 17.25
C THR A 588 14.46 35.53 17.60
N THR A 589 14.83 35.61 18.88
CA THR A 589 16.21 35.36 19.30
C THR A 589 16.43 33.85 19.35
N CYS A 590 16.98 33.29 18.28
CA CYS A 590 17.24 31.87 18.17
C CYS A 590 18.74 31.60 18.17
N SER A 591 19.08 30.32 18.20
CA SER A 591 20.47 29.86 18.17
C SER A 591 20.78 29.29 16.79
N ASN A 592 21.87 29.77 16.19
CA ASN A 592 22.30 29.33 14.87
C ASN A 592 23.14 28.07 14.91
N ASP A 593 23.39 27.51 16.09
CA ASP A 593 24.21 26.31 16.21
C ASP A 593 23.35 25.07 15.98
N TYR A 596 27.94 27.20 7.25
CA TYR A 596 27.74 28.60 6.92
C TYR A 596 29.06 29.37 6.99
N SER A 597 30.17 28.67 6.76
CA SER A 597 31.48 29.27 6.80
C SER A 597 31.73 30.12 5.56
N ASN A 598 32.90 30.75 5.50
CA ASN A 598 33.28 31.59 4.37
C ASN A 598 33.95 30.74 3.29
N THR A 599 33.12 29.94 2.62
CA THR A 599 33.58 29.07 1.55
C THR A 599 33.74 29.88 0.27
N GLU A 600 34.97 29.95 -0.24
CA GLU A 600 35.24 30.71 -1.45
C GLU A 600 34.52 30.09 -2.65
N ILE A 601 34.29 30.92 -3.66
CA ILE A 601 33.58 30.50 -4.87
C ILE A 601 34.64 30.01 -5.84
N SER A 602 34.92 28.70 -5.80
CA SER A 602 35.88 28.10 -6.71
C SER A 602 35.24 27.85 -8.07
N THR A 603 35.97 28.20 -9.12
CA THR A 603 35.49 28.05 -10.48
C THR A 603 36.37 27.06 -11.24
N GLY A 604 35.78 26.41 -12.25
CA GLY A 604 36.50 25.47 -13.06
C GLY A 604 35.98 24.05 -12.97
N VAL A 605 35.63 23.62 -11.76
CA VAL A 605 35.11 22.29 -11.49
C VAL A 605 33.73 22.42 -10.86
N CYS A 606 32.77 21.65 -11.35
CA CYS A 606 31.43 21.66 -10.79
C CYS A 606 31.46 21.14 -9.36
N VAL A 607 30.78 21.87 -8.46
CA VAL A 607 30.81 21.58 -7.04
C VAL A 607 29.38 21.63 -6.50
N ASN A 608 29.13 20.87 -5.44
CA ASN A 608 27.82 20.86 -4.80
C ASN A 608 27.52 22.23 -4.21
N TYR A 609 26.30 22.72 -4.43
CA TYR A 609 25.88 24.01 -3.92
C TYR A 609 24.56 23.86 -3.16
N ASP A 610 24.37 24.74 -2.18
CA ASP A 610 23.14 24.81 -1.38
C ASP A 610 22.65 26.25 -1.34
N LEU A 611 22.58 26.88 -2.51
CA LEU A 611 22.26 28.30 -2.61
C LEU A 611 20.79 28.58 -2.29
N TYR A 612 20.52 28.95 -1.04
CA TYR A 612 19.18 29.35 -0.60
C TYR A 612 18.16 28.24 -0.80
N GLY A 613 18.54 27.01 -0.48
CA GLY A 613 17.63 25.88 -0.56
C GLY A 613 17.57 25.20 -1.90
N ILE A 614 18.60 25.32 -2.73
CA ILE A 614 18.65 24.68 -4.04
C ILE A 614 19.92 23.82 -4.10
N THR A 615 19.74 22.53 -4.36
CA THR A 615 20.85 21.59 -4.43
C THR A 615 21.01 21.10 -5.87
N GLY A 616 22.25 20.77 -6.22
CA GLY A 616 22.55 20.29 -7.55
C GLY A 616 24.04 20.38 -7.83
N GLN A 617 24.38 20.31 -9.11
CA GLN A 617 25.75 20.38 -9.58
C GLN A 617 25.90 21.50 -10.60
N GLY A 618 27.10 22.05 -10.70
CA GLY A 618 27.36 23.10 -11.66
C GLY A 618 28.69 23.81 -11.47
N ILE A 619 29.35 24.12 -12.58
CA ILE A 619 30.60 24.87 -12.57
C ILE A 619 30.30 26.35 -12.67
N PHE A 620 31.02 27.16 -11.91
CA PHE A 620 30.78 28.60 -11.84
C PHE A 620 31.67 29.37 -12.81
N LYS A 621 31.18 30.52 -13.25
CA LYS A 621 31.92 31.39 -14.14
C LYS A 621 31.56 32.83 -13.84
N GLU A 622 32.57 33.70 -13.79
CA GLU A 622 32.37 35.10 -13.47
C GLU A 622 31.93 35.87 -14.69
N VAL A 623 30.93 36.73 -14.51
CA VAL A 623 30.39 37.55 -15.59
C VAL A 623 29.67 38.73 -14.98
N SER A 624 29.79 39.89 -15.62
CA SER A 624 29.14 41.10 -15.14
C SER A 624 27.67 41.11 -15.55
N ALA A 625 26.85 41.75 -14.72
CA ALA A 625 25.42 41.84 -14.97
C ALA A 625 24.88 43.11 -14.35
N ALA A 626 23.67 43.50 -14.77
CA ALA A 626 23.01 44.71 -14.28
C ALA A 626 21.54 44.43 -13.99
N TYR A 627 21.25 43.24 -13.50
CA TYR A 627 19.88 42.84 -13.15
C TYR A 627 19.88 42.11 -11.82
N TYR A 628 20.62 42.63 -10.84
CA TYR A 628 20.80 42.02 -9.53
C TYR A 628 20.53 43.04 -8.42
N ASN A 629 19.37 43.69 -8.50
CA ASN A 629 19.01 44.74 -7.54
C ASN A 629 18.88 44.20 -6.12
N ASN A 630 18.57 45.08 -5.17
CA ASN A 630 18.68 44.77 -3.75
C ASN A 630 17.97 43.47 -3.37
N TRP A 631 16.65 43.41 -3.61
CA TRP A 631 15.88 42.29 -3.07
C TRP A 631 16.09 41.01 -3.87
N GLN A 632 16.20 41.11 -5.20
CA GLN A 632 16.39 39.92 -6.03
C GLN A 632 17.83 39.43 -5.96
N ASN A 633 18.00 38.12 -5.84
CA ASN A 633 19.33 37.52 -5.72
C ASN A 633 19.56 36.32 -6.63
N LEU A 634 18.53 35.61 -7.06
CA LEU A 634 18.70 34.40 -7.85
C LEU A 634 18.13 34.59 -9.25
N LEU A 635 18.59 33.76 -10.17
CA LEU A 635 18.18 33.79 -11.57
C LEU A 635 17.64 32.43 -11.96
N TYR A 636 16.37 32.39 -12.36
CA TYR A 636 15.69 31.18 -12.80
C TYR A 636 15.46 31.25 -14.31
N ASP A 637 14.78 30.22 -14.82
CA ASP A 637 14.44 30.13 -16.23
C ASP A 637 13.04 29.56 -16.35
N SER A 638 12.54 29.49 -17.59
CA SER A 638 11.19 28.99 -17.85
C SER A 638 11.03 27.51 -17.50
N ASN A 639 12.13 26.81 -17.21
CA ASN A 639 12.07 25.40 -16.83
C ASN A 639 12.19 25.18 -15.33
N GLY A 640 12.55 26.21 -14.57
CA GLY A 640 12.67 26.07 -13.14
C GLY A 640 14.05 25.73 -12.63
N ASN A 641 15.09 26.00 -13.41
CA ASN A 641 16.47 25.71 -13.03
C ASN A 641 17.24 27.00 -12.81
N ILE A 642 18.26 26.93 -11.97
CA ILE A 642 19.09 28.08 -11.66
C ILE A 642 20.06 28.33 -12.81
N ILE A 643 20.29 29.61 -13.11
CA ILE A 643 21.22 30.02 -14.16
C ILE A 643 22.30 30.94 -13.59
N GLY A 644 21.90 31.96 -12.82
CA GLY A 644 22.81 32.90 -12.23
C GLY A 644 22.81 32.84 -10.71
N PHE A 645 23.68 33.64 -10.12
CA PHE A 645 23.83 33.67 -8.67
C PHE A 645 24.52 34.96 -8.26
N LYS A 646 24.11 35.49 -7.10
CA LYS A 646 24.72 36.66 -6.50
C LYS A 646 24.97 36.39 -5.02
N ASP A 647 26.15 36.74 -4.55
CA ASP A 647 26.54 36.49 -3.17
C ASP A 647 26.16 37.68 -2.28
N PHE A 648 25.98 37.40 -1.00
CA PHE A 648 25.69 38.45 -0.02
C PHE A 648 26.95 38.97 0.66
N LEU A 649 27.97 38.13 0.82
CA LEU A 649 29.22 38.58 1.43
C LEU A 649 29.93 39.59 0.53
N THR A 650 30.03 39.29 -0.75
CA THR A 650 30.63 40.18 -1.74
C THR A 650 29.54 40.72 -2.67
N ASN A 651 29.97 41.50 -3.65
CA ASN A 651 29.08 42.09 -4.65
C ASN A 651 29.46 41.65 -6.05
N LYS A 652 29.76 40.37 -6.22
CA LYS A 652 30.12 39.79 -7.50
C LYS A 652 29.04 38.81 -7.93
N THR A 653 28.78 38.76 -9.24
CA THR A 653 27.77 37.90 -9.81
C THR A 653 28.43 36.78 -10.62
N TYR A 654 27.81 35.61 -10.60
CA TYR A 654 28.34 34.45 -11.29
C TYR A 654 27.21 33.73 -12.02
N THR A 655 27.59 32.84 -12.94
CA THR A 655 26.65 31.98 -13.64
C THR A 655 27.11 30.54 -13.50
N ILE A 656 26.16 29.62 -13.61
CA ILE A 656 26.43 28.19 -13.44
C ILE A 656 26.18 27.48 -14.77
N LEU A 657 27.00 26.47 -15.05
CA LEU A 657 26.91 25.68 -16.27
C LEU A 657 27.22 24.24 -15.89
N PRO A 658 26.37 23.28 -16.27
CA PRO A 658 26.61 21.88 -15.88
C PRO A 658 27.85 21.32 -16.55
N CYS A 659 28.56 20.48 -15.82
CA CYS A 659 29.80 19.88 -16.32
C CYS A 659 29.49 18.67 -17.19
N TYR A 660 30.51 18.24 -17.93
CA TYR A 660 30.32 17.18 -18.92
C TYR A 660 30.06 15.84 -18.24
N SER A 661 29.11 15.08 -18.80
CA SER A 661 28.83 13.72 -18.36
C SER A 661 28.31 12.96 -19.57
N GLY A 662 29.21 12.23 -20.25
CA GLY A 662 28.84 11.51 -21.46
C GLY A 662 29.37 10.10 -21.50
N ARG A 663 29.30 9.48 -22.68
CA ARG A 663 29.73 8.10 -22.86
C ARG A 663 30.82 8.02 -23.91
N VAL A 664 31.36 6.81 -24.08
CA VAL A 664 32.44 6.55 -25.02
C VAL A 664 31.97 5.50 -26.02
N SER A 665 32.45 5.62 -27.25
CA SER A 665 32.16 4.64 -28.30
C SER A 665 33.37 3.74 -28.49
N ALA A 666 33.20 2.44 -28.27
CA ALA A 666 34.29 1.49 -28.33
C ALA A 666 34.05 0.53 -29.50
N ALA A 667 34.96 0.56 -30.47
CA ALA A 667 34.93 -0.36 -31.61
C ALA A 667 35.87 -1.53 -31.30
N PHE A 668 35.34 -2.75 -31.36
CA PHE A 668 36.10 -3.93 -30.98
C PHE A 668 35.95 -5.00 -32.06
N TYR A 669 37.08 -5.56 -32.49
CA TYR A 669 37.09 -6.62 -33.49
C TYR A 669 36.92 -7.97 -32.82
N GLN A 670 37.14 -9.06 -33.56
CA GLN A 670 36.96 -10.39 -33.00
C GLN A 670 38.03 -10.71 -31.97
N ASN A 671 39.30 -10.70 -32.39
CA ASN A 671 40.44 -10.99 -31.51
C ASN A 671 41.28 -9.73 -31.40
N SER A 672 41.21 -9.06 -30.26
CA SER A 672 41.98 -7.85 -30.02
C SER A 672 42.17 -7.67 -28.52
N SER A 673 43.32 -7.10 -28.16
CA SER A 673 43.62 -6.88 -26.74
C SER A 673 42.85 -5.69 -26.19
N SER A 674 42.87 -4.56 -26.90
CA SER A 674 42.18 -3.35 -26.47
C SER A 674 41.39 -2.77 -27.63
N PRO A 675 40.17 -2.31 -27.38
CA PRO A 675 39.36 -1.72 -28.46
C PRO A 675 39.78 -0.30 -28.76
N ALA A 676 39.17 0.26 -29.80
CA ALA A 676 39.41 1.64 -30.21
C ALA A 676 38.35 2.53 -29.59
N LEU A 677 38.79 3.51 -28.80
CA LEU A 677 37.89 4.40 -28.07
C LEU A 677 37.67 5.70 -28.85
N LEU A 678 36.49 6.27 -28.69
CA LEU A 678 36.13 7.52 -29.34
C LEU A 678 35.25 8.34 -28.41
N TYR A 679 35.63 9.60 -28.22
CA TYR A 679 34.85 10.57 -27.44
C TYR A 679 34.25 11.56 -28.43
N ARG A 680 32.92 11.52 -28.58
CA ARG A 680 32.25 12.35 -29.57
C ARG A 680 32.16 13.79 -29.09
N ASN A 681 32.56 14.71 -29.97
CA ASN A 681 32.45 16.16 -29.73
C ASN A 681 33.24 16.57 -28.48
N LEU A 682 34.52 16.16 -28.45
CA LEU A 682 35.40 16.51 -27.34
C LEU A 682 36.82 16.68 -27.88
N LYS A 683 37.43 17.81 -27.57
CA LYS A 683 38.83 18.02 -27.92
C LYS A 683 39.72 17.11 -27.09
N CYS A 684 40.80 16.64 -27.71
CA CYS A 684 41.65 15.65 -27.04
C CYS A 684 42.41 16.23 -25.86
N SER A 685 42.63 17.55 -25.83
CA SER A 685 43.29 18.16 -24.68
C SER A 685 42.45 17.99 -23.43
N TYR A 686 41.16 18.35 -23.51
CA TYR A 686 40.27 18.18 -22.37
C TYR A 686 40.15 16.72 -21.96
N VAL A 687 40.13 15.82 -22.95
CA VAL A 687 40.02 14.39 -22.66
C VAL A 687 41.25 13.92 -21.87
N LEU A 688 42.44 14.19 -22.39
CA LEU A 688 43.66 13.74 -21.74
C LEU A 688 43.94 14.48 -20.44
N ASN A 689 43.31 15.63 -20.22
CA ASN A 689 43.60 16.42 -19.02
C ASN A 689 42.62 16.14 -17.88
N ASN A 690 41.33 16.30 -18.13
CA ASN A 690 40.36 16.39 -17.05
C ASN A 690 39.51 15.14 -16.84
N ILE A 691 39.57 14.16 -17.73
CA ILE A 691 38.80 12.93 -17.52
C ILE A 691 39.70 11.71 -17.59
N SER A 692 40.44 11.56 -18.69
CA SER A 692 41.31 10.40 -18.87
C SER A 692 42.52 10.53 -17.96
N PHE A 693 42.56 9.72 -16.90
CA PHE A 693 43.68 9.74 -15.97
C PHE A 693 44.89 8.95 -16.46
N ILE A 694 44.72 8.12 -17.48
CA ILE A 694 45.81 7.32 -18.03
C ILE A 694 46.39 8.05 -19.23
N SER A 695 47.71 7.91 -19.42
CA SER A 695 48.42 8.57 -20.51
C SER A 695 48.38 7.68 -21.74
N GLN A 696 47.75 8.16 -22.81
CA GLN A 696 47.69 7.42 -24.06
C GLN A 696 48.70 7.98 -25.05
N PRO A 697 49.51 7.13 -25.68
CA PRO A 697 50.54 7.64 -26.60
C PRO A 697 49.98 8.02 -27.96
N PHE A 698 48.90 7.37 -28.38
CA PHE A 698 48.31 7.58 -29.70
C PHE A 698 47.00 8.33 -29.56
N TYR A 699 46.91 9.49 -30.22
CA TYR A 699 45.70 10.29 -30.21
C TYR A 699 45.80 11.35 -31.30
N PHE A 700 44.69 11.63 -31.97
CA PHE A 700 44.67 12.63 -33.03
C PHE A 700 43.24 13.15 -33.19
N ASP A 701 43.10 14.47 -33.29
CA ASP A 701 41.79 15.08 -33.41
C ASP A 701 41.15 14.71 -34.75
N SER A 702 39.82 14.68 -34.74
CA SER A 702 39.05 14.30 -35.93
C SER A 702 37.79 15.14 -35.97
N TYR A 703 36.92 14.84 -36.94
CA TYR A 703 35.67 15.58 -37.08
C TYR A 703 34.71 15.25 -35.94
N LEU A 704 34.54 13.96 -35.65
CA LEU A 704 33.62 13.49 -34.61
C LEU A 704 34.31 13.29 -33.27
N GLY A 705 35.35 14.05 -32.98
CA GLY A 705 36.12 13.86 -31.78
C GLY A 705 37.35 13.00 -32.03
N CYS A 706 38.36 13.18 -31.18
CA CYS A 706 39.62 12.46 -31.39
C CYS A 706 39.47 10.99 -31.02
N VAL A 707 40.09 10.13 -31.81
CA VAL A 707 40.05 8.69 -31.61
C VAL A 707 41.32 8.26 -30.89
N LEU A 708 41.17 7.46 -29.85
CA LEU A 708 42.30 6.95 -29.08
C LEU A 708 42.67 5.55 -29.59
N ASN A 709 43.97 5.26 -29.60
CA ASN A 709 44.51 3.99 -30.07
C ASN A 709 44.12 3.75 -31.53
N ALA A 710 44.50 4.69 -32.38
CA ALA A 710 44.21 4.61 -33.81
C ALA A 710 45.19 5.51 -34.56
N VAL A 711 45.31 5.26 -35.86
CA VAL A 711 46.20 6.01 -36.73
C VAL A 711 45.35 6.79 -37.73
N ASN A 712 45.81 7.98 -38.08
CA ASN A 712 45.08 8.86 -39.01
C ASN A 712 45.44 8.48 -40.43
N LEU A 713 44.54 7.76 -41.09
CA LEU A 713 44.70 7.33 -42.48
C LEU A 713 43.48 7.70 -43.30
N THR A 714 43.04 8.95 -43.16
CA THR A 714 41.86 9.43 -43.88
C THR A 714 42.09 9.57 -45.38
N SER A 715 43.30 9.33 -45.87
CA SER A 715 43.59 9.39 -47.30
C SER A 715 43.40 8.05 -47.99
N TYR A 716 42.89 7.05 -47.29
CA TYR A 716 42.66 5.72 -47.85
C TYR A 716 41.16 5.40 -47.77
N SER A 717 40.63 4.86 -48.86
CA SER A 717 39.22 4.54 -48.96
C SER A 717 39.02 3.02 -49.00
N VAL A 718 37.98 2.55 -48.31
CA VAL A 718 37.63 1.14 -48.29
C VAL A 718 36.25 0.96 -48.91
N SER A 719 35.88 -0.30 -49.13
CA SER A 719 34.60 -0.64 -49.73
C SER A 719 33.59 -1.22 -48.76
N SER A 720 34.03 -1.81 -47.66
CA SER A 720 33.12 -2.42 -46.70
C SER A 720 33.84 -2.53 -45.36
N CYS A 721 33.33 -1.83 -44.35
CA CYS A 721 33.87 -1.90 -43.00
C CYS A 721 32.73 -2.07 -42.02
N ASP A 722 32.89 -2.98 -41.07
CA ASP A 722 31.85 -3.34 -40.11
C ASP A 722 31.86 -2.48 -38.86
N LEU A 723 32.81 -1.54 -38.74
CA LEU A 723 32.89 -0.64 -37.60
C LEU A 723 32.63 0.77 -38.10
N ARG A 724 31.35 1.14 -38.18
CA ARG A 724 30.94 2.43 -38.72
C ARG A 724 30.82 3.46 -37.60
N MET A 725 31.34 4.65 -37.87
CA MET A 725 31.29 5.75 -36.91
C MET A 725 30.42 6.90 -37.35
N GLY A 726 30.25 7.12 -38.65
CA GLY A 726 29.42 8.20 -39.14
C GLY A 726 30.17 9.22 -39.94
N SER A 727 29.44 10.01 -40.75
CA SER A 727 30.02 11.06 -41.58
C SER A 727 31.06 10.53 -42.56
N GLY A 728 30.90 9.29 -42.99
CA GLY A 728 31.81 8.70 -43.96
C GLY A 728 33.17 8.33 -43.39
N PHE A 729 33.21 7.75 -42.20
CA PHE A 729 34.45 7.31 -41.58
C PHE A 729 34.22 5.98 -40.88
N CYS A 730 35.25 5.12 -40.90
CA CYS A 730 35.16 3.83 -40.23
C CYS A 730 36.56 3.36 -39.87
N ILE A 731 36.62 2.49 -38.87
CA ILE A 731 37.87 1.95 -38.36
C ILE A 731 38.03 0.52 -38.86
N ASP A 732 39.22 0.22 -39.39
CA ASP A 732 39.53 -1.11 -39.89
C ASP A 732 40.68 -1.71 -39.09
N TYR A 733 40.73 -3.04 -39.05
CA TYR A 733 41.76 -3.77 -38.32
C TYR A 733 42.74 -4.37 -39.32
N ALA A 734 44.02 -4.02 -39.17
CA ALA A 734 45.08 -4.54 -40.03
C ALA A 734 46.13 -5.19 -39.13
N LEU A 735 46.20 -6.52 -39.20
CA LEU A 735 47.17 -7.24 -38.37
C LEU A 735 48.59 -7.00 -38.90
N PRO A 736 49.58 -6.89 -38.00
CA PRO A 736 50.98 -6.69 -38.39
C PRO A 736 51.54 -7.82 -39.24
N SER A 746 53.15 1.25 -33.56
CA SER A 746 51.96 1.96 -34.04
C SER A 746 50.70 1.20 -33.68
N SER A 747 49.56 1.89 -33.72
CA SER A 747 48.28 1.26 -33.40
C SER A 747 47.83 0.38 -34.56
N PRO A 748 47.26 -0.80 -34.27
CA PRO A 748 46.80 -1.69 -35.35
C PRO A 748 45.50 -1.26 -36.01
N TYR A 749 44.82 -0.24 -35.48
CA TYR A 749 43.58 0.24 -36.07
C TYR A 749 43.86 1.38 -37.04
N ARG A 750 43.10 1.41 -38.13
CA ARG A 750 43.24 2.43 -39.16
C ARG A 750 41.92 3.17 -39.31
N PHE A 751 41.96 4.49 -39.12
CA PHE A 751 40.77 5.34 -39.22
C PHE A 751 40.68 5.87 -40.64
N VAL A 752 39.88 5.22 -41.48
CA VAL A 752 39.82 5.55 -42.90
C VAL A 752 38.42 6.04 -43.25
N THR A 753 38.23 6.41 -44.52
CA THR A 753 36.95 6.90 -44.99
C THR A 753 36.08 5.74 -45.48
N PHE A 754 34.85 6.05 -45.89
CA PHE A 754 33.89 5.06 -46.35
C PHE A 754 33.33 5.49 -47.70
N GLU A 755 33.54 4.66 -48.71
CA GLU A 755 32.99 4.90 -50.04
C GLU A 755 32.41 3.59 -50.55
N PRO A 756 31.13 3.32 -50.24
CA PRO A 756 30.57 2.02 -50.62
C PRO A 756 30.22 1.87 -52.09
N PHE A 757 30.09 2.97 -52.83
CA PHE A 757 29.70 2.92 -54.23
C PHE A 757 30.62 3.79 -55.06
N ASN A 758 30.89 3.36 -56.29
CA ASN A 758 31.72 4.12 -57.21
C ASN A 758 31.23 3.88 -58.64
N VAL A 759 31.43 4.88 -59.48
CA VAL A 759 31.01 4.80 -60.88
C VAL A 759 32.12 4.15 -61.70
N SER A 760 31.76 3.71 -62.91
CA SER A 760 32.70 3.10 -63.84
C SER A 760 33.17 4.16 -64.82
N PHE A 761 34.50 4.29 -64.95
CA PHE A 761 35.10 5.30 -65.82
C PHE A 761 35.55 4.67 -67.13
N VAL A 762 35.43 5.44 -68.21
CA VAL A 762 35.87 5.02 -69.54
C VAL A 762 36.79 6.11 -70.09
N ASN A 763 37.72 5.69 -70.95
CA ASN A 763 38.71 6.58 -71.53
C ASN A 763 38.23 7.22 -72.85
N ASP A 764 36.92 7.27 -73.07
CA ASP A 764 36.39 7.85 -74.28
C ASP A 764 36.32 9.37 -74.16
N SER A 765 36.12 10.03 -75.30
CA SER A 765 36.00 11.49 -75.33
C SER A 765 34.60 11.91 -74.89
N VAL A 766 34.52 13.14 -74.36
CA VAL A 766 33.26 13.67 -73.86
C VAL A 766 32.65 14.59 -74.91
N GLU A 767 33.49 15.15 -75.78
CA GLU A 767 33.04 16.03 -76.85
C GLU A 767 33.07 15.30 -78.19
N THR A 768 32.16 15.68 -79.08
CA THR A 768 32.07 15.06 -80.39
C THR A 768 33.23 15.50 -81.28
N VAL A 769 33.69 14.58 -82.12
CA VAL A 769 34.76 14.86 -83.08
C VAL A 769 34.24 14.48 -84.47
N GLY A 770 34.18 15.46 -85.35
CA GLY A 770 33.67 15.23 -86.69
C GLY A 770 32.20 14.86 -86.75
N GLY A 771 31.43 15.20 -85.71
CA GLY A 771 30.03 14.88 -85.67
C GLY A 771 29.68 13.50 -85.16
N LEU A 772 30.64 12.78 -84.59
CA LEU A 772 30.42 11.44 -84.08
C LEU A 772 30.80 11.38 -82.60
N PHE A 773 30.29 10.34 -81.93
CA PHE A 773 30.54 10.13 -80.52
C PHE A 773 31.18 8.77 -80.29
N GLU A 774 32.03 8.69 -79.27
CA GLU A 774 32.70 7.45 -78.91
C GLU A 774 31.80 6.64 -77.98
N ILE A 775 31.51 5.40 -78.35
CA ILE A 775 30.63 4.54 -77.57
C ILE A 775 31.25 3.15 -77.50
N GLN A 776 31.25 2.56 -76.31
CA GLN A 776 31.74 1.20 -76.11
C GLN A 776 30.55 0.24 -76.23
N ILE A 777 30.52 -0.52 -77.32
CA ILE A 777 29.46 -1.49 -77.57
C ILE A 777 29.97 -2.88 -77.17
N PRO A 778 29.17 -3.68 -76.49
CA PRO A 778 29.61 -5.04 -76.14
C PRO A 778 29.75 -5.91 -77.37
N THR A 779 30.65 -6.88 -77.27
CA THR A 779 30.90 -7.85 -78.33
C THR A 779 30.55 -9.27 -77.93
N ASN A 780 30.81 -9.65 -76.68
CA ASN A 780 30.47 -10.97 -76.16
C ASN A 780 29.72 -10.79 -74.85
N PHE A 781 28.78 -11.70 -74.60
CA PHE A 781 27.87 -11.57 -73.46
C PHE A 781 27.72 -12.91 -72.77
N THR A 782 27.06 -12.88 -71.61
CA THR A 782 26.75 -14.08 -70.85
C THR A 782 25.53 -13.79 -69.97
N ILE A 783 25.07 -14.81 -69.26
CA ILE A 783 23.89 -14.73 -68.41
C ILE A 783 24.33 -14.97 -66.97
N ALA A 784 24.02 -14.03 -66.09
CA ALA A 784 24.33 -14.12 -64.67
C ALA A 784 23.06 -14.30 -63.86
N GLY A 785 23.23 -14.75 -62.62
CA GLY A 785 22.09 -15.00 -61.75
C GLY A 785 22.27 -14.47 -60.35
N HIS A 786 21.25 -13.76 -59.86
CA HIS A 786 21.25 -13.21 -58.51
C HIS A 786 20.07 -13.78 -57.73
N GLU A 787 20.17 -13.69 -56.40
CA GLU A 787 19.15 -14.22 -55.50
C GLU A 787 18.75 -13.16 -54.49
N GLU A 788 17.47 -13.15 -54.14
CA GLU A 788 16.93 -12.21 -53.16
C GLU A 788 15.92 -12.92 -52.29
N PHE A 789 15.78 -12.45 -51.05
CA PHE A 789 14.84 -13.04 -50.10
C PHE A 789 13.88 -11.96 -49.61
N ILE A 790 12.59 -12.31 -49.52
CA ILE A 790 11.57 -11.39 -49.03
C ILE A 790 10.74 -12.12 -47.98
N GLN A 791 10.64 -11.54 -46.78
CA GLN A 791 9.87 -12.13 -45.71
C GLN A 791 8.39 -11.84 -45.88
N THR A 792 7.56 -12.87 -45.70
CA THR A 792 6.12 -12.74 -45.87
C THR A 792 5.31 -13.24 -44.68
N SER A 793 5.95 -13.79 -43.65
CA SER A 793 5.23 -14.35 -42.51
C SER A 793 6.05 -14.12 -41.24
N SER A 794 5.46 -14.50 -40.11
CA SER A 794 6.10 -14.36 -38.81
C SER A 794 5.46 -15.36 -37.86
N PRO A 795 6.16 -15.74 -36.79
CA PRO A 795 5.57 -16.68 -35.83
C PRO A 795 4.33 -16.10 -35.17
N LYS A 796 3.34 -16.98 -34.98
CA LYS A 796 2.05 -16.59 -34.39
C LYS A 796 2.12 -16.83 -32.89
N VAL A 797 2.47 -15.80 -32.14
CA VAL A 797 2.65 -15.90 -30.69
C VAL A 797 1.31 -15.65 -30.00
N THR A 798 0.98 -16.53 -29.05
CA THR A 798 -0.25 -16.41 -28.28
C THR A 798 0.08 -16.45 -26.79
N ILE A 799 -0.46 -15.51 -26.03
CA ILE A 799 -0.27 -15.42 -24.60
C ILE A 799 -1.64 -15.40 -23.93
N ASP A 800 -1.64 -15.46 -22.60
CA ASP A 800 -2.86 -15.41 -21.82
C ASP A 800 -2.54 -14.95 -20.41
N CYS A 801 -3.53 -14.34 -19.76
CA CYS A 801 -3.37 -13.84 -18.39
C CYS A 801 -3.68 -14.90 -17.34
N SER A 802 -4.41 -15.95 -17.68
CA SER A 802 -4.80 -16.96 -16.70
C SER A 802 -3.60 -17.75 -16.18
N ALA A 803 -2.48 -17.74 -16.89
CA ALA A 803 -1.29 -18.49 -16.48
C ALA A 803 -0.03 -17.65 -16.41
N PHE A 804 -0.09 -16.37 -16.77
CA PHE A 804 1.11 -15.54 -16.76
C PHE A 804 1.28 -14.81 -15.42
N VAL A 805 0.20 -14.24 -14.88
CA VAL A 805 0.25 -13.50 -13.63
C VAL A 805 -0.44 -14.26 -12.50
N CYS A 806 -1.57 -14.89 -12.78
CA CYS A 806 -2.37 -15.55 -11.75
C CYS A 806 -2.55 -17.02 -12.06
N SER A 807 -1.44 -17.72 -12.35
CA SER A 807 -1.45 -19.12 -12.77
C SER A 807 -2.38 -20.00 -11.95
N ASN A 808 -2.14 -20.10 -10.65
CA ASN A 808 -2.92 -20.99 -9.79
C ASN A 808 -3.14 -20.38 -8.41
N TYR A 809 -3.58 -19.12 -8.37
CA TYR A 809 -3.85 -18.45 -7.11
C TYR A 809 -5.22 -17.78 -7.17
N ALA A 810 -5.78 -17.54 -5.98
CA ALA A 810 -7.12 -16.97 -5.84
C ALA A 810 -7.09 -15.47 -5.56
N ALA A 811 -6.23 -15.02 -4.64
CA ALA A 811 -6.13 -13.59 -4.37
C ALA A 811 -5.63 -12.83 -5.57
N CYS A 812 -4.76 -13.45 -6.37
CA CYS A 812 -4.30 -12.83 -7.61
C CYS A 812 -5.47 -12.57 -8.54
N HIS A 813 -6.37 -13.53 -8.70
CA HIS A 813 -7.55 -13.33 -9.53
C HIS A 813 -8.49 -12.30 -8.93
N ASP A 814 -8.64 -12.31 -7.60
CA ASP A 814 -9.52 -11.33 -6.95
C ASP A 814 -9.01 -9.92 -7.14
N LEU A 815 -7.69 -9.73 -7.21
CA LEU A 815 -7.15 -8.40 -7.43
C LEU A 815 -7.09 -8.04 -8.92
N LEU A 816 -6.95 -9.03 -9.79
CA LEU A 816 -6.92 -8.78 -11.23
C LEU A 816 -8.32 -8.57 -11.81
N SER A 817 -9.37 -8.94 -11.08
CA SER A 817 -10.72 -8.71 -11.55
C SER A 817 -11.00 -7.25 -11.85
N GLU A 818 -10.24 -6.32 -11.24
CA GLU A 818 -10.36 -4.91 -11.57
C GLU A 818 -9.71 -4.55 -12.90
N TYR A 819 -8.84 -5.43 -13.42
CA TYR A 819 -8.16 -5.22 -14.70
C TYR A 819 -8.66 -6.21 -15.74
N GLY A 820 -9.97 -6.48 -15.75
CA GLY A 820 -10.51 -7.50 -16.64
C GLY A 820 -10.34 -7.17 -18.10
N THR A 821 -10.69 -5.94 -18.49
CA THR A 821 -10.62 -5.54 -19.89
C THR A 821 -9.18 -5.43 -20.39
N PHE A 822 -8.21 -5.26 -19.48
CA PHE A 822 -6.82 -5.10 -19.90
C PHE A 822 -6.31 -6.35 -20.60
N CYS A 823 -6.76 -7.53 -20.17
CA CYS A 823 -6.34 -8.77 -20.82
C CYS A 823 -7.18 -9.08 -22.06
N ASP A 824 -8.45 -8.69 -22.05
CA ASP A 824 -9.27 -8.86 -23.25
C ASP A 824 -8.73 -8.02 -24.40
N ASN A 825 -8.21 -6.83 -24.10
CA ASN A 825 -7.59 -6.00 -25.14
C ASN A 825 -6.36 -6.67 -25.72
N ILE A 826 -5.53 -7.29 -24.87
CA ILE A 826 -4.35 -7.98 -25.35
C ILE A 826 -4.75 -9.17 -26.22
N ASN A 827 -5.76 -9.92 -25.80
CA ASN A 827 -6.24 -11.05 -26.59
C ASN A 827 -6.78 -10.58 -27.95
N SER A 828 -7.51 -9.47 -27.96
CA SER A 828 -8.03 -8.94 -29.22
C SER A 828 -6.90 -8.49 -30.14
N ILE A 829 -5.87 -7.86 -29.58
CA ILE A 829 -4.73 -7.43 -30.39
C ILE A 829 -4.03 -8.64 -31.00
N LEU A 830 -3.81 -9.68 -30.19
CA LEU A 830 -3.16 -10.89 -30.71
C LEU A 830 -4.00 -11.56 -31.79
N ASN A 831 -5.32 -11.61 -31.59
CA ASN A 831 -6.19 -12.21 -32.60
C ASN A 831 -6.18 -11.40 -33.89
N GLU A 832 -6.14 -10.08 -33.78
CA GLU A 832 -6.07 -9.24 -34.98
C GLU A 832 -4.76 -9.46 -35.72
N VAL A 833 -3.65 -9.57 -34.99
CA VAL A 833 -2.36 -9.82 -35.64
C VAL A 833 -2.38 -11.18 -36.34
N ASN A 834 -2.92 -12.19 -35.69
CA ASN A 834 -2.98 -13.52 -36.31
C ASN A 834 -3.88 -13.52 -37.54
N ASP A 835 -5.00 -12.79 -37.48
CA ASP A 835 -5.89 -12.70 -38.64
C ASP A 835 -5.19 -11.98 -39.81
N LEU A 836 -4.43 -10.92 -39.51
CA LEU A 836 -3.69 -10.24 -40.57
C LEU A 836 -2.65 -11.17 -41.19
N LEU A 837 -1.95 -11.94 -40.36
CA LEU A 837 -0.97 -12.89 -40.89
C LEU A 837 -1.64 -13.92 -41.79
N ASP A 838 -2.79 -14.45 -41.36
CA ASP A 838 -3.50 -15.44 -42.17
C ASP A 838 -3.97 -14.84 -43.48
N ILE A 839 -4.46 -13.59 -43.45
CA ILE A 839 -4.91 -12.94 -44.67
C ILE A 839 -3.74 -12.73 -45.63
N THR A 840 -2.58 -12.33 -45.10
CA THR A 840 -1.41 -12.16 -45.96
C THR A 840 -0.98 -13.48 -46.57
N GLN A 841 -1.00 -14.56 -45.78
CA GLN A 841 -0.63 -15.87 -46.31
C GLN A 841 -1.60 -16.31 -47.41
N LEU A 842 -2.90 -16.08 -47.20
CA LEU A 842 -3.88 -16.45 -48.23
C LEU A 842 -3.69 -15.61 -49.49
N GLN A 843 -3.37 -14.33 -49.33
CA GLN A 843 -3.14 -13.48 -50.51
C GLN A 843 -1.91 -13.93 -51.29
N VAL A 844 -0.84 -14.31 -50.58
CA VAL A 844 0.35 -14.82 -51.26
C VAL A 844 0.02 -16.12 -51.99
N ALA A 845 -0.73 -17.01 -51.34
CA ALA A 845 -1.10 -18.27 -51.97
C ALA A 845 -1.96 -18.04 -53.21
N ASN A 846 -2.85 -17.05 -53.15
CA ASN A 846 -3.69 -16.73 -54.30
C ASN A 846 -2.86 -16.13 -55.44
N ALA A 847 -1.89 -15.29 -55.09
CA ALA A 847 -1.03 -14.69 -56.11
C ALA A 847 -0.17 -15.74 -56.79
N LEU A 848 0.28 -16.75 -56.05
CA LEU A 848 1.09 -17.82 -56.62
C LEU A 848 0.27 -18.80 -57.45
N MET A 849 -1.06 -18.79 -57.33
CA MET A 849 -1.93 -19.76 -58.01
C MET A 849 -3.04 -19.03 -58.75
N GLN A 850 -2.68 -18.00 -59.51
CA GLN A 850 -3.63 -17.18 -60.25
C GLN A 850 -3.43 -17.43 -61.74
N GLY A 851 -4.43 -18.02 -62.39
CA GLY A 851 -4.38 -18.29 -63.82
C GLY A 851 -3.31 -19.28 -64.20
N VAL A 852 -3.32 -20.46 -63.56
CA VAL A 852 -2.34 -21.51 -63.81
C VAL A 852 -3.06 -22.71 -64.39
N THR A 853 -2.59 -23.19 -65.53
CA THR A 853 -3.19 -24.32 -66.22
C THR A 853 -2.11 -25.35 -66.55
N LEU A 854 -2.33 -26.58 -66.13
CA LEU A 854 -1.41 -27.68 -66.39
C LEU A 854 -2.12 -28.81 -67.13
N SER A 855 -1.33 -29.74 -67.65
CA SER A 855 -1.86 -30.89 -68.34
C SER A 855 -2.05 -32.06 -67.37
N SER A 856 -2.96 -32.96 -67.74
CA SER A 856 -3.25 -34.12 -66.90
C SER A 856 -2.30 -35.28 -67.13
N ASN A 857 -1.58 -35.28 -68.25
CA ASN A 857 -0.63 -36.34 -68.58
C ASN A 857 0.81 -35.95 -68.28
N LEU A 858 1.02 -35.14 -67.24
CA LEU A 858 2.33 -34.66 -66.87
C LEU A 858 2.73 -35.22 -65.50
N ASN A 859 3.98 -35.67 -65.41
CA ASN A 859 4.53 -36.20 -64.17
C ASN A 859 5.98 -35.79 -64.05
N THR A 860 6.42 -35.53 -62.83
CA THR A 860 7.79 -35.07 -62.56
C THR A 860 8.74 -36.25 -62.36
N ASN A 861 8.74 -37.18 -63.31
CA ASN A 861 9.63 -38.32 -63.30
C ASN A 861 10.59 -38.32 -64.47
N LEU A 862 10.11 -38.05 -65.68
CA LEU A 862 10.96 -37.99 -66.86
C LEU A 862 10.82 -36.67 -67.63
N HIS A 863 10.03 -35.73 -67.14
CA HIS A 863 9.84 -34.43 -67.76
C HIS A 863 10.38 -33.37 -66.81
N SER A 864 11.69 -33.11 -66.90
CA SER A 864 12.34 -32.12 -66.04
C SER A 864 13.12 -31.09 -66.82
N ASP A 865 13.74 -31.47 -67.93
CA ASP A 865 14.57 -30.57 -68.73
C ASP A 865 13.85 -30.19 -70.02
N VAL A 866 14.05 -28.96 -70.47
CA VAL A 866 13.46 -28.45 -71.70
C VAL A 866 14.52 -27.62 -72.42
N ASP A 867 14.84 -28.00 -73.66
CA ASP A 867 15.82 -27.30 -74.49
C ASP A 867 17.17 -27.21 -73.78
N ASN A 868 17.66 -28.36 -73.29
CA ASN A 868 18.97 -28.47 -72.66
C ASN A 868 19.11 -27.54 -71.46
N ILE A 869 18.04 -27.42 -70.69
CA ILE A 869 18.02 -26.60 -69.48
C ILE A 869 17.55 -27.49 -68.33
N ASP A 870 18.44 -27.81 -67.40
CA ASP A 870 18.14 -28.72 -66.31
C ASP A 870 17.48 -27.92 -65.18
N PHE A 871 16.16 -28.07 -65.07
CA PHE A 871 15.38 -27.44 -64.01
C PHE A 871 14.90 -28.47 -62.98
N LYS A 872 15.65 -29.55 -62.80
CA LYS A 872 15.25 -30.59 -61.86
C LYS A 872 15.37 -30.13 -60.42
N SER A 873 16.32 -29.25 -60.12
CA SER A 873 16.52 -28.78 -58.76
C SER A 873 15.40 -27.87 -58.29
N LEU A 874 14.66 -27.24 -59.20
CA LEU A 874 13.58 -26.34 -58.83
C LEU A 874 12.24 -27.04 -58.70
N LEU A 875 12.07 -28.21 -59.32
CA LEU A 875 10.80 -28.93 -59.28
C LEU A 875 10.79 -29.93 -58.14
N GLY A 876 9.63 -30.09 -57.52
CA GLY A 876 9.46 -31.04 -56.44
C GLY A 876 8.84 -32.34 -56.90
N CYS A 877 7.58 -32.57 -56.52
CA CYS A 877 6.84 -33.76 -56.90
C CYS A 877 5.46 -33.35 -57.39
N LEU A 878 5.15 -33.68 -58.63
CA LEU A 878 3.85 -33.34 -59.23
C LEU A 878 3.50 -34.31 -60.35
N SER A 886 7.05 -33.02 -50.15
CA SER A 886 7.34 -32.95 -51.59
C SER A 886 8.03 -31.63 -51.93
N ARG A 887 9.11 -31.33 -51.21
CA ARG A 887 9.87 -30.11 -51.44
C ARG A 887 10.93 -30.32 -52.51
N SER A 888 11.28 -29.23 -53.18
CA SER A 888 12.29 -29.29 -54.23
C SER A 888 13.68 -29.45 -53.61
N PRO A 889 14.62 -30.02 -54.37
CA PRO A 889 15.99 -30.18 -53.83
C PRO A 889 16.65 -28.87 -53.44
N LEU A 890 16.22 -27.74 -54.00
CA LEU A 890 16.80 -26.46 -53.64
C LEU A 890 16.29 -25.98 -52.28
N GLU A 891 15.00 -26.19 -52.00
CA GLU A 891 14.45 -25.79 -50.71
C GLU A 891 14.96 -26.66 -49.57
N ASP A 892 15.43 -27.87 -49.85
CA ASP A 892 15.98 -28.72 -48.81
C ASP A 892 17.28 -28.13 -48.25
N LEU A 893 18.04 -27.43 -49.07
CA LEU A 893 19.27 -26.80 -48.59
C LEU A 893 18.98 -25.60 -47.70
N LEU A 894 17.77 -25.04 -47.76
CA LEU A 894 17.40 -23.90 -46.94
C LEU A 894 16.60 -24.28 -45.70
N PHE A 895 15.77 -25.32 -45.78
CA PHE A 895 14.97 -25.74 -44.64
C PHE A 895 15.69 -26.69 -43.70
N ASN A 896 16.88 -27.17 -44.06
CA ASN A 896 17.68 -28.02 -43.19
C ASN A 896 18.68 -27.22 -42.37
N LYS A 897 18.74 -25.91 -42.54
CA LYS A 897 19.64 -25.05 -41.78
C LYS A 897 18.92 -24.15 -40.79
N VAL A 898 17.60 -24.29 -40.67
CA VAL A 898 16.80 -23.52 -39.73
C VAL A 898 16.08 -24.51 -38.83
N LYS A 899 16.49 -24.57 -37.56
CA LYS A 899 15.89 -25.53 -36.64
C LYS A 899 14.49 -25.12 -36.21
N LEU A 900 14.21 -23.83 -36.14
CA LEU A 900 12.90 -23.33 -35.73
C LEU A 900 12.03 -23.03 -36.95
N SER A 901 11.73 -24.09 -37.70
CA SER A 901 10.86 -23.99 -38.87
C SER A 901 9.42 -24.25 -38.46
N ASP A 902 8.54 -24.45 -39.43
CA ASP A 902 7.15 -24.75 -39.14
C ASP A 902 7.02 -26.07 -38.37
N VAL A 903 7.71 -27.11 -38.83
CA VAL A 903 7.70 -28.38 -38.13
C VAL A 903 8.60 -28.36 -36.90
N GLY A 904 9.54 -27.42 -36.82
CA GLY A 904 10.45 -27.37 -35.69
C GLY A 904 9.74 -27.07 -34.39
N PHE A 905 8.86 -26.05 -34.39
CA PHE A 905 8.10 -25.72 -33.20
C PHE A 905 7.18 -26.87 -32.81
N VAL A 906 6.58 -27.55 -33.79
CA VAL A 906 5.69 -28.66 -33.50
C VAL A 906 6.47 -29.79 -32.81
N GLU A 907 7.63 -30.13 -33.35
CA GLU A 907 8.43 -31.19 -32.75
C GLU A 907 8.93 -30.79 -31.36
N ALA A 908 9.32 -29.53 -31.19
CA ALA A 908 9.79 -29.08 -29.89
C ALA A 908 8.68 -29.13 -28.84
N TYR A 909 7.46 -28.74 -29.22
CA TYR A 909 6.35 -28.82 -28.28
C TYR A 909 5.91 -30.24 -28.03
N ASN A 910 6.07 -31.13 -29.01
CA ASN A 910 5.76 -32.54 -28.79
C ASN A 910 6.76 -33.18 -27.84
N ASN A 911 8.02 -32.79 -27.93
CA ASN A 911 9.06 -33.33 -27.05
C ASN A 911 9.14 -32.55 -25.74
N CYS A 912 8.00 -32.40 -25.06
CA CYS A 912 7.94 -31.76 -23.75
C CYS A 912 7.41 -32.69 -22.67
N THR A 913 6.30 -33.38 -22.94
CA THR A 913 5.71 -34.30 -21.96
C THR A 913 6.34 -35.68 -22.16
N GLY A 914 7.49 -35.88 -21.53
CA GLY A 914 8.20 -37.14 -21.63
C GLY A 914 9.65 -36.98 -22.02
N GLY A 915 10.18 -37.92 -22.80
CA GLY A 915 11.56 -37.84 -23.21
C GLY A 915 12.53 -38.11 -22.07
N SER A 916 13.74 -37.60 -22.24
CA SER A 916 14.80 -37.74 -21.25
C SER A 916 15.16 -36.43 -20.57
N GLU A 917 15.46 -35.40 -21.35
CA GLU A 917 15.82 -34.08 -20.82
C GLU A 917 14.80 -33.06 -21.29
N ILE A 918 14.12 -32.42 -20.34
CA ILE A 918 13.13 -31.41 -20.64
C ILE A 918 13.67 -30.00 -20.43
N ARG A 919 14.99 -29.83 -20.49
CA ARG A 919 15.64 -28.54 -20.28
C ARG A 919 15.44 -27.56 -21.44
N ASP A 920 14.62 -27.88 -22.43
CA ASP A 920 14.39 -26.96 -23.54
C ASP A 920 13.68 -25.70 -23.04
N LEU A 921 14.08 -24.55 -23.59
CA LEU A 921 13.53 -23.27 -23.18
C LEU A 921 12.14 -23.01 -23.75
N LEU A 922 11.59 -23.92 -24.55
CA LEU A 922 10.27 -23.74 -25.13
C LEU A 922 9.16 -24.41 -24.32
N CYS A 923 9.45 -25.52 -23.65
CA CYS A 923 8.43 -26.19 -22.85
C CYS A 923 8.03 -25.32 -21.65
N VAL A 924 9.01 -24.62 -21.05
CA VAL A 924 8.70 -23.74 -19.93
C VAL A 924 7.84 -22.57 -20.40
N GLN A 925 8.12 -22.03 -21.59
CA GLN A 925 7.29 -20.96 -22.13
C GLN A 925 5.88 -21.46 -22.42
N SER A 926 5.76 -22.68 -22.96
CA SER A 926 4.44 -23.23 -23.24
C SER A 926 3.65 -23.46 -21.95
N PHE A 927 4.33 -23.91 -20.89
CA PHE A 927 3.67 -24.14 -19.62
C PHE A 927 3.35 -22.85 -18.87
N ASN A 928 4.07 -21.76 -19.16
CA ASN A 928 3.81 -20.48 -18.52
C ASN A 928 2.77 -19.65 -19.26
N GLY A 929 2.37 -20.04 -20.46
CA GLY A 929 1.32 -19.36 -21.19
C GLY A 929 1.74 -18.75 -22.51
N ILE A 930 3.01 -18.83 -22.91
CA ILE A 930 3.48 -18.26 -24.16
C ILE A 930 3.68 -19.41 -25.15
N LYS A 931 2.85 -19.45 -26.19
CA LYS A 931 2.91 -20.54 -27.16
C LYS A 931 2.98 -19.98 -28.57
N VAL A 932 3.34 -20.84 -29.51
CA VAL A 932 3.45 -20.48 -30.92
C VAL A 932 2.54 -21.41 -31.71
N LEU A 933 1.53 -20.83 -32.38
CA LEU A 933 0.58 -21.60 -33.15
C LEU A 933 1.06 -21.77 -34.59
N PRO A 934 0.76 -22.90 -35.21
CA PRO A 934 1.18 -23.13 -36.60
C PRO A 934 0.33 -22.31 -37.55
N PRO A 935 0.85 -22.03 -38.76
CA PRO A 935 0.07 -21.25 -39.71
C PRO A 935 -1.09 -22.03 -40.32
N ILE A 936 -1.91 -21.37 -41.14
CA ILE A 936 -3.06 -22.03 -41.74
C ILE A 936 -2.59 -23.03 -42.79
N LEU A 937 -1.76 -22.60 -43.73
CA LEU A 937 -1.25 -23.45 -44.79
C LEU A 937 0.09 -24.04 -44.38
N SER A 938 0.32 -25.30 -44.78
CA SER A 938 1.53 -26.00 -44.43
C SER A 938 2.65 -25.69 -45.43
N GLU A 939 3.84 -26.22 -45.15
CA GLU A 939 4.98 -26.01 -46.05
C GLU A 939 4.81 -26.78 -47.35
N THR A 940 4.24 -27.99 -47.27
CA THR A 940 4.09 -28.82 -48.46
C THR A 940 3.16 -28.15 -49.48
N GLN A 941 2.10 -27.49 -49.01
CA GLN A 941 1.17 -26.85 -49.93
C GLN A 941 1.83 -25.69 -50.67
N ILE A 942 2.58 -24.85 -49.95
CA ILE A 942 3.27 -23.73 -50.59
C ILE A 942 4.34 -24.24 -51.54
N SER A 943 5.03 -25.32 -51.17
CA SER A 943 6.03 -25.91 -52.06
C SER A 943 5.38 -26.41 -53.34
N GLY A 944 4.23 -27.07 -53.22
CA GLY A 944 3.53 -27.54 -54.40
C GLY A 944 3.03 -26.38 -55.26
N TYR A 945 2.58 -25.30 -54.63
CA TYR A 945 2.15 -24.13 -55.38
C TYR A 945 3.32 -23.52 -56.17
N THR A 946 4.49 -23.39 -55.53
CA THR A 946 5.66 -22.87 -56.22
C THR A 946 6.09 -23.81 -57.34
N THR A 947 6.01 -25.12 -57.12
CA THR A 947 6.37 -26.08 -58.16
C THR A 947 5.43 -25.95 -59.35
N ALA A 948 4.13 -25.81 -59.10
CA ALA A 948 3.17 -25.64 -60.19
C ALA A 948 3.41 -24.33 -60.94
N ALA A 949 3.72 -23.25 -60.21
CA ALA A 949 4.00 -21.98 -60.86
C ALA A 949 5.25 -22.06 -61.72
N THR A 950 6.26 -22.83 -61.28
CA THR A 950 7.46 -23.00 -62.08
C THR A 950 7.20 -23.86 -63.30
N VAL A 951 6.38 -24.91 -63.14
CA VAL A 951 6.08 -25.80 -64.27
C VAL A 951 5.23 -25.09 -65.32
N ALA A 952 4.36 -24.18 -64.89
CA ALA A 952 3.48 -23.48 -65.82
C ALA A 952 4.23 -22.59 -66.81
N ALA A 953 5.55 -22.48 -66.70
CA ALA A 953 6.34 -21.67 -67.63
C ALA A 953 7.33 -22.52 -68.42
N MET A 954 7.11 -23.84 -68.49
CA MET A 954 7.99 -24.73 -69.23
C MET A 954 7.27 -25.66 -70.19
N PHE A 955 5.98 -25.95 -69.97
CA PHE A 955 5.26 -26.90 -70.80
C PHE A 955 3.97 -26.28 -71.33
N PRO A 956 3.37 -26.85 -72.37
CA PRO A 956 2.10 -26.30 -72.87
C PRO A 956 1.03 -26.36 -71.80
N PRO A 957 0.03 -25.47 -71.84
CA PRO A 957 -0.13 -24.46 -72.89
C PRO A 957 0.52 -23.12 -72.56
N TRP A 958 1.61 -23.15 -71.78
CA TRP A 958 2.38 -21.97 -71.41
C TRP A 958 1.48 -20.92 -70.75
N SER A 959 0.90 -21.30 -69.60
CA SER A 959 -0.01 -20.42 -68.87
C SER A 959 0.71 -19.35 -68.07
N ALA A 960 2.04 -19.39 -68.00
CA ALA A 960 2.81 -18.42 -67.22
C ALA A 960 3.86 -17.72 -68.06
N ALA A 961 3.74 -17.77 -69.39
CA ALA A 961 4.71 -17.12 -70.27
C ALA A 961 4.01 -16.41 -71.43
N ALA A 962 2.78 -15.95 -71.21
CA ALA A 962 1.97 -15.23 -72.20
C ALA A 962 1.68 -16.06 -73.45
N GLY A 963 1.94 -17.36 -73.42
CA GLY A 963 1.61 -18.21 -74.54
C GLY A 963 2.72 -18.42 -75.55
N VAL A 964 3.98 -18.25 -75.16
CA VAL A 964 5.10 -18.47 -76.05
C VAL A 964 6.05 -19.48 -75.40
N PRO A 965 6.83 -20.24 -76.19
CA PRO A 965 7.75 -21.21 -75.59
C PRO A 965 8.82 -20.52 -74.74
N PHE A 966 9.52 -21.34 -73.96
CA PHE A 966 10.55 -20.80 -73.06
C PHE A 966 11.73 -20.21 -73.82
N PRO A 967 12.39 -20.93 -74.75
CA PRO A 967 13.53 -20.30 -75.44
C PRO A 967 13.12 -19.12 -76.30
N LEU A 968 11.94 -19.19 -76.93
CA LEU A 968 11.47 -18.05 -77.71
C LEU A 968 11.21 -16.84 -76.81
N ASN A 969 10.67 -17.07 -75.61
CA ASN A 969 10.46 -15.98 -74.68
C ASN A 969 11.80 -15.37 -74.23
N VAL A 970 12.80 -16.22 -73.97
CA VAL A 970 14.12 -15.71 -73.59
C VAL A 970 14.71 -14.89 -74.73
N GLN A 971 14.57 -15.37 -75.96
CA GLN A 971 15.09 -14.63 -77.11
C GLN A 971 14.39 -13.28 -77.26
N TYR A 972 13.07 -13.25 -77.05
CA TYR A 972 12.35 -11.99 -77.13
C TYR A 972 12.79 -11.03 -76.04
N ARG A 973 12.99 -11.55 -74.81
CA ARG A 973 13.43 -10.68 -73.72
C ARG A 973 14.82 -10.12 -73.97
N ILE A 974 15.71 -10.92 -74.58
CA ILE A 974 17.04 -10.43 -74.89
C ILE A 974 16.99 -9.43 -76.04
N ASN A 975 16.15 -9.68 -77.04
CA ASN A 975 16.01 -8.74 -78.16
C ASN A 975 15.43 -7.42 -77.70
N GLY A 976 14.57 -7.43 -76.67
CA GLY A 976 14.02 -6.19 -76.15
C GLY A 976 15.05 -5.23 -75.60
N LEU A 977 16.26 -5.71 -75.30
CA LEU A 977 17.33 -4.87 -74.79
C LEU A 977 18.18 -4.25 -75.89
N GLY A 978 18.00 -4.67 -77.14
CA GLY A 978 18.76 -4.14 -78.26
C GLY A 978 19.63 -5.15 -78.97
N VAL A 979 19.68 -6.40 -78.55
CA VAL A 979 20.50 -7.41 -79.21
C VAL A 979 19.72 -7.96 -80.41
N THR A 980 20.40 -8.06 -81.54
CA THR A 980 19.77 -8.56 -82.75
C THR A 980 19.41 -10.04 -82.61
N MET A 981 18.53 -10.50 -83.51
CA MET A 981 17.98 -11.85 -83.42
C MET A 981 18.85 -12.90 -84.09
N ASP A 982 19.54 -12.53 -85.18
CA ASP A 982 20.34 -13.52 -85.90
C ASP A 982 21.52 -14.00 -85.07
N VAL A 983 22.02 -13.17 -84.15
CA VAL A 983 23.08 -13.62 -83.26
C VAL A 983 22.52 -14.55 -82.19
N LEU A 984 21.31 -14.26 -81.70
CA LEU A 984 20.69 -15.12 -80.70
C LEU A 984 20.30 -16.48 -81.27
N ASN A 985 19.97 -16.54 -82.56
CA ASN A 985 19.59 -17.80 -83.17
C ASN A 985 20.76 -18.77 -83.23
N LYS A 986 21.98 -18.27 -83.28
CA LYS A 986 23.16 -19.12 -83.34
C LYS A 986 23.77 -19.43 -81.98
N ASN A 987 23.46 -18.63 -80.96
CA ASN A 987 24.02 -18.79 -79.62
C ASN A 987 23.01 -19.38 -78.65
N GLN A 988 22.18 -20.32 -79.13
CA GLN A 988 21.21 -20.97 -78.27
C GLN A 988 21.90 -21.88 -77.26
N LYS A 989 22.89 -22.66 -77.72
CA LYS A 989 23.63 -23.53 -76.80
C LYS A 989 24.38 -22.72 -75.75
N LEU A 990 24.88 -21.54 -76.12
CA LEU A 990 25.58 -20.70 -75.15
C LEU A 990 24.65 -20.30 -74.01
N ILE A 991 23.43 -19.87 -74.33
CA ILE A 991 22.48 -19.48 -73.30
C ILE A 991 22.03 -20.69 -72.49
N ALA A 992 21.81 -21.83 -73.16
CA ALA A 992 21.40 -23.04 -72.45
C ALA A 992 22.47 -23.51 -71.48
N ASN A 993 23.75 -23.30 -71.81
CA ASN A 993 24.82 -23.67 -70.90
C ASN A 993 24.99 -22.64 -69.79
N ALA A 994 24.79 -21.36 -70.11
CA ALA A 994 24.94 -20.31 -69.11
C ALA A 994 23.86 -20.42 -68.04
N PHE A 995 22.65 -20.81 -68.42
CA PHE A 995 21.59 -21.01 -67.43
C PHE A 995 21.97 -22.09 -66.42
N ASN A 996 22.43 -23.24 -66.91
CA ASN A 996 22.84 -24.32 -66.03
C ASN A 996 24.04 -23.92 -65.19
N LYS A 997 24.97 -23.14 -65.77
CA LYS A 997 26.13 -22.68 -65.01
C LYS A 997 25.70 -21.76 -63.87
N ALA A 998 24.76 -20.85 -64.13
CA ALA A 998 24.27 -19.97 -63.07
C ALA A 998 23.53 -20.76 -62.00
N LEU A 999 22.75 -21.76 -62.41
CA LEU A 999 22.05 -22.59 -61.43
C LEU A 999 23.03 -23.34 -60.53
N LEU A 1000 24.06 -23.94 -61.13
CA LEU A 1000 25.06 -24.66 -60.34
C LEU A 1000 25.84 -23.69 -59.44
N SER A 1001 26.10 -22.48 -59.93
CA SER A 1001 26.79 -21.50 -59.10
C SER A 1001 25.96 -21.09 -57.89
N ILE A 1002 24.65 -20.91 -58.08
CA ILE A 1002 23.78 -20.59 -56.96
C ILE A 1002 23.72 -21.76 -55.98
N GLN A 1003 23.64 -22.99 -56.50
CA GLN A 1003 23.59 -24.15 -55.62
C GLN A 1003 24.88 -24.28 -54.81
N ASN A 1004 26.02 -23.99 -55.43
CA ASN A 1004 27.29 -24.07 -54.71
C ASN A 1004 27.41 -22.93 -53.69
N GLY A 1005 26.96 -21.73 -54.04
CA GLY A 1005 27.00 -20.63 -53.10
C GLY A 1005 26.06 -20.80 -51.92
N PHE A 1006 24.99 -21.57 -52.11
CA PHE A 1006 24.09 -21.86 -50.99
C PHE A 1006 24.76 -22.68 -49.90
N THR A 1007 25.84 -23.39 -50.23
CA THR A 1007 26.56 -24.13 -49.20
C THR A 1007 27.28 -23.19 -48.23
N ALA A 1008 27.67 -22.01 -48.71
CA ALA A 1008 28.29 -20.99 -47.86
C ALA A 1008 27.20 -20.24 -47.09
N THR A 1009 27.57 -19.12 -46.47
CA THR A 1009 26.63 -18.31 -45.71
C THR A 1009 26.14 -17.15 -46.58
N PRO A 1010 24.93 -17.23 -47.15
CA PRO A 1010 24.44 -16.13 -47.98
C PRO A 1010 23.69 -15.09 -47.17
N SER A 1011 23.15 -14.07 -47.84
CA SER A 1011 22.39 -13.04 -47.14
C SER A 1011 20.99 -13.51 -46.76
N ALA A 1012 20.39 -14.40 -47.56
CA ALA A 1012 19.05 -14.88 -47.25
C ALA A 1012 19.04 -15.68 -45.97
N LEU A 1013 19.93 -16.66 -45.85
CA LEU A 1013 20.02 -17.45 -44.62
C LEU A 1013 20.40 -16.56 -43.44
N ALA A 1014 21.25 -15.57 -43.67
CA ALA A 1014 21.62 -14.64 -42.61
C ALA A 1014 20.40 -13.89 -42.09
N LYS A 1015 19.56 -13.37 -42.99
CA LYS A 1015 18.36 -12.65 -42.56
C LYS A 1015 17.37 -13.58 -41.88
N ILE A 1016 17.23 -14.81 -42.38
CA ILE A 1016 16.31 -15.76 -41.76
C ILE A 1016 16.75 -16.07 -40.33
N GLN A 1017 18.04 -16.37 -40.15
CA GLN A 1017 18.55 -16.65 -38.82
C GLN A 1017 18.46 -15.42 -37.91
N SER A 1018 18.64 -14.23 -38.47
CA SER A 1018 18.50 -13.01 -37.66
C SER A 1018 17.07 -12.85 -37.18
N VAL A 1019 16.08 -13.09 -38.05
CA VAL A 1019 14.68 -12.99 -37.64
C VAL A 1019 14.36 -14.02 -36.58
N VAL A 1020 14.84 -15.25 -36.77
CA VAL A 1020 14.57 -16.31 -35.79
C VAL A 1020 15.18 -15.97 -34.44
N ASN A 1021 16.43 -15.49 -34.44
CA ASN A 1021 17.10 -15.15 -33.19
C ASN A 1021 16.42 -13.95 -32.52
N ALA A 1022 15.93 -12.99 -33.31
CA ALA A 1022 15.22 -11.86 -32.73
C ALA A 1022 13.92 -12.30 -32.07
N ASN A 1023 13.18 -13.19 -32.72
CA ASN A 1023 11.95 -13.71 -32.12
C ASN A 1023 12.25 -14.48 -30.84
N ALA A 1024 13.30 -15.32 -30.86
CA ALA A 1024 13.66 -16.08 -29.67
C ALA A 1024 14.08 -15.16 -28.53
N GLN A 1025 14.84 -14.11 -28.84
CA GLN A 1025 15.27 -13.17 -27.81
C GLN A 1025 14.09 -12.40 -27.24
N ALA A 1026 13.13 -12.02 -28.09
CA ALA A 1026 11.93 -11.35 -27.60
C ALA A 1026 11.13 -12.26 -26.68
N LEU A 1027 10.98 -13.54 -27.05
CA LEU A 1027 10.25 -14.47 -26.20
C LEU A 1027 10.97 -14.66 -24.87
N ASN A 1028 12.30 -14.79 -24.89
CA ASN A 1028 13.05 -14.98 -23.65
C ASN A 1028 12.97 -13.74 -22.76
N SER A 1029 13.03 -12.55 -23.36
CA SER A 1029 12.91 -11.33 -22.57
C SER A 1029 11.52 -11.17 -21.98
N LEU A 1030 10.49 -11.61 -22.71
CA LEU A 1030 9.13 -11.57 -22.15
C LEU A 1030 8.98 -12.58 -21.02
N LEU A 1031 9.63 -13.74 -21.14
CA LEU A 1031 9.53 -14.75 -20.08
C LEU A 1031 10.30 -14.33 -18.84
N GLN A 1032 11.43 -13.64 -19.01
CA GLN A 1032 12.28 -13.28 -17.89
C GLN A 1032 11.63 -12.28 -16.95
N GLN A 1033 10.55 -11.62 -17.38
CA GLN A 1033 9.91 -10.62 -16.53
C GLN A 1033 9.26 -11.23 -15.29
N LEU A 1034 9.01 -12.54 -15.28
CA LEU A 1034 8.38 -13.16 -14.13
C LEU A 1034 9.31 -13.31 -12.93
N PHE A 1035 10.61 -13.11 -13.12
CA PHE A 1035 11.58 -13.23 -12.03
C PHE A 1035 11.95 -11.90 -11.40
N ASN A 1036 11.34 -10.80 -11.85
CA ASN A 1036 11.60 -9.50 -11.27
C ASN A 1036 10.67 -9.21 -10.10
N LYS A 1037 11.12 -8.34 -9.21
CA LYS A 1037 10.37 -8.01 -8.00
C LYS A 1037 9.53 -6.75 -8.14
N PHE A 1038 9.98 -5.77 -8.91
CA PHE A 1038 9.27 -4.51 -9.11
C PHE A 1038 9.01 -3.78 -7.81
N GLY A 1039 9.87 -4.01 -6.81
CA GLY A 1039 9.73 -3.39 -5.51
C GLY A 1039 9.16 -4.29 -4.43
N ALA A 1040 8.66 -5.46 -4.79
CA ALA A 1040 8.09 -6.38 -3.83
C ALA A 1040 9.19 -7.09 -3.05
N ILE A 1041 8.79 -7.90 -2.06
CA ILE A 1041 9.76 -8.62 -1.26
C ILE A 1041 10.37 -9.78 -2.05
N SER A 1042 9.64 -10.31 -3.02
CA SER A 1042 10.12 -11.42 -3.83
C SER A 1042 9.35 -11.43 -5.15
N SER A 1043 9.66 -12.40 -6.00
CA SER A 1043 9.05 -12.53 -7.31
C SER A 1043 8.14 -13.75 -7.43
N SER A 1044 7.90 -14.46 -6.33
CA SER A 1044 7.03 -15.62 -6.32
C SER A 1044 5.94 -15.43 -5.29
N LEU A 1045 4.68 -15.65 -5.70
CA LEU A 1045 3.55 -15.45 -4.81
C LEU A 1045 3.45 -16.53 -3.74
N GLN A 1046 4.11 -17.68 -3.94
CA GLN A 1046 4.02 -18.77 -2.98
C GLN A 1046 4.61 -18.37 -1.64
N GLU A 1047 5.78 -17.74 -1.65
CA GLU A 1047 6.42 -17.30 -0.42
C GLU A 1047 5.92 -15.93 0.04
N ILE A 1048 4.99 -15.32 -0.67
CA ILE A 1048 4.35 -14.08 -0.25
C ILE A 1048 3.03 -14.34 0.46
N LEU A 1049 2.20 -15.21 -0.10
CA LEU A 1049 0.93 -15.55 0.52
C LEU A 1049 1.07 -16.51 1.70
N SER A 1050 2.24 -17.12 1.88
CA SER A 1050 2.46 -18.06 2.97
C SER A 1050 3.38 -17.50 4.05
N ARG A 1051 3.77 -16.23 3.94
CA ARG A 1051 4.64 -15.60 4.93
C ARG A 1051 3.99 -14.42 5.63
N LEU A 1052 3.26 -13.58 4.91
CA LEU A 1052 2.64 -12.39 5.47
C LEU A 1052 1.13 -12.55 5.49
N ASP A 1053 0.48 -11.71 6.28
CA ASP A 1053 -0.98 -11.73 6.37
C ASP A 1053 -1.59 -11.12 5.10
N PRO A 1054 -2.84 -11.48 4.80
CA PRO A 1054 -3.51 -10.94 3.60
C PRO A 1054 -3.49 -9.43 3.53
N PRO A 1055 -3.91 -8.69 4.58
CA PRO A 1055 -4.12 -7.25 4.41
C PRO A 1055 -2.86 -6.44 4.15
N GLU A 1056 -1.68 -7.04 4.06
CA GLU A 1056 -0.47 -6.30 3.77
C GLU A 1056 0.29 -6.79 2.53
N ALA A 1057 -0.12 -7.91 1.94
CA ALA A 1057 0.47 -8.37 0.70
C ALA A 1057 -0.28 -7.87 -0.54
N GLN A 1058 -1.39 -7.17 -0.33
CA GLN A 1058 -2.18 -6.67 -1.46
C GLN A 1058 -1.39 -5.66 -2.28
N VAL A 1059 -0.62 -4.79 -1.62
CA VAL A 1059 0.17 -3.80 -2.34
C VAL A 1059 1.27 -4.48 -3.15
N GLN A 1060 1.89 -5.52 -2.60
CA GLN A 1060 2.92 -6.25 -3.33
C GLN A 1060 2.33 -6.94 -4.56
N ILE A 1061 1.17 -7.59 -4.39
CA ILE A 1061 0.53 -8.25 -5.52
C ILE A 1061 0.12 -7.23 -6.57
N ASP A 1062 -0.35 -6.06 -6.14
CA ASP A 1062 -0.72 -5.02 -7.09
C ASP A 1062 0.48 -4.50 -7.87
N ARG A 1063 1.62 -4.33 -7.20
CA ARG A 1063 2.82 -3.87 -7.90
C ARG A 1063 3.29 -4.92 -8.91
N LEU A 1064 3.26 -6.20 -8.51
CA LEU A 1064 3.63 -7.26 -9.46
C LEU A 1064 2.70 -7.27 -10.66
N ILE A 1065 1.39 -7.16 -10.43
CA ILE A 1065 0.42 -7.17 -11.52
C ILE A 1065 0.66 -5.97 -12.44
N ASN A 1066 0.91 -4.80 -11.87
CA ASN A 1066 1.16 -3.61 -12.68
C ASN A 1066 2.40 -3.78 -13.55
N GLY A 1067 3.48 -4.30 -12.97
CA GLY A 1067 4.69 -4.52 -13.75
C GLY A 1067 4.48 -5.50 -14.88
N ARG A 1068 3.81 -6.62 -14.59
CA ARG A 1068 3.59 -7.63 -15.63
C ARG A 1068 2.66 -7.12 -16.73
N LEU A 1069 1.64 -6.34 -16.35
CA LEU A 1069 0.75 -5.77 -17.36
C LEU A 1069 1.49 -4.74 -18.22
N THR A 1070 2.39 -3.96 -17.62
CA THR A 1070 3.19 -3.02 -18.40
C THR A 1070 4.09 -3.78 -19.39
N ALA A 1071 4.68 -4.88 -18.94
CA ALA A 1071 5.51 -5.69 -19.84
C ALA A 1071 4.69 -6.24 -21.00
N LEU A 1072 3.49 -6.76 -20.71
CA LEU A 1072 2.64 -7.28 -21.77
C LEU A 1072 2.22 -6.20 -22.74
N ASN A 1073 1.93 -5.00 -22.22
CA ASN A 1073 1.56 -3.88 -23.09
C ASN A 1073 2.71 -3.49 -24.00
N ALA A 1074 3.93 -3.43 -23.47
CA ALA A 1074 5.10 -3.15 -24.30
C ALA A 1074 5.27 -4.21 -25.38
N TYR A 1075 5.07 -5.48 -25.02
CA TYR A 1075 5.23 -6.56 -26.00
C TYR A 1075 4.20 -6.44 -27.12
N VAL A 1076 2.94 -6.20 -26.78
CA VAL A 1076 1.91 -6.11 -27.82
C VAL A 1076 2.11 -4.84 -28.65
N SER A 1077 2.66 -3.79 -28.05
CA SER A 1077 2.98 -2.59 -28.84
C SER A 1077 4.08 -2.89 -29.86
N GLN A 1078 5.11 -3.61 -29.44
CA GLN A 1078 6.17 -4.00 -30.39
C GLN A 1078 5.61 -4.88 -31.49
N GLN A 1079 4.68 -5.78 -31.15
CA GLN A 1079 4.08 -6.65 -32.16
C GLN A 1079 3.28 -5.85 -33.17
N LEU A 1080 2.45 -4.91 -32.68
CA LEU A 1080 1.69 -4.06 -33.58
C LEU A 1080 2.58 -3.11 -34.40
N SER A 1081 3.78 -2.81 -33.90
CA SER A 1081 4.70 -2.00 -34.68
C SER A 1081 5.37 -2.83 -35.78
N ASP A 1082 5.67 -4.10 -35.51
CA ASP A 1082 6.34 -4.93 -36.50
C ASP A 1082 5.36 -5.48 -37.55
N ILE A 1083 4.09 -5.62 -37.21
CA ILE A 1083 3.14 -6.20 -38.15
C ILE A 1083 2.97 -5.32 -39.38
N THR A 1084 3.16 -4.00 -39.24
CA THR A 1084 3.02 -3.11 -40.38
C THR A 1084 4.16 -3.31 -41.38
N LEU A 1085 5.39 -3.44 -40.88
CA LEU A 1085 6.51 -3.75 -41.76
C LEU A 1085 6.34 -5.11 -42.41
N ILE A 1086 5.78 -6.07 -41.66
CA ILE A 1086 5.50 -7.39 -42.25
C ILE A 1086 4.49 -7.26 -43.39
N LYS A 1087 3.44 -6.45 -43.18
CA LYS A 1087 2.46 -6.21 -44.23
C LYS A 1087 3.09 -5.58 -45.45
N ALA A 1088 3.97 -4.60 -45.25
CA ALA A 1088 4.61 -3.93 -46.38
C ALA A 1088 5.49 -4.91 -47.15
N GLY A 1089 6.25 -5.75 -46.44
CA GLY A 1089 7.07 -6.74 -47.12
C GLY A 1089 6.23 -7.74 -47.90
N ALA A 1090 5.11 -8.18 -47.32
CA ALA A 1090 4.24 -9.12 -48.02
C ALA A 1090 3.64 -8.48 -49.27
N SER A 1091 3.25 -7.21 -49.18
CA SER A 1091 2.70 -6.52 -50.34
C SER A 1091 3.75 -6.39 -51.44
N ARG A 1092 4.98 -6.04 -51.07
CA ARG A 1092 6.04 -5.94 -52.07
C ARG A 1092 6.32 -7.30 -52.72
N ALA A 1093 6.28 -8.37 -51.92
CA ALA A 1093 6.48 -9.71 -52.47
C ALA A 1093 5.38 -10.07 -53.44
N ILE A 1094 4.13 -9.77 -53.09
CA ILE A 1094 3.00 -10.07 -53.99
C ILE A 1094 3.14 -9.29 -55.29
N GLU A 1095 3.51 -8.01 -55.19
CA GLU A 1095 3.68 -7.20 -56.40
C GLU A 1095 4.80 -7.76 -57.28
N LYS A 1096 5.91 -8.18 -56.68
CA LYS A 1096 7.00 -8.75 -57.47
C LYS A 1096 6.58 -10.06 -58.11
N VAL A 1097 5.84 -10.90 -57.39
CA VAL A 1097 5.36 -12.16 -57.97
C VAL A 1097 4.43 -11.89 -59.15
N ASN A 1098 3.58 -10.88 -59.02
CA ASN A 1098 2.61 -10.60 -60.07
C ASN A 1098 3.24 -9.95 -61.30
N GLU A 1099 4.27 -9.12 -61.12
CA GLU A 1099 4.83 -8.33 -62.21
C GLU A 1099 6.23 -8.74 -62.61
N CYS A 1100 6.74 -9.87 -62.12
CA CYS A 1100 8.07 -10.33 -62.49
C CYS A 1100 8.17 -11.80 -62.85
N VAL A 1101 7.23 -12.64 -62.41
CA VAL A 1101 7.29 -14.09 -62.65
C VAL A 1101 6.26 -14.52 -63.69
N LYS A 1102 4.98 -14.29 -63.42
CA LYS A 1102 3.92 -14.71 -64.33
C LYS A 1102 3.71 -13.76 -65.49
N SER A 1103 4.41 -12.63 -65.54
CA SER A 1103 4.27 -11.68 -66.62
C SER A 1103 5.56 -10.90 -66.79
N GLN A 1104 5.81 -10.45 -68.01
CA GLN A 1104 7.00 -9.67 -68.33
C GLN A 1104 6.58 -8.20 -68.40
N SER A 1105 6.70 -7.51 -67.28
CA SER A 1105 6.29 -6.11 -67.20
C SER A 1105 7.31 -5.22 -67.91
N PRO A 1106 6.85 -4.17 -68.59
CA PRO A 1106 7.81 -3.29 -69.30
C PRO A 1106 8.53 -2.32 -68.37
N ARG A 1107 8.34 -2.47 -67.07
CA ARG A 1107 9.01 -1.63 -66.10
C ARG A 1107 10.51 -1.91 -66.09
N ILE A 1108 11.30 -0.89 -65.77
CA ILE A 1108 12.75 -0.97 -65.78
C ILE A 1108 13.25 -0.76 -64.36
N ASN A 1109 14.28 -1.51 -63.98
CA ASN A 1109 14.93 -1.40 -62.67
C ASN A 1109 13.97 -1.74 -61.53
N PHE A 1110 12.96 -2.56 -61.80
CA PHE A 1110 12.00 -2.97 -60.79
C PHE A 1110 12.27 -4.38 -60.28
N CYS A 1111 12.31 -5.37 -61.18
CA CYS A 1111 12.51 -6.75 -60.77
C CYS A 1111 13.97 -7.04 -60.41
N GLY A 1112 14.89 -6.65 -61.30
CA GLY A 1112 16.29 -6.93 -61.06
C GLY A 1112 17.15 -5.68 -61.00
N ASN A 1113 18.24 -5.67 -61.78
CA ASN A 1113 19.19 -4.55 -61.78
C ASN A 1113 19.56 -4.26 -63.24
N GLY A 1114 18.84 -3.33 -63.86
CA GLY A 1114 19.10 -2.96 -65.24
C GLY A 1114 18.66 -4.01 -66.23
N ASN A 1115 19.64 -4.69 -66.85
CA ASN A 1115 19.34 -5.75 -67.80
C ASN A 1115 18.72 -6.93 -67.07
N HIS A 1116 17.42 -7.14 -67.29
CA HIS A 1116 16.68 -8.22 -66.64
C HIS A 1116 15.97 -9.05 -67.71
N ILE A 1117 15.95 -10.37 -67.50
CA ILE A 1117 15.36 -11.28 -68.46
C ILE A 1117 14.22 -12.06 -67.83
N LEU A 1118 14.52 -12.85 -66.81
CA LEU A 1118 13.53 -13.71 -66.18
C LEU A 1118 13.71 -13.70 -64.67
N SER A 1119 12.66 -14.14 -63.98
CA SER A 1119 12.68 -14.24 -62.52
C SER A 1119 11.82 -15.41 -62.10
N LEU A 1120 12.38 -16.29 -61.27
CA LEU A 1120 11.67 -17.46 -60.76
C LEU A 1120 11.53 -17.33 -59.24
N VAL A 1121 10.51 -18.01 -58.70
CA VAL A 1121 10.15 -17.89 -57.29
C VAL A 1121 10.17 -19.27 -56.65
N GLN A 1122 10.69 -19.34 -55.42
CA GLN A 1122 10.67 -20.54 -54.62
C GLN A 1122 10.31 -20.17 -53.19
N ASN A 1123 9.95 -21.17 -52.40
CA ASN A 1123 9.63 -20.96 -51.00
C ASN A 1123 10.89 -20.99 -50.15
N ALA A 1124 10.80 -20.40 -48.96
CA ALA A 1124 11.93 -20.35 -48.03
C ALA A 1124 11.37 -20.16 -46.63
N PRO A 1125 12.12 -20.58 -45.59
CA PRO A 1125 11.62 -20.43 -44.22
C PRO A 1125 11.14 -19.02 -43.92
N TYR A 1126 9.84 -18.88 -43.74
CA TYR A 1126 9.19 -17.58 -43.49
C TYR A 1126 9.49 -16.59 -44.61
N GLY A 1127 9.20 -16.98 -45.86
CA GLY A 1127 9.26 -16.04 -46.95
C GLY A 1127 9.49 -16.71 -48.29
N LEU A 1128 9.85 -15.89 -49.26
CA LEU A 1128 10.06 -16.32 -50.63
C LEU A 1128 11.46 -15.95 -51.11
N LEU A 1129 11.96 -16.73 -52.06
CA LEU A 1129 13.28 -16.54 -52.65
C LEU A 1129 13.12 -16.34 -54.14
N PHE A 1130 13.62 -15.21 -54.64
CA PHE A 1130 13.52 -14.86 -56.05
C PHE A 1130 14.89 -15.01 -56.70
N ILE A 1131 14.95 -15.77 -57.78
CA ILE A 1131 16.15 -15.95 -58.58
C ILE A 1131 15.98 -15.15 -59.87
N HIS A 1132 16.82 -14.13 -60.05
CA HIS A 1132 16.74 -13.25 -61.20
C HIS A 1132 17.89 -13.55 -62.16
N PHE A 1133 17.58 -13.57 -63.46
CA PHE A 1133 18.57 -13.77 -64.49
C PHE A 1133 18.82 -12.46 -65.23
N SER A 1134 20.07 -12.20 -65.58
CA SER A 1134 20.45 -10.93 -66.19
C SER A 1134 21.22 -11.13 -67.49
N TYR A 1135 21.75 -10.04 -68.03
CA TYR A 1135 22.49 -10.04 -69.29
C TYR A 1135 23.78 -9.24 -69.06
N LYS A 1136 24.90 -9.93 -68.89
CA LYS A 1136 26.15 -9.29 -68.53
C LYS A 1136 27.12 -9.32 -69.69
N PRO A 1137 27.56 -8.17 -70.21
CA PRO A 1137 28.60 -8.17 -71.24
C PRO A 1137 29.95 -8.55 -70.65
N THR A 1138 30.83 -9.03 -71.52
CA THR A 1138 32.18 -9.43 -71.12
C THR A 1138 33.25 -8.57 -71.77
N SER A 1139 33.24 -8.43 -73.09
CA SER A 1139 34.21 -7.63 -73.81
C SER A 1139 33.51 -6.48 -74.51
N PHE A 1140 34.21 -5.34 -74.60
CA PHE A 1140 33.68 -4.13 -75.22
C PHE A 1140 34.56 -3.71 -76.38
N LYS A 1141 34.00 -2.88 -77.25
CA LYS A 1141 34.73 -2.32 -78.39
C LYS A 1141 34.30 -0.88 -78.59
N THR A 1142 35.28 0.02 -78.72
CA THR A 1142 35.00 1.44 -78.91
C THR A 1142 34.73 1.71 -80.38
N VAL A 1143 33.67 2.45 -80.66
CA VAL A 1143 33.26 2.75 -82.04
C VAL A 1143 32.69 4.16 -82.10
N LEU A 1144 32.67 4.70 -83.31
CA LEU A 1144 32.11 6.02 -83.57
C LEU A 1144 30.67 5.86 -84.03
N VAL A 1145 29.75 6.54 -83.34
CA VAL A 1145 28.33 6.48 -83.66
C VAL A 1145 27.83 7.88 -83.96
N SER A 1146 26.62 7.95 -84.52
CA SER A 1146 25.96 9.21 -84.84
C SER A 1146 24.53 9.18 -84.35
N PRO A 1147 24.04 10.29 -83.79
CA PRO A 1147 22.66 10.30 -83.27
C PRO A 1147 21.60 10.27 -84.36
N GLY A 1148 21.99 10.35 -85.61
CA GLY A 1148 21.04 10.31 -86.71
C GLY A 1148 21.58 11.03 -87.93
N LEU A 1149 20.94 10.77 -89.07
CA LEU A 1149 21.32 11.41 -90.33
C LEU A 1149 20.07 11.60 -91.16
N CYS A 1150 20.10 12.60 -92.04
CA CYS A 1150 18.96 12.95 -92.87
C CYS A 1150 19.33 12.86 -94.33
N LEU A 1151 18.40 12.36 -95.14
CA LEU A 1151 18.63 12.13 -96.56
C LEU A 1151 18.34 13.41 -97.35
N SER A 1152 18.32 13.29 -98.67
CA SER A 1152 18.02 14.43 -99.53
C SER A 1152 16.52 14.68 -99.56
N GLY A 1153 16.16 15.87 -100.02
CA GLY A 1153 14.76 16.25 -100.09
C GLY A 1153 14.18 16.73 -98.78
N ASP A 1154 15.01 17.26 -97.88
CA ASP A 1154 14.57 17.76 -96.58
C ASP A 1154 13.90 16.68 -95.75
N ARG A 1155 14.26 15.43 -95.98
CA ARG A 1155 13.74 14.31 -95.22
C ARG A 1155 14.62 14.06 -94.00
N GLY A 1156 14.42 12.93 -93.33
CA GLY A 1156 15.23 12.59 -92.18
C GLY A 1156 14.85 11.26 -91.54
N ILE A 1157 15.84 10.52 -91.07
CA ILE A 1157 15.61 9.25 -90.40
C ILE A 1157 16.34 9.25 -89.06
N ALA A 1158 15.80 8.51 -88.11
CA ALA A 1158 16.38 8.42 -86.77
C ALA A 1158 16.36 6.97 -86.31
N PRO A 1159 17.44 6.49 -85.71
CA PRO A 1159 17.50 5.09 -85.27
C PRO A 1159 16.71 4.87 -84.00
N LYS A 1160 16.32 3.61 -83.80
CA LYS A 1160 15.60 3.18 -82.61
C LYS A 1160 16.28 1.95 -82.02
N GLN A 1161 16.58 2.01 -80.72
CA GLN A 1161 17.25 0.92 -80.01
C GLN A 1161 18.58 0.55 -80.68
N GLY A 1162 19.33 1.56 -81.09
CA GLY A 1162 20.60 1.31 -81.74
C GLY A 1162 21.26 2.60 -82.17
N TYR A 1163 22.28 2.47 -83.00
CA TYR A 1163 23.06 3.59 -83.48
C TYR A 1163 23.38 3.40 -84.96
N PHE A 1164 23.90 4.47 -85.57
CA PHE A 1164 24.35 4.46 -86.95
C PHE A 1164 25.86 4.52 -86.98
N ILE A 1165 26.48 3.58 -87.70
CA ILE A 1165 27.93 3.50 -87.82
C ILE A 1165 28.31 3.65 -89.29
N LYS A 1166 29.60 3.91 -89.52
CA LYS A 1166 30.14 4.09 -90.87
C LYS A 1166 31.21 3.03 -91.09
N GLN A 1167 30.90 2.03 -91.88
CA GLN A 1167 31.81 0.93 -92.20
C GLN A 1167 32.09 0.93 -93.69
N ASN A 1168 33.37 0.79 -94.05
CA ASN A 1168 33.85 0.79 -95.44
C ASN A 1168 33.15 1.84 -96.29
N ASP A 1169 33.08 3.06 -95.74
CA ASP A 1169 32.48 4.21 -96.42
C ASP A 1169 31.02 3.94 -96.78
N SER A 1170 30.27 3.47 -95.79
CA SER A 1170 28.84 3.18 -95.98
C SER A 1170 28.16 3.22 -94.62
N TRP A 1171 26.98 3.83 -94.58
CA TRP A 1171 26.24 3.96 -93.34
C TRP A 1171 25.41 2.71 -93.07
N MET A 1172 25.58 2.12 -91.89
CA MET A 1172 24.85 0.94 -91.47
C MET A 1172 24.29 1.16 -90.07
N PHE A 1173 23.44 0.23 -89.63
CA PHE A 1173 22.80 0.30 -88.33
C PHE A 1173 23.31 -0.81 -87.44
N THR A 1174 23.59 -0.48 -86.18
CA THR A 1174 24.06 -1.44 -85.20
C THR A 1174 23.19 -1.36 -83.96
N GLY A 1175 23.16 -2.46 -83.21
CA GLY A 1175 22.37 -2.51 -82.00
C GLY A 1175 22.99 -1.71 -80.86
N SER A 1176 22.19 -1.53 -79.81
CA SER A 1176 22.62 -0.79 -78.64
C SER A 1176 23.30 -1.66 -77.60
N SER A 1177 23.26 -2.97 -77.75
CA SER A 1177 23.89 -3.88 -76.80
C SER A 1177 24.77 -4.94 -77.46
N TYR A 1178 24.89 -4.92 -78.78
CA TYR A 1178 25.71 -5.90 -79.50
C TYR A 1178 26.20 -5.26 -80.79
N TYR A 1179 27.47 -5.50 -81.12
CA TYR A 1179 28.08 -4.93 -82.32
C TYR A 1179 27.85 -5.90 -83.48
N TYR A 1180 26.92 -5.55 -84.37
CA TYR A 1180 26.61 -6.36 -85.54
C TYR A 1180 26.05 -5.45 -86.61
N PRO A 1181 26.86 -5.04 -87.58
CA PRO A 1181 26.38 -4.14 -88.63
C PRO A 1181 25.31 -4.79 -89.48
N GLU A 1182 24.23 -4.06 -89.73
CA GLU A 1182 23.11 -4.52 -90.53
C GLU A 1182 22.70 -3.42 -91.50
N PRO A 1183 22.15 -3.78 -92.66
CA PRO A 1183 21.69 -2.76 -93.60
C PRO A 1183 20.53 -1.96 -93.02
N ILE A 1184 20.50 -0.67 -93.36
CA ILE A 1184 19.48 0.23 -92.86
C ILE A 1184 18.16 -0.07 -93.58
N SER A 1185 17.12 -0.35 -92.80
CA SER A 1185 15.80 -0.64 -93.34
C SER A 1185 14.75 0.11 -92.54
N ASP A 1186 13.52 0.11 -93.04
CA ASP A 1186 12.43 0.81 -92.38
C ASP A 1186 11.94 0.09 -91.13
N LYS A 1187 12.43 -1.13 -90.87
CA LYS A 1187 11.98 -1.87 -89.69
C LYS A 1187 12.60 -1.34 -88.41
N ASN A 1188 13.79 -0.75 -88.48
CA ASN A 1188 14.51 -0.27 -87.30
C ASN A 1188 14.91 1.19 -87.48
N VAL A 1189 13.96 2.01 -87.92
CA VAL A 1189 14.20 3.43 -88.13
C VAL A 1189 12.86 4.14 -88.12
N VAL A 1190 12.88 5.43 -87.79
CA VAL A 1190 11.68 6.26 -87.79
C VAL A 1190 11.91 7.45 -88.72
N PHE A 1191 10.90 7.78 -89.52
CA PHE A 1191 11.01 8.84 -90.52
C PHE A 1191 10.44 10.15 -89.98
N MET A 1192 10.95 11.25 -90.52
CA MET A 1192 10.50 12.58 -90.17
C MET A 1192 10.36 13.38 -91.46
N ASN A 1193 10.17 14.71 -91.32
CA ASN A 1193 10.07 15.57 -92.50
C ASN A 1193 10.89 16.84 -92.34
N SER A 1194 11.92 16.83 -91.49
CA SER A 1194 12.78 17.99 -91.30
C SER A 1194 14.12 17.53 -90.76
N CYS A 1195 15.16 18.26 -91.12
CA CYS A 1195 16.53 17.95 -90.70
C CYS A 1195 17.08 19.11 -89.90
N SER A 1196 17.56 18.83 -88.69
CA SER A 1196 18.16 19.85 -87.84
C SER A 1196 19.59 20.13 -88.28
N VAL A 1197 20.22 21.10 -87.64
CA VAL A 1197 21.57 21.50 -88.00
C VAL A 1197 22.59 20.48 -87.50
N ASN A 1198 22.30 19.79 -86.40
CA ASN A 1198 23.25 18.87 -85.77
C ASN A 1198 23.13 17.44 -86.29
N PHE A 1199 22.66 17.25 -87.52
CA PHE A 1199 22.57 15.95 -88.14
C PHE A 1199 23.65 15.82 -89.23
N THR A 1200 24.00 14.58 -89.53
CA THR A 1200 25.02 14.28 -90.53
C THR A 1200 24.38 14.21 -91.91
N LYS A 1201 25.01 14.87 -92.88
CA LYS A 1201 24.51 14.89 -94.25
C LYS A 1201 25.08 13.70 -95.02
N ALA A 1202 24.21 12.88 -95.58
CA ALA A 1202 24.60 11.70 -96.34
C ALA A 1202 23.70 11.58 -97.57
N PRO A 1203 24.02 12.31 -98.65
CA PRO A 1203 23.20 12.28 -99.88
C PRO A 1203 23.50 11.09 -100.79
N PHE A 1204 23.56 9.89 -100.20
CA PHE A 1204 23.79 8.68 -100.96
C PHE A 1204 22.86 7.54 -100.61
N ILE A 1205 22.23 7.53 -99.43
CA ILE A 1205 21.31 6.48 -99.06
C ILE A 1205 20.00 6.66 -99.80
N TYR A 1206 19.45 5.57 -100.32
CA TYR A 1206 18.18 5.58 -101.04
C TYR A 1206 17.20 4.62 -100.37
N LEU A 1207 15.96 5.07 -100.23
CA LEU A 1207 14.90 4.26 -99.62
C LEU A 1207 13.61 4.48 -100.39
N ASN A 1208 12.66 3.57 -100.17
CA ASN A 1208 11.36 3.66 -100.82
C ASN A 1208 10.27 4.05 -99.83
N VAL B 1 -17.48 47.66 16.53
CA VAL B 1 -16.83 47.16 17.73
C VAL B 1 -15.57 46.37 17.38
N ILE B 2 -14.41 46.94 17.71
CA ILE B 2 -13.13 46.31 17.42
C ILE B 2 -12.65 45.58 18.67
N GLY B 3 -12.48 46.32 19.76
CA GLY B 3 -12.03 45.76 21.01
C GLY B 3 -13.16 45.51 21.98
N ASP B 4 -12.82 45.44 23.27
CA ASP B 4 -13.79 45.19 24.32
C ASP B 4 -13.54 46.07 25.54
N PHE B 5 -13.03 47.28 25.33
CA PHE B 5 -12.72 48.19 26.41
C PHE B 5 -13.08 49.62 26.01
N ASN B 6 -13.64 50.37 26.94
CA ASN B 6 -14.03 51.75 26.69
C ASN B 6 -12.83 52.66 26.93
N CYS B 7 -12.45 53.42 25.90
CA CYS B 7 -11.27 54.29 25.99
C CYS B 7 -11.63 55.72 25.66
N THR B 8 -12.64 55.92 24.81
CA THR B 8 -13.09 57.26 24.45
C THR B 8 -14.58 57.21 24.15
N ASN B 9 -15.32 58.15 24.72
CA ASN B 9 -16.77 58.24 24.53
C ASN B 9 -17.18 59.70 24.34
N SER B 10 -16.42 60.43 23.53
CA SER B 10 -16.66 61.85 23.29
C SER B 10 -17.01 62.08 21.83
N PHE B 11 -18.16 62.73 21.60
CA PHE B 11 -18.60 63.12 20.27
C PHE B 11 -18.77 61.91 19.34
N ILE B 12 -19.71 61.06 19.71
CA ILE B 12 -20.11 59.90 18.90
C ILE B 12 -21.61 60.00 18.66
N ASN B 13 -22.01 59.99 17.38
CA ASN B 13 -23.42 60.07 17.02
C ASN B 13 -24.05 58.68 17.15
N ASP B 14 -25.32 58.58 16.74
CA ASP B 14 -26.08 57.34 16.86
C ASP B 14 -26.25 56.61 15.53
N TYR B 15 -26.71 57.30 14.49
CA TYR B 15 -26.93 56.68 13.19
C TYR B 15 -26.37 57.56 12.09
N ASN B 16 -26.05 56.93 10.96
CA ASN B 16 -25.52 57.62 9.78
C ASN B 16 -25.77 56.73 8.58
N LYS B 17 -25.24 57.13 7.43
CA LYS B 17 -25.38 56.37 6.19
C LYS B 17 -24.09 55.63 5.82
N THR B 18 -22.99 56.36 5.66
CA THR B 18 -21.66 55.78 5.42
C THR B 18 -21.67 54.76 4.29
N ILE B 19 -21.98 55.25 3.09
CA ILE B 19 -21.98 54.40 1.90
C ILE B 19 -20.62 54.51 1.21
N PRO B 20 -19.94 53.39 0.93
CA PRO B 20 -18.67 53.46 0.23
C PRO B 20 -18.85 53.89 -1.22
N ARG B 21 -17.90 54.67 -1.72
CA ARG B 21 -17.94 55.17 -3.08
C ARG B 21 -17.40 54.10 -4.02
N ILE B 22 -18.26 53.56 -4.87
CA ILE B 22 -17.88 52.55 -5.84
C ILE B 22 -17.16 53.24 -6.99
N SER B 23 -15.86 52.96 -7.15
CA SER B 23 -15.08 53.59 -8.20
C SER B 23 -15.44 53.00 -9.56
N GLU B 24 -15.53 53.87 -10.56
CA GLU B 24 -15.84 53.44 -11.92
C GLU B 24 -14.64 52.82 -12.63
N ASP B 25 -13.45 52.88 -12.05
CA ASP B 25 -12.26 52.32 -12.68
C ASP B 25 -12.33 50.80 -12.67
N VAL B 26 -12.01 50.18 -13.79
CA VAL B 26 -12.02 48.73 -13.94
C VAL B 26 -10.61 48.21 -13.71
N VAL B 27 -10.52 46.94 -13.28
CA VAL B 27 -9.23 46.32 -13.01
C VAL B 27 -8.56 46.00 -14.35
N ASP B 28 -7.50 46.71 -14.68
CA ASP B 28 -6.75 46.49 -15.90
C ASP B 28 -5.40 45.88 -15.54
N VAL B 29 -5.19 44.64 -16.00
CA VAL B 29 -3.95 43.92 -15.71
C VAL B 29 -2.98 43.92 -16.88
N SER B 30 -3.38 44.42 -18.05
CA SER B 30 -2.52 44.44 -19.23
C SER B 30 -1.38 45.45 -19.12
N LEU B 31 -1.26 46.17 -18.01
CA LEU B 31 -0.20 47.15 -17.82
C LEU B 31 0.82 46.76 -16.76
N GLY B 32 0.51 45.79 -15.92
CA GLY B 32 1.42 45.34 -14.87
C GLY B 32 0.87 45.43 -13.46
N LEU B 33 -0.28 46.06 -13.26
CA LEU B 33 -0.84 46.17 -11.91
C LEU B 33 -1.30 44.82 -11.40
N GLY B 34 -0.80 44.43 -10.23
CA GLY B 34 -1.14 43.16 -9.63
C GLY B 34 -0.14 42.05 -9.82
N THR B 35 1.02 42.35 -10.42
CA THR B 35 2.05 41.34 -10.65
C THR B 35 3.20 41.52 -9.67
N TYR B 36 3.93 40.43 -9.46
CA TYR B 36 5.06 40.43 -8.55
C TYR B 36 5.95 39.23 -8.84
N TYR B 37 7.24 39.38 -8.56
CA TYR B 37 8.18 38.28 -8.70
C TYR B 37 7.92 37.24 -7.62
N VAL B 38 8.33 36.00 -7.90
CA VAL B 38 7.96 34.88 -7.03
C VAL B 38 8.61 35.05 -5.67
N LEU B 39 9.94 34.92 -5.60
CA LEU B 39 10.68 35.31 -4.41
C LEU B 39 11.77 36.35 -4.71
N ASN B 40 12.72 36.00 -5.58
CA ASN B 40 13.82 36.87 -5.95
C ASN B 40 14.19 36.71 -7.42
N ARG B 41 13.25 36.27 -8.24
CA ARG B 41 13.57 35.80 -9.58
C ARG B 41 13.64 36.95 -10.57
N VAL B 42 14.59 36.85 -11.51
CA VAL B 42 14.92 37.93 -12.42
C VAL B 42 14.78 37.48 -13.87
N TYR B 43 13.76 36.67 -14.16
CA TYR B 43 13.50 36.15 -15.50
C TYR B 43 13.74 37.20 -16.57
N LEU B 44 14.51 36.84 -17.59
CA LEU B 44 14.92 37.75 -18.65
C LEU B 44 14.39 37.24 -19.98
N ASN B 45 13.60 38.07 -20.66
CA ASN B 45 13.18 37.87 -22.05
C ASN B 45 12.40 36.57 -22.25
N THR B 46 11.80 36.04 -21.19
CA THR B 46 11.03 34.80 -21.27
C THR B 46 9.65 34.99 -20.67
N THR B 47 8.66 34.34 -21.27
CA THR B 47 7.29 34.38 -20.76
C THR B 47 7.11 33.29 -19.70
N LEU B 48 6.40 33.64 -18.64
CA LEU B 48 6.24 32.76 -17.49
C LEU B 48 4.76 32.60 -17.15
N LEU B 49 4.35 31.35 -16.93
CA LEU B 49 3.03 31.03 -16.41
C LEU B 49 3.16 30.80 -14.89
N PHE B 50 2.53 31.68 -14.12
CA PHE B 50 2.63 31.64 -12.66
C PHE B 50 1.25 31.36 -12.09
N THR B 51 1.14 30.28 -11.31
CA THR B 51 -0.10 29.92 -10.62
C THR B 51 0.02 30.42 -9.18
N GLY B 52 -0.54 31.58 -8.90
CA GLY B 52 -0.41 32.18 -7.58
C GLY B 52 -1.56 33.07 -7.19
N TYR B 53 -1.38 33.83 -6.11
CA TYR B 53 -2.43 34.72 -5.62
C TYR B 53 -2.40 36.03 -6.39
N PHE B 54 -3.48 36.31 -7.10
CA PHE B 54 -3.62 37.51 -7.91
C PHE B 54 -5.06 37.98 -7.85
N PRO B 55 -5.33 39.24 -8.20
CA PRO B 55 -6.72 39.71 -8.28
C PRO B 55 -7.43 39.18 -9.51
N LYS B 56 -8.70 39.54 -9.67
CA LYS B 56 -9.50 39.11 -10.82
C LYS B 56 -9.74 40.31 -11.72
N SER B 57 -9.48 40.14 -13.02
CA SER B 57 -9.68 41.22 -13.97
C SER B 57 -11.16 41.50 -14.16
N GLY B 58 -11.51 42.79 -14.25
CA GLY B 58 -12.88 43.20 -14.40
C GLY B 58 -13.60 43.52 -13.11
N ALA B 59 -12.92 43.46 -11.97
CA ALA B 59 -13.54 43.78 -10.68
C ALA B 59 -13.67 45.28 -10.53
N ASN B 60 -14.11 45.73 -9.36
CA ASN B 60 -14.31 47.16 -9.10
C ASN B 60 -13.79 47.50 -7.70
N PHE B 61 -12.94 48.52 -7.63
CA PHE B 61 -12.44 49.01 -6.36
C PHE B 61 -13.46 49.92 -5.69
N ARG B 62 -13.31 50.08 -4.38
CA ARG B 62 -14.13 51.02 -3.63
C ARG B 62 -13.34 51.49 -2.42
N ASP B 63 -13.61 52.73 -2.00
CA ASP B 63 -12.85 53.36 -0.94
C ASP B 63 -13.26 52.81 0.43
N LEU B 64 -12.29 52.77 1.35
CA LEU B 64 -12.53 52.31 2.71
C LEU B 64 -11.87 53.23 3.73
N ALA B 65 -11.69 54.50 3.36
CA ALA B 65 -11.06 55.50 4.24
C ALA B 65 -12.10 56.56 4.57
N LEU B 66 -12.33 56.77 5.86
CA LEU B 66 -13.29 57.75 6.34
C LEU B 66 -12.56 58.91 7.01
N LYS B 67 -13.15 60.11 6.89
CA LYS B 67 -12.58 61.32 7.46
C LYS B 67 -13.41 61.75 8.67
N GLY B 68 -12.72 62.11 9.75
CA GLY B 68 -13.37 62.58 10.96
C GLY B 68 -12.70 63.80 11.54
N SER B 69 -13.49 64.79 11.95
CA SER B 69 -12.95 66.02 12.51
C SER B 69 -13.27 66.18 13.98
N ILE B 70 -14.55 66.13 14.35
CA ILE B 70 -14.95 66.30 15.75
C ILE B 70 -15.80 65.12 16.21
N TYR B 71 -16.85 64.80 15.45
CA TYR B 71 -17.79 63.75 15.81
C TYR B 71 -17.42 62.45 15.16
N LEU B 72 -17.45 61.36 15.93
CA LEU B 72 -17.22 60.02 15.41
C LEU B 72 -18.58 59.41 15.04
N SER B 73 -18.59 58.10 14.76
CA SER B 73 -19.82 57.42 14.39
C SER B 73 -19.73 55.96 14.79
N THR B 74 -20.85 55.42 15.30
CA THR B 74 -20.89 54.01 15.67
C THR B 74 -20.80 53.11 14.44
N LEU B 75 -21.35 53.56 13.30
CA LEU B 75 -21.31 52.75 12.08
C LEU B 75 -19.90 52.63 11.51
N TRP B 76 -18.98 53.50 11.93
CA TRP B 76 -17.61 53.40 11.47
C TRP B 76 -16.95 52.11 11.96
N TYR B 77 -17.21 51.74 13.21
CA TYR B 77 -16.74 50.46 13.75
C TYR B 77 -17.76 49.36 13.54
N LYS B 78 -18.23 49.21 12.30
CA LYS B 78 -19.25 48.25 11.91
C LYS B 78 -19.25 48.11 10.39
N PRO B 79 -20.08 47.24 9.84
CA PRO B 79 -20.13 47.10 8.38
C PRO B 79 -20.60 48.39 7.75
N PRO B 80 -20.16 48.68 6.51
CA PRO B 80 -19.28 47.83 5.69
C PRO B 80 -17.80 48.14 5.85
N PHE B 81 -17.35 48.37 7.09
CA PHE B 81 -15.94 48.61 7.36
C PHE B 81 -15.20 47.36 7.84
N LEU B 82 -15.90 46.45 8.51
CA LEU B 82 -15.28 45.21 8.96
C LEU B 82 -14.98 44.33 7.74
N SER B 83 -13.70 44.06 7.52
CA SER B 83 -13.28 43.29 6.35
C SER B 83 -13.52 41.80 6.57
N ASP B 84 -13.41 41.05 5.48
CA ASP B 84 -13.59 39.60 5.48
C ASP B 84 -12.43 38.92 4.77
N PHE B 85 -11.22 39.31 5.13
CA PHE B 85 -10.02 38.77 4.51
C PHE B 85 -9.95 37.26 4.68
N ASN B 86 -10.03 36.54 3.57
CA ASN B 86 -9.98 35.08 3.56
C ASN B 86 -8.67 34.54 3.03
N ASN B 87 -8.27 34.94 1.84
CA ASN B 87 -7.04 34.44 1.23
C ASN B 87 -6.06 35.54 0.85
N GLY B 88 -6.55 36.66 0.34
CA GLY B 88 -5.67 37.74 -0.08
C GLY B 88 -6.44 39.03 -0.24
N ILE B 89 -5.70 40.14 -0.15
CA ILE B 89 -6.28 41.47 -0.29
C ILE B 89 -5.24 42.41 -0.86
N PHE B 90 -5.59 43.09 -1.94
CA PHE B 90 -4.75 44.11 -2.56
C PHE B 90 -5.39 45.47 -2.31
N SER B 91 -4.55 46.50 -2.21
CA SER B 91 -5.04 47.84 -1.91
C SER B 91 -4.14 48.89 -2.56
N LYS B 92 -4.78 49.99 -2.94
CA LYS B 92 -4.12 51.15 -3.54
C LYS B 92 -4.51 52.39 -2.76
N VAL B 93 -3.50 53.17 -2.37
CA VAL B 93 -3.68 54.35 -1.55
C VAL B 93 -3.02 55.53 -2.24
N LYS B 94 -3.73 56.66 -2.30
CA LYS B 94 -3.16 57.88 -2.85
C LYS B 94 -2.29 58.56 -1.81
N ASN B 95 -1.07 58.89 -2.21
CA ASN B 95 -0.11 59.54 -1.31
C ASN B 95 -0.52 61.00 -1.12
N THR B 96 -1.26 61.27 -0.05
CA THR B 96 -1.74 62.62 0.23
C THR B 96 -0.54 63.52 0.54
N LYS B 97 -0.27 64.47 -0.34
CA LYS B 97 0.86 65.39 -0.20
C LYS B 97 0.36 66.70 0.40
N LEU B 98 0.84 67.03 1.60
CA LEU B 98 0.49 68.27 2.28
C LEU B 98 1.73 69.17 2.34
N TYR B 99 1.59 70.39 1.88
CA TYR B 99 2.68 71.37 1.84
C TYR B 99 2.40 72.43 2.89
N VAL B 100 3.19 72.43 3.96
CA VAL B 100 3.06 73.40 5.05
C VAL B 100 4.45 73.93 5.39
N ASN B 101 4.57 75.25 5.48
CA ASN B 101 5.84 75.92 5.81
C ASN B 101 6.95 75.49 4.85
N ASN B 102 6.62 75.41 3.56
CA ASN B 102 7.54 74.98 2.51
C ASN B 102 8.12 73.59 2.80
N THR B 103 7.33 72.73 3.45
CA THR B 103 7.75 71.39 3.79
C THR B 103 6.65 70.40 3.38
N LEU B 104 7.06 69.30 2.75
CA LEU B 104 6.14 68.30 2.25
C LEU B 104 5.98 67.17 3.25
N TYR B 105 4.74 66.69 3.38
CA TYR B 105 4.43 65.57 4.27
C TYR B 105 3.46 64.64 3.58
N SER B 106 3.55 63.36 3.92
CA SER B 106 2.68 62.33 3.36
C SER B 106 2.21 61.42 4.48
N GLU B 107 0.90 61.40 4.72
CA GLU B 107 0.31 60.58 5.76
C GLU B 107 -0.94 59.90 5.22
N PHE B 108 -1.09 58.61 5.55
CA PHE B 108 -2.27 57.84 5.16
C PHE B 108 -2.69 56.96 6.33
N SER B 109 -3.81 56.27 6.14
CA SER B 109 -4.37 55.45 7.21
C SER B 109 -3.55 54.18 7.41
N THR B 110 -3.55 53.70 8.65
CA THR B 110 -2.87 52.46 8.99
C THR B 110 -3.79 51.27 8.71
N ILE B 111 -3.33 50.07 9.07
CA ILE B 111 -4.10 48.86 8.83
C ILE B 111 -3.75 47.83 9.89
N VAL B 112 -4.74 47.03 10.28
CA VAL B 112 -4.57 45.96 11.24
C VAL B 112 -5.21 44.69 10.68
N ILE B 113 -4.59 43.55 10.93
CA ILE B 113 -5.09 42.25 10.46
C ILE B 113 -4.96 41.26 11.61
N GLY B 114 -6.05 40.60 11.93
CA GLY B 114 -6.06 39.62 12.99
C GLY B 114 -7.27 38.71 12.89
N SER B 115 -7.61 38.09 14.03
CA SER B 115 -8.75 37.19 14.10
C SER B 115 -9.84 37.70 15.04
N VAL B 116 -9.50 38.04 16.28
CA VAL B 116 -10.48 38.50 17.26
C VAL B 116 -10.21 39.93 17.73
N PHE B 117 -9.06 40.51 17.40
CA PHE B 117 -8.68 41.85 17.84
C PHE B 117 -8.69 41.95 19.37
N VAL B 118 -8.00 41.00 20.01
CA VAL B 118 -7.88 40.94 21.46
C VAL B 118 -6.42 40.73 21.82
N ASN B 119 -6.14 40.62 23.11
CA ASN B 119 -4.79 40.47 23.63
C ASN B 119 -4.41 39.00 23.86
N THR B 120 -5.03 38.07 23.13
CA THR B 120 -4.73 36.66 23.25
C THR B 120 -4.02 36.08 22.04
N SER B 121 -4.48 36.41 20.83
CA SER B 121 -3.87 35.92 19.60
C SER B 121 -2.99 36.99 18.97
N TYR B 122 -2.30 36.60 17.90
CA TYR B 122 -1.39 37.48 17.21
C TYR B 122 -2.14 38.30 16.15
N THR B 123 -1.63 39.51 15.89
CA THR B 123 -2.18 40.39 14.89
C THR B 123 -1.07 41.29 14.36
N ILE B 124 -1.16 41.63 13.07
CA ILE B 124 -0.14 42.43 12.40
C ILE B 124 -0.70 43.84 12.19
N VAL B 125 0.08 44.84 12.57
CA VAL B 125 -0.31 46.24 12.47
C VAL B 125 0.74 46.96 11.62
N VAL B 126 0.30 47.57 10.53
CA VAL B 126 1.16 48.34 9.65
C VAL B 126 0.73 49.80 9.72
N GLN B 127 1.68 50.68 10.01
CA GLN B 127 1.35 52.10 10.19
C GLN B 127 2.44 53.00 9.62
N PRO B 128 2.06 54.12 9.01
CA PRO B 128 3.06 55.08 8.52
C PRO B 128 3.38 56.16 9.56
N HIS B 129 4.64 56.59 9.52
CA HIS B 129 5.12 57.66 10.41
C HIS B 129 6.18 58.45 9.64
N ASN B 130 5.75 59.57 9.06
CA ASN B 130 6.64 60.50 8.35
C ASN B 130 7.46 59.75 7.29
N GLY B 131 6.77 58.93 6.50
CA GLY B 131 7.43 58.17 5.46
C GLY B 131 8.14 56.92 5.92
N ILE B 132 7.92 56.49 7.17
CA ILE B 132 8.52 55.28 7.71
C ILE B 132 7.40 54.27 7.96
N LEU B 133 7.46 53.14 7.28
CA LEU B 133 6.47 52.09 7.45
C LEU B 133 6.89 51.18 8.59
N GLU B 134 6.07 51.10 9.63
CA GLU B 134 6.34 50.29 10.81
C GLU B 134 5.35 49.13 10.82
N ILE B 135 5.88 47.90 10.79
CA ILE B 135 5.07 46.69 10.81
C ILE B 135 5.40 45.93 12.08
N THR B 136 4.40 45.78 12.95
CA THR B 136 4.59 45.14 14.24
C THR B 136 3.61 43.99 14.40
N ALA B 137 3.98 43.06 15.29
CA ALA B 137 3.11 41.94 15.65
C ALA B 137 3.21 41.76 17.17
N CYS B 138 2.20 42.27 17.88
CA CYS B 138 2.20 42.22 19.33
C CYS B 138 0.76 42.12 19.80
N GLN B 139 0.54 41.40 20.90
CA GLN B 139 -0.80 41.20 21.46
C GLN B 139 -1.23 42.46 22.21
N TYR B 140 -1.55 43.49 21.44
CA TYR B 140 -2.02 44.73 22.02
C TYR B 140 -3.44 44.58 22.55
N THR B 141 -3.91 45.61 23.25
CA THR B 141 -5.28 45.68 23.75
C THR B 141 -6.02 46.69 22.89
N MET B 142 -6.58 46.23 21.78
CA MET B 142 -7.27 47.12 20.86
C MET B 142 -8.54 47.67 21.49
N CYS B 143 -8.82 48.94 21.23
CA CYS B 143 -10.02 49.56 21.77
C CYS B 143 -11.22 49.27 20.87
N GLU B 144 -12.41 49.65 21.36
CA GLU B 144 -13.62 49.43 20.59
C GLU B 144 -13.69 50.38 19.40
N TYR B 145 -13.27 51.64 19.58
CA TYR B 145 -13.29 52.64 18.53
C TYR B 145 -11.95 53.37 18.52
N PRO B 146 -10.93 52.78 17.89
CA PRO B 146 -9.62 53.46 17.80
C PRO B 146 -9.70 54.68 16.91
N HIS B 147 -8.65 55.49 16.98
CA HIS B 147 -8.56 56.71 16.18
C HIS B 147 -7.10 57.09 16.01
N THR B 148 -6.78 57.67 14.86
CA THR B 148 -5.43 58.11 14.54
C THR B 148 -5.48 59.56 14.05
N VAL B 149 -4.41 60.30 14.36
CA VAL B 149 -4.31 61.70 13.98
C VAL B 149 -3.15 61.89 13.02
N CYS B 150 -3.00 63.11 12.52
CA CYS B 150 -1.91 63.44 11.60
C CYS B 150 -0.92 64.37 12.28
N LYS B 151 0.35 64.24 11.92
CA LYS B 151 1.39 65.08 12.50
C LYS B 151 1.23 66.53 12.08
N SER B 152 1.28 66.79 10.78
CA SER B 152 1.12 68.15 10.27
C SER B 152 -0.35 68.55 10.31
N LYS B 153 -0.63 69.69 10.95
CA LYS B 153 -1.99 70.22 11.10
C LYS B 153 -2.90 69.19 11.78
N GLY B 154 -2.52 68.82 13.01
CA GLY B 154 -3.30 67.87 13.76
C GLY B 154 -4.64 68.42 14.20
N SER B 155 -5.59 67.51 14.43
CA SER B 155 -6.92 67.87 14.85
C SER B 155 -6.95 68.04 16.37
N ILE B 156 -8.15 68.19 16.93
CA ILE B 156 -8.28 68.37 18.38
C ILE B 156 -8.32 67.04 19.12
N ARG B 157 -8.60 65.94 18.43
CA ARG B 157 -8.65 64.63 19.06
C ARG B 157 -7.24 64.08 19.23
N ASN B 158 -7.07 63.24 20.25
CA ASN B 158 -5.80 62.61 20.54
C ASN B 158 -5.76 61.19 19.97
N GLU B 159 -4.63 60.84 19.37
CA GLU B 159 -4.47 59.51 18.77
C GLU B 159 -4.37 58.46 19.87
N SER B 160 -5.20 57.43 19.77
CA SER B 160 -5.19 56.34 20.75
C SER B 160 -5.87 55.13 20.12
N TRP B 161 -5.16 54.01 20.05
CA TRP B 161 -5.70 52.77 19.53
C TRP B 161 -5.50 51.57 20.43
N HIS B 162 -4.74 51.71 21.52
CA HIS B 162 -4.55 50.61 22.45
C HIS B 162 -4.20 51.19 23.82
N ILE B 163 -4.43 50.39 24.85
CA ILE B 163 -4.13 50.77 26.23
C ILE B 163 -3.35 49.62 26.87
N ASP B 164 -2.08 49.86 27.16
CA ASP B 164 -1.22 48.84 27.76
C ASP B 164 -0.21 49.52 28.66
N SER B 165 -0.23 49.18 29.95
CA SER B 165 0.73 49.75 30.90
C SER B 165 2.08 49.05 30.88
N SER B 166 2.17 47.89 30.25
CA SER B 166 3.42 47.15 30.15
C SER B 166 3.56 46.60 28.74
N GLU B 167 4.74 46.09 28.43
CA GLU B 167 5.02 45.53 27.12
C GLU B 167 4.32 44.17 26.96
N PRO B 168 3.37 44.03 26.05
CA PRO B 168 2.69 42.75 25.87
C PRO B 168 3.53 41.78 25.05
N LEU B 169 2.93 40.62 24.76
CA LEU B 169 3.62 39.57 24.01
C LEU B 169 3.79 40.01 22.57
N CYS B 170 5.02 40.35 22.18
CA CYS B 170 5.35 40.77 20.84
C CYS B 170 5.94 39.61 20.04
N LEU B 171 5.82 39.70 18.72
CA LEU B 171 6.40 38.73 17.80
C LEU B 171 7.55 39.29 17.00
N PHE B 172 7.33 40.41 16.30
CA PHE B 172 8.40 41.07 15.56
C PHE B 172 8.02 42.53 15.35
N LYS B 173 9.01 43.32 14.93
CA LYS B 173 8.81 44.74 14.67
C LYS B 173 9.86 45.19 13.66
N LYS B 174 9.40 45.67 12.51
CA LYS B 174 10.29 46.05 11.42
C LYS B 174 9.95 47.45 10.94
N ASN B 175 10.97 48.16 10.43
CA ASN B 175 10.82 49.51 9.91
C ASN B 175 11.40 49.55 8.50
N PHE B 176 10.67 50.20 7.59
CA PHE B 176 11.08 50.34 6.20
C PHE B 176 10.93 51.78 5.76
N THR B 177 11.73 52.16 4.76
CA THR B 177 11.73 53.50 4.21
C THR B 177 11.34 53.47 2.75
N TYR B 178 10.64 54.51 2.30
CA TYR B 178 10.21 54.63 0.92
C TYR B 178 10.34 56.08 0.48
N ASN B 179 10.20 56.29 -0.83
CA ASN B 179 10.29 57.63 -1.39
C ASN B 179 9.03 58.43 -1.05
N VAL B 180 9.22 59.59 -0.43
CA VAL B 180 8.08 60.42 -0.05
C VAL B 180 7.42 61.04 -1.28
N SER B 181 8.19 61.21 -2.37
CA SER B 181 7.68 61.81 -3.58
C SER B 181 6.83 60.87 -4.43
N ALA B 182 6.44 59.71 -3.88
CA ALA B 182 5.61 58.78 -4.63
C ALA B 182 4.20 59.31 -4.78
N ASP B 183 3.52 58.83 -5.82
CA ASP B 183 2.15 59.24 -6.11
C ASP B 183 1.12 58.28 -5.54
N TRP B 184 1.30 56.98 -5.75
CA TRP B 184 0.38 55.96 -5.26
C TRP B 184 1.16 54.81 -4.64
N LEU B 185 0.55 54.17 -3.64
CA LEU B 185 1.14 53.02 -2.96
C LEU B 185 0.23 51.83 -3.18
N TYR B 186 0.76 50.79 -3.83
CA TYR B 186 0.03 49.56 -4.11
C TYR B 186 0.64 48.43 -3.29
N PHE B 187 -0.14 47.85 -2.39
CA PHE B 187 0.37 46.77 -1.56
C PHE B 187 -0.70 45.70 -1.38
N HIS B 188 -0.26 44.45 -1.40
CA HIS B 188 -1.16 43.31 -1.29
C HIS B 188 -0.59 42.28 -0.31
N PHE B 189 -1.48 41.74 0.53
CA PHE B 189 -1.12 40.72 1.51
C PHE B 189 -1.89 39.44 1.19
N TYR B 190 -1.30 38.31 1.57
CA TYR B 190 -1.98 37.03 1.39
C TYR B 190 -1.33 35.99 2.31
N GLN B 191 -1.97 34.82 2.38
CA GLN B 191 -1.47 33.73 3.20
C GLN B 191 -1.73 32.41 2.48
N GLU B 192 -0.86 31.44 2.73
CA GLU B 192 -0.96 30.14 2.09
C GLU B 192 -0.20 29.12 2.92
N ARG B 193 -0.79 27.94 3.10
CA ARG B 193 -0.17 26.82 3.81
C ARG B 193 0.29 27.20 5.21
N GLY B 194 -0.26 28.28 5.77
CA GLY B 194 0.08 28.74 7.09
C GLY B 194 1.02 29.93 7.13
N VAL B 195 1.78 30.17 6.06
CA VAL B 195 2.76 31.26 6.04
C VAL B 195 2.14 32.46 5.33
N PHE B 196 2.46 33.65 5.84
CA PHE B 196 1.88 34.92 5.37
C PHE B 196 2.93 35.70 4.61
N TYR B 197 2.54 36.22 3.44
CA TYR B 197 3.39 37.06 2.62
C TYR B 197 2.73 38.41 2.38
N ALA B 198 3.56 39.42 2.13
CA ALA B 198 3.09 40.77 1.88
C ALA B 198 4.06 41.46 0.92
N TYR B 199 3.50 42.18 -0.05
CA TYR B 199 4.29 42.90 -1.03
C TYR B 199 3.78 44.33 -1.13
N TYR B 200 4.70 45.27 -1.41
CA TYR B 200 4.36 46.68 -1.49
C TYR B 200 5.17 47.33 -2.61
N ALA B 201 4.64 48.44 -3.11
CA ALA B 201 5.32 49.21 -4.14
C ALA B 201 4.87 50.66 -4.06
N ASP B 202 5.83 51.58 -4.17
CA ASP B 202 5.55 53.00 -4.19
C ASP B 202 5.73 53.64 -5.56
N VAL B 203 6.53 53.03 -6.43
CA VAL B 203 6.73 53.53 -7.80
C VAL B 203 6.67 52.33 -8.75
N GLY B 204 5.97 52.50 -9.86
CA GLY B 204 5.82 51.46 -10.84
C GLY B 204 4.70 50.49 -10.53
N MET B 205 4.38 49.66 -11.52
CA MET B 205 3.31 48.68 -11.39
C MET B 205 3.71 47.47 -10.56
N PRO B 206 4.85 46.81 -10.83
CA PRO B 206 5.21 45.64 -10.03
C PRO B 206 5.59 46.02 -8.61
N THR B 207 5.48 45.04 -7.72
CA THR B 207 5.81 45.21 -6.31
C THR B 207 7.14 44.50 -6.01
N THR B 208 7.53 44.53 -4.74
CA THR B 208 8.77 43.93 -4.29
C THR B 208 8.50 43.10 -3.03
N PHE B 209 9.43 42.19 -2.74
CA PHE B 209 9.31 41.32 -1.59
C PHE B 209 9.77 42.03 -0.32
N LEU B 210 9.05 41.79 0.78
CA LEU B 210 9.38 42.38 2.07
C LEU B 210 9.80 41.34 3.08
N PHE B 211 8.96 40.34 3.35
CA PHE B 211 9.24 39.34 4.37
C PHE B 211 8.26 38.19 4.20
N SER B 212 8.35 37.21 5.10
CA SER B 212 7.45 36.07 5.12
C SER B 212 7.37 35.57 6.54
N LEU B 213 6.16 35.53 7.10
CA LEU B 213 5.96 35.22 8.51
C LEU B 213 5.35 33.83 8.66
N TYR B 214 5.90 33.04 9.57
CA TYR B 214 5.41 31.69 9.86
C TYR B 214 4.63 31.76 11.17
N LEU B 215 3.31 31.90 11.06
CA LEU B 215 2.44 32.00 12.23
C LEU B 215 1.83 30.65 12.60
N GLY B 216 1.15 30.01 11.65
CA GLY B 216 0.47 28.76 11.88
C GLY B 216 -1.03 28.91 12.09
N THR B 217 -1.51 30.13 12.35
CA THR B 217 -2.92 30.39 12.54
C THR B 217 -3.54 30.89 11.24
N ILE B 218 -4.84 31.17 11.28
CA ILE B 218 -5.58 31.65 10.13
C ILE B 218 -6.20 32.99 10.50
N LEU B 219 -5.71 34.06 9.88
CA LEU B 219 -6.26 35.39 10.11
C LEU B 219 -7.46 35.61 9.19
N SER B 220 -8.62 35.90 9.79
CA SER B 220 -9.86 36.06 9.03
C SER B 220 -10.55 37.37 9.36
N HIS B 221 -9.78 38.42 9.64
CA HIS B 221 -10.36 39.72 9.94
C HIS B 221 -9.33 40.80 9.66
N TYR B 222 -9.80 41.93 9.13
CA TYR B 222 -8.95 43.07 8.84
C TYR B 222 -9.73 44.36 9.10
N TYR B 223 -8.98 45.44 9.31
CA TYR B 223 -9.59 46.74 9.58
C TYR B 223 -8.58 47.83 9.28
N VAL B 224 -9.10 49.04 9.13
CA VAL B 224 -8.27 50.22 8.84
C VAL B 224 -8.39 51.20 10.01
N MET B 225 -7.32 51.94 10.23
CA MET B 225 -7.30 52.90 11.32
C MET B 225 -8.01 54.19 10.88
N PRO B 226 -8.97 54.69 11.66
CA PRO B 226 -9.65 55.93 11.29
C PRO B 226 -8.69 57.11 11.35
N LEU B 227 -8.64 57.88 10.26
CA LEU B 227 -7.76 59.04 10.17
C LEU B 227 -8.54 60.28 10.58
N THR B 228 -8.07 60.97 11.61
CA THR B 228 -8.72 62.17 12.13
C THR B 228 -7.81 63.36 11.88
N CYS B 229 -8.15 64.16 10.87
CA CYS B 229 -7.38 65.35 10.52
C CYS B 229 -8.35 66.43 10.07
N ASN B 230 -7.80 67.62 9.80
CA ASN B 230 -8.60 68.77 9.38
C ASN B 230 -8.17 69.39 8.07
N ALA B 231 -6.91 69.20 7.65
CA ALA B 231 -6.41 69.78 6.41
C ALA B 231 -6.69 68.92 5.18
N ILE B 232 -7.62 67.96 5.30
CA ILE B 232 -7.97 67.09 4.17
C ILE B 232 -9.43 67.32 3.81
N SER B 233 -9.90 68.55 4.01
CA SER B 233 -11.29 68.92 3.74
C SER B 233 -11.36 69.77 2.48
N SER B 234 -12.58 70.17 2.13
CA SER B 234 -12.79 70.97 0.94
C SER B 234 -12.34 72.42 1.16
N ASN B 235 -12.61 72.96 2.36
CA ASN B 235 -12.19 74.32 2.66
C ASN B 235 -10.67 74.44 2.74
N THR B 236 -9.98 73.35 3.03
CA THR B 236 -8.52 73.32 3.04
C THR B 236 -8.03 73.01 1.63
N ASP B 237 -6.73 72.73 1.49
CA ASP B 237 -6.17 72.42 0.18
C ASP B 237 -6.79 71.15 -0.39
N ASN B 238 -6.71 71.01 -1.71
CA ASN B 238 -7.33 69.90 -2.42
C ASN B 238 -6.60 68.61 -2.08
N GLU B 239 -7.18 67.82 -1.17
CA GLU B 239 -6.61 66.55 -0.77
C GLU B 239 -7.73 65.65 -0.26
N THR B 240 -7.70 64.39 -0.68
CA THR B 240 -8.68 63.39 -0.27
C THR B 240 -7.96 62.11 0.12
N LEU B 241 -8.71 61.21 0.76
CA LEU B 241 -8.18 59.93 1.21
C LEU B 241 -8.73 58.81 0.33
N GLU B 242 -7.84 58.01 -0.24
CA GLU B 242 -8.21 56.89 -1.10
C GLU B 242 -7.59 55.61 -0.55
N TYR B 243 -8.43 54.61 -0.31
CA TYR B 243 -7.98 53.33 0.25
C TYR B 243 -8.62 52.18 -0.51
N TRP B 244 -8.52 52.21 -1.83
CA TRP B 244 -9.21 51.21 -2.65
C TRP B 244 -8.71 49.81 -2.33
N VAL B 245 -9.63 48.86 -2.24
CA VAL B 245 -9.29 47.49 -1.86
C VAL B 245 -10.00 46.52 -2.80
N THR B 246 -9.41 45.32 -2.92
CA THR B 246 -9.95 44.26 -3.76
C THR B 246 -9.43 42.90 -3.30
N PRO B 247 -10.30 41.91 -3.12
CA PRO B 247 -9.84 40.59 -2.69
C PRO B 247 -9.01 39.91 -3.77
N LEU B 248 -8.25 38.90 -3.33
CA LEU B 248 -7.37 38.14 -4.20
C LEU B 248 -7.81 36.68 -4.23
N SER B 249 -7.26 35.93 -5.19
CA SER B 249 -7.59 34.51 -5.32
C SER B 249 -6.45 33.82 -6.04
N ARG B 250 -6.39 32.50 -5.85
CA ARG B 250 -5.38 31.68 -6.52
C ARG B 250 -5.82 31.40 -7.96
N ARG B 251 -4.99 31.81 -8.92
CA ARG B 251 -5.28 31.62 -10.32
C ARG B 251 -3.97 31.69 -11.10
N GLN B 252 -4.07 31.42 -12.41
CA GLN B 252 -2.92 31.34 -13.29
C GLN B 252 -2.83 32.62 -14.14
N TYR B 253 -1.64 33.20 -14.19
CA TYR B 253 -1.37 34.39 -14.99
C TYR B 253 -0.19 34.11 -15.91
N LEU B 254 -0.12 34.89 -16.99
CA LEU B 254 0.99 34.85 -17.93
C LEU B 254 1.65 36.22 -17.93
N LEU B 255 2.95 36.25 -17.63
CA LEU B 255 3.71 37.48 -17.52
C LEU B 255 4.61 37.66 -18.74
N ASN B 256 5.23 38.83 -18.84
CA ASN B 256 6.08 39.18 -19.96
C ASN B 256 7.57 39.02 -19.66
N PHE B 257 8.06 39.65 -18.60
CA PHE B 257 9.47 39.59 -18.20
C PHE B 257 10.38 40.06 -19.33
N ASP B 258 10.27 41.35 -19.63
CA ASP B 258 11.05 41.98 -20.69
C ASP B 258 12.54 41.94 -20.38
N GLU B 259 13.35 42.48 -21.30
CA GLU B 259 14.80 42.33 -21.22
C GLU B 259 15.35 42.81 -19.87
N HIS B 260 15.00 44.03 -19.47
CA HIS B 260 15.58 44.59 -18.25
C HIS B 260 14.72 44.32 -17.02
N GLY B 261 14.32 43.06 -16.84
CA GLY B 261 13.62 42.60 -15.65
C GLY B 261 12.45 43.42 -15.15
N VAL B 262 11.52 43.77 -16.04
CA VAL B 262 10.29 44.47 -15.67
C VAL B 262 9.10 43.62 -16.09
N ILE B 263 7.92 44.05 -15.67
CA ILE B 263 6.66 43.41 -16.04
C ILE B 263 5.87 44.46 -16.81
N THR B 264 5.92 44.38 -18.15
CA THR B 264 5.23 45.36 -18.97
C THR B 264 3.77 45.00 -19.18
N ASN B 265 3.50 43.75 -19.54
CA ASN B 265 2.15 43.28 -19.79
C ASN B 265 1.93 41.93 -19.12
N ALA B 266 0.68 41.68 -18.73
CA ALA B 266 0.30 40.43 -18.10
C ALA B 266 -1.14 40.12 -18.47
N VAL B 267 -1.46 38.83 -18.50
CA VAL B 267 -2.79 38.38 -18.91
C VAL B 267 -3.26 37.28 -17.97
N ASP B 268 -4.50 37.41 -17.48
CA ASP B 268 -5.11 36.38 -16.67
C ASP B 268 -5.80 35.36 -17.57
N CYS B 269 -5.70 34.09 -17.21
CA CYS B 269 -6.21 33.00 -18.04
C CYS B 269 -7.65 32.63 -17.72
N SER B 270 -8.43 33.56 -17.14
CA SER B 270 -9.82 33.29 -16.84
C SER B 270 -10.71 34.48 -17.16
N SER B 271 -10.29 35.32 -18.11
CA SER B 271 -11.05 36.52 -18.46
C SER B 271 -11.90 36.32 -19.71
N SER B 272 -11.25 35.95 -20.82
CA SER B 272 -11.94 35.78 -22.09
C SER B 272 -11.36 34.58 -22.82
N PHE B 273 -11.85 34.33 -24.03
CA PHE B 273 -11.36 33.21 -24.83
C PHE B 273 -9.99 33.48 -25.42
N LEU B 274 -9.73 34.74 -25.81
CA LEU B 274 -8.40 35.10 -26.28
C LEU B 274 -7.37 34.91 -25.20
N SER B 275 -7.74 35.16 -23.94
CA SER B 275 -6.83 34.92 -22.83
C SER B 275 -6.52 33.44 -22.68
N GLU B 276 -7.53 32.59 -22.86
CA GLU B 276 -7.28 31.14 -22.80
C GLU B 276 -6.40 30.68 -23.95
N ILE B 277 -6.58 31.27 -25.13
CA ILE B 277 -5.72 30.93 -26.27
C ILE B 277 -4.28 31.34 -25.99
N GLN B 278 -4.08 32.53 -25.43
CA GLN B 278 -2.73 32.97 -25.08
C GLN B 278 -2.14 32.10 -23.98
N CYS B 279 -2.97 31.63 -23.05
CA CYS B 279 -2.49 30.74 -22.00
C CYS B 279 -2.04 29.40 -22.58
N LYS B 280 -2.82 28.84 -23.50
CA LYS B 280 -2.48 27.54 -24.08
C LYS B 280 -1.25 27.65 -24.98
N THR B 281 -1.15 28.74 -25.74
CA THR B 281 -0.01 28.93 -26.64
C THR B 281 1.21 29.50 -25.94
N GLN B 282 1.06 30.04 -24.73
CA GLN B 282 2.16 30.62 -23.95
C GLN B 282 2.84 31.74 -24.73
N SER B 283 2.04 32.57 -25.40
CA SER B 283 2.57 33.69 -26.15
C SER B 283 1.49 34.76 -26.28
N PHE B 284 1.92 36.01 -26.37
CA PHE B 284 0.99 37.12 -26.51
C PHE B 284 0.50 37.32 -27.94
N ALA B 285 1.16 36.68 -28.91
CA ALA B 285 0.77 36.76 -30.33
C ALA B 285 0.68 35.34 -30.87
N PRO B 286 -0.40 34.62 -30.57
CA PRO B 286 -0.52 33.24 -31.05
C PRO B 286 -0.80 33.19 -32.54
N ASN B 287 -0.47 32.04 -33.13
CA ASN B 287 -0.65 31.85 -34.56
C ASN B 287 -2.12 31.64 -34.88
N THR B 288 -2.44 31.69 -36.18
CA THR B 288 -3.80 31.48 -36.65
C THR B 288 -4.14 29.98 -36.60
N GLY B 289 -5.24 29.65 -35.95
CA GLY B 289 -5.64 28.26 -35.85
C GLY B 289 -6.93 28.11 -35.09
N VAL B 290 -7.40 26.86 -35.03
CA VAL B 290 -8.62 26.50 -34.34
C VAL B 290 -8.24 25.68 -33.11
N TYR B 291 -8.51 26.23 -31.94
CA TYR B 291 -8.22 25.58 -30.67
C TYR B 291 -9.51 25.08 -30.02
N ASP B 292 -9.34 24.19 -29.05
CA ASP B 292 -10.46 23.63 -28.29
C ASP B 292 -10.38 24.16 -26.87
N LEU B 293 -11.26 25.09 -26.53
CA LEU B 293 -11.28 25.70 -25.21
C LEU B 293 -12.39 25.10 -24.37
N SER B 294 -12.18 25.13 -23.05
CA SER B 294 -13.15 24.59 -22.11
C SER B 294 -14.10 25.68 -21.63
N GLY B 295 -15.30 25.26 -21.24
CA GLY B 295 -16.31 26.18 -20.77
C GLY B 295 -16.16 26.52 -19.31
N PHE B 296 -17.22 27.10 -18.75
CA PHE B 296 -17.28 27.51 -17.35
C PHE B 296 -18.49 26.85 -16.71
N THR B 297 -18.30 25.65 -16.18
CA THR B 297 -19.38 24.91 -15.55
C THR B 297 -19.54 25.35 -14.09
N VAL B 298 -20.75 25.16 -13.58
CA VAL B 298 -21.10 25.52 -12.20
C VAL B 298 -21.55 24.27 -11.48
N LYS B 299 -21.02 24.07 -10.27
CA LYS B 299 -21.38 22.90 -9.48
C LYS B 299 -22.77 23.11 -8.86
N PRO B 300 -23.68 22.14 -9.03
CA PRO B 300 -25.04 22.33 -8.50
C PRO B 300 -25.05 22.40 -6.98
N VAL B 301 -26.03 23.14 -6.45
CA VAL B 301 -26.16 23.31 -5.01
C VAL B 301 -27.25 22.44 -4.39
N ALA B 302 -28.24 22.01 -5.18
CA ALA B 302 -29.31 21.18 -4.65
C ALA B 302 -28.88 19.71 -4.62
N THR B 303 -29.57 18.93 -3.79
CA THR B 303 -29.27 17.52 -3.65
C THR B 303 -30.54 16.77 -3.24
N VAL B 304 -30.54 15.47 -3.50
CA VAL B 304 -31.66 14.59 -3.17
C VAL B 304 -31.12 13.48 -2.29
N TYR B 305 -31.79 13.22 -1.17
CA TYR B 305 -31.37 12.22 -0.20
C TYR B 305 -32.55 11.30 0.10
N ARG B 306 -32.50 10.08 -0.43
CA ARG B 306 -33.51 9.06 -0.13
C ARG B 306 -32.79 7.82 0.39
N ARG B 307 -33.29 7.27 1.49
CA ARG B 307 -32.65 6.12 2.12
C ARG B 307 -33.65 5.42 3.01
N ILE B 308 -33.62 4.09 3.02
CA ILE B 308 -34.48 3.30 3.89
C ILE B 308 -34.07 3.53 5.34
N PRO B 309 -35.00 3.83 6.25
CA PRO B 309 -34.60 4.09 7.64
C PRO B 309 -34.02 2.88 8.34
N ASN B 310 -34.49 1.67 8.01
CA ASN B 310 -34.02 0.39 8.54
C ASN B 310 -34.37 0.20 10.01
N LEU B 311 -34.94 1.20 10.67
CA LEU B 311 -35.34 1.08 12.07
C LEU B 311 -36.73 1.67 12.26
N PRO B 312 -37.68 0.90 12.76
CA PRO B 312 -39.04 1.43 12.97
C PRO B 312 -39.13 2.28 14.22
N ASP B 313 -40.11 3.18 14.21
CA ASP B 313 -40.36 4.03 15.36
C ASP B 313 -41.16 3.28 16.42
N CYS B 314 -40.90 3.62 17.69
CA CYS B 314 -41.54 2.96 18.82
C CYS B 314 -42.77 3.72 19.33
N ASP B 315 -43.49 4.41 18.43
CA ASP B 315 -44.75 5.06 18.76
C ASP B 315 -44.57 6.10 19.88
N ILE B 316 -43.78 7.13 19.57
CA ILE B 316 -43.47 8.15 20.56
C ILE B 316 -44.68 9.03 20.82
N ASP B 317 -45.32 9.53 19.75
CA ASP B 317 -46.37 10.53 19.91
C ASP B 317 -47.68 9.94 20.42
N ASN B 318 -48.08 8.79 19.90
CA ASN B 318 -49.39 8.24 20.26
C ASN B 318 -49.43 7.76 21.72
N TRP B 319 -48.28 7.34 22.26
CA TRP B 319 -48.27 6.91 23.66
C TRP B 319 -48.48 8.08 24.61
N LEU B 320 -47.98 9.26 24.27
CA LEU B 320 -48.18 10.43 25.12
C LEU B 320 -49.63 10.90 25.09
N ASN B 321 -50.35 10.61 24.00
CA ASN B 321 -51.75 11.01 23.84
C ASN B 321 -52.70 9.85 24.09
N ASN B 322 -52.38 8.97 25.03
CA ASN B 322 -53.25 7.85 25.36
C ASN B 322 -54.53 8.35 26.02
N VAL B 323 -55.59 7.54 25.91
CA VAL B 323 -56.88 7.90 26.48
C VAL B 323 -56.87 7.84 28.00
N SER B 324 -55.90 7.14 28.58
CA SER B 324 -55.79 7.01 30.03
C SER B 324 -54.58 7.81 30.51
N VAL B 325 -54.81 8.72 31.45
CA VAL B 325 -53.77 9.57 32.01
C VAL B 325 -53.40 9.02 33.38
N PRO B 326 -52.15 8.61 33.60
CA PRO B 326 -51.77 8.07 34.91
C PRO B 326 -51.73 9.16 35.97
N SER B 327 -52.15 8.80 37.18
CA SER B 327 -52.15 9.74 38.29
C SER B 327 -50.71 10.07 38.70
N PRO B 328 -50.51 11.22 39.34
CA PRO B 328 -49.16 11.56 39.81
C PRO B 328 -48.57 10.56 40.79
N LEU B 329 -49.41 9.78 41.47
CA LEU B 329 -48.91 8.75 42.37
C LEU B 329 -48.37 7.54 41.62
N ASN B 330 -48.88 7.28 40.42
CA ASN B 330 -48.45 6.15 39.62
C ASN B 330 -47.23 6.48 38.76
N TRP B 331 -47.31 7.56 37.98
CA TRP B 331 -46.24 8.02 37.09
C TRP B 331 -45.60 6.86 36.33
N GLU B 332 -46.42 6.24 35.48
CA GLU B 332 -45.98 5.09 34.70
C GLU B 332 -44.80 5.49 33.81
N ARG B 333 -43.73 4.71 33.89
CA ARG B 333 -42.51 4.96 33.14
C ARG B 333 -42.46 4.04 31.92
N ARG B 334 -42.05 4.60 30.79
CA ARG B 334 -41.93 3.85 29.54
C ARG B 334 -40.50 3.94 29.04
N ILE B 335 -39.93 2.82 28.65
CA ILE B 335 -38.57 2.74 28.14
C ILE B 335 -38.62 2.54 26.63
N PHE B 336 -37.79 3.30 25.92
CA PHE B 336 -37.73 3.24 24.47
C PHE B 336 -36.29 3.20 24.01
N SER B 337 -36.05 2.46 22.92
CA SER B 337 -34.71 2.34 22.37
C SER B 337 -34.81 1.95 20.91
N ASN B 338 -33.76 2.30 20.15
CA ASN B 338 -33.61 1.99 18.72
C ASN B 338 -34.90 2.28 17.94
N CYS B 339 -35.27 3.55 17.93
CA CYS B 339 -36.42 4.04 17.15
C CYS B 339 -35.95 5.14 16.20
N ASN B 340 -36.92 5.72 15.48
CA ASN B 340 -36.66 6.82 14.55
C ASN B 340 -37.75 7.86 14.78
N PHE B 341 -37.40 8.95 15.46
CA PHE B 341 -38.35 9.98 15.83
C PHE B 341 -37.93 11.33 15.27
N ASN B 342 -38.91 12.20 15.07
CA ASN B 342 -38.71 13.56 14.60
C ASN B 342 -39.36 14.52 15.58
N LEU B 343 -38.57 15.48 16.09
CA LEU B 343 -39.10 16.41 17.08
C LEU B 343 -40.15 17.34 16.49
N SER B 344 -40.06 17.64 15.19
CA SER B 344 -41.02 18.53 14.57
C SER B 344 -42.43 17.93 14.58
N THR B 345 -42.55 16.68 14.12
CA THR B 345 -43.85 16.03 14.12
C THR B 345 -44.38 15.83 15.54
N LEU B 346 -43.47 15.55 16.48
CA LEU B 346 -43.89 15.37 17.87
C LEU B 346 -44.44 16.65 18.46
N LEU B 347 -43.79 17.78 18.20
CA LEU B 347 -44.28 19.06 18.68
C LEU B 347 -45.51 19.54 17.93
N ARG B 348 -45.70 19.10 16.68
CA ARG B 348 -46.84 19.54 15.90
C ARG B 348 -48.11 18.76 16.26
N LEU B 349 -47.98 17.44 16.43
CA LEU B 349 -49.15 16.61 16.72
C LEU B 349 -49.61 16.72 18.18
N VAL B 350 -48.83 17.37 19.03
CA VAL B 350 -49.18 17.54 20.44
C VAL B 350 -49.33 19.03 20.72
N HIS B 351 -50.36 19.39 21.50
CA HIS B 351 -50.61 20.78 21.85
C HIS B 351 -49.58 21.21 22.90
N VAL B 352 -48.37 21.48 22.42
CA VAL B 352 -47.27 21.83 23.31
C VAL B 352 -47.46 23.23 23.86
N ASP B 353 -47.41 23.35 25.18
CA ASP B 353 -47.51 24.64 25.86
C ASP B 353 -46.16 25.16 26.33
N SER B 354 -45.30 24.29 26.86
CA SER B 354 -43.98 24.71 27.32
C SER B 354 -43.03 23.53 27.24
N PHE B 355 -41.75 23.82 27.01
CA PHE B 355 -40.74 22.79 26.91
C PHE B 355 -39.38 23.38 27.27
N SER B 356 -38.64 22.69 28.13
CA SER B 356 -37.33 23.17 28.54
C SER B 356 -36.48 21.99 29.00
N CYS B 357 -35.26 21.89 28.48
CA CYS B 357 -34.37 20.78 28.80
C CYS B 357 -33.19 21.30 29.62
N ASN B 358 -32.96 20.67 30.78
CA ASN B 358 -31.87 21.05 31.67
C ASN B 358 -30.67 20.14 31.42
N ASN B 359 -29.48 20.74 31.45
CA ASN B 359 -28.20 20.07 31.16
C ASN B 359 -28.15 19.53 29.74
N LEU B 360 -28.97 20.07 28.84
CA LEU B 360 -29.00 19.63 27.46
C LEU B 360 -29.65 20.72 26.62
N ASP B 361 -29.00 21.10 25.54
CA ASP B 361 -29.50 22.16 24.66
C ASP B 361 -30.31 21.55 23.51
N LYS B 362 -31.32 22.29 23.06
CA LYS B 362 -32.17 21.83 21.97
C LYS B 362 -31.48 21.90 20.61
N SER B 363 -30.33 22.58 20.52
CA SER B 363 -29.64 22.68 19.24
C SER B 363 -28.96 21.38 18.85
N LYS B 364 -28.34 20.71 19.82
CA LYS B 364 -27.63 19.46 19.55
C LYS B 364 -28.56 18.27 19.34
N ILE B 365 -29.86 18.43 19.56
CA ILE B 365 -30.79 17.33 19.37
C ILE B 365 -30.92 16.98 17.88
N PHE B 366 -30.71 17.96 17.01
CA PHE B 366 -30.85 17.76 15.57
C PHE B 366 -29.70 16.90 15.07
N GLY B 367 -29.96 15.61 14.86
CA GLY B 367 -28.97 14.71 14.31
C GLY B 367 -28.09 14.01 15.31
N SER B 368 -28.57 13.81 16.54
CA SER B 368 -27.80 13.12 17.57
C SER B 368 -28.34 11.72 17.79
N CYS B 369 -27.59 10.94 18.58
CA CYS B 369 -27.96 9.57 18.90
C CYS B 369 -27.92 9.38 20.42
N PHE B 370 -28.78 8.50 20.91
CA PHE B 370 -28.87 8.18 22.33
C PHE B 370 -28.90 6.67 22.51
N ASN B 371 -28.80 6.24 23.76
CA ASN B 371 -28.86 4.82 24.08
C ASN B 371 -30.26 4.37 24.50
N SER B 372 -30.92 5.15 25.35
CA SER B 372 -32.27 4.80 25.78
C SER B 372 -33.00 6.08 26.20
N ILE B 373 -34.33 6.00 26.19
CA ILE B 373 -35.18 7.13 26.54
C ILE B 373 -36.20 6.65 27.57
N THR B 374 -36.22 7.29 28.74
CA THR B 374 -37.21 7.00 29.77
C THR B 374 -38.21 8.16 29.80
N VAL B 375 -39.49 7.84 29.63
CA VAL B 375 -40.55 8.82 29.54
C VAL B 375 -41.50 8.62 30.71
N ASP B 376 -41.73 9.70 31.48
CA ASP B 376 -42.72 9.72 32.54
C ASP B 376 -43.73 10.81 32.22
N LYS B 377 -44.97 10.61 32.68
CA LYS B 377 -46.01 11.60 32.42
C LYS B 377 -47.09 11.50 33.49
N PHE B 378 -47.67 12.64 33.83
CA PHE B 378 -48.80 12.69 34.76
C PHE B 378 -49.45 14.06 34.68
N ALA B 379 -50.73 14.11 35.04
CA ALA B 379 -51.48 15.36 34.98
C ALA B 379 -50.97 16.35 36.02
N ILE B 380 -51.25 17.61 35.78
CA ILE B 380 -50.78 18.71 36.64
C ILE B 380 -51.95 19.18 37.49
N PRO B 381 -51.88 19.06 38.81
CA PRO B 381 -52.93 19.63 39.66
C PRO B 381 -52.93 21.15 39.60
N ASN B 382 -54.13 21.72 39.72
CA ASN B 382 -54.31 23.16 39.63
C ASN B 382 -53.93 23.90 40.90
N ARG B 383 -53.25 23.24 41.83
CA ARG B 383 -52.84 23.86 43.09
C ARG B 383 -51.34 23.94 43.28
N ARG B 384 -50.57 23.04 42.67
CA ARG B 384 -49.13 22.99 42.90
C ARG B 384 -48.35 23.27 41.63
N ARG B 385 -48.76 24.30 40.88
CA ARG B 385 -48.04 24.66 39.66
C ARG B 385 -46.60 25.07 39.95
N ASP B 386 -46.33 25.58 41.15
CA ASP B 386 -44.98 26.02 41.49
C ASP B 386 -44.07 24.89 41.94
N ASP B 387 -44.61 23.69 42.17
CA ASP B 387 -43.79 22.56 42.60
C ASP B 387 -43.01 21.94 41.45
N LEU B 388 -43.49 22.09 40.22
CA LEU B 388 -42.82 21.50 39.06
C LEU B 388 -41.56 22.24 38.64
N GLN B 389 -41.12 23.23 39.41
CA GLN B 389 -39.91 23.95 39.09
C GLN B 389 -38.68 23.11 39.44
N LEU B 390 -37.53 23.53 38.91
CA LEU B 390 -36.28 22.82 39.15
C LEU B 390 -35.77 23.07 40.57
N GLY B 391 -36.11 22.18 41.48
CA GLY B 391 -35.67 22.31 42.87
C GLY B 391 -36.73 22.86 43.78
N SER B 392 -37.37 21.97 44.55
CA SER B 392 -38.42 22.37 45.48
C SER B 392 -38.66 21.23 46.47
N SER B 393 -38.68 21.55 47.75
CA SER B 393 -38.93 20.56 48.80
C SER B 393 -40.42 20.49 49.15
N GLY B 394 -41.25 20.28 48.13
CA GLY B 394 -42.68 20.20 48.31
C GLY B 394 -43.16 18.79 48.58
N PHE B 395 -44.48 18.64 48.58
CA PHE B 395 -45.08 17.33 48.83
C PHE B 395 -44.96 16.40 47.62
N LEU B 396 -44.97 16.96 46.41
CA LEU B 396 -44.86 16.13 45.22
C LEU B 396 -43.48 15.49 45.11
N GLN B 397 -42.43 16.26 45.43
CA GLN B 397 -41.07 15.73 45.36
C GLN B 397 -40.76 14.77 46.49
N SER B 398 -41.61 14.68 47.51
CA SER B 398 -41.36 13.80 48.64
C SER B 398 -42.30 12.60 48.71
N SER B 399 -43.45 12.65 48.05
CA SER B 399 -44.40 11.55 48.13
C SER B 399 -44.82 11.05 46.74
N ASN B 400 -44.88 11.96 45.77
CA ASN B 400 -45.39 11.61 44.44
C ASN B 400 -44.28 11.19 43.49
N TYR B 401 -43.33 12.08 43.22
CA TYR B 401 -42.25 11.80 42.28
C TYR B 401 -41.16 12.85 42.44
N LYS B 402 -39.91 12.40 42.34
CA LYS B 402 -38.75 13.27 42.45
C LYS B 402 -38.06 13.36 41.10
N ILE B 403 -37.66 14.58 40.72
CA ILE B 403 -37.00 14.84 39.45
C ILE B 403 -35.52 15.04 39.70
N ASP B 404 -34.69 14.32 38.94
CA ASP B 404 -33.24 14.45 39.08
C ASP B 404 -32.75 15.75 38.44
N ILE B 405 -31.72 16.33 39.05
CA ILE B 405 -31.19 17.60 38.59
C ILE B 405 -29.78 17.45 37.99
N SER B 406 -29.02 16.43 38.39
CA SER B 406 -27.65 16.27 37.94
C SER B 406 -27.55 15.47 36.64
N SER B 407 -28.59 15.44 35.82
CA SER B 407 -28.57 14.72 34.56
C SER B 407 -29.32 15.53 33.50
N SER B 408 -28.96 15.29 32.25
CA SER B 408 -29.59 15.97 31.12
C SER B 408 -30.99 15.41 30.93
N SER B 409 -32.01 16.22 31.20
CA SER B 409 -33.39 15.76 31.11
C SER B 409 -34.28 16.90 30.68
N CYS B 410 -35.27 16.59 29.84
CA CYS B 410 -36.19 17.59 29.33
C CYS B 410 -37.54 17.48 30.03
N GLN B 411 -38.19 18.63 30.20
CA GLN B 411 -39.49 18.72 30.84
C GLN B 411 -40.46 19.39 29.87
N LEU B 412 -41.63 18.77 29.70
CA LEU B 412 -42.65 19.24 28.77
C LEU B 412 -43.96 19.43 29.51
N TYR B 413 -44.67 20.50 29.18
CA TYR B 413 -46.00 20.77 29.73
C TYR B 413 -46.94 20.98 28.55
N TYR B 414 -47.92 20.10 28.41
CA TYR B 414 -48.85 20.17 27.28
C TYR B 414 -50.28 20.05 27.79
N SER B 415 -51.23 20.15 26.86
CA SER B 415 -52.64 20.08 27.17
C SER B 415 -53.32 19.04 26.29
N LEU B 416 -54.42 18.47 26.81
CA LEU B 416 -55.18 17.44 26.13
C LEU B 416 -56.66 17.77 26.23
N PRO B 417 -57.42 17.58 25.15
CA PRO B 417 -58.86 17.84 25.21
C PRO B 417 -59.56 16.93 26.21
N LEU B 418 -60.64 17.46 26.79
CA LEU B 418 -61.40 16.73 27.80
C LEU B 418 -62.31 15.66 27.20
N VAL B 419 -62.38 15.55 25.88
CA VAL B 419 -63.22 14.56 25.23
C VAL B 419 -62.45 13.26 25.08
N ASN B 420 -63.08 12.15 25.48
CA ASN B 420 -62.50 10.81 25.38
C ASN B 420 -61.17 10.72 26.13
N VAL B 421 -61.22 11.07 27.42
CA VAL B 421 -60.05 11.02 28.28
C VAL B 421 -60.50 10.59 29.67
N THR B 422 -59.64 9.83 30.34
CA THR B 422 -59.90 9.36 31.70
C THR B 422 -58.60 9.36 32.49
N ILE B 423 -58.74 9.38 33.81
CA ILE B 423 -57.60 9.40 34.73
C ILE B 423 -57.64 8.12 35.55
N ASN B 424 -56.53 7.39 35.57
CA ASN B 424 -56.43 6.12 36.29
C ASN B 424 -55.81 6.41 37.66
N ASN B 425 -56.67 6.48 38.68
CA ASN B 425 -56.23 6.71 40.06
C ASN B 425 -56.09 5.36 40.74
N PHE B 426 -54.85 4.96 40.99
CA PHE B 426 -54.55 3.68 41.65
C PHE B 426 -53.45 3.88 42.67
N ASN B 427 -53.57 3.17 43.80
CA ASN B 427 -52.57 3.24 44.85
C ASN B 427 -51.64 2.04 44.73
N PRO B 428 -50.36 2.23 44.41
CA PRO B 428 -49.44 1.09 44.27
C PRO B 428 -48.95 0.51 45.59
N SER B 429 -49.54 0.89 46.71
CA SER B 429 -49.12 0.38 48.02
C SER B 429 -49.70 -1.01 48.22
N SER B 430 -48.83 -1.99 48.47
CA SER B 430 -49.29 -3.36 48.67
C SER B 430 -49.77 -3.59 50.10
N TRP B 431 -49.03 -3.08 51.10
CA TRP B 431 -49.41 -3.29 52.48
C TRP B 431 -50.66 -2.51 52.87
N ASN B 432 -50.96 -1.41 52.17
CA ASN B 432 -52.20 -0.70 52.44
C ASN B 432 -53.41 -1.48 51.94
N ARG B 433 -53.30 -2.05 50.74
CA ARG B 433 -54.39 -2.86 50.19
C ARG B 433 -54.45 -4.26 50.79
N ARG B 434 -53.41 -4.68 51.51
CA ARG B 434 -53.44 -6.00 52.14
C ARG B 434 -54.52 -6.10 53.21
N TYR B 435 -54.77 -5.02 53.94
CA TYR B 435 -55.74 -5.01 55.02
C TYR B 435 -57.14 -4.59 54.56
N GLY B 436 -57.42 -4.66 53.26
CA GLY B 436 -58.75 -4.38 52.76
C GLY B 436 -58.98 -2.94 52.36
N PHE B 437 -58.11 -2.39 51.51
CA PHE B 437 -58.29 -1.04 50.99
C PHE B 437 -59.04 -1.11 49.66
N GLY B 438 -60.07 -0.28 49.54
CA GLY B 438 -60.88 -0.28 48.34
C GLY B 438 -60.40 0.70 47.28
N SER B 439 -61.27 1.62 46.87
CA SER B 439 -60.95 2.61 45.86
C SER B 439 -61.07 4.02 46.44
N PHE B 440 -60.61 4.99 45.68
CA PHE B 440 -60.67 6.38 46.13
C PHE B 440 -62.10 6.89 46.13
N ASN B 441 -62.89 6.49 45.13
CA ASN B 441 -64.30 6.87 45.01
C ASN B 441 -64.45 8.40 44.98
N LEU B 442 -63.86 9.00 43.95
CA LEU B 442 -63.89 10.44 43.74
C LEU B 442 -64.47 10.75 42.37
N SER B 443 -64.77 12.03 42.16
CA SER B 443 -65.34 12.47 40.89
C SER B 443 -64.29 12.41 39.78
N SER B 444 -64.78 12.48 38.55
CA SER B 444 -63.90 12.43 37.38
C SER B 444 -63.13 13.75 37.23
N TYR B 445 -62.10 13.70 36.40
CA TYR B 445 -61.25 14.85 36.10
C TYR B 445 -60.61 15.43 37.36
N ASP B 446 -60.34 14.57 38.35
CA ASP B 446 -59.72 14.97 39.60
C ASP B 446 -58.52 14.08 39.86
N VAL B 447 -57.36 14.71 40.07
CA VAL B 447 -56.12 13.99 40.35
C VAL B 447 -55.88 14.01 41.86
N VAL B 448 -55.26 12.93 42.35
CA VAL B 448 -54.97 12.75 43.76
C VAL B 448 -53.48 12.90 43.98
N TYR B 449 -53.11 13.71 44.98
CA TYR B 449 -51.71 13.93 45.34
C TYR B 449 -51.55 13.76 46.84
N SER B 450 -50.43 13.18 47.23
CA SER B 450 -50.13 12.94 48.64
C SER B 450 -49.32 14.08 49.22
N ASP B 451 -49.51 14.33 50.52
CA ASP B 451 -48.79 15.37 51.23
C ASP B 451 -47.70 14.83 52.14
N HIS B 452 -47.75 13.55 52.50
CA HIS B 452 -46.74 12.95 53.36
C HIS B 452 -46.67 11.46 53.04
N CYS B 453 -45.47 10.97 52.78
CA CYS B 453 -45.24 9.56 52.44
C CYS B 453 -44.74 8.82 53.67
N PHE B 454 -45.41 7.72 54.00
CA PHE B 454 -45.05 6.89 55.14
C PHE B 454 -44.53 5.55 54.67
N SER B 455 -43.82 4.86 55.56
CA SER B 455 -43.26 3.55 55.27
C SER B 455 -43.24 2.72 56.54
N VAL B 456 -43.43 1.41 56.37
CA VAL B 456 -43.42 0.46 57.47
C VAL B 456 -42.53 -0.72 57.08
N ASN B 457 -42.28 -1.59 58.05
CA ASN B 457 -41.49 -2.79 57.82
C ASN B 457 -42.41 -3.97 57.47
N SER B 458 -41.79 -5.13 57.23
CA SER B 458 -42.58 -6.32 56.93
C SER B 458 -43.38 -6.78 58.13
N ASP B 459 -42.83 -6.63 59.33
CA ASP B 459 -43.52 -6.99 60.57
C ASP B 459 -44.30 -5.77 61.06
N PHE B 460 -45.50 -5.61 60.51
CA PHE B 460 -46.35 -4.48 60.84
C PHE B 460 -47.81 -4.88 60.69
N CYS B 461 -48.61 -4.56 61.69
CA CYS B 461 -50.04 -4.92 61.68
C CYS B 461 -50.83 -3.90 62.50
N PRO B 462 -51.62 -3.04 61.84
CA PRO B 462 -52.45 -2.09 62.60
C PRO B 462 -53.59 -2.80 63.31
N CYS B 463 -53.26 -3.65 64.28
CA CYS B 463 -54.26 -4.49 64.94
C CYS B 463 -53.68 -4.98 66.26
N ALA B 464 -54.45 -4.87 67.33
CA ALA B 464 -54.00 -5.26 68.65
C ALA B 464 -54.45 -6.68 68.98
N ASP B 465 -53.75 -7.30 69.94
CA ASP B 465 -54.09 -8.63 70.43
C ASP B 465 -55.31 -8.53 71.32
N PRO B 466 -56.45 -9.09 70.91
CA PRO B 466 -57.68 -8.93 71.71
C PRO B 466 -57.61 -9.55 73.09
N SER B 467 -56.65 -10.44 73.34
CA SER B 467 -56.52 -11.05 74.67
C SER B 467 -55.95 -10.08 75.69
N VAL B 468 -55.38 -8.96 75.25
CA VAL B 468 -54.77 -7.99 76.15
C VAL B 468 -55.71 -6.81 76.35
N VAL B 469 -56.50 -6.50 75.32
CA VAL B 469 -57.41 -5.37 75.38
C VAL B 469 -58.58 -5.60 76.33
N ASN B 470 -58.80 -6.85 76.77
CA ASN B 470 -59.90 -7.12 77.69
C ASN B 470 -59.71 -6.39 79.01
N SER B 471 -58.47 -6.24 79.46
CA SER B 471 -58.18 -5.54 80.71
C SER B 471 -57.84 -4.08 80.44
N CYS B 472 -58.78 -3.39 79.79
CA CYS B 472 -58.64 -1.99 79.44
C CYS B 472 -59.97 -1.29 79.62
N ALA B 473 -59.96 -0.12 80.23
CA ALA B 473 -61.17 0.65 80.49
C ALA B 473 -61.15 2.03 79.84
N LYS B 474 -60.02 2.72 79.88
CA LYS B 474 -59.90 4.06 79.31
C LYS B 474 -59.12 3.98 78.00
N SER B 475 -59.65 4.61 76.95
CA SER B 475 -59.04 4.62 75.62
C SER B 475 -58.79 3.19 75.12
N LYS B 476 -59.88 2.42 75.10
CA LYS B 476 -59.83 1.03 74.65
C LYS B 476 -59.88 0.96 73.13
N PRO B 477 -58.79 0.53 72.48
CA PRO B 477 -58.78 0.47 71.02
C PRO B 477 -59.41 -0.83 70.53
N PRO B 478 -60.01 -0.82 69.34
CA PRO B 478 -60.55 -2.05 68.78
C PRO B 478 -59.44 -3.01 68.36
N SER B 479 -59.72 -4.29 68.51
CA SER B 479 -58.74 -5.34 68.23
C SER B 479 -59.38 -6.46 67.43
N ALA B 480 -58.55 -7.17 66.69
CA ALA B 480 -58.99 -8.31 65.89
C ALA B 480 -57.79 -9.23 65.67
N ILE B 481 -58.02 -10.33 64.96
CA ILE B 481 -56.99 -11.34 64.73
C ILE B 481 -56.11 -10.88 63.55
N CYS B 482 -54.85 -10.57 63.85
CA CYS B 482 -53.91 -10.20 62.79
C CYS B 482 -53.35 -11.46 62.13
N PRO B 483 -53.20 -11.46 60.81
CA PRO B 483 -52.62 -12.62 60.13
C PRO B 483 -51.21 -12.91 60.61
N ALA B 484 -50.78 -14.15 60.42
CA ALA B 484 -49.47 -14.59 60.88
C ALA B 484 -48.36 -13.85 60.14
N GLY B 485 -47.21 -13.74 60.79
CA GLY B 485 -46.05 -13.06 60.23
C GLY B 485 -45.90 -11.61 60.65
N THR B 486 -46.94 -11.01 61.23
CA THR B 486 -46.89 -9.62 61.67
C THR B 486 -47.32 -9.55 63.12
N LYS B 487 -46.50 -8.91 63.96
CA LYS B 487 -46.82 -8.77 65.37
C LYS B 487 -48.00 -7.83 65.57
N TYR B 488 -48.69 -8.01 66.70
CA TYR B 488 -49.85 -7.20 67.01
C TYR B 488 -49.42 -5.79 67.42
N ARG B 489 -50.42 -4.94 67.64
CA ARG B 489 -50.16 -3.56 68.04
C ARG B 489 -49.60 -3.52 69.47
N HIS B 490 -48.59 -2.68 69.67
CA HIS B 490 -47.92 -2.57 70.96
C HIS B 490 -48.77 -1.69 71.89
N CYS B 491 -49.29 -2.29 72.95
CA CYS B 491 -50.09 -1.57 73.94
C CYS B 491 -49.68 -2.02 75.33
N ASP B 492 -49.60 -1.08 76.26
CA ASP B 492 -49.21 -1.35 77.64
C ASP B 492 -50.23 -0.76 78.60
N LEU B 493 -50.57 -1.51 79.64
CA LEU B 493 -51.48 -1.03 80.67
C LEU B 493 -50.67 -0.43 81.82
N ASP B 494 -50.91 0.84 82.12
CA ASP B 494 -50.17 1.56 83.14
C ASP B 494 -51.13 2.34 84.03
N THR B 495 -50.77 2.46 85.30
CA THR B 495 -51.55 3.18 86.29
C THR B 495 -50.87 4.51 86.60
N THR B 496 -51.63 5.60 86.57
CA THR B 496 -51.07 6.92 86.82
C THR B 496 -51.21 7.32 88.29
N LEU B 497 -52.44 7.50 88.77
CA LEU B 497 -52.65 7.78 90.19
C LEU B 497 -53.64 6.80 90.81
N TYR B 498 -54.74 6.51 90.12
CA TYR B 498 -55.74 5.60 90.65
C TYR B 498 -56.41 4.74 89.58
N VAL B 499 -56.03 4.84 88.32
CA VAL B 499 -56.68 4.11 87.23
C VAL B 499 -55.90 2.84 86.96
N LYS B 500 -56.53 1.69 87.25
CA LYS B 500 -55.85 0.41 87.05
C LYS B 500 -55.88 -0.02 85.59
N ASN B 501 -57.04 0.08 84.95
CA ASN B 501 -57.20 -0.35 83.56
C ASN B 501 -57.09 0.87 82.66
N TRP B 502 -55.85 1.27 82.38
CA TRP B 502 -55.55 2.39 81.48
C TRP B 502 -54.49 1.91 80.49
N CYS B 503 -54.92 1.56 79.29
CA CYS B 503 -54.05 1.00 78.26
C CYS B 503 -53.70 2.07 77.24
N ARG B 504 -52.40 2.28 77.03
CA ARG B 504 -51.90 3.21 76.04
C ARG B 504 -51.14 2.46 74.96
N CYS B 505 -51.35 2.85 73.71
CA CYS B 505 -50.73 2.20 72.57
C CYS B 505 -49.81 3.21 71.85
N SER B 506 -49.28 2.80 70.71
CA SER B 506 -48.39 3.63 69.91
C SER B 506 -49.17 4.29 68.77
N CYS B 507 -48.49 5.23 68.11
CA CYS B 507 -49.06 6.00 67.00
C CYS B 507 -50.30 6.78 67.44
N LEU B 508 -50.09 7.64 68.43
CA LEU B 508 -51.15 8.47 68.98
C LEU B 508 -50.82 9.95 68.80
N PRO B 509 -51.78 10.78 68.36
CA PRO B 509 -53.13 10.35 67.95
C PRO B 509 -53.16 9.78 66.54
N ASP B 510 -52.36 10.36 65.65
CA ASP B 510 -52.27 9.93 64.26
C ASP B 510 -50.81 9.92 63.84
N PRO B 511 -50.44 9.09 62.86
CA PRO B 511 -49.04 9.04 62.43
C PRO B 511 -48.56 10.33 61.78
N ILE B 512 -49.47 11.19 61.32
CA ILE B 512 -49.04 12.46 60.72
C ILE B 512 -48.48 13.39 61.79
N SER B 513 -49.21 13.58 62.89
CA SER B 513 -48.79 14.43 64.00
C SER B 513 -48.85 13.60 65.27
N THR B 514 -47.77 12.89 65.57
CA THR B 514 -47.69 12.05 66.75
C THR B 514 -46.71 12.65 67.75
N TYR B 515 -46.95 12.36 69.04
CA TYR B 515 -46.08 12.89 70.09
C TYR B 515 -44.79 12.09 70.24
N SER B 516 -44.76 10.84 69.78
CA SER B 516 -43.57 10.00 69.88
C SER B 516 -43.42 9.22 68.58
N PRO B 517 -42.78 9.81 67.57
CA PRO B 517 -42.59 9.08 66.30
C PRO B 517 -41.68 7.86 66.42
N ASN B 518 -40.81 7.82 67.45
CA ASN B 518 -39.92 6.67 67.60
C ASN B 518 -40.69 5.43 68.01
N THR B 519 -41.72 5.58 68.84
CA THR B 519 -42.51 4.44 69.28
C THR B 519 -43.48 3.93 68.22
N CYS B 520 -43.77 4.75 67.19
CA CYS B 520 -44.66 4.33 66.13
C CYS B 520 -43.86 3.72 64.98
N PRO B 521 -44.20 2.52 64.51
CA PRO B 521 -43.42 1.92 63.42
C PRO B 521 -43.54 2.66 62.10
N GLN B 522 -44.64 3.37 61.86
CA GLN B 522 -44.79 4.13 60.63
C GLN B 522 -43.83 5.31 60.64
N LYS B 523 -42.91 5.34 59.67
CA LYS B 523 -41.89 6.37 59.61
C LYS B 523 -42.07 7.19 58.33
N LYS B 524 -41.97 8.51 58.47
CA LYS B 524 -42.06 9.40 57.30
C LYS B 524 -40.80 9.29 56.46
N VAL B 525 -40.98 9.01 55.17
CA VAL B 525 -39.86 8.84 54.25
C VAL B 525 -40.08 9.75 53.05
N VAL B 526 -38.99 9.97 52.32
CA VAL B 526 -38.99 10.81 51.12
C VAL B 526 -38.63 9.93 49.93
N VAL B 527 -39.42 10.03 48.85
CA VAL B 527 -39.17 9.24 47.67
C VAL B 527 -37.87 9.67 47.00
N GLY B 528 -37.21 8.71 46.36
CA GLY B 528 -35.96 8.96 45.68
C GLY B 528 -36.13 9.16 44.18
N ILE B 529 -35.01 9.07 43.47
CA ILE B 529 -35.03 9.22 42.01
C ILE B 529 -35.65 7.96 41.41
N GLY B 530 -36.89 8.08 40.93
CA GLY B 530 -37.58 6.96 40.34
C GLY B 530 -37.95 5.89 41.34
N GLU B 531 -38.53 6.29 42.47
CA GLU B 531 -38.94 5.37 43.52
C GLU B 531 -40.35 5.74 43.97
N HIS B 532 -41.23 4.75 44.03
CA HIS B 532 -42.60 4.98 44.46
C HIS B 532 -42.67 5.05 45.99
N CYS B 533 -43.75 5.65 46.48
CA CYS B 533 -43.96 5.73 47.92
C CYS B 533 -44.51 4.39 48.44
N PRO B 534 -43.97 3.90 49.56
CA PRO B 534 -44.47 2.62 50.09
C PRO B 534 -45.94 2.66 50.48
N GLY B 535 -46.47 3.81 50.84
CA GLY B 535 -47.87 3.91 51.20
C GLY B 535 -48.14 5.14 52.04
N LEU B 536 -49.42 5.34 52.33
CA LEU B 536 -49.89 6.48 53.10
C LEU B 536 -50.02 6.07 54.58
N GLY B 537 -50.58 6.97 55.38
CA GLY B 537 -50.79 6.71 56.79
C GLY B 537 -52.12 6.05 57.06
N ILE B 538 -52.12 5.16 58.05
CA ILE B 538 -53.32 4.42 58.45
C ILE B 538 -53.58 4.71 59.92
N ASN B 539 -54.78 5.19 60.23
CA ASN B 539 -55.17 5.47 61.61
C ASN B 539 -55.49 4.15 62.30
N GLU B 540 -54.66 3.78 63.28
CA GLU B 540 -54.84 2.52 64.00
C GLU B 540 -56.06 2.53 64.92
N GLU B 541 -56.62 3.71 65.21
CA GLU B 541 -57.79 3.79 66.09
C GLU B 541 -59.08 3.38 65.41
N LYS B 542 -59.10 3.31 64.08
CA LYS B 542 -60.28 2.94 63.33
C LYS B 542 -60.14 1.59 62.63
N CYS B 543 -59.13 0.81 63.00
CA CYS B 543 -58.91 -0.51 62.40
C CYS B 543 -59.66 -1.57 63.22
N GLY B 544 -59.40 -2.84 62.92
CA GLY B 544 -60.03 -3.94 63.62
C GLY B 544 -61.46 -4.17 63.18
N SER B 550 -63.89 -11.09 63.38
CA SER B 550 -63.47 -11.15 61.99
C SER B 550 -62.02 -10.69 61.84
N SER B 551 -61.55 -10.61 60.60
CA SER B 551 -60.19 -10.18 60.34
C SER B 551 -60.04 -8.67 60.57
N CYS B 552 -58.79 -8.24 60.69
CA CYS B 552 -58.49 -6.83 60.91
C CYS B 552 -58.80 -6.05 59.64
N PHE B 553 -59.89 -5.29 59.65
CA PHE B 553 -60.33 -4.51 58.51
C PHE B 553 -60.40 -3.04 58.93
N CYS B 554 -59.44 -2.25 58.47
CA CYS B 554 -59.41 -0.83 58.81
C CYS B 554 -60.52 -0.09 58.08
N SER B 555 -60.98 0.99 58.70
CA SER B 555 -62.03 1.80 58.08
C SER B 555 -61.47 2.54 56.87
N PRO B 556 -62.26 2.69 55.80
CA PRO B 556 -61.77 3.41 54.61
C PRO B 556 -61.50 4.89 54.88
N ASP B 557 -62.12 5.47 55.89
CA ASP B 557 -61.91 6.87 56.24
C ASP B 557 -60.70 7.07 57.16
N ALA B 558 -60.02 5.99 57.55
CA ALA B 558 -58.88 6.09 58.44
C ALA B 558 -57.58 6.40 57.69
N PHE B 559 -57.61 6.46 56.36
CA PHE B 559 -56.43 6.75 55.56
C PHE B 559 -56.28 8.26 55.42
N LEU B 560 -55.14 8.79 55.85
CA LEU B 560 -54.87 10.22 55.80
C LEU B 560 -53.56 10.46 55.06
N GLY B 561 -53.40 11.71 54.61
CA GLY B 561 -52.22 12.09 53.86
C GLY B 561 -52.42 12.25 52.38
N TRP B 562 -53.64 12.49 51.92
CA TRP B 562 -53.95 12.62 50.50
C TRP B 562 -54.84 13.84 50.29
N SER B 563 -54.97 14.24 49.02
CA SER B 563 -55.86 15.32 48.64
C SER B 563 -56.21 15.15 47.17
N PHE B 564 -57.34 15.73 46.78
CA PHE B 564 -57.82 15.68 45.42
C PHE B 564 -58.00 17.09 44.87
N ASP B 565 -57.76 17.24 43.57
CA ASP B 565 -57.86 18.55 42.94
C ASP B 565 -58.17 18.38 41.46
N SER B 566 -59.02 19.27 40.94
CA SER B 566 -59.37 19.22 39.53
C SER B 566 -58.18 19.64 38.67
N CYS B 567 -58.20 19.20 37.42
CA CYS B 567 -57.13 19.51 36.47
C CYS B 567 -57.69 20.06 35.16
N ILE B 568 -58.81 20.78 35.25
CA ILE B 568 -59.46 21.36 34.09
C ILE B 568 -59.03 22.82 33.96
N SER B 569 -58.49 23.18 32.80
CA SER B 569 -58.05 24.54 32.53
C SER B 569 -58.31 24.85 31.06
N ASN B 570 -59.17 25.85 30.81
CA ASN B 570 -59.56 26.23 29.46
C ASN B 570 -60.14 25.03 28.70
N ASN B 571 -61.02 24.29 29.37
CA ASN B 571 -61.66 23.09 28.82
C ASN B 571 -60.65 22.03 28.39
N ARG B 572 -59.45 22.05 28.97
CA ARG B 572 -58.41 21.08 28.65
C ARG B 572 -57.69 20.68 29.93
N CYS B 573 -57.06 19.51 29.89
CA CYS B 573 -56.31 19.00 31.02
C CYS B 573 -54.82 19.15 30.76
N ASN B 574 -54.10 19.69 31.75
CA ASN B 574 -52.67 19.90 31.63
C ASN B 574 -51.92 18.68 32.12
N ILE B 575 -50.89 18.28 31.36
CA ILE B 575 -50.08 17.11 31.68
C ILE B 575 -48.61 17.50 31.57
N PHE B 576 -47.83 17.13 32.57
CA PHE B 576 -46.38 17.30 32.57
C PHE B 576 -45.70 15.96 32.31
N SER B 577 -44.68 15.99 31.45
CA SER B 577 -43.91 14.82 31.08
C SER B 577 -42.42 15.12 31.26
N ASN B 578 -41.66 14.07 31.57
CA ASN B 578 -40.23 14.15 31.77
C ASN B 578 -39.55 13.11 30.88
N PHE B 579 -38.58 13.56 30.09
CA PHE B 579 -37.83 12.71 29.18
C PHE B 579 -36.38 12.68 29.64
N ILE B 580 -35.88 11.48 29.94
CA ILE B 580 -34.48 11.29 30.33
C ILE B 580 -33.79 10.49 29.23
N PHE B 581 -32.76 11.07 28.65
CA PHE B 581 -32.03 10.47 27.54
C PHE B 581 -30.72 9.89 28.07
N ASN B 582 -30.70 8.59 28.33
CA ASN B 582 -29.50 7.93 28.79
C ASN B 582 -28.61 7.60 27.59
N GLY B 583 -27.34 7.98 27.68
CA GLY B 583 -26.41 7.81 26.59
C GLY B 583 -26.42 8.98 25.62
N ILE B 584 -25.24 9.42 25.21
CA ILE B 584 -25.09 10.56 24.31
C ILE B 584 -24.03 10.25 23.27
N ASN B 585 -24.32 10.59 22.01
CA ASN B 585 -23.41 10.36 20.89
C ASN B 585 -23.06 8.87 20.74
N SER B 586 -23.97 8.00 21.16
CA SER B 586 -23.75 6.56 21.06
C SER B 586 -25.11 5.88 21.03
N GLY B 587 -25.09 4.55 21.02
CA GLY B 587 -26.31 3.78 21.00
C GLY B 587 -26.89 3.63 19.60
N THR B 588 -28.09 3.06 19.56
CA THR B 588 -28.80 2.83 18.31
C THR B 588 -30.09 3.64 18.20
N THR B 589 -30.28 4.61 19.08
CA THR B 589 -31.47 5.47 19.07
C THR B 589 -31.06 6.85 18.60
N CYS B 590 -31.29 7.12 17.32
CA CYS B 590 -30.94 8.40 16.69
C CYS B 590 -32.22 9.10 16.23
N SER B 591 -32.05 10.21 15.53
CA SER B 591 -33.17 10.97 14.99
C SER B 591 -32.82 11.47 13.61
N ASN B 592 -33.86 11.68 12.79
CA ASN B 592 -33.70 12.15 11.41
C ASN B 592 -33.88 13.66 11.30
N ASP B 593 -33.53 14.41 12.34
CA ASP B 593 -33.68 15.85 12.36
C ASP B 593 -32.54 16.58 11.63
N LEU B 594 -31.73 15.87 10.85
CA LEU B 594 -30.63 16.47 10.12
C LEU B 594 -31.16 17.14 8.86
N LEU B 595 -30.25 17.53 7.96
CA LEU B 595 -30.66 18.17 6.71
C LEU B 595 -31.50 17.23 5.85
N TYR B 596 -31.31 15.91 6.00
CA TYR B 596 -32.09 14.92 5.27
C TYR B 596 -33.47 14.84 5.93
N SER B 597 -34.38 15.70 5.48
CA SER B 597 -35.72 15.80 6.05
C SER B 597 -36.77 15.66 4.94
N ASN B 598 -36.60 14.67 4.08
CA ASN B 598 -37.54 14.36 3.00
C ASN B 598 -37.74 15.58 2.08
N THR B 599 -36.65 15.96 1.41
CA THR B 599 -36.70 17.08 0.49
C THR B 599 -37.60 16.77 -0.70
N GLU B 600 -38.00 17.82 -1.41
CA GLU B 600 -38.89 17.69 -2.55
C GLU B 600 -38.09 17.47 -3.82
N ILE B 601 -38.61 16.60 -4.70
CA ILE B 601 -37.93 16.31 -5.95
C ILE B 601 -38.08 17.49 -6.91
N SER B 602 -37.20 17.55 -7.90
CA SER B 602 -37.22 18.61 -8.89
C SER B 602 -36.74 18.07 -10.22
N THR B 603 -37.28 18.63 -11.30
CA THR B 603 -36.94 18.23 -12.66
C THR B 603 -36.53 19.45 -13.47
N GLY B 604 -35.48 19.30 -14.27
CA GLY B 604 -35.01 20.37 -15.12
C GLY B 604 -33.53 20.65 -15.02
N VAL B 605 -32.97 20.52 -13.82
CA VAL B 605 -31.55 20.77 -13.58
C VAL B 605 -30.97 19.56 -12.88
N CYS B 606 -29.74 19.19 -13.27
CA CYS B 606 -29.08 18.03 -12.69
C CYS B 606 -28.49 18.39 -11.33
N VAL B 607 -28.79 17.57 -10.32
CA VAL B 607 -28.34 17.82 -8.96
C VAL B 607 -27.56 16.61 -8.46
N ASN B 608 -27.08 16.68 -7.23
CA ASN B 608 -26.33 15.57 -6.64
C ASN B 608 -27.27 14.41 -6.31
N TYR B 609 -26.72 13.21 -6.32
CA TYR B 609 -27.49 11.99 -6.09
C TYR B 609 -26.99 11.30 -4.83
N ASP B 610 -27.93 10.91 -3.97
CA ASP B 610 -27.65 10.05 -2.83
C ASP B 610 -28.75 9.01 -2.68
N LEU B 611 -29.20 8.47 -3.80
CA LEU B 611 -30.34 7.55 -3.83
C LEU B 611 -29.86 6.14 -3.51
N TYR B 612 -30.05 5.74 -2.25
CA TYR B 612 -29.76 4.37 -1.80
C TYR B 612 -28.30 3.99 -2.04
N GLY B 613 -27.40 4.86 -1.60
CA GLY B 613 -25.98 4.60 -1.73
C GLY B 613 -25.49 4.67 -3.17
N ILE B 614 -25.88 5.73 -3.88
CA ILE B 614 -25.44 5.93 -5.26
C ILE B 614 -25.27 7.43 -5.49
N THR B 615 -24.20 7.79 -6.19
CA THR B 615 -23.88 9.19 -6.46
C THR B 615 -23.85 9.44 -7.96
N GLY B 616 -24.04 10.71 -8.32
CA GLY B 616 -24.02 11.11 -9.71
C GLY B 616 -24.87 12.34 -9.92
N GLN B 617 -25.00 12.72 -11.18
CA GLN B 617 -25.84 13.85 -11.59
C GLN B 617 -26.62 13.48 -12.83
N GLY B 618 -27.69 14.24 -13.09
CA GLY B 618 -28.50 14.01 -14.27
C GLY B 618 -29.87 14.63 -14.19
N ILE B 619 -30.38 15.08 -15.34
CA ILE B 619 -31.74 15.64 -15.40
C ILE B 619 -32.74 14.54 -15.10
N PHE B 620 -33.76 14.88 -14.32
CA PHE B 620 -34.88 13.98 -14.05
C PHE B 620 -35.98 14.19 -15.07
N LYS B 621 -36.66 13.10 -15.43
CA LYS B 621 -37.81 13.19 -16.32
C LYS B 621 -38.87 12.22 -15.86
N GLU B 622 -40.09 12.71 -15.69
CA GLU B 622 -41.18 11.86 -15.25
C GLU B 622 -41.64 10.94 -16.37
N VAL B 623 -41.75 9.65 -16.08
CA VAL B 623 -42.16 8.65 -17.07
C VAL B 623 -42.98 7.59 -16.37
N SER B 624 -44.08 7.18 -17.01
CA SER B 624 -44.97 6.16 -16.47
C SER B 624 -44.38 4.78 -16.73
N ALA B 625 -43.94 4.10 -15.68
CA ALA B 625 -43.34 2.78 -15.77
C ALA B 625 -44.00 1.85 -14.76
N ALA B 626 -44.16 0.58 -15.15
CA ALA B 626 -44.81 -0.39 -14.29
C ALA B 626 -44.08 -1.72 -14.28
N TYR B 627 -42.75 -1.69 -14.37
CA TYR B 627 -41.94 -2.90 -14.32
C TYR B 627 -41.16 -3.03 -13.01
N TYR B 628 -41.59 -2.32 -11.97
CA TYR B 628 -40.96 -2.39 -10.66
C TYR B 628 -41.69 -3.37 -9.76
N ASN B 629 -41.04 -3.72 -8.65
CA ASN B 629 -41.64 -4.60 -7.66
C ASN B 629 -41.53 -3.99 -6.27
N ASN B 630 -41.86 -4.77 -5.23
CA ASN B 630 -41.80 -4.25 -3.87
C ASN B 630 -40.36 -4.07 -3.42
N TRP B 631 -39.52 -5.08 -3.63
CA TRP B 631 -38.12 -5.04 -3.23
C TRP B 631 -37.24 -4.30 -4.22
N GLN B 632 -37.79 -3.79 -5.31
CA GLN B 632 -37.02 -3.14 -6.36
C GLN B 632 -37.31 -1.65 -6.36
N ASN B 633 -36.25 -0.85 -6.38
CA ASN B 633 -36.38 0.61 -6.37
C ASN B 633 -35.54 1.33 -7.41
N LEU B 634 -34.49 0.71 -7.94
CA LEU B 634 -33.62 1.34 -8.93
C LEU B 634 -33.71 0.61 -10.26
N LEU B 635 -33.15 1.25 -11.29
CA LEU B 635 -33.14 0.71 -12.65
C LEU B 635 -31.77 0.93 -13.24
N TYR B 636 -31.10 -0.16 -13.59
CA TYR B 636 -29.76 -0.11 -14.18
C TYR B 636 -29.82 -0.55 -15.64
N ASP B 637 -28.65 -0.55 -16.28
CA ASP B 637 -28.49 -0.92 -17.67
C ASP B 637 -27.56 -2.14 -17.76
N SER B 638 -27.17 -2.46 -19.00
CA SER B 638 -26.29 -3.61 -19.22
C SER B 638 -24.96 -3.44 -18.51
N ASN B 639 -24.40 -2.24 -18.53
CA ASN B 639 -23.08 -1.97 -17.95
C ASN B 639 -23.14 -0.75 -17.03
N GLY B 640 -23.54 -1.00 -15.77
CA GLY B 640 -23.43 -0.03 -14.69
C GLY B 640 -23.81 1.41 -14.96
N ASN B 641 -25.08 1.67 -15.26
CA ASN B 641 -25.55 3.04 -15.41
C ASN B 641 -26.99 3.12 -14.93
N ILE B 642 -27.27 4.04 -14.02
CA ILE B 642 -28.61 4.24 -13.50
C ILE B 642 -29.44 4.99 -14.53
N ILE B 643 -30.55 4.39 -14.95
CA ILE B 643 -31.40 4.99 -15.97
C ILE B 643 -32.84 5.05 -15.47
N GLY B 644 -33.02 4.91 -14.16
CA GLY B 644 -34.35 4.97 -13.58
C GLY B 644 -34.30 5.04 -12.08
N PHE B 645 -35.43 5.46 -11.49
CA PHE B 645 -35.52 5.62 -10.05
C PHE B 645 -36.98 5.61 -9.64
N LYS B 646 -37.33 4.74 -8.70
CA LYS B 646 -38.68 4.67 -8.16
C LYS B 646 -38.70 5.25 -6.75
N ASP B 647 -39.60 6.20 -6.51
CA ASP B 647 -39.71 6.82 -5.20
C ASP B 647 -40.56 5.96 -4.27
N PHE B 648 -40.11 5.83 -3.03
CA PHE B 648 -40.80 5.02 -2.03
C PHE B 648 -41.69 5.83 -1.10
N LEU B 649 -41.82 7.14 -1.32
CA LEU B 649 -42.67 7.98 -0.51
C LEU B 649 -43.82 8.63 -1.28
N THR B 650 -43.79 8.60 -2.61
CA THR B 650 -44.86 9.17 -3.42
C THR B 650 -45.31 8.26 -4.55
N ASN B 651 -44.65 7.12 -4.75
CA ASN B 651 -45.00 6.15 -5.80
C ASN B 651 -44.97 6.82 -7.18
N LYS B 652 -43.79 7.33 -7.53
CA LYS B 652 -43.55 7.96 -8.82
C LYS B 652 -42.24 7.45 -9.41
N THR B 653 -42.24 7.18 -10.70
CA THR B 653 -41.07 6.66 -11.41
C THR B 653 -40.48 7.74 -12.30
N TYR B 654 -39.18 7.97 -12.17
CA TYR B 654 -38.46 8.94 -12.97
C TYR B 654 -37.31 8.27 -13.70
N THR B 655 -36.84 8.93 -14.75
CA THR B 655 -35.67 8.49 -15.49
C THR B 655 -34.59 9.57 -15.42
N ILE B 656 -33.34 9.13 -15.48
CA ILE B 656 -32.18 9.99 -15.27
C ILE B 656 -31.42 10.11 -16.59
N LEU B 657 -31.05 11.34 -16.94
CA LEU B 657 -30.23 11.64 -18.09
C LEU B 657 -28.97 12.38 -17.66
N PRO B 658 -27.93 12.39 -18.49
CA PRO B 658 -26.76 13.21 -18.17
C PRO B 658 -26.88 14.61 -18.75
N CYS B 659 -26.52 15.60 -17.94
CA CYS B 659 -26.60 16.99 -18.38
C CYS B 659 -25.33 17.38 -19.16
N TYR B 660 -25.41 18.52 -19.82
CA TYR B 660 -24.38 18.90 -20.78
C TYR B 660 -23.06 19.23 -20.09
N SER B 661 -21.97 18.74 -20.69
CA SER B 661 -20.62 19.10 -20.25
C SER B 661 -19.69 18.92 -21.45
N GLY B 662 -19.35 20.02 -22.11
CA GLY B 662 -18.55 19.97 -23.31
C GLY B 662 -17.59 21.12 -23.48
N ARG B 663 -17.03 21.26 -24.67
CA ARG B 663 -16.04 22.30 -24.98
C ARG B 663 -16.56 23.17 -26.12
N VAL B 664 -15.69 24.07 -26.58
CA VAL B 664 -16.01 25.01 -27.66
C VAL B 664 -14.81 25.09 -28.59
N SER B 665 -15.07 25.33 -29.87
CA SER B 665 -14.03 25.48 -30.87
C SER B 665 -13.85 26.97 -31.17
N ALA B 666 -12.64 27.48 -30.95
CA ALA B 666 -12.34 28.89 -31.14
C ALA B 666 -11.34 29.04 -32.29
N ALA B 667 -11.77 29.72 -33.35
CA ALA B 667 -10.92 30.01 -34.49
C ALA B 667 -10.36 31.42 -34.32
N PHE B 668 -9.03 31.54 -34.29
CA PHE B 668 -8.39 32.82 -34.03
C PHE B 668 -7.33 33.09 -35.09
N TYR B 669 -7.31 34.32 -35.59
CA TYR B 669 -6.35 34.75 -36.59
C TYR B 669 -5.06 35.19 -35.90
N GLN B 670 -4.17 35.84 -36.65
CA GLN B 670 -2.88 36.25 -36.11
C GLN B 670 -2.95 37.61 -35.43
N ASN B 671 -3.81 38.52 -35.88
CA ASN B 671 -3.87 39.87 -35.34
C ASN B 671 -5.28 40.27 -34.89
N SER B 672 -6.25 39.38 -34.96
CA SER B 672 -7.61 39.72 -34.55
C SER B 672 -7.68 39.97 -33.05
N SER B 673 -8.80 40.54 -32.62
CA SER B 673 -9.03 40.85 -31.22
C SER B 673 -10.08 39.97 -30.55
N SER B 674 -10.87 39.23 -31.32
CA SER B 674 -11.90 38.37 -30.75
C SER B 674 -12.07 37.12 -31.62
N PRO B 675 -11.82 35.94 -31.08
CA PRO B 675 -11.95 34.72 -31.88
C PRO B 675 -13.41 34.40 -32.20
N ALA B 676 -13.59 33.52 -33.18
CA ALA B 676 -14.91 33.05 -33.56
C ALA B 676 -15.22 31.75 -32.83
N LEU B 677 -16.34 31.72 -32.13
CA LEU B 677 -16.73 30.59 -31.30
C LEU B 677 -17.66 29.65 -32.07
N LEU B 678 -17.59 28.37 -31.72
CA LEU B 678 -18.43 27.36 -32.33
C LEU B 678 -18.75 26.29 -31.30
N TYR B 679 -20.05 26.12 -31.01
CA TYR B 679 -20.53 25.07 -30.13
C TYR B 679 -21.10 23.96 -31.00
N ARG B 680 -20.36 22.86 -31.11
CA ARG B 680 -20.75 21.78 -32.01
C ARG B 680 -21.99 21.06 -31.48
N ASN B 681 -22.96 20.84 -32.36
CA ASN B 681 -24.16 20.07 -32.05
C ASN B 681 -24.94 20.70 -30.90
N LEU B 682 -25.04 22.03 -30.91
CA LEU B 682 -25.78 22.77 -29.89
C LEU B 682 -26.52 23.91 -30.57
N LYS B 683 -27.84 23.93 -30.43
CA LYS B 683 -28.63 25.02 -30.97
C LYS B 683 -28.45 26.29 -30.14
N CYS B 684 -28.58 27.43 -30.80
CA CYS B 684 -28.41 28.71 -30.11
C CYS B 684 -29.57 29.03 -29.18
N SER B 685 -30.69 28.32 -29.27
CA SER B 685 -31.76 28.50 -28.31
C SER B 685 -31.39 27.98 -26.93
N TYR B 686 -30.37 27.13 -26.83
CA TYR B 686 -29.91 26.58 -25.57
C TYR B 686 -28.60 27.18 -25.09
N VAL B 687 -27.73 27.62 -26.00
CA VAL B 687 -26.44 28.17 -25.61
C VAL B 687 -26.52 29.65 -25.26
N LEU B 688 -27.60 30.34 -25.63
CA LEU B 688 -27.71 31.77 -25.39
C LEU B 688 -28.33 32.10 -24.04
N ASN B 689 -29.17 31.21 -23.50
CA ASN B 689 -29.86 31.47 -22.24
C ASN B 689 -29.60 30.42 -21.17
N ASN B 690 -28.76 29.43 -21.44
CA ASN B 690 -28.47 28.38 -20.47
C ASN B 690 -26.99 28.04 -20.35
N ILE B 691 -26.14 28.55 -21.25
CA ILE B 691 -24.71 28.25 -21.19
C ILE B 691 -23.92 29.55 -21.11
N SER B 692 -24.13 30.43 -22.07
CA SER B 692 -23.42 31.70 -22.16
C SER B 692 -24.32 32.84 -21.70
N PHE B 693 -23.81 33.66 -20.78
CA PHE B 693 -24.56 34.81 -20.27
C PHE B 693 -24.21 36.11 -20.98
N ILE B 694 -23.21 36.11 -21.85
CA ILE B 694 -22.82 37.32 -22.58
C ILE B 694 -23.82 37.55 -23.70
N SER B 695 -24.27 38.79 -23.84
CA SER B 695 -25.25 39.15 -24.87
C SER B 695 -24.54 39.24 -26.21
N GLN B 696 -24.52 38.13 -26.93
CA GLN B 696 -23.90 38.08 -28.25
C GLN B 696 -24.87 38.63 -29.29
N PRO B 697 -24.55 39.74 -29.96
CA PRO B 697 -25.52 40.31 -30.92
C PRO B 697 -25.59 39.58 -32.24
N PHE B 698 -24.58 38.78 -32.59
CA PHE B 698 -24.53 38.07 -33.86
C PHE B 698 -24.49 36.57 -33.62
N TYR B 699 -25.45 35.86 -34.22
CA TYR B 699 -25.54 34.41 -34.09
C TYR B 699 -26.48 33.89 -35.17
N PHE B 700 -26.18 32.68 -35.66
CA PHE B 700 -27.00 32.05 -36.68
C PHE B 700 -26.72 30.55 -36.66
N ASP B 701 -27.79 29.75 -36.72
CA ASP B 701 -27.64 28.31 -36.70
C ASP B 701 -27.04 27.80 -38.01
N SER B 702 -26.33 26.68 -37.92
CA SER B 702 -25.69 26.08 -39.08
C SER B 702 -25.80 24.56 -38.95
N TYR B 703 -25.12 23.85 -39.86
CA TYR B 703 -25.16 22.40 -39.85
C TYR B 703 -24.33 21.80 -38.72
N LEU B 704 -23.34 22.52 -38.21
CA LEU B 704 -22.47 22.06 -37.13
C LEU B 704 -22.61 22.94 -35.90
N GLY B 705 -23.83 23.33 -35.58
CA GLY B 705 -24.09 24.23 -34.48
C GLY B 705 -23.92 25.69 -34.87
N CYS B 706 -24.58 26.56 -34.11
CA CYS B 706 -24.56 27.98 -34.43
C CYS B 706 -23.21 28.58 -34.10
N VAL B 707 -22.77 29.52 -34.94
CA VAL B 707 -21.47 30.17 -34.82
C VAL B 707 -21.67 31.57 -34.27
N LEU B 708 -20.89 31.93 -33.26
CA LEU B 708 -20.92 33.26 -32.67
C LEU B 708 -19.83 34.13 -33.28
N ASN B 709 -20.13 35.43 -33.39
CA ASN B 709 -19.20 36.42 -33.94
C ASN B 709 -18.79 36.04 -35.36
N ALA B 710 -19.79 35.89 -36.23
CA ALA B 710 -19.55 35.54 -37.63
C ALA B 710 -20.77 35.95 -38.44
N VAL B 711 -20.65 35.79 -39.76
CA VAL B 711 -21.73 36.13 -40.69
C VAL B 711 -22.03 34.91 -41.54
N ASN B 712 -23.21 34.92 -42.15
CA ASN B 712 -23.68 33.81 -42.99
C ASN B 712 -23.44 34.18 -44.45
N LEU B 713 -22.30 33.73 -44.97
CA LEU B 713 -21.90 33.94 -46.36
C LEU B 713 -21.56 32.62 -47.03
N THR B 714 -22.45 31.63 -46.85
CA THR B 714 -22.21 30.31 -47.42
C THR B 714 -22.34 30.27 -48.93
N SER B 715 -22.84 31.33 -49.56
CA SER B 715 -22.98 31.39 -51.01
C SER B 715 -21.68 31.73 -51.72
N TYR B 716 -20.57 31.85 -50.99
CA TYR B 716 -19.27 32.15 -51.57
C TYR B 716 -18.30 31.02 -51.26
N SER B 717 -17.51 30.64 -52.26
CA SER B 717 -16.56 29.54 -52.13
C SER B 717 -15.14 30.06 -52.20
N VAL B 718 -14.25 29.38 -51.48
CA VAL B 718 -12.83 29.71 -51.45
C VAL B 718 -12.04 28.51 -51.95
N SER B 719 -10.75 28.73 -52.19
CA SER B 719 -9.84 27.69 -52.67
C SER B 719 -8.95 27.13 -51.57
N SER B 720 -8.22 27.99 -50.87
CA SER B 720 -7.34 27.58 -49.78
C SER B 720 -7.78 28.29 -48.51
N CYS B 721 -8.06 27.51 -47.46
CA CYS B 721 -8.52 28.05 -46.19
C CYS B 721 -7.73 27.40 -45.06
N ASP B 722 -7.16 28.24 -44.19
CA ASP B 722 -6.32 27.76 -43.09
C ASP B 722 -7.12 27.46 -41.83
N LEU B 723 -8.41 27.73 -41.81
CA LEU B 723 -9.28 27.47 -40.66
C LEU B 723 -10.37 26.51 -41.13
N ARG B 724 -10.09 25.21 -41.07
CA ARG B 724 -11.00 24.19 -41.56
C ARG B 724 -11.85 23.68 -40.41
N MET B 725 -13.17 23.78 -40.56
CA MET B 725 -14.10 23.30 -39.53
C MET B 725 -14.56 21.87 -39.83
N GLY B 726 -15.15 21.66 -40.98
CA GLY B 726 -15.63 20.34 -41.37
C GLY B 726 -16.88 20.44 -42.22
N SER B 727 -17.18 19.33 -42.91
CA SER B 727 -18.36 19.21 -43.77
C SER B 727 -18.37 20.26 -44.88
N GLY B 728 -17.19 20.67 -45.33
CA GLY B 728 -17.09 21.62 -46.42
C GLY B 728 -17.35 23.06 -46.06
N PHE B 729 -17.07 23.44 -44.81
CA PHE B 729 -17.24 24.81 -44.35
C PHE B 729 -15.95 25.29 -43.69
N CYS B 730 -15.69 26.59 -43.80
CA CYS B 730 -14.52 27.18 -43.18
C CYS B 730 -14.77 28.65 -42.89
N ILE B 731 -14.08 29.16 -41.88
CA ILE B 731 -14.17 30.56 -41.48
C ILE B 731 -12.94 31.29 -41.99
N ASP B 732 -13.17 32.38 -42.72
CA ASP B 732 -12.09 33.19 -43.27
C ASP B 732 -12.14 34.60 -42.69
N TYR B 733 -11.04 35.32 -42.85
CA TYR B 733 -10.90 36.67 -42.33
C TYR B 733 -11.20 37.68 -43.41
N ALA B 734 -11.62 38.88 -42.99
CA ALA B 734 -11.93 39.96 -43.93
C ALA B 734 -11.75 41.28 -43.19
N LEU B 735 -10.72 42.04 -43.55
CA LEU B 735 -10.45 43.31 -42.89
C LEU B 735 -11.47 44.35 -43.34
N PRO B 736 -12.29 44.91 -42.43
CA PRO B 736 -13.29 45.91 -42.78
C PRO B 736 -12.68 47.26 -43.13
N SER B 746 -20.16 44.65 -39.34
CA SER B 746 -20.49 43.46 -38.57
C SER B 746 -19.22 42.71 -38.15
N SER B 747 -19.33 41.39 -38.04
CA SER B 747 -18.20 40.58 -37.64
C SER B 747 -17.19 40.48 -38.80
N PRO B 748 -15.89 40.54 -38.51
CA PRO B 748 -14.89 40.43 -39.58
C PRO B 748 -14.67 39.00 -40.06
N TYR B 749 -15.32 38.01 -39.46
CA TYR B 749 -15.19 36.62 -39.88
C TYR B 749 -16.33 36.25 -40.81
N ARG B 750 -16.00 35.49 -41.85
CA ARG B 750 -16.98 35.05 -42.85
C ARG B 750 -17.03 33.52 -42.86
N PHE B 751 -18.23 32.98 -42.69
CA PHE B 751 -18.44 31.52 -42.67
C PHE B 751 -18.83 31.08 -44.07
N VAL B 752 -17.83 30.61 -44.84
CA VAL B 752 -18.04 30.27 -46.24
C VAL B 752 -17.87 28.78 -46.44
N THR B 753 -18.09 28.31 -47.67
CA THR B 753 -17.94 26.90 -47.99
C THR B 753 -16.54 26.62 -48.53
N PHE B 754 -16.21 25.33 -48.62
CA PHE B 754 -14.89 24.87 -49.04
C PHE B 754 -15.04 24.12 -50.36
N GLU B 755 -14.36 24.61 -51.40
CA GLU B 755 -14.32 23.97 -52.71
C GLU B 755 -12.86 23.94 -53.16
N PRO B 756 -12.08 22.96 -52.70
CA PRO B 756 -10.65 22.96 -53.01
C PRO B 756 -10.32 22.55 -54.43
N PHE B 757 -11.18 21.80 -55.11
CA PHE B 757 -10.90 21.32 -56.45
C PHE B 757 -12.11 21.56 -57.34
N ASN B 758 -11.83 21.85 -58.62
CA ASN B 758 -12.88 22.09 -59.60
C ASN B 758 -12.39 21.66 -60.97
N VAL B 759 -13.34 21.41 -61.87
CA VAL B 759 -13.04 20.97 -63.22
C VAL B 759 -13.20 22.14 -64.17
N SER B 760 -12.39 22.15 -65.22
CA SER B 760 -12.47 23.18 -66.25
C SER B 760 -13.65 22.93 -67.17
N PHE B 761 -14.39 23.99 -67.50
CA PHE B 761 -15.55 23.91 -68.35
C PHE B 761 -15.26 24.52 -69.71
N VAL B 762 -15.76 23.86 -70.76
CA VAL B 762 -15.58 24.31 -72.12
C VAL B 762 -16.96 24.50 -72.76
N ASN B 763 -17.03 25.44 -73.70
CA ASN B 763 -18.29 25.74 -74.39
C ASN B 763 -18.29 25.00 -75.72
N ASP B 764 -18.56 23.70 -75.63
CA ASP B 764 -18.60 22.82 -76.79
C ASP B 764 -19.92 22.04 -76.78
N SER B 765 -20.12 21.24 -77.82
CA SER B 765 -21.32 20.44 -77.97
C SER B 765 -21.10 19.02 -77.43
N VAL B 766 -22.20 18.35 -77.13
CA VAL B 766 -22.17 16.99 -76.61
C VAL B 766 -22.68 15.98 -77.63
N GLU B 767 -23.75 16.33 -78.36
CA GLU B 767 -24.29 15.44 -79.36
C GLU B 767 -23.53 15.57 -80.67
N THR B 768 -23.62 14.54 -81.50
CA THR B 768 -22.93 14.53 -82.78
C THR B 768 -23.60 15.50 -83.75
N VAL B 769 -22.80 16.35 -84.38
CA VAL B 769 -23.30 17.30 -85.37
C VAL B 769 -22.82 16.89 -86.75
N GLY B 770 -23.65 16.12 -87.46
CA GLY B 770 -23.27 15.63 -88.77
C GLY B 770 -22.25 14.51 -88.76
N GLY B 771 -22.17 13.77 -87.65
CA GLY B 771 -21.21 12.69 -87.56
C GLY B 771 -19.82 13.08 -87.10
N LEU B 772 -19.66 14.30 -86.59
CA LEU B 772 -18.36 14.78 -86.13
C LEU B 772 -18.46 15.27 -84.69
N PHE B 773 -17.35 15.15 -83.96
CA PHE B 773 -17.27 15.59 -82.58
C PHE B 773 -16.41 16.85 -82.51
N GLU B 774 -16.89 17.85 -81.76
CA GLU B 774 -16.18 19.11 -81.61
C GLU B 774 -15.26 19.03 -80.39
N ILE B 775 -13.96 19.14 -80.62
CA ILE B 775 -12.97 19.05 -79.55
C ILE B 775 -12.01 20.23 -79.65
N GLN B 776 -11.39 20.53 -78.51
CA GLN B 776 -10.41 21.61 -78.42
C GLN B 776 -9.01 21.00 -78.56
N ILE B 777 -8.31 21.40 -79.62
CA ILE B 777 -6.95 20.93 -79.86
C ILE B 777 -5.99 22.09 -79.63
N PRO B 778 -4.88 21.87 -78.94
CA PRO B 778 -3.92 22.96 -78.70
C PRO B 778 -3.24 23.40 -79.99
N THR B 779 -2.78 24.64 -79.99
CA THR B 779 -2.04 25.24 -81.10
C THR B 779 -0.66 25.73 -80.70
N ASN B 780 -0.53 26.33 -79.52
CA ASN B 780 0.74 26.79 -79.00
C ASN B 780 0.97 26.14 -77.64
N PHE B 781 2.23 25.81 -77.34
CA PHE B 781 2.55 25.05 -76.14
C PHE B 781 3.78 25.65 -75.45
N THR B 782 4.07 25.13 -74.28
CA THR B 782 5.25 25.52 -73.52
C THR B 782 5.61 24.39 -72.55
N ILE B 783 6.71 24.58 -71.84
CA ILE B 783 7.19 23.61 -70.87
C ILE B 783 7.18 24.25 -69.49
N ALA B 784 6.51 23.61 -68.54
CA ALA B 784 6.40 24.10 -67.18
C ALA B 784 7.19 23.21 -66.24
N GLY B 785 7.56 23.76 -65.09
CA GLY B 785 8.35 23.03 -64.11
C GLY B 785 7.68 23.03 -62.75
N HIS B 786 7.69 21.86 -62.11
CA HIS B 786 7.14 21.71 -60.77
C HIS B 786 8.20 21.07 -59.88
N GLU B 787 8.05 21.29 -58.57
CA GLU B 787 8.99 20.76 -57.59
C GLU B 787 8.23 20.11 -56.45
N GLU B 788 8.84 19.05 -55.90
CA GLU B 788 8.26 18.35 -54.76
C GLU B 788 9.37 17.84 -53.88
N PHE B 789 9.03 17.55 -52.62
CA PHE B 789 9.99 17.07 -51.64
C PHE B 789 9.47 15.78 -51.01
N ILE B 790 10.35 14.80 -50.85
CA ILE B 790 10.00 13.53 -50.23
C ILE B 790 11.01 13.25 -49.12
N GLN B 791 10.53 13.04 -47.90
CA GLN B 791 11.40 12.75 -46.77
C GLN B 791 11.93 11.32 -46.88
N THR B 792 13.20 11.15 -46.53
CA THR B 792 13.87 9.86 -46.62
C THR B 792 14.44 9.38 -45.30
N SER B 793 15.06 10.26 -44.53
CA SER B 793 15.75 9.89 -43.30
C SER B 793 15.13 10.61 -42.11
N SER B 794 15.65 10.32 -40.92
CA SER B 794 15.19 10.89 -39.67
C SER B 794 16.36 11.00 -38.71
N PRO B 795 16.38 12.01 -37.85
CA PRO B 795 17.47 12.13 -36.87
C PRO B 795 17.53 10.92 -35.95
N LYS B 796 18.75 10.41 -35.76
CA LYS B 796 18.98 9.23 -34.92
C LYS B 796 19.13 9.69 -33.47
N VAL B 797 18.19 9.28 -32.62
CA VAL B 797 18.16 9.67 -31.21
C VAL B 797 18.74 8.55 -30.37
N THR B 798 19.50 8.92 -29.34
CA THR B 798 20.13 7.97 -28.44
C THR B 798 19.82 8.37 -27.00
N ILE B 799 19.31 7.41 -26.23
CA ILE B 799 18.91 7.61 -24.83
C ILE B 799 19.50 6.49 -24.00
N ASP B 800 19.92 6.82 -22.77
CA ASP B 800 20.45 5.83 -21.84
C ASP B 800 19.82 6.03 -20.48
N CYS B 801 19.69 4.94 -19.73
CA CYS B 801 19.13 4.98 -18.39
C CYS B 801 20.15 5.41 -17.33
N SER B 802 21.45 5.27 -17.63
CA SER B 802 22.49 5.61 -16.66
C SER B 802 22.59 7.11 -16.39
N ALA B 803 21.87 7.93 -17.16
CA ALA B 803 21.92 9.38 -16.96
C ALA B 803 20.55 10.04 -16.96
N PHE B 804 19.49 9.34 -17.36
CA PHE B 804 18.16 9.93 -17.41
C PHE B 804 17.39 9.72 -16.11
N VAL B 805 17.29 8.47 -15.66
CA VAL B 805 16.56 8.18 -14.42
C VAL B 805 17.45 8.47 -13.21
N CYS B 806 18.58 7.77 -13.11
CA CYS B 806 19.53 7.95 -12.02
C CYS B 806 20.78 8.61 -12.58
N SER B 807 20.96 9.89 -12.25
CA SER B 807 22.10 10.65 -12.77
C SER B 807 23.43 10.07 -12.29
N ASN B 808 23.66 10.09 -10.98
CA ASN B 808 24.92 9.62 -10.41
C ASN B 808 24.77 8.84 -9.10
N TYR B 809 23.58 8.78 -8.51
CA TYR B 809 23.41 8.23 -7.18
C TYR B 809 23.44 6.70 -7.21
N ALA B 810 23.83 6.11 -6.08
CA ALA B 810 23.97 4.67 -5.97
C ALA B 810 22.69 3.99 -5.49
N ALA B 811 21.97 4.61 -4.56
CA ALA B 811 20.71 4.03 -4.10
C ALA B 811 19.69 3.97 -5.22
N CYS B 812 19.67 4.99 -6.08
CA CYS B 812 18.78 4.97 -7.23
C CYS B 812 19.10 3.81 -8.17
N HIS B 813 20.40 3.56 -8.40
CA HIS B 813 20.79 2.44 -9.25
C HIS B 813 20.42 1.11 -8.60
N ASP B 814 20.62 0.99 -7.29
CA ASP B 814 20.29 -0.25 -6.59
C ASP B 814 18.78 -0.52 -6.63
N LEU B 815 17.97 0.54 -6.56
CA LEU B 815 16.53 0.35 -6.64
C LEU B 815 16.07 0.07 -8.07
N LEU B 816 16.75 0.66 -9.06
CA LEU B 816 16.37 0.41 -10.46
C LEU B 816 16.77 -0.98 -10.91
N SER B 817 17.86 -1.52 -10.36
CA SER B 817 18.29 -2.88 -10.71
C SER B 817 17.29 -3.93 -10.28
N GLU B 818 16.36 -3.59 -9.38
CA GLU B 818 15.35 -4.56 -8.96
C GLU B 818 14.34 -4.84 -10.06
N TYR B 819 14.15 -3.88 -10.97
CA TYR B 819 13.21 -4.07 -12.07
C TYR B 819 13.71 -5.07 -13.10
N GLY B 820 15.00 -5.40 -13.08
CA GLY B 820 15.54 -6.37 -14.01
C GLY B 820 16.02 -5.74 -15.31
N THR B 821 15.78 -6.43 -16.42
CA THR B 821 16.20 -5.95 -17.74
C THR B 821 15.13 -5.08 -18.39
N PHE B 822 14.71 -4.03 -17.68
CA PHE B 822 13.72 -3.12 -18.23
C PHE B 822 14.37 -2.07 -19.12
N CYS B 823 15.56 -1.61 -18.75
CA CYS B 823 16.30 -0.65 -19.56
C CYS B 823 17.11 -1.30 -20.67
N ASP B 824 17.09 -2.63 -20.77
CA ASP B 824 17.76 -3.31 -21.87
C ASP B 824 16.91 -3.38 -23.12
N ASN B 825 15.60 -3.19 -23.00
CA ASN B 825 14.72 -3.19 -24.16
C ASN B 825 14.61 -1.82 -24.81
N ILE B 826 14.80 -0.75 -24.05
CA ILE B 826 14.76 0.59 -24.61
C ILE B 826 15.98 0.82 -25.51
N ASN B 827 17.15 0.36 -25.08
CA ASN B 827 18.37 0.52 -25.87
C ASN B 827 18.41 -0.38 -27.09
N SER B 828 17.49 -1.34 -27.21
CA SER B 828 17.46 -2.23 -28.37
C SER B 828 16.58 -1.70 -29.49
N ILE B 829 15.42 -1.12 -29.14
CA ILE B 829 14.53 -0.58 -30.16
C ILE B 829 15.18 0.59 -30.87
N LEU B 830 15.92 1.42 -30.13
CA LEU B 830 16.61 2.55 -30.75
C LEU B 830 17.69 2.05 -31.71
N ASN B 831 18.43 1.01 -31.32
CA ASN B 831 19.43 0.45 -32.22
C ASN B 831 18.78 -0.16 -33.47
N GLU B 832 17.62 -0.79 -33.30
CA GLU B 832 16.92 -1.34 -34.46
C GLU B 832 16.47 -0.22 -35.40
N VAL B 833 15.95 0.87 -34.86
CA VAL B 833 15.54 2.00 -35.69
C VAL B 833 16.74 2.59 -36.41
N ASN B 834 17.88 2.71 -35.72
CA ASN B 834 19.08 3.23 -36.35
C ASN B 834 19.57 2.32 -37.47
N ASP B 835 19.52 1.00 -37.25
CA ASP B 835 19.91 0.07 -38.30
C ASP B 835 18.97 0.16 -39.50
N LEU B 836 17.67 0.31 -39.25
CA LEU B 836 16.73 0.47 -40.35
C LEU B 836 17.01 1.74 -41.14
N LEU B 837 17.30 2.85 -40.44
CA LEU B 837 17.64 4.08 -41.13
C LEU B 837 18.91 3.93 -41.95
N ASP B 838 19.92 3.24 -41.42
CA ASP B 838 21.16 3.04 -42.15
C ASP B 838 20.92 2.19 -43.40
N ILE B 839 20.13 1.12 -43.28
CA ILE B 839 19.82 0.28 -44.43
C ILE B 839 19.05 1.08 -45.47
N THR B 840 18.13 1.93 -45.03
CA THR B 840 17.37 2.76 -45.97
C THR B 840 18.28 3.73 -46.71
N GLN B 841 19.21 4.37 -45.98
CA GLN B 841 20.12 5.30 -46.63
C GLN B 841 21.03 4.58 -47.62
N LEU B 842 21.48 3.37 -47.27
CA LEU B 842 22.30 2.58 -48.20
C LEU B 842 21.51 2.20 -49.44
N GLN B 843 20.24 1.85 -49.27
CA GLN B 843 19.40 1.52 -50.42
C GLN B 843 19.19 2.73 -51.32
N VAL B 844 19.01 3.91 -50.72
CA VAL B 844 18.85 5.13 -51.51
C VAL B 844 20.14 5.43 -52.27
N ALA B 845 21.29 5.29 -51.61
CA ALA B 845 22.56 5.53 -52.28
C ALA B 845 22.79 4.55 -53.42
N ASN B 846 22.36 3.29 -53.24
CA ASN B 846 22.49 2.31 -54.31
C ASN B 846 21.55 2.62 -55.46
N ALA B 847 20.35 3.11 -55.15
CA ALA B 847 19.40 3.45 -56.20
C ALA B 847 19.84 4.69 -56.98
N LEU B 848 20.58 5.60 -56.33
CA LEU B 848 21.06 6.78 -57.03
C LEU B 848 22.06 6.42 -58.13
N MET B 849 23.11 5.69 -57.76
CA MET B 849 24.14 5.27 -58.71
C MET B 849 24.01 3.77 -58.94
N GLN B 850 23.55 3.39 -60.13
CA GLN B 850 23.35 1.98 -60.47
C GLN B 850 23.52 1.87 -61.99
N GLY B 851 24.67 1.39 -62.42
CA GLY B 851 24.95 1.31 -63.84
C GLY B 851 25.24 2.66 -64.48
N VAL B 852 26.03 3.49 -63.82
CA VAL B 852 26.36 4.83 -64.30
C VAL B 852 27.77 4.81 -64.85
N THR B 853 27.92 5.20 -66.11
CA THR B 853 29.22 5.25 -66.78
C THR B 853 29.52 6.69 -67.17
N LEU B 854 30.70 7.17 -66.76
CA LEU B 854 31.12 8.53 -67.04
C LEU B 854 32.52 8.52 -67.65
N SER B 855 32.76 9.48 -68.54
CA SER B 855 34.07 9.57 -69.18
C SER B 855 35.12 10.07 -68.20
N SER B 856 36.36 9.62 -68.42
CA SER B 856 37.47 10.00 -67.56
C SER B 856 38.01 11.40 -67.84
N ASN B 857 37.50 12.07 -68.87
CA ASN B 857 37.91 13.43 -69.20
C ASN B 857 36.86 14.47 -68.84
N LEU B 858 35.76 14.06 -68.19
CA LEU B 858 34.69 14.99 -67.84
C LEU B 858 35.00 15.77 -66.58
N ASN B 859 35.92 15.29 -65.74
CA ASN B 859 36.22 15.92 -64.46
C ASN B 859 37.01 17.22 -64.66
N THR B 860 36.33 18.20 -65.26
CA THR B 860 36.91 19.51 -65.50
C THR B 860 36.03 20.67 -65.07
N ASN B 861 34.74 20.44 -64.80
CA ASN B 861 33.80 21.48 -64.38
C ASN B 861 33.66 22.59 -65.42
N LEU B 862 34.05 22.33 -66.67
CA LEU B 862 33.91 23.29 -67.75
C LEU B 862 32.73 22.98 -68.66
N HIS B 863 32.45 21.70 -68.90
CA HIS B 863 31.33 21.29 -69.74
C HIS B 863 30.09 21.21 -68.87
N SER B 864 29.27 22.27 -68.91
CA SER B 864 28.07 22.33 -68.10
C SER B 864 26.87 22.83 -68.89
N ASP B 865 26.81 22.51 -70.18
CA ASP B 865 25.70 22.95 -71.02
C ASP B 865 25.59 22.01 -72.21
N VAL B 866 24.35 21.64 -72.54
CA VAL B 866 24.06 20.78 -73.69
C VAL B 866 22.83 21.35 -74.40
N ASP B 867 22.95 21.53 -75.72
CA ASP B 867 21.88 22.09 -76.55
C ASP B 867 21.43 23.45 -76.02
N ASN B 868 22.39 24.28 -75.63
CA ASN B 868 22.12 25.63 -75.14
C ASN B 868 21.19 25.62 -73.93
N ILE B 869 21.39 24.66 -73.04
CA ILE B 869 20.62 24.54 -71.80
C ILE B 869 21.59 24.65 -70.64
N ASP B 870 21.38 25.66 -69.79
CA ASP B 870 22.25 25.91 -68.65
C ASP B 870 21.82 25.04 -67.47
N PHE B 871 22.69 24.14 -67.05
CA PHE B 871 22.43 23.24 -65.94
C PHE B 871 23.52 23.34 -64.87
N LYS B 872 24.13 24.52 -64.73
CA LYS B 872 25.16 24.70 -63.71
C LYS B 872 24.58 24.78 -62.31
N SER B 873 23.30 25.12 -62.18
CA SER B 873 22.65 25.19 -60.88
C SER B 873 22.33 23.81 -60.30
N LEU B 874 22.43 22.76 -61.10
CA LEU B 874 22.12 21.40 -60.65
C LEU B 874 23.36 20.54 -60.43
N LEU B 875 24.54 21.03 -60.79
CA LEU B 875 25.78 20.28 -60.66
C LEU B 875 26.67 20.89 -59.59
N GLY B 876 27.53 20.05 -59.03
CA GLY B 876 28.46 20.49 -58.00
C GLY B 876 29.88 20.60 -58.52
N CYS B 877 30.82 19.96 -57.82
CA CYS B 877 32.23 19.96 -58.19
C CYS B 877 32.64 18.52 -58.40
N LEU B 878 32.47 18.02 -59.62
CA LEU B 878 32.79 16.65 -59.97
C LEU B 878 34.25 16.46 -60.39
N GLY B 879 34.97 17.55 -60.63
CA GLY B 879 36.35 17.45 -61.06
C GLY B 879 37.27 16.92 -59.98
N SER B 880 38.51 16.65 -60.39
CA SER B 880 39.51 16.16 -59.45
C SER B 880 40.04 17.27 -58.55
N GLN B 881 40.09 18.51 -59.06
CA GLN B 881 40.58 19.64 -58.27
C GLN B 881 39.40 20.30 -57.56
N CYS B 882 38.86 19.57 -56.60
CA CYS B 882 37.73 20.04 -55.80
C CYS B 882 38.05 19.86 -54.33
N GLY B 883 37.31 20.59 -53.50
CA GLY B 883 37.48 20.52 -52.06
C GLY B 883 36.76 19.33 -51.45
N SER B 884 36.68 19.34 -50.12
CA SER B 884 36.02 18.26 -49.41
C SER B 884 34.51 18.31 -49.62
N SER B 885 33.91 19.50 -49.51
CA SER B 885 32.48 19.69 -49.68
C SER B 885 32.20 20.23 -51.07
N SER B 886 31.08 19.78 -51.66
CA SER B 886 30.70 20.22 -53.00
C SER B 886 29.20 20.01 -53.14
N ARG B 887 28.46 21.11 -53.28
CA ARG B 887 27.02 21.07 -53.43
C ARG B 887 26.59 22.05 -54.52
N SER B 888 25.44 21.77 -55.13
CA SER B 888 24.90 22.64 -56.15
C SER B 888 24.32 23.90 -55.52
N PRO B 889 24.15 24.97 -56.30
CA PRO B 889 23.55 26.20 -55.73
C PRO B 889 22.18 25.98 -55.13
N LEU B 890 21.34 25.12 -55.73
CA LEU B 890 20.03 24.85 -55.16
C LEU B 890 20.15 24.15 -53.81
N GLU B 891 21.07 23.19 -53.69
CA GLU B 891 21.30 22.53 -52.41
C GLU B 891 21.81 23.52 -51.37
N ASP B 892 22.68 24.45 -51.78
CA ASP B 892 23.16 25.46 -50.85
C ASP B 892 22.03 26.37 -50.37
N LEU B 893 21.15 26.78 -51.29
CA LEU B 893 20.01 27.61 -50.90
C LEU B 893 19.06 26.85 -49.99
N LEU B 894 18.90 25.54 -50.20
CA LEU B 894 18.02 24.76 -49.34
C LEU B 894 18.63 24.55 -47.96
N PHE B 895 19.94 24.34 -47.88
CA PHE B 895 20.59 24.10 -46.60
C PHE B 895 20.83 25.36 -45.80
N ASN B 896 20.93 26.52 -46.45
CA ASN B 896 21.14 27.77 -45.72
C ASN B 896 19.90 28.21 -44.95
N LYS B 897 18.75 27.60 -45.19
CA LYS B 897 17.52 27.93 -44.49
C LYS B 897 17.18 26.95 -43.38
N VAL B 898 18.03 25.95 -43.14
CA VAL B 898 17.82 24.96 -42.09
C VAL B 898 19.10 24.91 -41.26
N LYS B 899 19.01 25.36 -40.00
CA LYS B 899 20.18 25.39 -39.14
C LYS B 899 20.51 24.02 -38.57
N LEU B 900 19.47 23.27 -38.16
CA LEU B 900 19.67 21.96 -37.54
C LEU B 900 19.83 20.87 -38.61
N SER B 901 20.90 21.01 -39.39
CA SER B 901 21.25 20.04 -40.41
C SER B 901 22.23 19.02 -39.81
N ASP B 902 22.84 18.19 -40.67
CA ASP B 902 23.81 17.22 -40.19
C ASP B 902 25.02 17.92 -39.57
N VAL B 903 25.51 18.97 -40.20
CA VAL B 903 26.63 19.72 -39.64
C VAL B 903 26.17 20.58 -38.47
N GLY B 904 24.90 20.98 -38.44
CA GLY B 904 24.41 21.83 -37.37
C GLY B 904 24.46 21.16 -36.01
N PHE B 905 24.02 19.90 -35.94
CA PHE B 905 24.07 19.16 -34.68
C PHE B 905 25.50 18.97 -34.22
N VAL B 906 26.41 18.69 -35.14
CA VAL B 906 27.81 18.50 -34.78
C VAL B 906 28.41 19.79 -34.23
N GLU B 907 28.14 20.92 -34.89
CA GLU B 907 28.65 22.20 -34.40
C GLU B 907 28.04 22.56 -33.06
N ALA B 908 26.74 22.30 -32.87
CA ALA B 908 26.10 22.61 -31.60
C ALA B 908 26.66 21.76 -30.47
N TYR B 909 26.94 20.48 -30.73
CA TYR B 909 27.52 19.63 -29.71
C TYR B 909 28.97 19.98 -29.43
N ASN B 910 29.70 20.48 -30.45
CA ASN B 910 31.06 20.96 -30.21
C ASN B 910 31.05 22.23 -29.38
N ASN B 911 30.04 23.07 -29.55
CA ASN B 911 29.91 24.31 -28.76
C ASN B 911 29.16 24.07 -27.46
N CYS B 912 29.60 23.08 -26.69
CA CYS B 912 29.07 22.83 -25.36
C CYS B 912 30.16 22.81 -24.29
N THR B 913 31.39 23.17 -24.66
CA THR B 913 32.49 23.20 -23.69
C THR B 913 33.37 24.42 -23.86
N GLY B 914 32.90 25.45 -24.55
CA GLY B 914 33.70 26.65 -24.77
C GLY B 914 33.52 27.70 -23.71
N GLY B 915 32.28 28.08 -23.44
CA GLY B 915 31.97 29.08 -22.43
C GLY B 915 31.14 30.21 -23.00
N SER B 916 30.31 30.79 -22.12
CA SER B 916 29.42 31.91 -22.44
C SER B 916 28.37 31.58 -23.49
N GLU B 917 28.30 30.32 -23.94
CA GLU B 917 27.31 29.91 -24.91
C GLU B 917 26.73 28.53 -24.59
N ILE B 918 26.97 28.00 -23.39
CA ILE B 918 26.49 26.66 -23.04
C ILE B 918 25.03 26.66 -22.64
N ARG B 919 24.43 27.82 -22.43
CA ARG B 919 23.02 27.92 -22.03
C ARG B 919 22.11 27.68 -23.24
N ASP B 920 22.20 26.46 -23.77
CA ASP B 920 21.40 26.04 -24.92
C ASP B 920 20.68 24.75 -24.58
N LEU B 921 19.57 24.51 -25.28
CA LEU B 921 18.78 23.31 -25.01
C LEU B 921 19.51 22.05 -25.44
N LEU B 922 20.30 22.11 -26.52
CA LEU B 922 20.96 20.90 -27.01
C LEU B 922 22.04 20.42 -26.04
N CYS B 923 22.80 21.35 -25.45
CA CYS B 923 23.85 20.95 -24.51
C CYS B 923 23.25 20.34 -23.26
N VAL B 924 22.17 20.93 -22.74
CA VAL B 924 21.54 20.38 -21.54
C VAL B 924 20.80 19.08 -21.83
N GLN B 925 20.37 18.87 -23.07
CA GLN B 925 19.80 17.58 -23.44
C GLN B 925 20.88 16.51 -23.56
N SER B 926 22.04 16.88 -24.10
CA SER B 926 23.14 15.93 -24.21
C SER B 926 23.73 15.57 -22.86
N PHE B 927 23.75 16.53 -21.93
CA PHE B 927 24.31 16.26 -20.60
C PHE B 927 23.42 15.32 -19.79
N ASN B 928 22.15 15.16 -20.15
CA ASN B 928 21.24 14.29 -19.43
C ASN B 928 21.09 12.92 -20.08
N GLY B 929 21.58 12.73 -21.30
CA GLY B 929 21.54 11.43 -21.96
C GLY B 929 20.82 11.42 -23.29
N ILE B 930 20.18 12.52 -23.70
CA ILE B 930 19.48 12.58 -24.98
C ILE B 930 20.45 13.15 -26.00
N LYS B 931 20.92 12.32 -26.93
CA LYS B 931 21.90 12.75 -27.92
C LYS B 931 21.40 12.43 -29.32
N VAL B 932 21.99 13.10 -30.31
CA VAL B 932 21.67 12.89 -31.71
C VAL B 932 22.93 12.44 -32.42
N LEU B 933 22.84 11.28 -33.08
CA LEU B 933 23.98 10.72 -33.79
C LEU B 933 23.91 11.03 -35.29
N PRO B 934 25.04 11.25 -35.93
CA PRO B 934 25.04 11.54 -37.37
C PRO B 934 24.85 10.26 -38.18
N PRO B 935 24.36 10.38 -39.41
CA PRO B 935 24.18 9.18 -40.25
C PRO B 935 25.52 8.61 -40.70
N ILE B 936 25.45 7.43 -41.31
CA ILE B 936 26.66 6.75 -41.75
C ILE B 936 27.25 7.42 -42.97
N LEU B 937 26.43 8.09 -43.77
CA LEU B 937 26.88 8.77 -44.97
C LEU B 937 26.59 10.26 -44.84
N SER B 938 27.58 11.09 -45.16
CA SER B 938 27.43 12.53 -45.07
C SER B 938 26.61 13.05 -46.25
N GLU B 939 26.18 14.32 -46.13
CA GLU B 939 25.41 14.93 -47.19
C GLU B 939 26.25 15.22 -48.44
N THR B 940 27.57 15.39 -48.28
CA THR B 940 28.43 15.64 -49.43
C THR B 940 28.45 14.44 -50.38
N GLN B 941 28.46 13.22 -49.82
CA GLN B 941 28.46 12.04 -50.68
C GLN B 941 27.15 11.90 -51.44
N ILE B 942 26.02 12.19 -50.79
CA ILE B 942 24.74 12.13 -51.48
C ILE B 942 24.65 13.22 -52.55
N SER B 943 25.19 14.40 -52.26
CA SER B 943 25.22 15.46 -53.25
C SER B 943 26.07 15.06 -54.46
N GLY B 944 27.22 14.41 -54.22
CA GLY B 944 28.03 13.94 -55.32
C GLY B 944 27.34 12.86 -56.12
N TYR B 945 26.61 11.96 -55.45
CA TYR B 945 25.87 10.93 -56.16
C TYR B 945 24.78 11.54 -57.05
N THR B 946 24.06 12.54 -56.52
CA THR B 946 23.04 13.21 -57.32
C THR B 946 23.67 13.96 -58.49
N THR B 947 24.82 14.58 -58.27
CA THR B 947 25.51 15.28 -59.36
C THR B 947 25.93 14.30 -60.45
N ALA B 948 26.45 13.13 -60.06
CA ALA B 948 26.84 12.13 -61.05
C ALA B 948 25.63 11.62 -61.81
N ALA B 949 24.52 11.38 -61.10
CA ALA B 949 23.30 10.92 -61.76
C ALA B 949 22.76 11.96 -62.74
N THR B 950 22.90 13.25 -62.40
CA THR B 950 22.45 14.29 -63.31
C THR B 950 23.37 14.41 -64.53
N VAL B 951 24.69 14.26 -64.31
CA VAL B 951 25.63 14.34 -65.41
C VAL B 951 25.45 13.16 -66.37
N ALA B 952 25.10 11.99 -65.83
CA ALA B 952 24.95 10.80 -66.66
C ALA B 952 23.83 10.92 -67.69
N ALA B 953 22.99 11.96 -67.61
CA ALA B 953 21.89 12.15 -68.54
C ALA B 953 22.14 13.29 -69.52
N MET B 954 23.38 13.79 -69.62
CA MET B 954 23.67 14.90 -70.51
C MET B 954 24.81 14.57 -71.47
N PHE B 955 25.76 13.76 -71.01
CA PHE B 955 26.96 13.44 -71.75
C PHE B 955 27.01 11.96 -72.09
N PRO B 956 27.80 11.57 -73.09
CA PRO B 956 27.92 10.15 -73.41
C PRO B 956 28.48 9.37 -72.22
N PRO B 957 28.18 8.06 -72.14
CA PRO B 957 27.36 7.29 -73.07
C PRO B 957 25.86 7.40 -72.83
N TRP B 958 25.45 8.42 -72.07
CA TRP B 958 24.04 8.64 -71.73
C TRP B 958 23.46 7.42 -71.02
N SER B 959 24.02 7.12 -69.85
CA SER B 959 23.59 5.95 -69.10
C SER B 959 22.23 6.13 -68.46
N ALA B 960 21.77 7.36 -68.28
CA ALA B 960 20.49 7.65 -67.65
C ALA B 960 19.38 7.89 -68.65
N ALA B 961 19.68 7.81 -69.95
CA ALA B 961 18.67 8.03 -71.00
C ALA B 961 18.58 6.84 -71.96
N ALA B 962 19.00 5.66 -71.51
CA ALA B 962 18.97 4.42 -72.29
C ALA B 962 19.83 4.49 -73.55
N GLY B 963 20.69 5.49 -73.68
CA GLY B 963 21.60 5.58 -74.79
C GLY B 963 21.23 6.56 -75.88
N VAL B 964 20.38 7.54 -75.60
CA VAL B 964 20.01 8.55 -76.59
C VAL B 964 20.39 9.93 -76.05
N PRO B 965 20.66 10.90 -76.92
CA PRO B 965 20.99 12.25 -76.44
C PRO B 965 19.82 12.89 -75.72
N PHE B 966 20.13 13.97 -74.99
CA PHE B 966 19.10 14.65 -74.21
C PHE B 966 18.05 15.33 -75.09
N PRO B 967 18.40 16.12 -76.10
CA PRO B 967 17.35 16.74 -76.93
C PRO B 967 16.51 15.71 -77.69
N LEU B 968 17.14 14.66 -78.22
CA LEU B 968 16.38 13.62 -78.90
C LEU B 968 15.45 12.90 -77.92
N ASN B 969 15.89 12.69 -76.69
CA ASN B 969 15.03 12.06 -75.69
C ASN B 969 13.84 12.96 -75.36
N VAL B 970 14.08 14.27 -75.24
CA VAL B 970 12.98 15.20 -74.98
C VAL B 970 12.00 15.20 -76.15
N GLN B 971 12.51 15.19 -77.37
CA GLN B 971 11.65 15.17 -78.55
C GLN B 971 10.81 13.89 -78.59
N TYR B 972 11.42 12.75 -78.25
CA TYR B 972 10.67 11.50 -78.23
C TYR B 972 9.60 11.51 -77.15
N ARG B 973 9.93 12.02 -75.96
CA ARG B 973 8.95 12.08 -74.88
C ARG B 973 7.80 13.02 -75.22
N ILE B 974 8.07 14.09 -75.97
CA ILE B 974 6.99 14.99 -76.37
C ILE B 974 6.14 14.36 -77.48
N ASN B 975 6.79 13.68 -78.43
CA ASN B 975 6.06 13.02 -79.51
C ASN B 975 5.20 11.88 -78.97
N GLY B 976 5.60 11.27 -77.86
CA GLY B 976 4.79 10.22 -77.25
C GLY B 976 3.44 10.70 -76.74
N LEU B 977 3.21 12.00 -76.69
CA LEU B 977 1.94 12.55 -76.24
C LEU B 977 1.03 12.99 -77.39
N GLY B 978 1.45 12.80 -78.64
CA GLY B 978 0.64 13.16 -79.78
C GLY B 978 1.08 14.45 -80.45
N VAL B 979 2.38 14.64 -80.59
CA VAL B 979 2.95 15.81 -81.26
C VAL B 979 3.85 15.33 -82.38
N THR B 980 3.67 15.90 -83.57
CA THR B 980 4.46 15.51 -84.73
C THR B 980 5.91 15.93 -84.57
N MET B 981 6.79 15.23 -85.30
CA MET B 981 8.22 15.53 -85.25
C MET B 981 8.57 16.83 -85.96
N ASP B 982 7.74 17.26 -86.92
CA ASP B 982 8.06 18.46 -87.68
C ASP B 982 8.02 19.71 -86.80
N VAL B 983 7.01 19.81 -85.94
CA VAL B 983 6.90 20.97 -85.05
C VAL B 983 8.06 21.00 -84.06
N LEU B 984 8.49 19.82 -83.60
CA LEU B 984 9.60 19.76 -82.65
C LEU B 984 10.92 20.12 -83.32
N ASN B 985 11.12 19.66 -84.56
CA ASN B 985 12.35 19.99 -85.28
C ASN B 985 12.38 21.45 -85.68
N LYS B 986 11.22 22.05 -85.98
CA LYS B 986 11.19 23.46 -86.35
C LYS B 986 11.42 24.35 -85.14
N ASN B 987 10.79 24.04 -84.02
CA ASN B 987 10.91 24.82 -82.79
C ASN B 987 11.90 24.10 -81.87
N GLN B 988 13.18 24.41 -82.03
CA GLN B 988 14.24 23.82 -81.21
C GLN B 988 14.75 24.75 -80.12
N LYS B 989 14.97 26.03 -80.44
CA LYS B 989 15.45 26.97 -79.44
C LYS B 989 14.36 27.28 -78.41
N LEU B 990 13.10 27.17 -78.79
CA LEU B 990 12.01 27.45 -77.86
C LEU B 990 12.02 26.46 -76.70
N ILE B 991 12.34 25.20 -76.98
CA ILE B 991 12.39 24.19 -75.92
C ILE B 991 13.47 24.53 -74.91
N ALA B 992 14.65 24.92 -75.39
CA ALA B 992 15.74 25.28 -74.48
C ALA B 992 15.40 26.54 -73.69
N ASN B 993 14.78 27.52 -74.35
CA ASN B 993 14.38 28.74 -73.64
C ASN B 993 13.35 28.44 -72.56
N ALA B 994 12.40 27.55 -72.85
CA ALA B 994 11.41 27.18 -71.84
C ALA B 994 12.04 26.42 -70.69
N PHE B 995 12.99 25.53 -70.98
CA PHE B 995 13.70 24.82 -69.92
C PHE B 995 14.44 25.81 -69.02
N ASN B 996 15.17 26.75 -69.62
CA ASN B 996 15.92 27.73 -68.84
C ASN B 996 14.98 28.59 -68.01
N LYS B 997 13.85 29.02 -68.59
CA LYS B 997 12.91 29.85 -67.84
C LYS B 997 12.31 29.09 -66.67
N ALA B 998 11.94 27.82 -66.88
CA ALA B 998 11.38 27.02 -65.79
C ALA B 998 12.41 26.79 -64.70
N LEU B 999 13.66 26.52 -65.08
CA LEU B 999 14.70 26.32 -64.07
C LEU B 999 14.95 27.60 -63.28
N LEU B 1000 14.98 28.75 -63.96
CA LEU B 1000 15.19 30.01 -63.25
C LEU B 1000 14.01 30.32 -62.33
N SER B 1001 12.78 30.02 -62.76
CA SER B 1001 11.63 30.25 -61.91
C SER B 1001 11.66 29.35 -60.68
N ILE B 1002 12.02 28.07 -60.85
CA ILE B 1002 12.12 27.17 -59.71
C ILE B 1002 13.23 27.63 -58.76
N GLN B 1003 14.33 28.14 -59.31
CA GLN B 1003 15.41 28.64 -58.46
C GLN B 1003 14.98 29.87 -57.67
N ASN B 1004 14.28 30.80 -58.33
CA ASN B 1004 13.84 32.01 -57.65
C ASN B 1004 12.69 31.76 -56.68
N GLY B 1005 11.95 30.67 -56.84
CA GLY B 1005 10.87 30.36 -55.94
C GLY B 1005 11.30 30.08 -54.51
N PHE B 1006 12.59 29.81 -54.30
CA PHE B 1006 13.08 29.54 -52.95
C PHE B 1006 13.13 30.79 -52.09
N THR B 1007 13.05 31.98 -52.69
CA THR B 1007 13.00 33.21 -51.90
C THR B 1007 11.72 33.29 -51.08
N ALA B 1008 10.62 32.77 -51.60
CA ALA B 1008 9.37 32.71 -50.87
C ALA B 1008 9.40 31.50 -49.94
N THR B 1009 8.24 31.14 -49.38
CA THR B 1009 8.11 29.99 -48.49
C THR B 1009 7.28 28.91 -49.18
N PRO B 1010 7.90 27.99 -49.92
CA PRO B 1010 7.16 26.93 -50.58
C PRO B 1010 6.74 25.85 -49.58
N SER B 1011 6.13 24.79 -50.11
CA SER B 1011 5.72 23.68 -49.26
C SER B 1011 6.88 22.76 -48.89
N ALA B 1012 7.90 22.67 -49.76
CA ALA B 1012 9.04 21.83 -49.47
C ALA B 1012 9.80 22.33 -48.24
N LEU B 1013 10.19 23.61 -48.25
CA LEU B 1013 10.84 24.19 -47.08
C LEU B 1013 9.92 24.16 -45.87
N ALA B 1014 8.61 24.32 -46.08
CA ALA B 1014 7.66 24.24 -44.96
C ALA B 1014 7.74 22.88 -44.28
N LYS B 1015 7.74 21.81 -45.07
CA LYS B 1015 7.81 20.46 -44.49
C LYS B 1015 9.17 20.20 -43.86
N ILE B 1016 10.24 20.68 -44.51
CA ILE B 1016 11.59 20.47 -43.97
C ILE B 1016 11.75 21.17 -42.63
N GLN B 1017 11.10 22.32 -42.47
CA GLN B 1017 11.15 23.00 -41.17
C GLN B 1017 10.20 22.36 -40.16
N SER B 1018 9.04 21.88 -40.63
CA SER B 1018 8.06 21.31 -39.71
C SER B 1018 8.57 20.01 -39.09
N VAL B 1019 9.28 19.18 -39.86
CA VAL B 1019 9.78 17.92 -39.31
C VAL B 1019 10.80 18.18 -38.20
N VAL B 1020 11.73 19.11 -38.44
CA VAL B 1020 12.75 19.38 -37.42
C VAL B 1020 12.14 20.11 -36.23
N ASN B 1021 11.12 20.95 -36.45
CA ASN B 1021 10.43 21.58 -35.33
C ASN B 1021 9.71 20.55 -34.48
N ALA B 1022 9.07 19.56 -35.12
CA ALA B 1022 8.39 18.51 -34.37
C ALA B 1022 9.40 17.67 -33.59
N ASN B 1023 10.55 17.37 -34.20
CA ASN B 1023 11.58 16.63 -33.49
C ASN B 1023 12.09 17.40 -32.28
N ALA B 1024 12.32 18.71 -32.44
CA ALA B 1024 12.78 19.53 -31.32
C ALA B 1024 11.74 19.61 -30.22
N GLN B 1025 10.46 19.73 -30.60
CA GLN B 1025 9.40 19.78 -29.59
C GLN B 1025 9.30 18.45 -28.85
N ALA B 1026 9.47 17.33 -29.55
CA ALA B 1026 9.45 16.03 -28.89
C ALA B 1026 10.61 15.89 -27.92
N LEU B 1027 11.81 16.32 -28.33
CA LEU B 1027 12.97 16.26 -27.44
C LEU B 1027 12.76 17.15 -26.21
N ASN B 1028 12.19 18.34 -26.39
CA ASN B 1028 11.95 19.23 -25.26
C ASN B 1028 10.90 18.65 -24.32
N SER B 1029 9.83 18.06 -24.87
CA SER B 1029 8.82 17.44 -24.02
C SER B 1029 9.37 16.23 -23.27
N LEU B 1030 10.30 15.50 -23.88
CA LEU B 1030 10.94 14.39 -23.17
C LEU B 1030 11.85 14.90 -22.07
N LEU B 1031 12.57 16.00 -22.32
CA LEU B 1031 13.46 16.55 -21.30
C LEU B 1031 12.67 17.12 -20.13
N GLN B 1032 11.51 17.74 -20.40
CA GLN B 1032 10.72 18.35 -19.34
C GLN B 1032 10.11 17.31 -18.39
N GLN B 1033 10.19 16.03 -18.70
CA GLN B 1033 9.65 15.00 -17.82
C GLN B 1033 10.49 14.81 -16.56
N LEU B 1034 11.70 15.34 -16.51
CA LEU B 1034 12.55 15.21 -15.34
C LEU B 1034 12.24 16.25 -14.26
N PHE B 1035 11.37 17.21 -14.54
CA PHE B 1035 11.00 18.25 -13.58
C PHE B 1035 9.56 18.09 -13.09
N ASN B 1036 9.04 16.86 -13.11
CA ASN B 1036 7.69 16.57 -12.67
C ASN B 1036 7.74 15.85 -11.33
N LYS B 1037 6.77 16.15 -10.46
CA LYS B 1037 6.74 15.53 -9.14
C LYS B 1037 6.29 14.09 -9.20
N PHE B 1038 5.28 13.79 -10.03
CA PHE B 1038 4.71 12.45 -10.15
C PHE B 1038 4.26 11.90 -8.80
N GLY B 1039 3.61 12.76 -8.02
CA GLY B 1039 3.13 12.35 -6.71
C GLY B 1039 4.22 12.13 -5.69
N ALA B 1040 5.22 13.00 -5.65
CA ALA B 1040 6.32 12.91 -4.71
C ALA B 1040 6.44 14.23 -3.93
N ILE B 1041 7.45 14.29 -3.06
CA ILE B 1041 7.63 15.48 -2.24
C ILE B 1041 8.35 16.58 -3.02
N SER B 1042 9.23 16.22 -3.94
CA SER B 1042 9.97 17.19 -4.73
C SER B 1042 10.56 16.51 -5.94
N SER B 1043 10.73 17.28 -7.02
CA SER B 1043 11.32 16.78 -8.26
C SER B 1043 12.84 16.92 -8.25
N SER B 1044 13.47 16.40 -7.20
CA SER B 1044 14.92 16.46 -7.06
C SER B 1044 15.35 15.29 -6.20
N LEU B 1045 16.17 14.40 -6.76
CA LEU B 1045 16.57 13.20 -6.03
C LEU B 1045 17.53 13.51 -4.90
N GLN B 1046 18.33 14.57 -5.04
CA GLN B 1046 19.28 14.94 -3.99
C GLN B 1046 18.55 15.30 -2.69
N GLU B 1047 17.47 16.07 -2.80
CA GLU B 1047 16.71 16.44 -1.60
C GLU B 1047 16.02 15.24 -0.99
N ILE B 1048 15.42 14.39 -1.83
CA ILE B 1048 14.74 13.19 -1.32
C ILE B 1048 15.74 12.29 -0.61
N LEU B 1049 16.98 12.23 -1.11
CA LEU B 1049 18.00 11.40 -0.47
C LEU B 1049 18.47 12.03 0.84
N SER B 1050 19.09 13.21 0.76
CA SER B 1050 19.62 13.85 1.96
C SER B 1050 18.63 14.85 2.55
N ARG B 1051 17.38 14.42 2.72
CA ARG B 1051 16.41 15.17 3.52
C ARG B 1051 15.56 14.30 4.44
N LEU B 1052 15.52 12.98 4.25
CA LEU B 1052 14.70 12.08 5.05
C LEU B 1052 15.53 10.86 5.44
N ASP B 1053 14.88 9.94 6.16
CA ASP B 1053 15.54 8.72 6.58
C ASP B 1053 15.63 7.71 5.43
N PRO B 1054 16.68 6.90 5.41
CA PRO B 1054 16.84 5.90 4.34
C PRO B 1054 15.67 4.93 4.26
N PRO B 1055 15.21 4.33 5.37
CA PRO B 1055 14.16 3.30 5.24
C PRO B 1055 12.83 3.83 4.73
N GLU B 1056 12.60 5.14 4.80
CA GLU B 1056 11.35 5.75 4.33
C GLU B 1056 11.60 6.70 3.18
N ALA B 1057 12.48 6.32 2.25
CA ALA B 1057 12.81 7.13 1.10
C ALA B 1057 12.68 6.40 -0.23
N GLN B 1058 12.34 5.11 -0.22
CA GLN B 1058 12.24 4.34 -1.46
C GLN B 1058 10.94 4.58 -2.19
N VAL B 1059 9.90 5.07 -1.51
CA VAL B 1059 8.60 5.24 -2.16
C VAL B 1059 8.67 6.33 -3.22
N GLN B 1060 9.25 7.49 -2.87
CA GLN B 1060 9.33 8.59 -3.82
C GLN B 1060 10.22 8.24 -5.00
N ILE B 1061 11.35 7.57 -4.73
CA ILE B 1061 12.24 7.15 -5.80
C ILE B 1061 11.54 6.16 -6.72
N ASP B 1062 10.76 5.24 -6.14
CA ASP B 1062 10.03 4.27 -6.95
C ASP B 1062 9.00 4.96 -7.83
N ARG B 1063 8.29 5.94 -7.28
CA ARG B 1063 7.29 6.68 -8.07
C ARG B 1063 7.96 7.44 -9.22
N LEU B 1064 9.08 8.11 -8.93
CA LEU B 1064 9.80 8.83 -9.98
C LEU B 1064 10.30 7.88 -11.06
N ILE B 1065 10.82 6.72 -10.66
CA ILE B 1065 11.31 5.74 -11.62
C ILE B 1065 10.16 5.25 -12.50
N ASN B 1066 9.01 4.97 -11.89
CA ASN B 1066 7.86 4.52 -12.67
C ASN B 1066 7.42 5.56 -13.68
N GLY B 1067 7.34 6.83 -13.24
CA GLY B 1067 6.95 7.89 -14.16
C GLY B 1067 7.92 8.06 -15.31
N ARG B 1068 9.22 8.06 -15.00
CA ARG B 1068 10.21 8.26 -16.06
C ARG B 1068 10.24 7.07 -17.02
N LEU B 1069 10.06 5.85 -16.51
CA LEU B 1069 10.01 4.70 -17.39
C LEU B 1069 8.78 4.73 -18.29
N THR B 1070 7.63 5.17 -17.74
CA THR B 1070 6.45 5.32 -18.56
C THR B 1070 6.67 6.34 -19.67
N ALA B 1071 7.28 7.48 -19.34
CA ALA B 1071 7.57 8.49 -20.35
C ALA B 1071 8.51 7.95 -21.43
N LEU B 1072 9.55 7.23 -21.02
CA LEU B 1072 10.49 6.67 -22.00
C LEU B 1072 9.80 5.65 -22.90
N ASN B 1073 8.95 4.80 -22.33
CA ASN B 1073 8.23 3.82 -23.13
C ASN B 1073 7.30 4.51 -24.13
N ALA B 1074 6.61 5.57 -23.70
CA ALA B 1074 5.75 6.31 -24.62
C ALA B 1074 6.56 6.92 -25.77
N TYR B 1075 7.72 7.52 -25.44
CA TYR B 1075 8.54 8.10 -26.49
C TYR B 1075 9.05 7.05 -27.47
N VAL B 1076 9.47 5.90 -26.96
CA VAL B 1076 9.97 4.83 -27.82
C VAL B 1076 8.85 4.31 -28.72
N SER B 1077 7.65 4.16 -28.16
CA SER B 1077 6.52 3.71 -28.97
C SER B 1077 6.20 4.71 -30.08
N GLN B 1078 6.21 6.01 -29.75
CA GLN B 1078 5.93 7.02 -30.78
C GLN B 1078 6.99 7.00 -31.87
N GLN B 1079 8.27 6.85 -31.49
CA GLN B 1079 9.34 6.81 -32.48
C GLN B 1079 9.22 5.59 -33.38
N LEU B 1080 8.92 4.42 -32.79
CA LEU B 1080 8.79 3.20 -33.57
C LEU B 1080 7.53 3.22 -34.44
N SER B 1081 6.52 4.01 -34.07
CA SER B 1081 5.35 4.16 -34.93
C SER B 1081 5.63 5.12 -36.08
N ASP B 1082 6.43 6.17 -35.85
CA ASP B 1082 6.74 7.12 -36.91
C ASP B 1082 7.75 6.56 -37.91
N ILE B 1083 8.66 5.70 -37.46
CA ILE B 1083 9.69 5.18 -38.35
C ILE B 1083 9.07 4.35 -39.48
N THR B 1084 7.89 3.77 -39.24
CA THR B 1084 7.23 2.99 -40.29
C THR B 1084 6.80 3.88 -41.44
N LEU B 1085 6.13 5.00 -41.13
CA LEU B 1085 5.74 5.94 -42.18
C LEU B 1085 6.98 6.54 -42.85
N ILE B 1086 8.03 6.78 -42.07
CA ILE B 1086 9.27 7.30 -42.65
C ILE B 1086 9.83 6.33 -43.69
N LYS B 1087 9.88 5.05 -43.33
CA LYS B 1087 10.40 4.04 -44.25
C LYS B 1087 9.49 3.86 -45.46
N ALA B 1088 8.17 3.99 -45.28
CA ALA B 1088 7.26 3.90 -46.42
C ALA B 1088 7.49 5.04 -47.39
N GLY B 1089 7.62 6.27 -46.87
CA GLY B 1089 7.94 7.39 -47.74
C GLY B 1089 9.27 7.24 -48.43
N ALA B 1090 10.27 6.68 -47.73
CA ALA B 1090 11.57 6.47 -48.33
C ALA B 1090 11.50 5.43 -49.45
N SER B 1091 10.72 4.37 -49.26
CA SER B 1091 10.55 3.38 -50.32
C SER B 1091 9.83 3.97 -51.52
N ARG B 1092 8.84 4.83 -51.28
CA ARG B 1092 8.19 5.53 -52.38
C ARG B 1092 9.17 6.41 -53.13
N ALA B 1093 10.06 7.09 -52.40
CA ALA B 1093 11.07 7.92 -53.04
C ALA B 1093 12.03 7.07 -53.88
N ILE B 1094 12.42 5.91 -53.36
CA ILE B 1094 13.32 5.02 -54.11
C ILE B 1094 12.65 4.57 -55.40
N GLU B 1095 11.37 4.16 -55.30
CA GLU B 1095 10.65 3.73 -56.50
C GLU B 1095 10.53 4.86 -57.52
N LYS B 1096 10.27 6.08 -57.04
CA LYS B 1096 10.15 7.22 -57.96
C LYS B 1096 11.49 7.53 -58.61
N VAL B 1097 12.59 7.43 -57.86
CA VAL B 1097 13.92 7.64 -58.45
C VAL B 1097 14.20 6.58 -59.51
N ASN B 1098 13.80 5.33 -59.23
CA ASN B 1098 14.11 4.25 -60.17
C ASN B 1098 13.28 4.35 -61.44
N GLU B 1099 12.01 4.78 -61.33
CA GLU B 1099 11.09 4.72 -62.46
C GLU B 1099 10.71 6.09 -63.00
N CYS B 1100 11.39 7.16 -62.60
CA CYS B 1100 11.10 8.49 -63.14
C CYS B 1100 12.33 9.28 -63.55
N VAL B 1101 13.52 8.97 -63.03
CA VAL B 1101 14.73 9.74 -63.32
C VAL B 1101 15.66 8.99 -64.25
N LYS B 1102 16.12 7.80 -63.83
CA LYS B 1102 17.05 7.02 -64.62
C LYS B 1102 16.38 6.24 -65.75
N SER B 1103 15.05 6.30 -65.86
CA SER B 1103 14.34 5.60 -66.92
C SER B 1103 13.01 6.29 -67.15
N GLN B 1104 12.45 6.06 -68.33
CA GLN B 1104 11.16 6.64 -68.73
C GLN B 1104 10.12 5.52 -68.71
N SER B 1105 9.37 5.44 -67.61
CA SER B 1105 8.37 4.40 -67.47
C SER B 1105 7.17 4.70 -68.36
N PRO B 1106 6.56 3.69 -68.97
CA PRO B 1106 5.39 3.92 -69.83
C PRO B 1106 4.11 4.21 -69.07
N ARG B 1107 4.12 4.15 -67.74
CA ARG B 1107 2.92 4.43 -66.96
C ARG B 1107 2.58 5.91 -67.01
N ILE B 1108 1.29 6.21 -66.79
CA ILE B 1108 0.78 7.57 -66.84
C ILE B 1108 0.30 7.95 -65.45
N ASN B 1109 0.39 9.26 -65.15
CA ASN B 1109 -0.07 9.82 -63.87
C ASN B 1109 0.69 9.23 -62.69
N PHE B 1110 1.98 8.97 -62.89
CA PHE B 1110 2.84 8.50 -61.81
C PHE B 1110 3.96 9.48 -61.49
N CYS B 1111 4.73 9.89 -62.49
CA CYS B 1111 5.83 10.83 -62.31
C CYS B 1111 5.38 12.28 -62.46
N GLY B 1112 4.11 12.53 -62.73
CA GLY B 1112 3.63 13.88 -62.95
C GLY B 1112 2.12 13.99 -63.03
N ASN B 1113 1.62 14.78 -63.98
CA ASN B 1113 0.19 15.04 -64.13
C ASN B 1113 -0.29 14.68 -65.53
N GLY B 1114 0.13 13.52 -66.03
CA GLY B 1114 -0.29 13.03 -67.32
C GLY B 1114 0.54 13.50 -68.49
N ASN B 1115 1.06 14.72 -68.43
CA ASN B 1115 1.90 15.28 -69.48
C ASN B 1115 3.36 15.39 -69.02
N HIS B 1116 3.82 14.39 -68.28
CA HIS B 1116 5.18 14.41 -67.76
C HIS B 1116 6.18 14.15 -68.88
N ILE B 1117 7.28 14.90 -68.86
CA ILE B 1117 8.35 14.77 -69.85
C ILE B 1117 9.59 14.13 -69.23
N LEU B 1118 10.16 14.74 -68.19
CA LEU B 1118 11.32 14.19 -67.51
C LEU B 1118 11.35 14.69 -66.08
N SER B 1119 12.27 14.12 -65.30
CA SER B 1119 12.40 14.46 -63.89
C SER B 1119 13.85 14.39 -63.49
N LEU B 1120 14.23 15.24 -62.53
CA LEU B 1120 15.57 15.30 -62.00
C LEU B 1120 15.51 15.28 -60.48
N VAL B 1121 16.56 14.74 -59.86
CA VAL B 1121 16.62 14.52 -58.42
C VAL B 1121 17.77 15.32 -57.83
N GLN B 1122 17.55 15.88 -56.65
CA GLN B 1122 18.59 16.59 -55.91
C GLN B 1122 18.44 16.25 -54.43
N ASN B 1123 19.51 16.51 -53.67
CA ASN B 1123 19.48 16.29 -52.23
C ASN B 1123 18.79 17.45 -51.52
N ALA B 1124 18.31 17.19 -50.31
CA ALA B 1124 17.70 18.21 -49.48
C ALA B 1124 17.78 17.76 -48.04
N PRO B 1125 17.76 18.69 -47.07
CA PRO B 1125 17.88 18.28 -45.66
C PRO B 1125 16.87 17.21 -45.28
N TYR B 1126 17.37 16.01 -45.01
CA TYR B 1126 16.56 14.86 -44.65
C TYR B 1126 15.53 14.53 -45.74
N GLY B 1127 16.01 14.43 -46.98
CA GLY B 1127 15.15 13.96 -48.04
C GLY B 1127 15.66 14.34 -49.42
N LEU B 1128 14.80 14.14 -50.40
CA LEU B 1128 15.11 14.39 -51.81
C LEU B 1128 14.12 15.40 -52.39
N LEU B 1129 14.61 16.14 -53.38
CA LEU B 1129 13.84 17.16 -54.09
C LEU B 1129 13.74 16.74 -55.56
N PHE B 1130 12.52 16.59 -56.04
CA PHE B 1130 12.25 16.17 -57.41
C PHE B 1130 11.75 17.36 -58.22
N ILE B 1131 12.37 17.58 -59.37
CA ILE B 1131 11.99 18.63 -60.31
C ILE B 1131 11.44 17.95 -61.55
N HIS B 1132 10.15 18.13 -61.81
CA HIS B 1132 9.47 17.52 -62.94
C HIS B 1132 9.18 18.56 -64.00
N PHE B 1133 9.28 18.16 -65.27
CA PHE B 1133 8.98 19.03 -66.40
C PHE B 1133 7.76 18.49 -67.13
N SER B 1134 6.81 19.38 -67.43
CA SER B 1134 5.54 19.00 -68.02
C SER B 1134 5.26 19.84 -69.26
N TYR B 1135 4.41 19.29 -70.13
CA TYR B 1135 4.01 19.93 -71.38
C TYR B 1135 2.66 20.61 -71.16
N LYS B 1136 2.63 21.94 -71.30
CA LYS B 1136 1.43 22.71 -71.00
C LYS B 1136 0.97 23.47 -72.23
N PRO B 1137 -0.24 23.25 -72.72
CA PRO B 1137 -0.75 24.08 -73.83
C PRO B 1137 -1.11 25.47 -73.34
N THR B 1138 -1.13 26.40 -74.29
CA THR B 1138 -1.46 27.80 -74.01
C THR B 1138 -2.71 28.26 -74.75
N SER B 1139 -2.80 28.02 -76.06
CA SER B 1139 -3.94 28.41 -76.86
C SER B 1139 -4.60 27.18 -77.46
N PHE B 1140 -5.93 27.20 -77.54
CA PHE B 1140 -6.71 26.09 -78.06
C PHE B 1140 -7.49 26.52 -79.29
N LYS B 1141 -8.02 25.54 -80.01
CA LYS B 1141 -8.84 25.79 -81.19
C LYS B 1141 -9.88 24.68 -81.31
N THR B 1142 -11.12 25.08 -81.59
CA THR B 1142 -12.20 24.12 -81.76
C THR B 1142 -12.16 23.53 -83.15
N VAL B 1143 -12.30 22.20 -83.24
CA VAL B 1143 -12.23 21.50 -84.52
C VAL B 1143 -13.12 20.27 -84.46
N LEU B 1144 -13.72 19.93 -85.61
CA LEU B 1144 -14.57 18.76 -85.73
C LEU B 1144 -13.76 17.59 -86.24
N VAL B 1145 -13.84 16.45 -85.54
CA VAL B 1145 -13.06 15.26 -85.85
C VAL B 1145 -14.02 14.08 -85.99
N SER B 1146 -13.48 12.99 -86.54
CA SER B 1146 -14.23 11.75 -86.72
C SER B 1146 -13.34 10.59 -86.28
N PRO B 1147 -13.84 9.68 -85.44
CA PRO B 1147 -13.02 8.57 -84.93
C PRO B 1147 -13.03 7.36 -85.85
N GLY B 1148 -12.51 7.54 -87.06
CA GLY B 1148 -12.39 6.44 -87.98
C GLY B 1148 -13.29 6.61 -89.19
N LEU B 1149 -12.89 5.99 -90.30
CA LEU B 1149 -13.61 6.05 -91.56
C LEU B 1149 -13.74 4.64 -92.15
N CYS B 1150 -14.53 4.54 -93.21
CA CYS B 1150 -14.67 3.28 -93.95
C CYS B 1150 -14.44 3.57 -95.42
N LEU B 1151 -13.55 2.80 -96.04
CA LEU B 1151 -13.21 2.95 -97.45
C LEU B 1151 -13.98 1.93 -98.28
N SER B 1152 -13.73 1.96 -99.59
CA SER B 1152 -14.37 1.01 -100.49
C SER B 1152 -13.79 -0.38 -100.29
N GLY B 1153 -14.67 -1.39 -100.31
CA GLY B 1153 -14.27 -2.75 -100.11
C GLY B 1153 -14.46 -3.28 -98.70
N ASP B 1154 -15.36 -2.69 -97.91
CA ASP B 1154 -15.64 -3.13 -96.54
C ASP B 1154 -14.40 -3.10 -95.67
N ARG B 1155 -13.56 -2.08 -95.86
CA ARG B 1155 -12.37 -1.88 -95.06
C ARG B 1155 -12.54 -0.65 -94.18
N GLY B 1156 -11.96 -0.71 -92.99
CA GLY B 1156 -12.05 0.38 -92.02
C GLY B 1156 -10.68 0.94 -91.68
N ILE B 1157 -10.63 2.25 -91.50
CA ILE B 1157 -9.40 2.98 -91.20
C ILE B 1157 -9.58 3.65 -89.85
N ALA B 1158 -8.68 3.34 -88.91
CA ALA B 1158 -8.80 3.94 -87.59
C ALA B 1158 -7.52 4.70 -87.24
N PRO B 1159 -7.65 5.83 -86.55
CA PRO B 1159 -6.45 6.60 -86.16
C PRO B 1159 -5.76 6.00 -84.95
N LYS B 1160 -4.44 6.20 -84.90
CA LYS B 1160 -3.61 5.73 -83.80
C LYS B 1160 -3.02 6.96 -83.11
N GLN B 1161 -3.55 7.29 -81.94
CA GLN B 1161 -3.12 8.47 -81.17
C GLN B 1161 -3.28 9.74 -82.00
N GLY B 1162 -4.52 10.02 -82.36
CA GLY B 1162 -4.81 11.19 -83.17
C GLY B 1162 -6.27 11.20 -83.58
N TYR B 1163 -6.56 12.05 -84.57
CA TYR B 1163 -7.91 12.23 -85.07
C TYR B 1163 -7.88 12.44 -86.58
N PHE B 1164 -9.07 12.34 -87.18
CA PHE B 1164 -9.26 12.60 -88.61
C PHE B 1164 -10.04 13.89 -88.79
N ILE B 1165 -9.50 14.81 -89.58
CA ILE B 1165 -10.13 16.08 -89.86
C ILE B 1165 -10.41 16.18 -91.35
N LYS B 1166 -11.26 17.15 -91.71
CA LYS B 1166 -11.64 17.40 -93.09
C LYS B 1166 -11.21 18.80 -93.46
N GLN B 1167 -10.35 18.91 -94.47
CA GLN B 1167 -9.81 20.19 -94.93
C GLN B 1167 -9.88 20.23 -96.45
N ASN B 1168 -10.60 21.23 -96.98
CA ASN B 1168 -10.73 21.44 -98.42
C ASN B 1168 -11.30 20.19 -99.10
N ASP B 1169 -12.37 19.64 -98.52
CA ASP B 1169 -13.03 18.45 -99.04
C ASP B 1169 -12.05 17.28 -99.17
N SER B 1170 -11.24 17.08 -98.13
CA SER B 1170 -10.27 15.98 -98.12
C SER B 1170 -10.00 15.60 -96.67
N TRP B 1171 -9.87 14.30 -96.43
CA TRP B 1171 -9.64 13.78 -95.09
C TRP B 1171 -8.16 13.67 -94.81
N MET B 1172 -7.72 14.26 -93.70
CA MET B 1172 -6.34 14.24 -93.26
C MET B 1172 -6.28 13.80 -91.81
N PHE B 1173 -5.06 13.53 -91.34
CA PHE B 1173 -4.81 13.08 -89.98
C PHE B 1173 -4.15 14.18 -89.17
N THR B 1174 -4.52 14.29 -87.90
CA THR B 1174 -3.94 15.28 -87.00
C THR B 1174 -3.64 14.63 -85.66
N GLY B 1175 -2.71 15.24 -84.93
CA GLY B 1175 -2.33 14.72 -83.64
C GLY B 1175 -3.33 15.05 -82.55
N SER B 1176 -3.15 14.41 -81.39
CA SER B 1176 -4.02 14.61 -80.25
C SER B 1176 -3.55 15.76 -79.34
N SER B 1177 -2.42 16.38 -79.65
CA SER B 1177 -1.91 17.49 -78.86
C SER B 1177 -1.44 18.67 -79.70
N TYR B 1178 -1.62 18.62 -81.02
CA TYR B 1178 -1.24 19.73 -81.88
C TYR B 1178 -2.17 19.74 -83.08
N TYR B 1179 -2.06 20.80 -83.88
CA TYR B 1179 -2.96 20.98 -85.03
C TYR B 1179 -2.15 21.15 -86.30
N TYR B 1180 -1.19 20.25 -86.53
CA TYR B 1180 -0.40 20.25 -87.76
C TYR B 1180 -0.96 19.17 -88.68
N PRO B 1181 -1.76 19.51 -89.68
CA PRO B 1181 -2.34 18.47 -90.56
C PRO B 1181 -1.26 17.78 -91.38
N GLU B 1182 -1.44 16.48 -91.58
CA GLU B 1182 -0.53 15.65 -92.35
C GLU B 1182 -1.34 14.61 -93.11
N PRO B 1183 -0.87 14.19 -94.28
CA PRO B 1183 -1.61 13.21 -95.08
C PRO B 1183 -1.67 11.85 -94.39
N ILE B 1184 -2.68 11.07 -94.76
CA ILE B 1184 -2.88 9.76 -94.16
C ILE B 1184 -1.81 8.80 -94.67
N SER B 1185 -1.14 8.12 -93.75
CA SER B 1185 -0.09 7.18 -94.11
C SER B 1185 -0.30 5.84 -93.39
N ASP B 1186 0.66 4.94 -93.50
CA ASP B 1186 0.53 3.63 -92.86
C ASP B 1186 0.91 3.69 -91.39
N LYS B 1187 1.91 4.50 -91.03
CA LYS B 1187 2.38 4.54 -89.65
C LYS B 1187 1.41 5.26 -88.73
N ASN B 1188 0.48 6.05 -89.26
CA ASN B 1188 -0.46 6.82 -88.46
C ASN B 1188 -1.90 6.30 -88.59
N VAL B 1189 -2.07 5.07 -89.09
CA VAL B 1189 -3.39 4.53 -89.37
C VAL B 1189 -3.34 3.02 -89.21
N VAL B 1190 -4.36 2.46 -88.57
CA VAL B 1190 -4.51 1.02 -88.45
C VAL B 1190 -5.68 0.56 -89.32
N PHE B 1191 -5.55 -0.64 -89.86
CA PHE B 1191 -6.50 -1.20 -90.80
C PHE B 1191 -7.42 -2.20 -90.10
N MET B 1192 -8.63 -2.34 -90.63
CA MET B 1192 -9.61 -3.28 -90.12
C MET B 1192 -10.37 -3.89 -91.28
N ASN B 1193 -10.69 -5.18 -91.19
CA ASN B 1193 -11.40 -5.88 -92.25
C ASN B 1193 -12.89 -5.56 -92.29
N SER B 1194 -13.36 -4.65 -91.44
CA SER B 1194 -14.77 -4.25 -91.43
C SER B 1194 -14.87 -2.98 -90.60
N CYS B 1195 -16.05 -2.35 -90.66
CA CYS B 1195 -16.32 -1.16 -89.87
C CYS B 1195 -17.79 -1.15 -89.49
N SER B 1196 -18.10 -0.47 -88.39
CA SER B 1196 -19.45 -0.41 -87.87
C SER B 1196 -20.30 0.57 -88.68
N VAL B 1197 -21.55 0.76 -88.24
CA VAL B 1197 -22.48 1.64 -88.95
C VAL B 1197 -22.44 3.07 -88.43
N ASN B 1198 -21.71 3.34 -87.35
CA ASN B 1198 -21.61 4.68 -86.77
C ASN B 1198 -20.31 5.38 -87.17
N PHE B 1199 -19.83 5.12 -88.38
CA PHE B 1199 -18.65 5.78 -88.93
C PHE B 1199 -19.05 6.66 -90.11
N THR B 1200 -18.06 7.35 -90.67
CA THR B 1200 -18.26 8.22 -91.82
C THR B 1200 -17.76 7.53 -93.07
N LYS B 1201 -18.59 7.51 -94.11
CA LYS B 1201 -18.25 6.85 -95.36
C LYS B 1201 -17.57 7.84 -96.29
N ALA B 1202 -16.42 7.44 -96.83
CA ALA B 1202 -15.64 8.28 -97.75
C ALA B 1202 -14.79 7.39 -98.63
N PRO B 1203 -15.34 6.92 -99.75
CA PRO B 1203 -14.58 6.04 -100.65
C PRO B 1203 -13.62 6.76 -101.57
N PHE B 1204 -13.35 8.05 -101.36
CA PHE B 1204 -12.46 8.81 -102.21
C PHE B 1204 -11.03 8.87 -101.69
N ILE B 1205 -10.73 8.16 -100.61
CA ILE B 1205 -9.38 8.15 -100.02
C ILE B 1205 -8.69 6.92 -100.59
N TYR B 1206 -8.02 7.11 -101.73
CA TYR B 1206 -7.27 6.04 -102.39
C TYR B 1206 -5.81 6.07 -101.98
N LEU B 1207 -5.58 5.91 -100.68
CA LEU B 1207 -4.24 5.93 -100.10
C LEU B 1207 -3.88 4.57 -99.50
N ASN B 1208 -4.24 3.50 -100.20
CA ASN B 1208 -3.96 2.15 -99.72
C ASN B 1208 -2.51 1.76 -100.01
N VAL C 1 -22.15 -26.98 23.00
CA VAL C 1 -22.14 -25.74 23.76
C VAL C 1 -22.18 -24.55 22.80
N ILE C 2 -23.32 -23.86 22.76
CA ILE C 2 -23.48 -22.70 21.88
C ILE C 2 -23.24 -21.42 22.69
N GLY C 3 -24.03 -21.23 23.73
CA GLY C 3 -23.92 -20.06 24.58
C GLY C 3 -23.04 -20.30 25.78
N ASP C 4 -23.12 -19.38 26.74
CA ASP C 4 -22.33 -19.44 27.97
C ASP C 4 -23.22 -19.10 29.16
N PHE C 5 -24.40 -19.69 29.19
CA PHE C 5 -25.36 -19.47 30.28
C PHE C 5 -26.11 -20.76 30.56
N ASN C 6 -26.30 -21.06 31.84
CA ASN C 6 -26.96 -22.30 32.24
C ASN C 6 -28.44 -22.23 31.86
N CYS C 7 -28.87 -23.14 30.99
CA CYS C 7 -30.27 -23.16 30.56
C CYS C 7 -31.15 -23.83 31.61
N THR C 8 -30.90 -25.11 31.88
CA THR C 8 -31.67 -25.89 32.85
C THR C 8 -30.91 -27.17 33.11
N ASN C 9 -31.47 -28.01 33.98
CA ASN C 9 -30.89 -29.30 34.34
C ASN C 9 -31.96 -30.38 34.32
N SER C 10 -32.77 -30.39 33.26
CA SER C 10 -33.85 -31.35 33.11
C SER C 10 -33.83 -31.92 31.70
N PHE C 11 -33.82 -33.24 31.59
CA PHE C 11 -33.85 -33.95 30.32
C PHE C 11 -32.66 -33.58 29.44
N ILE C 12 -31.47 -33.93 29.93
CA ILE C 12 -30.22 -33.76 29.19
C ILE C 12 -29.61 -35.14 29.01
N ASN C 13 -29.34 -35.52 27.76
CA ASN C 13 -28.76 -36.80 27.46
C ASN C 13 -27.23 -36.74 27.60
N ASP C 14 -26.58 -37.85 27.25
CA ASP C 14 -25.12 -37.95 27.34
C ASP C 14 -24.45 -38.06 25.98
N TYR C 15 -24.90 -39.01 25.14
CA TYR C 15 -24.33 -39.17 23.81
C TYR C 15 -25.36 -39.83 22.90
N ASN C 16 -25.13 -39.70 21.61
CA ASN C 16 -26.00 -40.29 20.60
C ASN C 16 -25.18 -40.50 19.33
N LYS C 17 -25.85 -40.81 18.22
CA LYS C 17 -25.19 -41.02 16.94
C LYS C 17 -25.51 -39.90 15.95
N THR C 18 -26.78 -39.66 15.67
CA THR C 18 -27.25 -38.54 14.85
C THR C 18 -26.53 -38.52 13.49
N ILE C 19 -26.78 -39.56 12.71
CA ILE C 19 -26.15 -39.66 11.39
C ILE C 19 -26.73 -38.58 10.47
N PRO C 20 -25.90 -37.76 9.83
CA PRO C 20 -26.44 -36.73 8.92
C PRO C 20 -26.97 -37.36 7.64
N ARG C 21 -28.19 -36.96 7.26
CA ARG C 21 -28.80 -37.47 6.05
C ARG C 21 -28.30 -36.70 4.83
N ILE C 22 -27.94 -37.43 3.78
CA ILE C 22 -27.46 -36.85 2.53
C ILE C 22 -28.51 -37.11 1.46
N SER C 23 -28.86 -36.05 0.72
CA SER C 23 -29.87 -36.15 -0.31
C SER C 23 -29.29 -36.80 -1.57
N GLU C 24 -30.15 -36.99 -2.57
CA GLU C 24 -29.74 -37.57 -3.84
C GLU C 24 -29.93 -36.65 -5.03
N ASP C 25 -30.78 -35.63 -4.93
CA ASP C 25 -31.00 -34.71 -6.04
C ASP C 25 -29.89 -33.67 -6.10
N VAL C 26 -29.45 -33.37 -7.32
CA VAL C 26 -28.38 -32.40 -7.54
C VAL C 26 -29.01 -31.06 -7.91
N VAL C 27 -28.22 -30.00 -7.76
CA VAL C 27 -28.67 -28.65 -8.09
C VAL C 27 -28.61 -28.46 -9.60
N ASP C 28 -29.74 -28.09 -10.19
CA ASP C 28 -29.85 -27.86 -11.63
C ASP C 28 -30.14 -26.39 -11.86
N VAL C 29 -29.11 -25.61 -12.17
CA VAL C 29 -29.25 -24.17 -12.41
C VAL C 29 -29.54 -24.02 -13.91
N SER C 30 -30.81 -24.15 -14.28
CA SER C 30 -31.22 -24.03 -15.66
C SER C 30 -32.44 -23.13 -15.88
N LEU C 31 -33.27 -22.90 -14.86
CA LEU C 31 -34.44 -22.07 -14.99
C LEU C 31 -34.54 -20.98 -13.92
N GLY C 32 -33.64 -20.98 -12.94
CA GLY C 32 -33.67 -19.98 -11.89
C GLY C 32 -33.32 -20.54 -10.52
N LEU C 33 -33.37 -21.86 -10.39
CA LEU C 33 -33.03 -22.50 -9.12
C LEU C 33 -31.55 -22.30 -8.82
N GLY C 34 -31.25 -21.53 -7.77
CA GLY C 34 -29.90 -21.20 -7.38
C GLY C 34 -29.53 -19.76 -7.63
N THR C 35 -30.05 -19.15 -8.68
CA THR C 35 -29.78 -17.76 -8.98
C THR C 35 -30.68 -16.85 -8.15
N TYR C 36 -30.14 -15.71 -7.74
CA TYR C 36 -30.85 -14.77 -6.90
C TYR C 36 -30.88 -13.39 -7.57
N TYR C 37 -31.96 -12.67 -7.33
CA TYR C 37 -32.07 -11.30 -7.83
C TYR C 37 -31.11 -10.39 -7.08
N VAL C 38 -30.52 -9.44 -7.82
CA VAL C 38 -29.70 -8.42 -7.18
C VAL C 38 -30.59 -7.53 -6.30
N LEU C 39 -29.93 -6.73 -5.46
CA LEU C 39 -30.64 -5.94 -4.45
C LEU C 39 -31.70 -5.05 -5.08
N ASN C 40 -31.28 -4.03 -5.83
CA ASN C 40 -32.19 -3.29 -6.70
C ASN C 40 -31.37 -2.72 -7.86
N ARG C 41 -31.27 -3.49 -8.93
CA ARG C 41 -30.59 -3.06 -10.16
C ARG C 41 -31.37 -3.57 -11.38
N VAL C 42 -32.69 -3.40 -11.35
CA VAL C 42 -33.60 -3.93 -12.36
C VAL C 42 -33.07 -3.70 -13.77
N TYR C 43 -33.04 -4.76 -14.58
CA TYR C 43 -32.52 -4.71 -15.93
C TYR C 43 -33.63 -4.95 -16.94
N LEU C 44 -33.36 -4.54 -18.17
CA LEU C 44 -34.27 -4.78 -19.29
C LEU C 44 -33.90 -6.13 -19.93
N ASN C 45 -34.44 -6.40 -21.12
CA ASN C 45 -34.17 -7.68 -21.78
C ASN C 45 -32.74 -7.74 -22.30
N THR C 46 -31.77 -7.77 -21.38
CA THR C 46 -30.36 -7.82 -21.73
C THR C 46 -29.71 -8.99 -21.00
N THR C 47 -28.50 -9.32 -21.43
CA THR C 47 -27.72 -10.41 -20.85
C THR C 47 -26.48 -9.83 -20.16
N LEU C 48 -26.30 -10.18 -18.89
CA LEU C 48 -25.18 -9.68 -18.11
C LEU C 48 -24.48 -10.82 -17.41
N LEU C 49 -23.15 -10.79 -17.40
CA LEU C 49 -22.34 -11.80 -16.72
C LEU C 49 -22.10 -11.34 -15.29
N PHE C 50 -22.90 -11.84 -14.36
CA PHE C 50 -22.78 -11.41 -12.97
C PHE C 50 -21.71 -12.22 -12.26
N THR C 51 -21.06 -11.61 -11.26
CA THR C 51 -20.04 -12.27 -10.46
C THR C 51 -20.44 -12.16 -9.00
N GLY C 52 -20.92 -13.25 -8.43
CA GLY C 52 -21.40 -13.24 -7.06
C GLY C 52 -21.07 -14.51 -6.30
N TYR C 53 -21.93 -14.88 -5.36
CA TYR C 53 -21.75 -16.08 -4.54
C TYR C 53 -22.91 -17.03 -4.86
N PHE C 54 -22.59 -18.14 -5.50
CA PHE C 54 -23.58 -19.09 -5.98
C PHE C 54 -23.19 -20.49 -5.54
N PRO C 55 -24.14 -21.42 -5.53
CA PRO C 55 -23.80 -22.83 -5.25
C PRO C 55 -23.22 -23.52 -6.47
N LYS C 56 -22.40 -24.52 -6.21
CA LYS C 56 -21.80 -25.30 -7.29
C LYS C 56 -22.84 -26.20 -7.94
N SER C 57 -22.83 -26.22 -9.27
CA SER C 57 -23.79 -27.04 -10.00
C SER C 57 -23.48 -28.52 -9.81
N GLY C 58 -24.53 -29.33 -9.67
CA GLY C 58 -24.37 -30.74 -9.45
C GLY C 58 -23.81 -31.08 -8.08
N ALA C 59 -24.55 -30.73 -7.04
CA ALA C 59 -24.13 -30.98 -5.66
C ALA C 59 -25.32 -31.47 -4.85
N ASN C 60 -25.03 -32.28 -3.84
CA ASN C 60 -26.07 -32.84 -2.99
C ASN C 60 -26.31 -31.95 -1.77
N PHE C 61 -27.48 -32.11 -1.18
CA PHE C 61 -27.87 -31.33 -0.01
C PHE C 61 -27.57 -32.12 1.27
N ARG C 62 -27.63 -31.40 2.40
CA ARG C 62 -27.42 -31.99 3.71
C ARG C 62 -28.51 -31.51 4.65
N ASP C 63 -29.22 -32.44 5.27
CA ASP C 63 -30.28 -32.09 6.21
C ASP C 63 -29.69 -31.80 7.59
N LEU C 64 -30.20 -30.73 8.21
CA LEU C 64 -29.74 -30.32 9.53
C LEU C 64 -30.91 -30.03 10.47
N ALA C 65 -32.10 -30.53 10.17
CA ALA C 65 -33.28 -30.29 10.99
C ALA C 65 -33.39 -31.37 12.06
N LEU C 66 -33.56 -30.94 13.30
CA LEU C 66 -33.71 -31.85 14.44
C LEU C 66 -35.04 -31.57 15.13
N LYS C 67 -35.65 -32.64 15.65
CA LYS C 67 -36.95 -32.55 16.31
C LYS C 67 -36.95 -33.52 17.50
N GLY C 68 -36.74 -32.98 18.70
CA GLY C 68 -36.82 -33.79 19.90
C GLY C 68 -38.22 -33.84 20.49
N SER C 69 -38.41 -34.78 21.41
CA SER C 69 -39.71 -34.96 22.05
C SER C 69 -39.67 -34.62 23.54
N ILE C 70 -38.79 -35.26 24.31
CA ILE C 70 -38.69 -35.00 25.74
C ILE C 70 -37.25 -34.66 26.12
N TYR C 71 -36.32 -35.53 25.74
CA TYR C 71 -34.92 -35.34 26.09
C TYR C 71 -34.18 -34.57 25.00
N LEU C 72 -33.04 -33.99 25.40
CA LEU C 72 -32.17 -33.27 24.48
C LEU C 72 -30.76 -33.83 24.59
N SER C 73 -30.08 -33.94 23.46
CA SER C 73 -28.74 -34.52 23.39
C SER C 73 -27.70 -33.42 23.41
N THR C 74 -26.59 -33.67 24.12
CA THR C 74 -25.51 -32.71 24.17
C THR C 74 -24.79 -32.59 22.84
N LEU C 75 -24.68 -33.69 22.09
CA LEU C 75 -24.01 -33.68 20.80
C LEU C 75 -24.75 -32.86 19.75
N TRP C 76 -26.02 -32.52 19.99
CA TRP C 76 -26.77 -31.71 19.04
C TRP C 76 -26.19 -30.30 18.92
N TYR C 77 -25.51 -29.82 19.97
CA TYR C 77 -24.89 -28.50 19.97
C TYR C 77 -23.40 -28.58 19.68
N LYS C 78 -22.98 -29.55 18.88
CA LYS C 78 -21.59 -29.76 18.51
C LYS C 78 -21.51 -30.03 17.01
N PRO C 79 -20.33 -29.87 16.42
CA PRO C 79 -20.19 -30.19 15.00
C PRO C 79 -20.52 -31.65 14.74
N PRO C 80 -20.94 -31.99 13.52
CA PRO C 80 -21.08 -31.10 12.36
C PRO C 80 -22.39 -30.35 12.30
N PHE C 81 -23.10 -30.25 13.43
CA PHE C 81 -24.36 -29.50 13.47
C PHE C 81 -24.16 -28.00 13.57
N LEU C 82 -22.93 -27.54 13.75
CA LEU C 82 -22.60 -26.11 13.76
C LEU C 82 -21.86 -25.81 12.47
N SER C 83 -22.57 -25.28 11.48
CA SER C 83 -21.98 -25.07 10.16
C SER C 83 -21.02 -23.90 10.18
N ASP C 84 -19.95 -24.01 9.40
CA ASP C 84 -18.96 -22.96 9.29
C ASP C 84 -19.37 -22.00 8.18
N PHE C 85 -19.52 -20.72 8.53
CA PHE C 85 -19.97 -19.70 7.58
C PHE C 85 -18.75 -19.11 6.89
N ASN C 86 -18.19 -19.89 5.96
CA ASN C 86 -17.00 -19.45 5.24
C ASN C 86 -17.35 -18.37 4.22
N ASN C 87 -18.20 -18.71 3.25
CA ASN C 87 -18.61 -17.76 2.22
C ASN C 87 -20.12 -17.55 2.15
N GLY C 88 -20.91 -18.52 2.56
CA GLY C 88 -22.36 -18.37 2.51
C GLY C 88 -23.03 -19.73 2.49
N ILE C 89 -24.36 -19.67 2.52
CA ILE C 89 -25.20 -20.86 2.55
C ILE C 89 -26.43 -20.64 1.69
N PHE C 90 -26.91 -21.74 1.09
CA PHE C 90 -28.18 -21.76 0.38
C PHE C 90 -29.03 -22.87 0.99
N SER C 91 -30.16 -22.50 1.59
CA SER C 91 -30.96 -23.43 2.37
C SER C 91 -32.34 -23.60 1.73
N LYS C 92 -32.89 -24.79 1.91
CA LYS C 92 -34.22 -25.14 1.44
C LYS C 92 -34.97 -25.83 2.57
N VAL C 93 -36.12 -25.27 2.94
CA VAL C 93 -36.91 -25.79 4.04
C VAL C 93 -38.27 -26.23 3.51
N LYS C 94 -38.89 -27.16 4.23
CA LYS C 94 -40.22 -27.66 3.88
C LYS C 94 -41.26 -26.95 4.73
N ASN C 95 -42.30 -26.44 4.09
CA ASN C 95 -43.37 -25.75 4.78
C ASN C 95 -44.21 -26.73 5.58
N THR C 96 -43.90 -26.92 6.87
CA THR C 96 -44.59 -27.88 7.70
C THR C 96 -46.02 -27.39 7.94
N LYS C 97 -46.98 -28.03 7.28
CA LYS C 97 -48.39 -27.64 7.36
C LYS C 97 -49.14 -28.66 8.20
N LEU C 98 -49.81 -28.18 9.24
CA LEU C 98 -50.62 -29.02 10.12
C LEU C 98 -52.07 -28.54 10.09
N TYR C 99 -52.99 -29.49 10.25
CA TYR C 99 -54.42 -29.22 10.26
C TYR C 99 -55.00 -29.63 11.61
N VAL C 100 -55.50 -28.65 12.36
CA VAL C 100 -56.11 -28.91 13.66
C VAL C 100 -57.40 -28.10 13.75
N ASN C 101 -58.50 -28.79 14.04
CA ASN C 101 -59.83 -28.16 14.14
C ASN C 101 -60.17 -27.39 12.87
N ASN C 102 -59.87 -28.00 11.73
CA ASN C 102 -60.11 -27.40 10.41
C ASN C 102 -59.37 -26.08 10.25
N THR C 103 -58.26 -25.91 10.96
CA THR C 103 -57.43 -24.72 10.86
C THR C 103 -56.01 -25.13 10.45
N LEU C 104 -55.45 -24.37 9.52
CA LEU C 104 -54.12 -24.65 8.98
C LEU C 104 -53.06 -23.84 9.71
N TYR C 105 -51.93 -24.47 9.99
CA TYR C 105 -50.79 -23.84 10.63
C TYR C 105 -49.53 -24.20 9.87
N SER C 106 -48.83 -23.19 9.36
CA SER C 106 -47.61 -23.37 8.59
C SER C 106 -46.42 -22.92 9.43
N GLU C 107 -45.49 -23.84 9.68
CA GLU C 107 -44.33 -23.55 10.50
C GLU C 107 -43.10 -24.25 9.93
N PHE C 108 -41.93 -23.79 10.37
CA PHE C 108 -40.65 -24.42 10.05
C PHE C 108 -39.67 -24.05 11.17
N SER C 109 -38.39 -24.32 10.94
CA SER C 109 -37.39 -24.19 11.99
C SER C 109 -36.86 -22.75 12.07
N THR C 110 -35.84 -22.55 12.90
CA THR C 110 -35.26 -21.25 13.16
C THR C 110 -33.76 -21.30 12.87
N ILE C 111 -33.22 -20.24 12.28
CA ILE C 111 -31.82 -20.20 11.89
C ILE C 111 -31.13 -19.05 12.61
N VAL C 112 -30.01 -19.36 13.26
CA VAL C 112 -29.26 -18.37 14.05
C VAL C 112 -27.81 -18.40 13.59
N ILE C 113 -27.30 -17.24 13.16
CA ILE C 113 -25.93 -17.10 12.69
C ILE C 113 -25.19 -16.19 13.67
N GLY C 114 -24.09 -16.69 14.24
CA GLY C 114 -23.35 -15.94 15.23
C GLY C 114 -21.86 -16.15 15.07
N SER C 115 -21.10 -15.19 15.60
CA SER C 115 -19.65 -15.24 15.56
C SER C 115 -19.08 -15.92 16.80
N VAL C 116 -19.38 -15.37 17.98
CA VAL C 116 -18.91 -15.94 19.24
C VAL C 116 -20.05 -16.26 20.20
N PHE C 117 -21.29 -15.89 19.88
CA PHE C 117 -22.44 -16.15 20.75
C PHE C 117 -22.24 -15.54 22.13
N VAL C 118 -21.67 -14.33 22.17
CA VAL C 118 -21.42 -13.62 23.40
C VAL C 118 -22.24 -12.34 23.39
N ASN C 119 -22.59 -11.87 24.60
CA ASN C 119 -23.48 -10.72 24.74
C ASN C 119 -22.88 -9.44 24.18
N THR C 120 -21.56 -9.35 24.05
CA THR C 120 -20.91 -8.16 23.54
C THR C 120 -20.73 -8.17 22.03
N SER C 121 -21.38 -9.12 21.33
CA SER C 121 -21.32 -9.18 19.88
C SER C 121 -22.71 -9.42 19.33
N TYR C 122 -22.92 -9.00 18.08
CA TYR C 122 -24.22 -9.17 17.44
C TYR C 122 -24.38 -10.60 16.94
N THR C 123 -25.64 -10.98 16.73
CA THR C 123 -25.99 -12.33 16.28
C THR C 123 -27.32 -12.26 15.54
N ILE C 124 -27.33 -12.75 14.30
CA ILE C 124 -28.54 -12.70 13.48
C ILE C 124 -29.40 -13.91 13.81
N VAL C 125 -30.71 -13.72 13.82
CA VAL C 125 -31.64 -14.82 14.09
C VAL C 125 -32.93 -14.57 13.32
N VAL C 126 -33.38 -15.59 12.58
CA VAL C 126 -34.61 -15.52 11.80
C VAL C 126 -35.48 -16.71 12.19
N GLN C 127 -36.76 -16.45 12.44
CA GLN C 127 -37.67 -17.46 12.96
C GLN C 127 -39.08 -17.17 12.49
N PRO C 128 -39.90 -18.20 12.28
CA PRO C 128 -41.29 -17.99 11.89
C PRO C 128 -42.23 -17.91 13.08
N HIS C 129 -43.34 -17.20 12.87
CA HIS C 129 -44.41 -17.07 13.85
C HIS C 129 -45.73 -16.96 13.08
N ASN C 130 -46.39 -18.09 12.92
CA ASN C 130 -47.72 -18.17 12.28
C ASN C 130 -47.74 -17.45 10.94
N GLY C 131 -46.72 -17.72 10.13
CA GLY C 131 -46.61 -17.14 8.81
C GLY C 131 -45.91 -15.80 8.75
N ILE C 132 -45.44 -15.27 9.87
CA ILE C 132 -44.70 -14.01 9.90
C ILE C 132 -43.25 -14.34 10.18
N LEU C 133 -42.37 -14.04 9.22
CA LEU C 133 -40.94 -14.32 9.37
C LEU C 133 -40.29 -13.14 10.06
N GLU C 134 -39.88 -13.33 11.32
CA GLU C 134 -39.24 -12.30 12.11
C GLU C 134 -37.73 -12.46 12.01
N ILE C 135 -37.04 -11.41 11.58
CA ILE C 135 -35.59 -11.38 11.50
C ILE C 135 -35.09 -10.31 12.45
N THR C 136 -34.01 -10.60 13.17
CA THR C 136 -33.45 -9.62 14.10
C THR C 136 -31.96 -9.86 14.28
N ALA C 137 -31.18 -8.79 14.23
CA ALA C 137 -29.74 -8.83 14.40
C ALA C 137 -29.39 -7.93 15.58
N CYS C 138 -29.40 -8.50 16.79
CA CYS C 138 -29.17 -7.74 18.00
C CYS C 138 -28.38 -8.58 18.99
N GLN C 139 -27.54 -7.91 19.78
CA GLN C 139 -26.74 -8.58 20.80
C GLN C 139 -27.63 -9.24 21.85
N TYR C 140 -27.65 -10.57 21.88
CA TYR C 140 -28.47 -11.33 22.80
C TYR C 140 -27.58 -12.18 23.71
N THR C 141 -28.20 -12.73 24.75
CA THR C 141 -27.52 -13.60 25.70
C THR C 141 -28.16 -14.98 25.57
N MET C 142 -27.63 -15.78 24.64
CA MET C 142 -28.13 -17.12 24.42
C MET C 142 -27.50 -18.10 25.41
N CYS C 143 -28.31 -18.99 25.95
CA CYS C 143 -27.84 -19.95 26.94
C CYS C 143 -27.08 -21.07 26.25
N GLU C 144 -26.56 -22.01 27.04
CA GLU C 144 -25.69 -23.04 26.50
C GLU C 144 -26.42 -23.97 25.55
N TYR C 145 -27.55 -24.54 25.99
CA TYR C 145 -28.33 -25.48 25.19
C TYR C 145 -29.72 -24.90 24.97
N PRO C 146 -29.86 -23.95 24.05
CA PRO C 146 -31.17 -23.32 23.83
C PRO C 146 -32.09 -24.20 23.01
N HIS C 147 -33.39 -24.01 23.21
CA HIS C 147 -34.42 -24.72 22.46
C HIS C 147 -35.58 -23.77 22.19
N THR C 148 -36.36 -24.11 21.17
CA THR C 148 -37.49 -23.28 20.75
C THR C 148 -38.65 -24.18 20.35
N VAL C 149 -39.82 -23.92 20.93
CA VAL C 149 -41.04 -24.63 20.58
C VAL C 149 -41.92 -23.71 19.74
N CYS C 150 -42.96 -24.30 19.16
CA CYS C 150 -43.94 -23.54 18.39
C CYS C 150 -45.30 -23.63 19.08
N LYS C 151 -46.06 -22.53 19.01
CA LYS C 151 -47.35 -22.45 19.67
C LYS C 151 -48.37 -23.40 19.07
N SER C 152 -48.12 -23.95 17.89
CA SER C 152 -49.05 -24.87 17.26
C SER C 152 -49.03 -26.22 17.96
N LYS C 153 -49.93 -26.41 18.92
CA LYS C 153 -50.08 -27.66 19.66
C LYS C 153 -48.78 -28.05 20.36
N GLY C 154 -48.35 -27.19 21.29
CA GLY C 154 -47.20 -27.51 22.11
C GLY C 154 -47.47 -28.71 23.00
N SER C 155 -46.43 -29.51 23.23
CA SER C 155 -46.57 -30.78 23.92
C SER C 155 -45.90 -30.80 25.29
N ILE C 156 -44.60 -30.50 25.36
CA ILE C 156 -43.90 -30.60 26.64
C ILE C 156 -43.21 -29.28 26.97
N ARG C 157 -42.26 -28.87 26.13
CA ARG C 157 -41.37 -27.77 26.46
C ARG C 157 -41.98 -26.43 26.06
N ASN C 158 -41.28 -25.35 26.38
CA ASN C 158 -41.69 -24.00 26.07
C ASN C 158 -40.57 -23.27 25.34
N GLU C 159 -40.92 -22.17 24.69
CA GLU C 159 -39.97 -21.39 23.91
C GLU C 159 -39.09 -20.57 24.85
N SER C 160 -37.81 -20.94 24.95
CA SER C 160 -36.88 -20.23 25.81
C SER C 160 -35.47 -20.47 25.28
N TRP C 161 -34.87 -19.45 24.67
CA TRP C 161 -33.52 -19.56 24.13
C TRP C 161 -32.59 -18.43 24.57
N HIS C 162 -33.10 -17.38 25.22
CA HIS C 162 -32.25 -16.30 25.70
C HIS C 162 -32.91 -15.65 26.91
N ILE C 163 -32.09 -15.00 27.73
CA ILE C 163 -32.56 -14.31 28.92
C ILE C 163 -32.04 -12.87 28.85
N ASP C 164 -32.98 -11.91 28.76
CA ASP C 164 -32.62 -10.50 28.67
C ASP C 164 -33.70 -9.70 29.37
N SER C 165 -33.35 -9.09 30.50
CA SER C 165 -34.29 -8.28 31.25
C SER C 165 -34.53 -6.91 30.62
N SER C 166 -33.63 -6.48 29.73
CA SER C 166 -33.77 -5.20 29.05
C SER C 166 -33.40 -5.38 27.58
N GLU C 167 -33.99 -4.54 26.74
CA GLU C 167 -33.73 -4.61 25.30
C GLU C 167 -32.38 -3.98 25.00
N PRO C 168 -31.41 -4.75 24.48
CA PRO C 168 -30.09 -4.16 24.20
C PRO C 168 -30.10 -3.28 22.96
N LEU C 169 -28.93 -2.74 22.61
CA LEU C 169 -28.81 -1.91 21.41
C LEU C 169 -28.93 -2.79 20.17
N CYS C 170 -29.96 -2.55 19.37
CA CYS C 170 -30.27 -3.36 18.20
C CYS C 170 -30.09 -2.55 16.93
N LEU C 171 -29.49 -3.18 15.91
CA LEU C 171 -29.25 -2.53 14.63
C LEU C 171 -30.30 -2.85 13.58
N PHE C 172 -30.92 -4.03 13.65
CA PHE C 172 -31.91 -4.43 12.66
C PHE C 172 -32.89 -5.40 13.29
N LYS C 173 -34.18 -5.13 13.10
CA LYS C 173 -35.23 -6.01 13.62
C LYS C 173 -36.50 -5.70 12.85
N LYS C 174 -37.01 -6.68 12.09
CA LYS C 174 -38.19 -6.45 11.27
C LYS C 174 -38.91 -7.76 11.03
N ASN C 175 -40.07 -7.67 10.39
CA ASN C 175 -40.92 -8.81 10.08
C ASN C 175 -41.33 -8.76 8.62
N PHE C 176 -41.49 -9.94 8.03
CA PHE C 176 -41.93 -10.07 6.65
C PHE C 176 -43.06 -11.09 6.58
N THR C 177 -43.80 -11.06 5.47
CA THR C 177 -44.92 -11.96 5.25
C THR C 177 -44.64 -12.83 4.03
N TYR C 178 -45.34 -13.96 3.96
CA TYR C 178 -45.20 -14.89 2.85
C TYR C 178 -46.49 -15.70 2.72
N ASN C 179 -46.53 -16.55 1.70
CA ASN C 179 -47.70 -17.38 1.43
C ASN C 179 -47.69 -18.59 2.35
N VAL C 180 -48.74 -18.74 3.16
CA VAL C 180 -48.79 -19.82 4.13
C VAL C 180 -49.08 -21.17 3.51
N SER C 181 -49.46 -21.22 2.24
CA SER C 181 -49.76 -22.47 1.54
C SER C 181 -48.77 -22.61 0.39
N ALA C 182 -47.63 -23.23 0.66
CA ALA C 182 -46.59 -23.44 -0.35
C ALA C 182 -45.95 -24.80 -0.13
N ASP C 183 -45.07 -25.18 -1.05
CA ASP C 183 -44.38 -26.46 -0.98
C ASP C 183 -43.08 -26.36 -0.20
N TRP C 184 -42.16 -25.50 -0.65
CA TRP C 184 -40.89 -25.32 0.02
C TRP C 184 -40.53 -23.83 0.01
N LEU C 185 -39.59 -23.47 0.88
CA LEU C 185 -39.11 -22.10 1.01
C LEU C 185 -37.61 -22.09 0.84
N TYR C 186 -37.12 -21.17 0.00
CA TYR C 186 -35.69 -21.06 -0.29
C TYR C 186 -35.12 -19.84 0.41
N PHE C 187 -33.89 -19.98 0.91
CA PHE C 187 -33.18 -18.89 1.56
C PHE C 187 -31.73 -18.87 1.09
N HIS C 188 -31.13 -17.68 1.09
CA HIS C 188 -29.78 -17.49 0.58
C HIS C 188 -29.09 -16.44 1.43
N PHE C 189 -27.99 -16.83 2.10
CA PHE C 189 -27.28 -15.92 2.97
C PHE C 189 -25.79 -15.92 2.62
N TYR C 190 -25.17 -14.75 2.75
CA TYR C 190 -23.73 -14.62 2.53
C TYR C 190 -23.28 -13.26 3.08
N GLN C 191 -21.97 -13.04 3.03
CA GLN C 191 -21.38 -11.80 3.50
C GLN C 191 -20.18 -11.46 2.63
N GLU C 192 -19.90 -10.16 2.53
CA GLU C 192 -18.79 -9.68 1.72
C GLU C 192 -18.41 -8.28 2.21
N ARG C 193 -17.11 -8.08 2.45
CA ARG C 193 -16.58 -6.79 2.90
C ARG C 193 -17.28 -6.31 4.17
N GLY C 194 -17.61 -7.26 5.06
CA GLY C 194 -18.28 -6.94 6.29
C GLY C 194 -19.76 -6.65 6.17
N VAL C 195 -20.33 -6.75 4.97
CA VAL C 195 -21.74 -6.50 4.75
C VAL C 195 -22.45 -7.83 4.56
N PHE C 196 -23.48 -8.07 5.35
CA PHE C 196 -24.24 -9.31 5.31
C PHE C 196 -25.51 -9.11 4.50
N TYR C 197 -25.83 -10.09 3.65
CA TYR C 197 -27.00 -10.03 2.80
C TYR C 197 -27.92 -11.22 3.09
N ALA C 198 -29.15 -11.13 2.60
CA ALA C 198 -30.13 -12.18 2.81
C ALA C 198 -31.17 -12.12 1.71
N TYR C 199 -31.62 -13.30 1.26
CA TYR C 199 -32.65 -13.42 0.24
C TYR C 199 -33.58 -14.56 0.60
N TYR C 200 -34.87 -14.38 0.33
CA TYR C 200 -35.86 -15.40 0.63
C TYR C 200 -36.83 -15.54 -0.54
N ALA C 201 -37.41 -16.73 -0.68
CA ALA C 201 -38.37 -17.02 -1.73
C ALA C 201 -39.39 -18.02 -1.23
N ASP C 202 -40.66 -17.66 -1.34
CA ASP C 202 -41.75 -18.54 -0.92
C ASP C 202 -42.21 -19.45 -2.05
N VAL C 203 -42.40 -18.90 -3.25
CA VAL C 203 -42.81 -19.67 -4.41
C VAL C 203 -42.06 -19.13 -5.63
N GLY C 204 -41.46 -20.03 -6.39
CA GLY C 204 -40.70 -19.66 -7.56
C GLY C 204 -39.27 -20.18 -7.51
N MET C 205 -38.59 -20.04 -8.65
CA MET C 205 -37.21 -20.50 -8.78
C MET C 205 -36.22 -19.54 -8.12
N PRO C 206 -36.23 -18.24 -8.43
CA PRO C 206 -35.24 -17.34 -7.84
C PRO C 206 -35.75 -16.75 -6.52
N THR C 207 -34.82 -16.13 -5.80
CA THR C 207 -35.10 -15.51 -4.52
C THR C 207 -35.13 -14.00 -4.65
N THR C 208 -35.84 -13.35 -3.72
CA THR C 208 -36.01 -11.91 -3.73
C THR C 208 -35.18 -11.27 -2.62
N PHE C 209 -34.89 -9.99 -2.79
CA PHE C 209 -34.08 -9.26 -1.82
C PHE C 209 -34.84 -9.08 -0.51
N LEU C 210 -34.13 -9.24 0.60
CA LEU C 210 -34.72 -9.13 1.93
C LEU C 210 -34.20 -7.92 2.69
N PHE C 211 -32.88 -7.83 2.89
CA PHE C 211 -32.27 -6.70 3.57
C PHE C 211 -30.75 -6.80 3.41
N SER C 212 -30.07 -5.78 3.92
CA SER C 212 -28.62 -5.73 3.92
C SER C 212 -28.17 -5.05 5.21
N LEU C 213 -27.13 -5.60 5.84
CA LEU C 213 -26.68 -5.13 7.14
C LEU C 213 -25.19 -4.84 7.11
N TYR C 214 -24.79 -3.76 7.76
CA TYR C 214 -23.39 -3.37 7.90
C TYR C 214 -22.98 -3.62 9.34
N LEU C 215 -22.05 -4.56 9.54
CA LEU C 215 -21.56 -4.91 10.88
C LEU C 215 -20.09 -4.58 11.08
N GLY C 216 -19.27 -4.67 10.05
CA GLY C 216 -17.85 -4.43 10.19
C GLY C 216 -17.05 -5.58 10.75
N THR C 217 -17.69 -6.71 11.04
CA THR C 217 -17.03 -7.89 11.57
C THR C 217 -17.19 -9.05 10.57
N ILE C 218 -16.72 -10.23 10.98
CA ILE C 218 -16.77 -11.42 10.15
C ILE C 218 -17.55 -12.49 10.90
N LEU C 219 -18.60 -13.01 10.27
CA LEU C 219 -19.37 -14.09 10.87
C LEU C 219 -18.55 -15.37 10.92
N SER C 220 -18.83 -16.20 11.92
CA SER C 220 -18.06 -17.42 12.15
C SER C 220 -18.86 -18.68 11.93
N HIS C 221 -20.01 -18.83 12.59
CA HIS C 221 -20.76 -20.08 12.55
C HIS C 221 -22.25 -19.82 12.41
N TYR C 222 -22.96 -20.87 12.02
CA TYR C 222 -24.41 -20.84 11.89
C TYR C 222 -24.99 -22.13 12.45
N TYR C 223 -26.24 -22.07 12.88
CA TYR C 223 -26.88 -23.22 13.49
C TYR C 223 -28.39 -23.15 13.25
N VAL C 224 -29.01 -24.32 13.34
CA VAL C 224 -30.45 -24.48 13.19
C VAL C 224 -31.01 -24.89 14.54
N MET C 225 -31.90 -24.06 15.09
CA MET C 225 -32.47 -24.34 16.40
C MET C 225 -33.32 -25.61 16.34
N PRO C 226 -33.12 -26.55 17.25
CA PRO C 226 -33.93 -27.78 17.25
C PRO C 226 -35.40 -27.46 17.53
N LEU C 227 -36.27 -27.88 16.62
CA LEU C 227 -37.71 -27.65 16.74
C LEU C 227 -38.29 -28.76 17.60
N THR C 228 -38.35 -28.51 18.91
CA THR C 228 -38.80 -29.52 19.86
C THR C 228 -40.32 -29.71 19.86
N CYS C 229 -41.07 -28.85 19.18
CA CYS C 229 -42.52 -29.01 19.07
C CYS C 229 -42.84 -29.98 17.94
N ASN C 230 -42.34 -31.20 18.08
CA ASN C 230 -42.45 -32.21 17.04
C ASN C 230 -43.90 -32.54 16.73
N ALA C 231 -44.60 -33.14 17.70
CA ALA C 231 -46.01 -33.50 17.57
C ALA C 231 -46.28 -34.35 16.33
N ILE C 232 -45.29 -35.10 15.88
CA ILE C 232 -45.41 -35.91 14.67
C ILE C 232 -44.49 -37.12 14.80
N SER C 233 -45.01 -38.29 14.42
CA SER C 233 -44.27 -39.54 14.50
C SER C 233 -44.92 -40.54 13.55
N SER C 234 -44.53 -41.81 13.67
CA SER C 234 -45.11 -42.84 12.81
C SER C 234 -46.55 -43.13 13.21
N ASN C 235 -46.86 -43.13 14.50
CA ASN C 235 -48.22 -43.37 14.95
C ASN C 235 -49.10 -42.14 14.78
N THR C 236 -48.52 -40.95 14.87
CA THR C 236 -49.25 -39.71 14.67
C THR C 236 -49.21 -39.33 13.19
N ASP C 237 -49.60 -38.10 12.87
CA ASP C 237 -49.59 -37.63 11.50
C ASP C 237 -48.18 -37.66 10.93
N ASN C 238 -48.05 -38.20 9.71
CA ASN C 238 -46.76 -38.37 9.07
C ASN C 238 -46.27 -37.02 8.55
N GLU C 239 -45.57 -36.29 9.41
CA GLU C 239 -44.98 -35.01 9.06
C GLU C 239 -43.48 -35.07 9.29
N THR C 240 -42.72 -34.64 8.29
CA THR C 240 -41.27 -34.69 8.34
C THR C 240 -40.69 -33.29 8.30
N LEU C 241 -39.54 -33.11 8.94
CA LEU C 241 -38.84 -31.83 8.99
C LEU C 241 -37.50 -31.98 8.28
N GLU C 242 -37.25 -31.13 7.30
CA GLU C 242 -36.01 -31.16 6.54
C GLU C 242 -35.49 -29.74 6.32
N TYR C 243 -34.19 -29.57 6.49
CA TYR C 243 -33.52 -28.28 6.32
C TYR C 243 -32.25 -28.55 5.52
N TRP C 244 -32.37 -28.50 4.19
CA TRP C 244 -31.24 -28.79 3.32
C TRP C 244 -30.33 -27.58 3.21
N VAL C 245 -29.02 -27.79 3.32
CA VAL C 245 -28.03 -26.73 3.28
C VAL C 245 -26.99 -27.05 2.22
N THR C 246 -26.60 -26.04 1.43
CA THR C 246 -25.58 -26.19 0.42
C THR C 246 -24.58 -25.04 0.56
N PRO C 247 -23.28 -25.33 0.59
CA PRO C 247 -22.29 -24.26 0.64
C PRO C 247 -22.24 -23.48 -0.67
N LEU C 248 -21.67 -22.28 -0.59
CA LEU C 248 -21.58 -21.38 -1.72
C LEU C 248 -20.12 -21.15 -2.09
N SER C 249 -19.92 -20.46 -3.21
CA SER C 249 -18.59 -20.11 -3.67
C SER C 249 -18.70 -18.90 -4.59
N ARG C 250 -17.62 -18.12 -4.65
CA ARG C 250 -17.58 -16.93 -5.49
C ARG C 250 -17.30 -17.34 -6.93
N ARG C 251 -18.24 -17.04 -7.82
CA ARG C 251 -18.11 -17.41 -9.23
C ARG C 251 -19.07 -16.53 -10.04
N GLN C 252 -18.99 -16.70 -11.36
CA GLN C 252 -19.75 -15.88 -12.30
C GLN C 252 -20.84 -16.72 -12.96
N TYR C 253 -22.04 -16.15 -13.03
CA TYR C 253 -23.21 -16.76 -13.65
C TYR C 253 -23.78 -15.82 -14.72
N LEU C 254 -24.78 -16.32 -15.43
CA LEU C 254 -25.51 -15.57 -16.44
C LEU C 254 -27.00 -15.62 -16.12
N LEU C 255 -27.67 -14.48 -16.20
CA LEU C 255 -29.05 -14.37 -15.75
C LEU C 255 -30.07 -14.26 -16.88
N ASN C 256 -29.79 -13.44 -17.91
CA ASN C 256 -30.64 -13.35 -19.11
C ASN C 256 -32.06 -12.92 -18.75
N PHE C 257 -32.16 -11.69 -18.26
CA PHE C 257 -33.46 -11.10 -17.97
C PHE C 257 -34.27 -10.92 -19.26
N ASP C 258 -35.59 -11.06 -19.14
CA ASP C 258 -36.48 -10.87 -20.27
C ASP C 258 -36.96 -9.42 -20.30
N GLU C 259 -37.96 -9.13 -21.14
CA GLU C 259 -38.47 -7.77 -21.28
C GLU C 259 -39.18 -7.27 -20.03
N HIS C 260 -39.58 -8.17 -19.13
CA HIS C 260 -40.25 -7.77 -17.89
C HIS C 260 -39.32 -7.76 -16.69
N GLY C 261 -38.36 -8.66 -16.64
CA GLY C 261 -37.42 -8.69 -15.53
C GLY C 261 -37.41 -9.99 -14.77
N VAL C 262 -37.85 -11.07 -15.41
CA VAL C 262 -37.91 -12.39 -14.81
C VAL C 262 -36.78 -13.24 -15.39
N ILE C 263 -36.02 -13.90 -14.53
CA ILE C 263 -34.94 -14.76 -14.98
C ILE C 263 -35.51 -16.00 -15.66
N THR C 264 -35.06 -16.25 -16.89
CA THR C 264 -35.55 -17.39 -17.67
C THR C 264 -34.56 -18.55 -17.69
N ASN C 265 -33.31 -18.29 -18.04
CA ASN C 265 -32.29 -19.33 -18.12
C ASN C 265 -31.06 -18.89 -17.34
N ALA C 266 -30.17 -19.84 -17.09
CA ALA C 266 -28.94 -19.58 -16.36
C ALA C 266 -27.94 -20.70 -16.66
N VAL C 267 -26.67 -20.35 -16.69
CA VAL C 267 -25.59 -21.29 -17.00
C VAL C 267 -24.45 -21.06 -16.04
N ASP C 268 -23.80 -22.16 -15.63
CA ASP C 268 -22.62 -22.10 -14.78
C ASP C 268 -21.39 -22.06 -15.68
N CYS C 269 -20.57 -21.01 -15.52
CA CYS C 269 -19.42 -20.83 -16.39
C CYS C 269 -18.27 -21.80 -16.11
N SER C 270 -18.46 -22.79 -15.23
CA SER C 270 -17.44 -23.79 -14.95
C SER C 270 -18.01 -25.20 -15.01
N SER C 271 -19.19 -25.38 -15.59
CA SER C 271 -19.81 -26.70 -15.64
C SER C 271 -19.30 -27.51 -16.83
N SER C 272 -19.29 -26.91 -18.02
CA SER C 272 -18.85 -27.60 -19.22
C SER C 272 -18.18 -26.59 -20.14
N PHE C 273 -17.74 -27.07 -21.30
CA PHE C 273 -17.06 -26.20 -22.27
C PHE C 273 -18.05 -25.30 -23.00
N LEU C 274 -19.24 -25.82 -23.31
CA LEU C 274 -20.24 -25.00 -23.99
C LEU C 274 -20.67 -23.82 -23.11
N SER C 275 -20.85 -24.06 -21.81
CA SER C 275 -21.21 -22.98 -20.91
C SER C 275 -20.09 -21.95 -20.78
N GLU C 276 -18.83 -22.41 -20.81
CA GLU C 276 -17.72 -21.48 -20.78
C GLU C 276 -17.67 -20.62 -22.04
N ILE C 277 -17.95 -21.23 -23.20
CA ILE C 277 -18.00 -20.46 -24.44
C ILE C 277 -19.15 -19.45 -24.38
N GLN C 278 -20.29 -19.86 -23.84
CA GLN C 278 -21.42 -18.95 -23.72
C GLN C 278 -21.10 -17.78 -22.81
N CYS C 279 -20.41 -18.03 -21.70
CA CYS C 279 -20.02 -16.94 -20.80
C CYS C 279 -18.98 -16.04 -21.43
N LYS C 280 -18.07 -16.60 -22.23
CA LYS C 280 -17.05 -15.78 -22.88
C LYS C 280 -17.67 -14.90 -23.96
N THR C 281 -18.67 -15.42 -24.68
CA THR C 281 -19.34 -14.66 -25.73
C THR C 281 -20.54 -13.87 -25.21
N GLN C 282 -20.97 -14.12 -23.98
CA GLN C 282 -22.12 -13.43 -23.38
C GLN C 282 -23.38 -13.59 -24.24
N SER C 283 -23.60 -14.80 -24.73
CA SER C 283 -24.77 -15.10 -25.54
C SER C 283 -25.06 -16.59 -25.46
N PHE C 284 -26.35 -16.93 -25.61
CA PHE C 284 -26.78 -18.33 -25.56
C PHE C 284 -26.71 -19.01 -26.93
N ALA C 285 -26.51 -18.25 -28.00
CA ALA C 285 -26.35 -18.79 -29.35
C ALA C 285 -25.01 -18.30 -29.90
N PRO C 286 -23.90 -18.90 -29.46
CA PRO C 286 -22.59 -18.45 -29.94
C PRO C 286 -22.39 -18.73 -31.41
N ASN C 287 -21.60 -17.88 -32.05
CA ASN C 287 -21.30 -18.05 -33.46
C ASN C 287 -20.29 -19.19 -33.65
N THR C 288 -20.14 -19.59 -34.91
CA THR C 288 -19.21 -20.66 -35.26
C THR C 288 -17.78 -20.13 -35.21
N GLY C 289 -16.93 -20.77 -34.43
CA GLY C 289 -15.56 -20.32 -34.32
C GLY C 289 -14.76 -21.22 -33.39
N VAL C 290 -13.47 -20.92 -33.31
CA VAL C 290 -12.53 -21.66 -32.47
C VAL C 290 -12.13 -20.77 -31.30
N TYR C 291 -12.40 -21.25 -30.09
CA TYR C 291 -12.07 -20.54 -28.87
C TYR C 291 -11.02 -21.30 -28.08
N ASP C 292 -10.40 -20.61 -27.12
CA ASP C 292 -9.38 -21.19 -26.26
C ASP C 292 -9.91 -21.21 -24.83
N LEU C 293 -10.12 -22.41 -24.30
CA LEU C 293 -10.66 -22.60 -22.97
C LEU C 293 -9.60 -23.17 -22.03
N SER C 294 -9.80 -22.94 -20.74
CA SER C 294 -8.87 -23.40 -19.73
C SER C 294 -9.31 -24.76 -19.17
N GLY C 295 -8.54 -25.28 -18.22
CA GLY C 295 -8.84 -26.57 -17.62
C GLY C 295 -9.20 -26.49 -16.15
N PHE C 296 -8.82 -27.52 -15.39
CA PHE C 296 -9.12 -27.57 -13.96
C PHE C 296 -8.06 -26.87 -13.13
N THR C 297 -6.80 -27.29 -13.28
CA THR C 297 -5.67 -26.75 -12.53
C THR C 297 -5.92 -26.82 -11.02
N VAL C 298 -6.04 -28.05 -10.53
CA VAL C 298 -6.29 -28.29 -9.12
C VAL C 298 -5.06 -27.94 -8.30
N LYS C 299 -5.24 -27.81 -6.98
CA LYS C 299 -4.14 -27.46 -6.09
C LYS C 299 -3.44 -28.71 -5.59
N PRO C 300 -2.12 -28.81 -5.74
CA PRO C 300 -1.42 -30.01 -5.27
C PRO C 300 -1.32 -30.06 -3.75
N VAL C 301 -1.10 -31.28 -3.25
CA VAL C 301 -0.98 -31.54 -1.83
C VAL C 301 0.29 -32.33 -1.58
N ALA C 302 0.48 -32.76 -0.33
CA ALA C 302 1.62 -33.57 0.10
C ALA C 302 2.94 -32.85 -0.20
N THR C 303 3.10 -31.72 0.47
CA THR C 303 4.30 -30.90 0.30
C THR C 303 5.53 -31.62 0.84
N VAL C 304 6.69 -31.23 0.30
CA VAL C 304 7.97 -31.81 0.69
C VAL C 304 8.80 -30.72 1.36
N TYR C 305 9.27 -31.01 2.57
CA TYR C 305 10.05 -30.06 3.36
C TYR C 305 11.42 -30.64 3.64
N ARG C 306 12.46 -29.85 3.34
CA ARG C 306 13.85 -30.25 3.59
C ARG C 306 14.61 -29.05 4.12
N ARG C 307 15.50 -29.30 5.08
CA ARG C 307 16.31 -28.24 5.68
C ARG C 307 17.50 -28.86 6.39
N ILE C 308 18.66 -28.25 6.22
CA ILE C 308 19.87 -28.74 6.88
C ILE C 308 19.86 -28.28 8.33
N PRO C 309 20.06 -29.18 9.29
CA PRO C 309 20.05 -28.76 10.70
C PRO C 309 21.27 -27.93 11.04
N ASN C 310 21.06 -26.87 11.81
CA ASN C 310 22.15 -26.00 12.21
C ASN C 310 22.90 -26.55 13.42
N LEU C 311 22.17 -26.87 14.49
CA LEU C 311 22.76 -27.39 15.71
C LEU C 311 22.71 -28.92 15.72
N PRO C 312 23.72 -29.56 16.30
CA PRO C 312 23.73 -31.04 16.33
C PRO C 312 22.68 -31.58 17.28
N ASP C 313 22.50 -32.90 17.22
CA ASP C 313 21.52 -33.57 18.05
C ASP C 313 22.01 -33.66 19.49
N CYS C 314 21.06 -33.86 20.41
CA CYS C 314 21.39 -33.96 21.83
C CYS C 314 21.97 -35.33 22.16
N ASP C 315 21.44 -36.39 21.55
CA ASP C 315 21.89 -37.77 21.78
C ASP C 315 21.77 -38.14 23.25
N ILE C 316 20.53 -38.10 23.75
CA ILE C 316 20.28 -38.41 25.15
C ILE C 316 20.24 -39.91 25.39
N ASP C 317 19.75 -40.69 24.41
CA ASP C 317 19.66 -42.13 24.57
C ASP C 317 21.03 -42.78 24.74
N ASN C 318 22.10 -42.14 24.27
CA ASN C 318 23.43 -42.71 24.47
C ASN C 318 23.81 -42.69 25.95
N TRP C 319 23.53 -41.58 26.64
CA TRP C 319 23.83 -41.50 28.07
C TRP C 319 22.81 -42.25 28.91
N LEU C 320 21.54 -42.29 28.46
CA LEU C 320 20.53 -43.03 29.21
C LEU C 320 20.74 -44.53 29.14
N ASN C 321 21.42 -45.03 28.11
CA ASN C 321 21.70 -46.45 27.95
C ASN C 321 23.18 -46.75 28.13
N ASN C 322 23.82 -46.08 29.09
CA ASN C 322 25.23 -46.30 29.35
C ASN C 322 25.47 -47.68 29.96
N VAL C 323 26.70 -48.15 29.83
CA VAL C 323 27.06 -49.47 30.35
C VAL C 323 27.13 -49.47 31.88
N SER C 324 27.26 -48.31 32.50
CA SER C 324 27.34 -48.19 33.95
C SER C 324 26.09 -47.48 34.47
N VAL C 325 25.49 -48.04 35.50
CA VAL C 325 24.28 -47.50 36.12
C VAL C 325 24.67 -46.91 37.48
N PRO C 326 24.46 -45.62 37.70
CA PRO C 326 24.84 -45.03 38.99
C PRO C 326 23.89 -45.45 40.10
N SER C 327 24.42 -45.46 41.32
CA SER C 327 23.62 -45.82 42.48
C SER C 327 22.67 -44.68 42.84
N PRO C 328 21.57 -45.00 43.55
CA PRO C 328 20.66 -43.94 43.98
C PRO C 328 21.31 -42.90 44.87
N LEU C 329 22.42 -43.22 45.53
CA LEU C 329 23.12 -42.25 46.36
C LEU C 329 23.93 -41.26 45.52
N ASN C 330 24.37 -41.68 44.33
CA ASN C 330 25.15 -40.81 43.46
C ASN C 330 24.26 -39.93 42.58
N TRP C 331 23.34 -40.56 41.85
CA TRP C 331 22.40 -39.89 40.94
C TRP C 331 23.10 -38.82 40.10
N GLU C 332 24.01 -39.29 39.25
CA GLU C 332 24.75 -38.40 38.37
C GLU C 332 23.80 -37.59 37.50
N ARG C 333 24.08 -36.30 37.39
CA ARG C 333 23.25 -35.35 36.66
C ARG C 333 24.02 -34.78 35.47
N ARG C 334 23.34 -34.66 34.34
CA ARG C 334 23.94 -34.11 33.13
C ARG C 334 23.02 -33.08 32.51
N ILE C 335 23.58 -31.97 32.07
CA ILE C 335 22.83 -30.87 31.48
C ILE C 335 23.01 -30.89 29.96
N PHE C 336 21.92 -30.64 29.24
CA PHE C 336 21.93 -30.60 27.79
C PHE C 336 21.35 -29.26 27.33
N SER C 337 22.02 -28.64 26.36
CA SER C 337 21.57 -27.37 25.81
C SER C 337 22.12 -27.23 24.41
N ASN C 338 21.62 -26.21 23.71
CA ASN C 338 21.99 -25.88 22.33
C ASN C 338 22.13 -27.14 21.47
N CYS C 339 21.06 -27.92 21.44
CA CYS C 339 21.01 -29.15 20.65
C CYS C 339 19.57 -29.41 20.25
N ASN C 340 19.35 -30.51 19.54
CA ASN C 340 18.03 -30.91 19.06
C ASN C 340 17.74 -32.32 19.51
N PHE C 341 16.61 -32.50 20.20
CA PHE C 341 16.20 -33.81 20.70
C PHE C 341 14.82 -34.16 20.15
N ASN C 342 14.59 -35.46 19.97
CA ASN C 342 13.33 -35.96 19.48
C ASN C 342 12.61 -36.75 20.57
N LEU C 343 11.31 -36.92 20.40
CA LEU C 343 10.47 -37.59 21.38
C LEU C 343 10.21 -39.04 21.04
N SER C 344 9.79 -39.33 19.81
CA SER C 344 9.49 -40.71 19.42
C SER C 344 10.77 -41.53 19.30
N THR C 345 11.83 -40.96 18.73
CA THR C 345 13.08 -41.69 18.57
C THR C 345 13.72 -42.00 19.92
N LEU C 346 13.59 -41.10 20.88
CA LEU C 346 14.15 -41.34 22.21
C LEU C 346 13.43 -42.46 22.93
N LEU C 347 12.09 -42.48 22.85
CA LEU C 347 11.31 -43.52 23.52
C LEU C 347 11.33 -44.85 22.77
N ARG C 348 11.65 -44.85 21.48
CA ARG C 348 11.66 -46.09 20.72
C ARG C 348 12.92 -46.90 20.98
N LEU C 349 14.08 -46.24 21.05
CA LEU C 349 15.35 -46.92 21.26
C LEU C 349 15.58 -47.31 22.71
N VAL C 350 14.68 -46.95 23.63
CA VAL C 350 14.79 -47.29 25.04
C VAL C 350 13.56 -48.09 25.44
N HIS C 351 13.76 -49.11 26.28
CA HIS C 351 12.67 -49.97 26.74
C HIS C 351 11.86 -49.19 27.77
N VAL C 352 10.98 -48.32 27.25
CA VAL C 352 10.17 -47.46 28.11
C VAL C 352 9.10 -48.29 28.80
N ASP C 353 9.01 -48.16 30.12
CA ASP C 353 8.00 -48.85 30.93
C ASP C 353 6.94 -47.91 31.49
N SER C 354 7.34 -46.74 31.97
CA SER C 354 6.39 -45.76 32.49
C SER C 354 6.96 -44.37 32.32
N PHE C 355 6.09 -43.41 32.00
CA PHE C 355 6.53 -42.02 31.80
C PHE C 355 5.39 -41.10 32.21
N SER C 356 5.66 -40.19 33.14
CA SER C 356 4.64 -39.25 33.61
C SER C 356 5.32 -37.94 33.99
N CYS C 357 4.77 -36.83 33.50
CA CYS C 357 5.35 -35.52 33.75
C CYS C 357 4.41 -34.70 34.61
N ASN C 358 4.95 -34.08 35.66
CA ASN C 358 4.19 -33.21 36.55
C ASN C 358 4.43 -31.75 36.18
N ASN C 359 3.36 -30.96 36.23
CA ASN C 359 3.34 -29.56 35.83
C ASN C 359 3.71 -29.38 34.36
N LEU C 360 3.50 -30.42 33.55
CA LEU C 360 3.79 -30.36 32.12
C LEU C 360 3.05 -31.51 31.44
N ASP C 361 2.51 -31.23 30.27
CA ASP C 361 1.76 -32.21 29.50
C ASP C 361 2.61 -32.78 28.37
N LYS C 362 2.34 -34.02 28.00
CA LYS C 362 3.09 -34.66 26.92
C LYS C 362 2.80 -34.01 25.57
N SER C 363 1.61 -33.41 25.42
CA SER C 363 1.28 -32.74 24.17
C SER C 363 2.07 -31.45 24.00
N LYS C 364 2.31 -30.73 25.09
CA LYS C 364 3.08 -29.49 25.02
C LYS C 364 4.56 -29.73 24.77
N ILE C 365 5.06 -30.94 25.07
CA ILE C 365 6.47 -31.23 24.83
C ILE C 365 6.74 -31.31 23.34
N PHE C 366 5.88 -32.00 22.59
CA PHE C 366 6.05 -32.15 21.15
C PHE C 366 5.67 -30.85 20.45
N GLY C 367 6.63 -30.23 19.80
CA GLY C 367 6.38 -28.98 19.09
C GLY C 367 6.62 -27.74 19.93
N SER C 368 7.70 -27.74 20.70
CA SER C 368 8.03 -26.61 21.56
C SER C 368 9.54 -26.54 21.72
N CYS C 369 10.01 -25.38 22.17
CA CYS C 369 11.43 -25.14 22.40
C CYS C 369 11.70 -25.02 23.89
N PHE C 370 12.98 -25.03 24.24
CA PHE C 370 13.41 -24.94 25.63
C PHE C 370 14.81 -24.35 25.69
N ASN C 371 15.24 -24.00 26.90
CA ASN C 371 16.56 -23.43 27.10
C ASN C 371 17.60 -24.50 27.44
N SER C 372 17.34 -25.30 28.48
CA SER C 372 18.26 -26.36 28.89
C SER C 372 17.47 -27.43 29.61
N ILE C 373 17.95 -28.66 29.52
CA ILE C 373 17.30 -29.82 30.13
C ILE C 373 18.31 -30.56 30.98
N THR C 374 18.03 -30.69 32.27
CA THR C 374 18.88 -31.44 33.19
C THR C 374 18.27 -32.81 33.43
N VAL C 375 19.08 -33.86 33.26
CA VAL C 375 18.63 -35.24 33.38
C VAL C 375 19.45 -35.90 34.47
N ASP C 376 18.76 -36.53 35.43
CA ASP C 376 19.43 -37.27 36.50
C ASP C 376 18.76 -38.62 36.67
N LYS C 377 19.55 -39.70 36.59
CA LYS C 377 19.03 -41.05 36.61
C LYS C 377 19.75 -41.88 37.66
N PHE C 378 19.08 -42.95 38.10
CA PHE C 378 19.68 -43.92 39.01
C PHE C 378 18.82 -45.17 39.04
N ALA C 379 19.42 -46.27 39.50
CA ALA C 379 18.73 -47.55 39.55
C ALA C 379 17.55 -47.51 40.51
N ILE C 380 16.63 -48.44 40.33
CA ILE C 380 15.40 -48.54 41.11
C ILE C 380 15.55 -49.70 42.08
N PRO C 381 15.58 -49.44 43.39
CA PRO C 381 15.56 -50.55 44.35
C PRO C 381 14.21 -51.24 44.37
N ASN C 382 14.24 -52.56 44.61
CA ASN C 382 13.02 -53.36 44.63
C ASN C 382 12.23 -53.22 45.93
N ARG C 383 12.79 -52.55 46.94
CA ARG C 383 12.12 -52.42 48.22
C ARG C 383 11.37 -51.11 48.37
N ARG C 384 11.98 -50.00 47.94
CA ARG C 384 11.42 -48.67 48.12
C ARG C 384 10.68 -48.18 46.87
N ARG C 385 10.07 -49.09 46.10
CA ARG C 385 9.33 -48.69 44.92
C ARG C 385 8.21 -47.72 45.26
N ASP C 386 7.46 -48.00 46.34
CA ASP C 386 6.41 -47.09 46.78
C ASP C 386 6.96 -45.72 47.16
N ASP C 387 8.25 -45.64 47.50
CA ASP C 387 8.89 -44.37 47.80
C ASP C 387 9.19 -43.54 46.56
N LEU C 388 8.83 -44.03 45.37
CA LEU C 388 9.07 -43.32 44.14
C LEU C 388 7.85 -42.52 43.67
N GLN C 389 6.83 -42.40 44.50
CA GLN C 389 5.64 -41.65 44.14
C GLN C 389 5.90 -40.15 44.26
N LEU C 390 4.99 -39.36 43.68
CA LEU C 390 5.09 -37.90 43.71
C LEU C 390 4.67 -37.40 45.08
N GLY C 391 5.62 -37.41 46.01
CA GLY C 391 5.37 -36.96 47.37
C GLY C 391 5.21 -38.11 48.34
N SER C 392 6.26 -38.39 49.11
CA SER C 392 6.23 -39.49 50.08
C SER C 392 7.39 -39.31 51.04
N SER C 393 7.17 -39.74 52.28
CA SER C 393 8.19 -39.65 53.33
C SER C 393 9.03 -40.93 53.38
N GLY C 394 9.60 -41.31 52.23
CA GLY C 394 10.41 -42.49 52.13
C GLY C 394 11.89 -42.21 52.41
N PHE C 395 12.68 -43.28 52.35
CA PHE C 395 14.11 -43.16 52.60
C PHE C 395 14.83 -42.54 51.42
N LEU C 396 14.42 -42.89 50.20
CA LEU C 396 15.07 -42.35 49.00
C LEU C 396 14.85 -40.83 48.90
N GLN C 397 13.65 -40.37 49.23
CA GLN C 397 13.33 -38.95 49.15
C GLN C 397 13.87 -38.15 50.33
N SER C 398 14.37 -38.82 51.38
CA SER C 398 14.88 -38.15 52.57
C SER C 398 16.39 -38.19 52.69
N SER C 399 17.05 -39.19 52.12
CA SER C 399 18.49 -39.33 52.25
C SER C 399 19.22 -39.64 50.94
N ASN C 400 18.50 -39.99 49.87
CA ASN C 400 19.14 -40.39 48.62
C ASN C 400 18.89 -39.39 47.50
N TYR C 401 17.63 -39.09 47.20
CA TYR C 401 17.31 -38.19 46.09
C TYR C 401 15.93 -37.61 46.31
N LYS C 402 15.84 -36.28 46.37
CA LYS C 402 14.58 -35.58 46.55
C LYS C 402 14.06 -35.10 45.20
N ILE C 403 12.75 -35.25 44.99
CA ILE C 403 12.09 -34.86 43.75
C ILE C 403 11.32 -33.58 44.00
N ASP C 404 11.55 -32.58 43.14
CA ASP C 404 10.87 -31.30 43.27
C ASP C 404 9.43 -31.42 42.78
N ILE C 405 8.53 -30.69 43.43
CA ILE C 405 7.10 -30.74 43.12
C ILE C 405 6.60 -29.45 42.49
N SER C 406 7.26 -28.31 42.71
CA SER C 406 6.80 -27.01 42.23
C SER C 406 7.40 -26.62 40.89
N SER C 407 7.74 -27.59 40.05
CA SER C 407 8.30 -27.30 38.73
C SER C 407 7.90 -28.40 37.76
N SER C 408 7.95 -28.07 36.48
CA SER C 408 7.62 -29.03 35.42
C SER C 408 8.75 -30.05 35.30
N SER C 409 8.49 -31.29 35.73
CA SER C 409 9.52 -32.32 35.72
C SER C 409 8.89 -33.65 35.31
N CYS C 410 9.56 -34.36 34.40
CA CYS C 410 9.06 -35.64 33.92
C CYS C 410 9.86 -36.78 34.55
N GLN C 411 9.16 -37.84 34.94
CA GLN C 411 9.76 -39.04 35.52
C GLN C 411 9.57 -40.19 34.55
N LEU C 412 10.66 -40.91 34.29
CA LEU C 412 10.67 -42.01 33.32
C LEU C 412 11.31 -43.23 33.97
N TYR C 413 10.52 -44.28 34.14
CA TYR C 413 11.00 -45.57 34.64
C TYR C 413 11.14 -46.51 33.46
N TYR C 414 12.36 -46.95 33.18
CA TYR C 414 12.63 -47.83 32.05
C TYR C 414 13.42 -49.05 32.53
N SER C 415 13.68 -49.96 31.60
CA SER C 415 14.39 -51.20 31.90
C SER C 415 15.61 -51.35 31.00
N LEU C 416 16.60 -52.08 31.50
CA LEU C 416 17.85 -52.32 30.79
C LEU C 416 18.21 -53.79 30.92
N PRO C 417 18.67 -54.42 29.83
CA PRO C 417 19.05 -55.83 29.92
C PRO C 417 20.22 -56.04 30.86
N LEU C 418 20.29 -57.24 31.42
CA LEU C 418 21.34 -57.60 32.38
C LEU C 418 22.66 -57.93 31.72
N VAL C 419 22.74 -57.92 30.39
CA VAL C 419 23.96 -58.25 29.67
C VAL C 419 24.77 -56.98 29.44
N ASN C 420 26.07 -57.05 29.78
CA ASN C 420 27.00 -55.94 29.59
C ASN C 420 26.51 -54.68 30.34
N VAL C 421 26.38 -54.82 31.65
CA VAL C 421 25.94 -53.73 32.51
C VAL C 421 26.60 -53.88 33.87
N THR C 422 26.97 -52.75 34.46
CA THR C 422 27.60 -52.73 35.77
C THR C 422 26.96 -51.64 36.62
N ILE C 423 27.06 -51.80 37.94
CA ILE C 423 26.51 -50.86 38.91
C ILE C 423 27.65 -50.24 39.69
N ASN C 424 27.66 -48.91 39.76
CA ASN C 424 28.69 -48.17 40.48
C ASN C 424 28.13 -47.74 41.82
N ASN C 425 28.70 -48.28 42.90
CA ASN C 425 28.28 -47.97 44.26
C ASN C 425 29.44 -47.25 44.95
N PHE C 426 29.46 -45.93 44.82
CA PHE C 426 30.49 -45.10 45.42
C PHE C 426 29.87 -44.16 46.45
N ASN C 427 30.62 -43.87 47.50
CA ASN C 427 30.16 -43.01 48.57
C ASN C 427 30.60 -41.58 48.30
N PRO C 428 29.68 -40.67 47.96
CA PRO C 428 30.08 -39.28 47.69
C PRO C 428 30.33 -38.44 48.94
N SER C 429 30.43 -39.06 50.11
CA SER C 429 30.67 -38.32 51.34
C SER C 429 32.05 -37.67 51.33
N SER C 430 32.19 -36.61 52.12
CA SER C 430 33.43 -35.85 52.22
C SER C 430 34.17 -36.12 53.52
N TRP C 431 33.49 -36.02 54.66
CA TRP C 431 34.13 -36.23 55.96
C TRP C 431 34.23 -37.70 56.34
N ASN C 432 33.68 -38.62 55.53
CA ASN C 432 33.76 -40.04 55.82
C ASN C 432 34.90 -40.74 55.10
N ARG C 433 35.31 -40.24 53.93
CA ARG C 433 36.40 -40.86 53.17
C ARG C 433 37.76 -40.56 53.77
N ARG C 434 37.87 -39.55 54.64
CA ARG C 434 39.14 -39.17 55.23
C ARG C 434 39.55 -40.01 56.43
N TYR C 435 38.75 -41.02 56.80
CA TYR C 435 39.04 -41.88 57.94
C TYR C 435 39.30 -43.33 57.51
N GLY C 436 39.57 -43.56 56.23
CA GLY C 436 39.91 -44.89 55.76
C GLY C 436 38.70 -45.74 55.42
N PHE C 437 37.86 -45.26 54.51
CA PHE C 437 36.69 -45.98 54.04
C PHE C 437 37.00 -46.63 52.70
N GLY C 438 36.67 -47.91 52.57
CA GLY C 438 36.92 -48.63 51.34
C GLY C 438 35.70 -48.77 50.47
N SER C 439 35.26 -49.99 50.22
CA SER C 439 34.09 -50.27 49.40
C SER C 439 33.14 -51.18 50.16
N PHE C 440 31.91 -51.30 49.65
CA PHE C 440 30.92 -52.15 50.28
C PHE C 440 31.25 -53.63 50.10
N ASN C 441 31.88 -53.98 48.98
CA ASN C 441 32.26 -55.36 48.67
C ASN C 441 31.03 -56.28 48.69
N LEU C 442 30.10 -55.98 47.79
CA LEU C 442 28.85 -56.72 47.66
C LEU C 442 28.81 -57.45 46.33
N SER C 443 27.78 -58.27 46.16
CA SER C 443 27.60 -59.02 44.93
C SER C 443 27.09 -58.12 43.81
N SER C 444 27.07 -58.67 42.60
CA SER C 444 26.63 -57.92 41.43
C SER C 444 25.11 -57.79 41.43
N TYR C 445 24.63 -56.87 40.59
CA TYR C 445 23.19 -56.62 40.43
C TYR C 445 22.54 -56.21 41.75
N ASP C 446 23.29 -55.45 42.56
CA ASP C 446 22.82 -54.99 43.86
C ASP C 446 23.11 -53.51 44.01
N VAL C 447 22.14 -52.78 44.53
CA VAL C 447 22.27 -51.35 44.79
C VAL C 447 22.22 -51.12 46.30
N VAL C 448 22.69 -49.95 46.71
CA VAL C 448 22.77 -49.58 48.12
C VAL C 448 21.96 -48.30 48.33
N TYR C 449 21.13 -48.29 49.37
CA TYR C 449 20.36 -47.13 49.73
C TYR C 449 20.57 -46.82 51.22
N SER C 450 20.14 -45.63 51.62
CA SER C 450 20.30 -45.16 52.99
C SER C 450 18.96 -44.72 53.55
N ASP C 451 18.72 -45.06 54.82
CA ASP C 451 17.48 -44.69 55.50
C ASP C 451 17.64 -43.47 56.41
N HIS C 452 18.86 -43.13 56.80
CA HIS C 452 19.11 -41.98 57.65
C HIS C 452 20.41 -41.32 57.22
N CYS C 453 20.39 -39.99 57.10
CA CYS C 453 21.54 -39.22 56.67
C CYS C 453 21.97 -38.28 57.79
N PHE C 454 23.26 -38.27 58.09
CA PHE C 454 23.83 -37.45 59.15
C PHE C 454 24.76 -36.39 58.56
N SER C 455 25.05 -35.38 59.37
CA SER C 455 25.94 -34.30 58.97
C SER C 455 26.69 -33.79 60.19
N VAL C 456 27.93 -33.36 59.96
CA VAL C 456 28.79 -32.81 60.99
C VAL C 456 29.45 -31.54 60.45
N ASN C 457 30.31 -30.94 61.27
CA ASN C 457 31.06 -29.76 60.89
C ASN C 457 32.49 -30.16 60.52
N SER C 458 33.30 -29.15 60.19
CA SER C 458 34.70 -29.41 59.86
C SER C 458 35.48 -29.89 61.08
N ASP C 459 35.23 -29.29 62.25
CA ASP C 459 35.89 -29.69 63.49
C ASP C 459 35.16 -30.91 64.04
N PHE C 460 35.54 -32.08 63.53
CA PHE C 460 34.91 -33.33 63.92
C PHE C 460 35.92 -34.46 63.76
N CYS C 461 36.06 -35.27 64.80
CA CYS C 461 36.99 -36.40 64.78
C CYS C 461 36.50 -37.51 65.70
N PRO C 462 36.03 -38.63 65.15
CA PRO C 462 35.60 -39.75 66.01
C PRO C 462 36.79 -40.41 66.69
N CYS C 463 37.43 -39.70 67.61
CA CYS C 463 38.65 -40.18 68.23
C CYS C 463 38.85 -39.41 69.54
N ALA C 464 39.29 -40.13 70.57
CA ALA C 464 39.45 -39.56 71.90
C ALA C 464 40.90 -39.21 72.17
N ASP C 465 41.10 -38.37 73.19
CA ASP C 465 42.44 -38.01 73.61
C ASP C 465 43.05 -39.15 74.43
N PRO C 466 44.13 -39.78 73.98
CA PRO C 466 44.67 -40.93 74.72
C PRO C 466 45.17 -40.58 76.12
N SER C 467 45.41 -39.31 76.42
CA SER C 467 45.86 -38.93 77.76
C SER C 467 44.74 -39.11 78.78
N VAL C 468 43.51 -38.75 78.41
CA VAL C 468 42.37 -38.90 79.32
C VAL C 468 41.86 -40.33 79.35
N VAL C 469 42.08 -41.10 78.28
CA VAL C 469 41.59 -42.48 78.24
C VAL C 469 42.28 -43.34 79.30
N ASN C 470 43.53 -43.02 79.64
CA ASN C 470 44.25 -43.79 80.65
C ASN C 470 43.55 -43.72 82.01
N SER C 471 42.91 -42.61 82.31
CA SER C 471 42.18 -42.45 83.57
C SER C 471 40.71 -42.85 83.43
N CYS C 472 40.49 -44.06 82.90
CA CYS C 472 39.14 -44.59 82.71
C CYS C 472 39.16 -46.09 82.99
N ALA C 473 38.16 -46.56 83.73
CA ALA C 473 38.05 -47.96 84.10
C ALA C 473 36.77 -48.62 83.61
N LYS C 474 35.65 -47.91 83.61
CA LYS C 474 34.37 -48.43 83.16
C LYS C 474 33.99 -47.79 81.84
N SER C 475 33.68 -48.63 80.85
CA SER C 475 33.31 -48.17 79.51
C SER C 475 34.41 -47.30 78.91
N LYS C 476 35.62 -47.83 78.86
CA LYS C 476 36.78 -47.12 78.34
C LYS C 476 36.79 -47.20 76.82
N PRO C 477 36.63 -46.08 76.12
CA PRO C 477 36.64 -46.10 74.66
C PRO C 477 38.04 -46.10 74.11
N PRO C 478 38.28 -46.77 72.98
CA PRO C 478 39.61 -46.73 72.37
C PRO C 478 39.91 -45.36 71.77
N SER C 479 41.19 -45.04 71.70
CA SER C 479 41.63 -43.73 71.20
C SER C 479 42.83 -43.91 70.30
N ALA C 480 43.14 -42.86 69.55
CA ALA C 480 44.29 -42.82 68.65
C ALA C 480 44.66 -41.36 68.42
N ILE C 481 45.52 -41.12 67.44
CA ILE C 481 46.02 -39.77 67.14
C ILE C 481 45.15 -39.21 66.02
N CYS C 482 44.38 -38.17 66.33
CA CYS C 482 43.56 -37.48 65.35
C CYS C 482 44.37 -36.39 64.65
N PRO C 483 44.21 -36.24 63.33
CA PRO C 483 44.92 -35.17 62.62
C PRO C 483 44.55 -33.80 63.16
N ALA C 484 45.44 -32.84 62.92
CA ALA C 484 45.25 -31.48 63.41
C ALA C 484 44.05 -30.83 62.75
N GLY C 485 43.49 -29.83 63.43
CA GLY C 485 42.34 -29.11 62.96
C GLY C 485 41.00 -29.64 63.41
N THR C 486 40.98 -30.80 64.09
CA THR C 486 39.75 -31.39 64.59
C THR C 486 39.92 -31.76 66.05
N LYS C 487 38.96 -31.34 66.88
CA LYS C 487 39.02 -31.64 68.30
C LYS C 487 38.75 -33.13 68.55
N TYR C 488 39.22 -33.61 69.70
CA TYR C 488 39.06 -35.00 70.06
C TYR C 488 37.65 -35.26 70.59
N ARG C 489 37.40 -36.51 70.97
CA ARG C 489 36.09 -36.90 71.49
C ARG C 489 35.86 -36.30 72.86
N HIS C 490 34.63 -35.86 73.10
CA HIS C 490 34.27 -35.23 74.38
C HIS C 490 33.92 -36.32 75.38
N CYS C 491 34.82 -36.55 76.35
CA CYS C 491 34.61 -37.52 77.41
C CYS C 491 34.96 -36.89 78.75
N ASP C 492 34.12 -37.14 79.75
CA ASP C 492 34.31 -36.60 81.08
C ASP C 492 34.27 -37.73 82.11
N LEU C 493 35.21 -37.69 83.06
CA LEU C 493 35.27 -38.68 84.13
C LEU C 493 34.43 -38.20 85.31
N ASP C 494 33.38 -38.94 85.63
CA ASP C 494 32.47 -38.56 86.71
C ASP C 494 32.17 -39.77 87.57
N THR C 495 32.01 -39.54 88.87
CA THR C 495 31.71 -40.59 89.83
C THR C 495 30.30 -40.38 90.37
N THR C 496 29.50 -41.46 90.35
CA THR C 496 28.13 -41.40 90.82
C THR C 496 28.00 -41.82 92.29
N LEU C 497 28.31 -43.09 92.58
CA LEU C 497 28.26 -43.59 93.94
C LEU C 497 29.63 -44.04 94.44
N TYR C 498 30.31 -44.92 93.70
CA TYR C 498 31.63 -45.39 94.09
C TYR C 498 32.58 -45.60 92.92
N VAL C 499 32.17 -45.30 91.69
CA VAL C 499 32.98 -45.55 90.50
C VAL C 499 33.65 -44.23 90.15
N LYS C 500 34.86 -44.03 90.68
CA LYS C 500 35.58 -42.79 90.44
C LYS C 500 36.10 -42.71 89.00
N ASN C 501 36.62 -43.82 88.47
CA ASN C 501 37.16 -43.84 87.12
C ASN C 501 36.10 -44.35 86.15
N TRP C 502 35.04 -43.55 86.02
CA TRP C 502 33.93 -43.85 85.11
C TRP C 502 33.83 -42.70 84.12
N CYS C 503 34.22 -42.95 82.88
CA CYS C 503 34.28 -41.92 81.84
C CYS C 503 33.05 -42.06 80.94
N ARG C 504 32.28 -40.97 80.83
CA ARG C 504 31.12 -40.91 79.96
C ARG C 504 31.45 -40.04 78.76
N CYS C 505 31.10 -40.52 77.57
CA CYS C 505 31.35 -39.81 76.33
C CYS C 505 30.01 -39.49 75.65
N SER C 506 30.08 -38.95 74.44
CA SER C 506 28.90 -38.62 73.67
C SER C 506 28.66 -39.65 72.58
N CYS C 507 27.52 -39.49 71.89
CA CYS C 507 27.10 -40.38 70.80
C CYS C 507 26.96 -41.82 71.30
N LEU C 508 26.11 -41.99 72.31
CA LEU C 508 25.84 -43.29 72.89
C LEU C 508 24.35 -43.62 72.81
N PRO C 509 23.99 -44.85 72.41
CA PRO C 509 24.93 -45.90 71.97
C PRO C 509 25.38 -45.71 70.53
N ASP C 510 24.47 -45.25 69.68
CA ASP C 510 24.72 -45.02 68.27
C ASP C 510 24.07 -43.71 67.86
N PRO C 511 24.61 -43.03 66.85
CA PRO C 511 24.01 -41.76 66.41
C PRO C 511 22.62 -41.90 65.85
N ILE C 512 22.21 -43.11 65.45
CA ILE C 512 20.86 -43.31 64.93
C ILE C 512 19.83 -43.16 66.05
N SER C 513 20.04 -43.86 67.16
CA SER C 513 19.15 -43.81 68.32
C SER C 513 20.01 -43.55 69.55
N THR C 514 20.24 -42.29 69.86
CA THR C 514 21.04 -41.88 71.00
C THR C 514 20.14 -41.22 72.06
N TYR C 515 20.62 -41.27 73.30
CA TYR C 515 19.86 -40.69 74.41
C TYR C 515 19.99 -39.17 74.49
N SER C 516 21.00 -38.59 73.84
CA SER C 516 21.21 -37.14 73.87
C SER C 516 21.73 -36.71 72.51
N PRO C 517 20.82 -36.44 71.56
CA PRO C 517 21.27 -35.99 70.23
C PRO C 517 21.97 -34.64 70.25
N ASN C 518 21.69 -33.79 71.24
CA ASN C 518 22.33 -32.48 71.29
C ASN C 518 23.81 -32.59 71.64
N THR C 519 24.16 -33.55 72.50
CA THR C 519 25.56 -33.72 72.88
C THR C 519 26.39 -34.28 71.73
N CYS C 520 25.81 -35.20 70.96
CA CYS C 520 26.53 -35.78 69.84
C CYS C 520 26.58 -34.79 68.68
N PRO C 521 27.76 -34.52 68.12
CA PRO C 521 27.85 -33.54 67.03
C PRO C 521 27.16 -33.99 65.74
N GLN C 522 27.01 -35.29 65.52
CA GLN C 522 26.33 -35.78 64.33
C GLN C 522 24.85 -35.45 64.41
N LYS C 523 24.36 -34.68 63.43
CA LYS C 523 22.97 -34.24 63.41
C LYS C 523 22.27 -34.82 62.19
N LYS C 524 21.06 -35.34 62.40
CA LYS C 524 20.28 -35.88 61.29
C LYS C 524 19.85 -34.77 60.35
N VAL C 525 20.01 -34.99 59.05
CA VAL C 525 19.69 -33.99 58.04
C VAL C 525 18.98 -34.68 56.88
N VAL C 526 18.05 -33.95 56.26
CA VAL C 526 17.30 -34.43 55.11
C VAL C 526 17.81 -33.72 53.87
N VAL C 527 18.10 -34.50 52.82
CA VAL C 527 18.62 -33.93 51.58
C VAL C 527 17.56 -33.07 50.92
N GLY C 528 18.00 -32.01 50.25
CA GLY C 528 17.13 -31.09 49.58
C GLY C 528 17.10 -31.29 48.07
N ILE C 529 16.69 -30.25 47.37
CA ILE C 529 16.60 -30.28 45.91
C ILE C 529 18.01 -30.19 45.34
N GLY C 530 18.48 -31.26 44.72
CA GLY C 530 19.80 -31.29 44.13
C GLY C 530 20.94 -31.26 45.14
N GLU C 531 20.82 -32.02 46.22
CA GLU C 531 21.84 -32.08 47.25
C GLU C 531 22.05 -33.53 47.67
N HIS C 532 23.31 -33.90 47.90
CA HIS C 532 23.65 -35.23 48.34
C HIS C 532 23.69 -35.29 49.86
N CYS C 533 24.04 -36.46 50.39
CA CYS C 533 24.14 -36.63 51.84
C CYS C 533 25.57 -36.37 52.30
N PRO C 534 25.78 -35.54 53.33
CA PRO C 534 27.16 -35.29 53.78
C PRO C 534 27.89 -36.53 54.26
N GLY C 535 27.23 -37.38 55.04
CA GLY C 535 27.87 -38.59 55.53
C GLY C 535 26.88 -39.48 56.25
N LEU C 536 27.34 -40.68 56.56
CA LEU C 536 26.53 -41.69 57.23
C LEU C 536 26.85 -41.68 58.72
N GLY C 537 26.28 -42.64 59.46
CA GLY C 537 26.51 -42.75 60.88
C GLY C 537 27.64 -43.72 61.18
N ILE C 538 28.54 -43.32 62.07
CA ILE C 538 29.68 -44.12 62.46
C ILE C 538 29.71 -44.22 63.98
N ASN C 539 29.73 -45.45 64.49
CA ASN C 539 29.80 -45.66 65.93
C ASN C 539 31.20 -45.35 66.42
N GLU C 540 31.30 -44.39 67.36
CA GLU C 540 32.60 -43.99 67.88
C GLU C 540 33.25 -45.05 68.78
N GLU C 541 32.50 -46.07 69.17
CA GLU C 541 33.06 -47.12 70.03
C GLU C 541 33.96 -48.07 69.28
N LYS C 542 33.86 -48.13 67.95
CA LYS C 542 34.68 -49.03 67.13
C LYS C 542 35.78 -48.30 66.38
N CYS C 543 35.99 -47.02 66.65
CA CYS C 543 37.03 -46.24 65.99
C CYS C 543 38.34 -46.32 66.77
N GLY C 544 39.40 -45.80 66.16
CA GLY C 544 40.71 -45.80 66.77
C GLY C 544 41.40 -47.15 66.71
N SER C 550 48.39 -45.44 66.39
CA SER C 550 48.53 -44.90 65.05
C SER C 550 47.39 -43.94 64.72
N SER C 551 47.04 -43.87 63.44
CA SER C 551 45.96 -42.99 63.01
C SER C 551 44.61 -43.54 63.43
N CYS C 552 43.64 -42.65 63.57
CA CYS C 552 42.28 -43.03 63.95
C CYS C 552 41.60 -43.72 62.77
N PHE C 553 41.56 -45.05 62.81
CA PHE C 553 40.98 -45.85 61.74
C PHE C 553 39.77 -46.58 62.30
N CYS C 554 38.57 -46.12 61.93
CA CYS C 554 37.35 -46.75 62.38
C CYS C 554 37.18 -48.13 61.74
N SER C 555 36.36 -48.96 62.38
CA SER C 555 36.12 -50.30 61.87
C SER C 555 35.26 -50.23 60.61
N PRO C 556 35.52 -51.08 59.62
CA PRO C 556 34.71 -51.05 58.39
C PRO C 556 33.27 -51.48 58.63
N ASP C 557 33.02 -52.35 59.62
CA ASP C 557 31.67 -52.77 59.94
C ASP C 557 30.94 -51.79 60.85
N ALA C 558 31.62 -50.74 61.33
CA ALA C 558 30.99 -49.76 62.20
C ALA C 558 30.06 -48.83 61.46
N PHE C 559 30.10 -48.80 60.13
CA PHE C 559 29.22 -47.92 59.36
C PHE C 559 27.79 -48.46 59.41
N LEU C 560 26.89 -47.68 60.00
CA LEU C 560 25.49 -48.08 60.12
C LEU C 560 24.60 -46.99 59.53
N GLY C 561 23.39 -47.39 59.18
CA GLY C 561 22.42 -46.49 58.59
C GLY C 561 22.22 -46.65 57.10
N TRP C 562 22.31 -47.88 56.58
CA TRP C 562 22.16 -48.12 55.15
C TRP C 562 21.79 -49.59 54.95
N SER C 563 21.39 -49.91 53.73
CA SER C 563 21.03 -51.28 53.36
C SER C 563 21.30 -51.49 51.89
N PHE C 564 21.23 -52.75 51.47
CA PHE C 564 21.45 -53.13 50.09
C PHE C 564 20.31 -54.02 49.61
N ASP C 565 20.07 -54.00 48.30
CA ASP C 565 18.97 -54.77 47.73
C ASP C 565 19.23 -55.00 46.26
N SER C 566 18.78 -56.15 45.76
CA SER C 566 18.94 -56.47 44.35
C SER C 566 17.99 -55.62 43.49
N CYS C 567 18.25 -55.62 42.19
CA CYS C 567 17.45 -54.86 41.23
C CYS C 567 17.14 -55.72 40.01
N ILE C 568 16.90 -57.01 40.21
CA ILE C 568 16.62 -57.95 39.14
C ILE C 568 15.12 -58.16 39.05
N SER C 569 14.55 -57.92 37.88
CA SER C 569 13.12 -58.11 37.65
C SER C 569 12.92 -58.50 36.20
N ASN C 570 12.42 -59.71 35.96
CA ASN C 570 12.22 -60.25 34.62
C ASN C 570 13.51 -60.22 33.81
N ASN C 571 14.62 -60.60 34.45
CA ASN C 571 15.96 -60.61 33.85
C ASN C 571 16.39 -59.23 33.35
N ARG C 572 15.82 -58.17 33.91
CA ARG C 572 16.16 -56.81 33.53
C ARG C 572 16.24 -55.95 34.77
N CYS C 573 16.99 -54.85 34.66
CA CYS C 573 17.17 -53.90 35.76
C CYS C 573 16.35 -52.66 35.49
N ASN C 574 15.63 -52.19 36.51
CA ASN C 574 14.80 -51.00 36.40
C ASN C 574 15.60 -49.77 36.79
N ILE C 575 15.53 -48.73 35.96
CA ILE C 575 16.23 -47.48 36.21
C ILE C 575 15.24 -46.33 36.07
N PHE C 576 15.25 -45.44 37.05
CA PHE C 576 14.44 -44.23 37.04
C PHE C 576 15.28 -43.05 36.57
N SER C 577 14.63 -42.11 35.90
CA SER C 577 15.29 -40.90 35.42
C SER C 577 14.33 -39.73 35.55
N ASN C 578 14.90 -38.54 35.78
CA ASN C 578 14.14 -37.31 35.91
C ASN C 578 14.67 -36.30 34.92
N PHE C 579 13.76 -35.68 34.17
CA PHE C 579 14.07 -34.64 33.19
C PHE C 579 13.43 -33.34 33.67
N ILE C 580 14.24 -32.30 33.81
CA ILE C 580 13.75 -30.99 34.24
C ILE C 580 14.14 -29.97 33.18
N PHE C 581 13.14 -29.26 32.65
CA PHE C 581 13.36 -28.26 31.62
C PHE C 581 13.36 -26.87 32.25
N ASN C 582 14.35 -26.06 31.88
CA ASN C 582 14.49 -24.71 32.41
C ASN C 582 13.71 -23.68 31.61
N GLY C 583 12.79 -24.11 30.76
CA GLY C 583 12.01 -23.18 29.97
C GLY C 583 11.05 -23.92 29.07
N ILE C 584 10.24 -23.14 28.36
CA ILE C 584 9.25 -23.69 27.43
C ILE C 584 8.97 -22.65 26.36
N ASN C 585 8.98 -23.08 25.09
CA ASN C 585 8.73 -22.21 23.95
C ASN C 585 9.68 -21.02 23.92
N SER C 586 10.93 -21.27 24.30
CA SER C 586 11.96 -20.23 24.32
C SER C 586 13.32 -20.91 24.19
N GLY C 587 14.38 -20.12 24.36
CA GLY C 587 15.71 -20.68 24.27
C GLY C 587 16.06 -21.10 22.84
N THR C 588 16.97 -22.08 22.76
CA THR C 588 17.41 -22.60 21.47
C THR C 588 17.13 -24.08 21.28
N THR C 589 17.19 -24.88 22.34
CA THR C 589 16.94 -26.31 22.23
C THR C 589 15.46 -26.56 21.98
N CYS C 590 15.15 -27.25 20.87
CA CYS C 590 13.77 -27.53 20.51
C CYS C 590 13.60 -28.99 20.11
N SER C 591 12.41 -29.34 19.62
CA SER C 591 12.10 -30.71 19.21
C SER C 591 11.81 -30.73 17.71
N ASN C 592 12.52 -31.60 16.99
CA ASN C 592 12.34 -31.74 15.54
C ASN C 592 11.42 -32.93 15.29
N ASP C 593 10.13 -32.70 15.52
CA ASP C 593 9.12 -33.73 15.32
C ASP C 593 7.89 -33.26 14.56
N LEU C 594 7.74 -31.96 14.31
CA LEU C 594 6.61 -31.42 13.57
C LEU C 594 7.00 -30.90 12.19
N LEU C 595 8.26 -31.08 11.80
CA LEU C 595 8.74 -30.63 10.50
C LEU C 595 9.10 -31.79 9.58
N TYR C 596 9.89 -32.75 10.05
CA TYR C 596 10.27 -33.92 9.26
C TYR C 596 9.30 -35.05 9.59
N SER C 597 8.19 -35.10 8.86
CA SER C 597 7.15 -36.10 9.08
C SER C 597 7.06 -37.11 7.96
N ASN C 598 6.92 -36.66 6.71
CA ASN C 598 6.80 -37.59 5.59
C ASN C 598 8.14 -38.23 5.25
N THR C 599 9.15 -37.40 4.96
CA THR C 599 10.50 -37.87 4.61
C THR C 599 10.45 -38.88 3.47
N GLU C 600 9.58 -38.63 2.49
CA GLU C 600 9.42 -39.51 1.35
C GLU C 600 9.19 -38.67 0.10
N ILE C 601 9.92 -38.99 -0.96
CA ILE C 601 9.82 -38.28 -2.24
C ILE C 601 9.17 -39.19 -3.26
N SER C 602 8.12 -38.71 -3.90
CA SER C 602 7.38 -39.50 -4.88
C SER C 602 8.13 -39.55 -6.20
N THR C 603 7.52 -40.19 -7.19
CA THR C 603 8.11 -40.34 -8.52
C THR C 603 7.61 -39.29 -9.50
N GLY C 604 7.06 -38.19 -8.99
CA GLY C 604 6.56 -37.13 -9.85
C GLY C 604 5.05 -37.14 -10.00
N VAL C 605 4.37 -36.30 -9.21
CA VAL C 605 2.92 -36.21 -9.26
C VAL C 605 2.52 -34.74 -9.32
N CYS C 606 3.48 -33.87 -9.65
CA CYS C 606 3.29 -32.42 -9.61
C CYS C 606 2.87 -31.98 -8.20
N VAL C 607 3.81 -32.17 -7.28
CA VAL C 607 3.60 -31.85 -5.88
C VAL C 607 4.38 -30.58 -5.53
N ASN C 608 4.12 -30.05 -4.34
CA ASN C 608 4.80 -28.86 -3.85
C ASN C 608 6.12 -29.23 -3.18
N TYR C 609 6.97 -28.21 -3.00
CA TYR C 609 8.22 -28.40 -2.28
C TYR C 609 8.63 -27.07 -1.67
N ASP C 610 9.27 -27.15 -0.50
CA ASP C 610 9.76 -26.01 0.27
C ASP C 610 11.22 -26.24 0.64
N LEU C 611 12.03 -26.59 -0.36
CA LEU C 611 13.35 -27.15 -0.12
C LEU C 611 14.39 -26.05 0.08
N TYR C 612 15.15 -26.17 1.17
CA TYR C 612 16.31 -25.30 1.43
C TYR C 612 15.96 -23.82 1.34
N GLY C 613 14.74 -23.47 1.74
CA GLY C 613 14.26 -22.11 1.73
C GLY C 613 13.47 -21.73 0.50
N ILE C 614 13.81 -22.28 -0.66
CA ILE C 614 13.12 -21.94 -1.90
C ILE C 614 11.96 -22.91 -2.11
N THR C 615 10.81 -22.37 -2.49
CA THR C 615 9.59 -23.14 -2.64
C THR C 615 9.14 -23.14 -4.10
N GLY C 616 8.29 -24.11 -4.43
CA GLY C 616 7.78 -24.21 -5.78
C GLY C 616 6.91 -25.44 -5.93
N GLN C 617 6.54 -25.71 -7.17
CA GLN C 617 5.73 -26.86 -7.53
C GLN C 617 6.32 -27.55 -8.74
N GLY C 618 6.18 -28.87 -8.79
CA GLY C 618 6.67 -29.63 -9.92
C GLY C 618 6.71 -31.11 -9.63
N ILE C 619 7.14 -31.86 -10.65
CA ILE C 619 7.26 -33.30 -10.56
C ILE C 619 8.75 -33.65 -10.44
N PHE C 620 9.03 -34.81 -9.85
CA PHE C 620 10.38 -35.28 -9.66
C PHE C 620 10.64 -36.54 -10.50
N LYS C 621 11.88 -36.69 -10.94
CA LYS C 621 12.28 -37.85 -11.72
C LYS C 621 13.67 -38.30 -11.29
N GLU C 622 13.82 -39.61 -11.08
CA GLU C 622 15.08 -40.18 -10.62
C GLU C 622 16.07 -40.20 -11.78
N VAL C 623 17.12 -39.39 -11.68
CA VAL C 623 18.18 -39.34 -12.69
C VAL C 623 19.52 -39.28 -11.97
N SER C 624 20.40 -40.22 -12.30
CA SER C 624 21.71 -40.27 -11.66
C SER C 624 22.54 -39.06 -12.03
N ALA C 625 23.28 -38.54 -11.04
CA ALA C 625 24.11 -37.36 -11.23
C ALA C 625 25.44 -37.55 -10.51
N ALA C 626 26.52 -37.11 -11.14
CA ALA C 626 27.86 -37.27 -10.58
C ALA C 626 28.61 -35.93 -10.56
N TYR C 627 27.88 -34.82 -10.52
CA TYR C 627 28.48 -33.50 -10.50
C TYR C 627 28.25 -32.75 -9.18
N TYR C 628 27.59 -33.38 -8.21
CA TYR C 628 27.38 -32.75 -6.92
C TYR C 628 28.64 -32.88 -6.06
N ASN C 629 28.71 -32.02 -5.04
CA ASN C 629 29.84 -32.04 -4.11
C ASN C 629 29.35 -32.14 -2.68
N ASN C 630 30.26 -31.99 -1.72
CA ASN C 630 29.88 -32.09 -0.31
C ASN C 630 29.03 -30.91 0.14
N TRP C 631 29.22 -29.74 -0.46
CA TRP C 631 28.49 -28.53 -0.08
C TRP C 631 27.45 -28.11 -1.11
N GLN C 632 27.30 -28.85 -2.20
CA GLN C 632 26.39 -28.50 -3.28
C GLN C 632 25.21 -29.46 -3.28
N ASN C 633 23.99 -28.92 -3.16
CA ASN C 633 22.79 -29.73 -3.10
C ASN C 633 21.73 -29.35 -4.12
N LEU C 634 21.84 -28.19 -4.77
CA LEU C 634 20.83 -27.72 -5.73
C LEU C 634 21.49 -27.40 -7.06
N LEU C 635 20.69 -27.50 -8.12
CA LEU C 635 21.16 -27.24 -9.48
C LEU C 635 20.33 -26.13 -10.09
N TYR C 636 21.01 -25.12 -10.64
CA TYR C 636 20.37 -23.96 -11.24
C TYR C 636 20.86 -23.78 -12.67
N ASP C 637 20.04 -23.10 -13.47
CA ASP C 637 20.36 -22.80 -14.85
C ASP C 637 20.78 -21.32 -14.97
N SER C 638 21.04 -20.91 -16.22
CA SER C 638 21.46 -19.53 -16.45
C SER C 638 20.33 -18.54 -16.19
N ASN C 639 19.08 -18.95 -16.42
CA ASN C 639 17.95 -18.05 -16.19
C ASN C 639 17.71 -17.83 -14.71
N GLY C 640 17.86 -18.87 -13.89
CA GLY C 640 17.66 -18.76 -12.47
C GLY C 640 16.57 -19.66 -11.92
N ASN C 641 16.32 -20.77 -12.61
CA ASN C 641 15.32 -21.75 -12.19
C ASN C 641 16.01 -22.96 -11.56
N ILE C 642 15.19 -23.88 -11.07
CA ILE C 642 15.68 -25.11 -10.43
C ILE C 642 15.63 -26.24 -11.44
N ILE C 643 16.70 -27.04 -11.50
CA ILE C 643 16.81 -28.16 -12.42
C ILE C 643 16.98 -29.48 -11.67
N GLY C 644 17.90 -29.53 -10.71
CA GLY C 644 18.16 -30.74 -9.97
C GLY C 644 18.12 -30.50 -8.47
N PHE C 645 18.17 -31.60 -7.73
CA PHE C 645 18.14 -31.55 -6.27
C PHE C 645 18.74 -32.83 -5.70
N LYS C 646 19.66 -32.68 -4.75
CA LYS C 646 20.29 -33.80 -4.08
C LYS C 646 19.75 -33.91 -2.67
N ASP C 647 19.22 -35.08 -2.33
CA ASP C 647 18.67 -35.32 -0.99
C ASP C 647 19.77 -35.84 -0.08
N PHE C 648 19.96 -35.17 1.06
CA PHE C 648 21.02 -35.54 1.99
C PHE C 648 20.63 -36.71 2.88
N LEU C 649 19.33 -36.95 3.09
CA LEU C 649 18.89 -38.06 3.91
C LEU C 649 18.97 -39.41 3.20
N THR C 650 19.13 -39.42 1.87
CA THR C 650 19.17 -40.66 1.12
C THR C 650 20.34 -40.74 0.14
N ASN C 651 21.10 -39.66 -0.05
CA ASN C 651 22.23 -39.64 -0.99
C ASN C 651 21.78 -39.98 -2.40
N LYS C 652 20.72 -39.33 -2.86
CA LYS C 652 20.19 -39.51 -4.19
C LYS C 652 20.04 -38.16 -4.88
N THR C 653 19.94 -38.19 -6.20
CA THR C 653 19.81 -36.99 -7.02
C THR C 653 18.60 -37.12 -7.92
N TYR C 654 17.73 -36.12 -7.90
CA TYR C 654 16.53 -36.09 -8.71
C TYR C 654 16.53 -34.84 -9.57
N THR C 655 15.71 -34.87 -10.62
CA THR C 655 15.50 -33.71 -11.48
C THR C 655 14.05 -33.26 -11.37
N ILE C 656 13.84 -31.96 -11.57
CA ILE C 656 12.54 -31.33 -11.38
C ILE C 656 12.00 -30.93 -12.74
N LEU C 657 10.76 -31.33 -13.03
CA LEU C 657 10.06 -30.97 -14.24
C LEU C 657 8.84 -30.11 -13.93
N PRO C 658 8.55 -29.10 -14.74
CA PRO C 658 7.40 -28.24 -14.46
C PRO C 658 6.08 -28.97 -14.69
N CYS C 659 5.05 -28.49 -14.00
CA CYS C 659 3.73 -29.09 -14.11
C CYS C 659 3.09 -28.72 -15.44
N TYR C 660 1.99 -29.41 -15.75
CA TYR C 660 1.26 -29.15 -16.98
C TYR C 660 0.27 -28.01 -16.77
N SER C 661 0.32 -27.01 -17.64
CA SER C 661 -0.60 -25.88 -17.58
C SER C 661 -0.81 -25.40 -19.03
N GLY C 662 -1.88 -25.90 -19.65
CA GLY C 662 -2.19 -25.57 -21.02
C GLY C 662 -3.66 -25.25 -21.20
N ARG C 663 -4.04 -25.02 -22.45
CA ARG C 663 -5.42 -24.71 -22.82
C ARG C 663 -5.87 -25.67 -23.90
N VAL C 664 -7.19 -25.66 -24.15
CA VAL C 664 -7.81 -26.54 -25.14
C VAL C 664 -8.49 -25.67 -26.20
N SER C 665 -8.34 -26.07 -27.46
CA SER C 665 -8.97 -25.36 -28.57
C SER C 665 -10.31 -26.02 -28.87
N ALA C 666 -11.40 -25.27 -28.74
CA ALA C 666 -12.75 -25.78 -28.93
C ALA C 666 -13.35 -25.14 -30.18
N ALA C 667 -13.68 -25.96 -31.17
CA ALA C 667 -14.37 -25.51 -32.37
C ALA C 667 -15.86 -25.75 -32.19
N PHE C 668 -16.65 -24.68 -32.27
CA PHE C 668 -18.08 -24.74 -32.00
C PHE C 668 -18.85 -24.17 -33.19
N TYR C 669 -19.84 -24.92 -33.66
CA TYR C 669 -20.67 -24.49 -34.77
C TYR C 669 -21.79 -23.60 -34.23
N GLN C 670 -22.77 -23.28 -35.07
CA GLN C 670 -23.87 -22.41 -34.64
C GLN C 670 -24.78 -23.11 -33.64
N ASN C 671 -25.39 -24.22 -34.06
CA ASN C 671 -26.29 -25.00 -33.21
C ASN C 671 -25.69 -26.39 -33.03
N SER C 672 -25.14 -26.65 -31.84
CA SER C 672 -24.53 -27.93 -31.54
C SER C 672 -24.65 -28.20 -30.06
N SER C 673 -24.46 -29.47 -29.68
CA SER C 673 -24.53 -29.88 -28.28
C SER C 673 -23.20 -29.70 -27.57
N SER C 674 -22.13 -30.29 -28.12
CA SER C 674 -20.80 -30.19 -27.53
C SER C 674 -19.80 -29.84 -28.63
N PRO C 675 -18.90 -28.90 -28.40
CA PRO C 675 -17.93 -28.54 -29.43
C PRO C 675 -16.83 -29.59 -29.57
N ALA C 676 -16.06 -29.46 -30.63
CA ALA C 676 -14.95 -30.37 -30.90
C ALA C 676 -13.71 -29.85 -30.17
N LEU C 677 -13.16 -30.68 -29.30
CA LEU C 677 -12.01 -30.30 -28.49
C LEU C 677 -10.71 -30.75 -29.13
N LEU C 678 -9.65 -29.99 -28.87
CA LEU C 678 -8.32 -30.30 -29.39
C LEU C 678 -7.28 -29.90 -28.35
N TYR C 679 -6.41 -30.84 -28.01
CA TYR C 679 -5.28 -30.61 -27.11
C TYR C 679 -4.01 -30.62 -27.95
N ARG C 680 -3.41 -29.44 -28.12
CA ARG C 680 -2.25 -29.31 -28.99
C ARG C 680 -1.01 -29.94 -28.34
N ASN C 681 -0.31 -30.77 -29.11
CA ASN C 681 0.96 -31.36 -28.68
C ASN C 681 0.79 -32.19 -27.41
N LEU C 682 -0.18 -33.09 -27.43
CA LEU C 682 -0.44 -33.98 -26.30
C LEU C 682 -0.92 -35.32 -26.82
N LYS C 683 -0.30 -36.40 -26.35
CA LYS C 683 -0.76 -37.74 -26.69
C LYS C 683 -2.10 -38.01 -26.03
N CYS C 684 -2.89 -38.87 -26.69
CA CYS C 684 -4.25 -39.12 -26.20
C CYS C 684 -4.25 -39.94 -24.91
N SER C 685 -3.23 -40.78 -24.70
CA SER C 685 -3.14 -41.52 -23.45
C SER C 685 -2.97 -40.57 -22.26
N TYR C 686 -2.14 -39.54 -22.42
CA TYR C 686 -1.92 -38.59 -21.33
C TYR C 686 -3.17 -37.76 -21.07
N VAL C 687 -3.95 -37.46 -22.12
CA VAL C 687 -5.13 -36.63 -21.94
C VAL C 687 -6.33 -37.45 -21.47
N LEU C 688 -6.31 -38.77 -21.65
CA LEU C 688 -7.42 -39.61 -21.22
C LEU C 688 -7.14 -40.38 -19.94
N ASN C 689 -5.90 -40.40 -19.46
CA ASN C 689 -5.56 -41.14 -18.25
C ASN C 689 -5.12 -40.27 -17.09
N ASN C 690 -4.77 -39.00 -17.33
CA ASN C 690 -4.20 -38.15 -16.29
C ASN C 690 -5.05 -36.93 -15.97
N ILE C 691 -5.47 -36.16 -16.98
CA ILE C 691 -6.12 -34.88 -16.77
C ILE C 691 -7.61 -34.92 -17.07
N SER C 692 -8.13 -36.04 -17.55
CA SER C 692 -9.55 -36.15 -17.85
C SER C 692 -10.05 -37.54 -17.48
N PHE C 693 -11.27 -37.59 -16.94
CA PHE C 693 -11.90 -38.85 -16.56
C PHE C 693 -13.24 -39.07 -17.24
N ILE C 694 -13.68 -38.15 -18.10
CA ILE C 694 -14.96 -38.30 -18.79
C ILE C 694 -14.81 -39.35 -19.89
N SER C 695 -15.76 -40.27 -19.95
CA SER C 695 -15.73 -41.35 -20.94
C SER C 695 -16.02 -40.76 -22.32
N GLN C 696 -14.99 -40.64 -23.14
CA GLN C 696 -15.13 -40.11 -24.49
C GLN C 696 -15.10 -41.27 -25.48
N PRO C 697 -16.19 -41.58 -26.17
CA PRO C 697 -16.17 -42.72 -27.09
C PRO C 697 -15.41 -42.45 -28.38
N PHE C 698 -15.42 -41.21 -28.87
CA PHE C 698 -14.77 -40.86 -30.13
C PHE C 698 -13.48 -40.10 -29.83
N TYR C 699 -12.36 -40.68 -30.26
CA TYR C 699 -11.06 -40.03 -30.11
C TYR C 699 -10.06 -40.71 -31.03
N PHE C 700 -9.15 -39.91 -31.59
CA PHE C 700 -8.14 -40.44 -32.50
C PHE C 700 -6.99 -39.45 -32.58
N ASP C 701 -5.78 -39.98 -32.73
CA ASP C 701 -4.60 -39.14 -32.82
C ASP C 701 -4.55 -38.41 -34.15
N SER C 702 -3.75 -37.33 -34.19
CA SER C 702 -3.61 -36.53 -35.39
C SER C 702 -2.21 -35.91 -35.39
N TYR C 703 -1.99 -34.96 -36.29
CA TYR C 703 -0.70 -34.30 -36.39
C TYR C 703 -0.53 -33.20 -35.35
N LEU C 704 -1.62 -32.50 -35.02
CA LEU C 704 -1.59 -31.43 -34.03
C LEU C 704 -2.18 -31.86 -32.69
N GLY C 705 -1.99 -33.10 -32.31
CA GLY C 705 -2.60 -33.62 -31.09
C GLY C 705 -3.97 -34.22 -31.36
N CYS C 706 -4.31 -35.22 -30.55
CA CYS C 706 -5.56 -35.93 -30.75
C CYS C 706 -6.75 -35.05 -30.38
N VAL C 707 -7.84 -35.24 -31.11
CA VAL C 707 -9.06 -34.47 -30.90
C VAL C 707 -10.10 -35.36 -30.23
N LEU C 708 -11.19 -34.73 -29.78
CA LEU C 708 -12.30 -35.43 -29.15
C LEU C 708 -13.58 -35.09 -29.88
N ASN C 709 -14.48 -36.08 -29.95
CA ASN C 709 -15.78 -35.93 -30.62
C ASN C 709 -15.60 -35.53 -32.08
N ALA C 710 -14.91 -36.40 -32.83
CA ALA C 710 -14.66 -36.19 -34.24
C ALA C 710 -14.36 -37.54 -34.88
N VAL C 711 -14.15 -37.52 -36.20
CA VAL C 711 -13.86 -38.72 -36.97
C VAL C 711 -12.75 -38.40 -37.97
N ASN C 712 -11.82 -39.34 -38.12
CA ASN C 712 -10.70 -39.16 -39.05
C ASN C 712 -11.19 -39.30 -40.48
N LEU C 713 -11.24 -38.19 -41.22
CA LEU C 713 -11.63 -38.19 -42.62
C LEU C 713 -10.68 -37.29 -43.41
N THR C 714 -9.38 -37.43 -43.15
CA THR C 714 -8.38 -36.60 -43.82
C THR C 714 -8.27 -36.91 -45.31
N SER C 715 -8.81 -38.05 -45.77
CA SER C 715 -8.76 -38.37 -47.19
C SER C 715 -9.64 -37.45 -48.03
N TYR C 716 -10.63 -36.79 -47.42
CA TYR C 716 -11.51 -35.88 -48.11
C TYR C 716 -11.04 -34.45 -47.91
N SER C 717 -11.14 -33.65 -48.98
CA SER C 717 -10.70 -32.26 -48.96
C SER C 717 -11.90 -31.33 -49.19
N VAL C 718 -11.81 -30.15 -48.60
CA VAL C 718 -12.85 -29.13 -48.73
C VAL C 718 -12.19 -27.83 -49.15
N SER C 719 -12.90 -27.05 -49.98
CA SER C 719 -12.36 -25.80 -50.51
C SER C 719 -12.62 -24.60 -49.61
N SER C 720 -13.45 -24.76 -48.56
CA SER C 720 -13.76 -23.65 -47.68
C SER C 720 -14.30 -24.19 -46.36
N CYS C 721 -13.69 -23.77 -45.25
CA CYS C 721 -14.15 -24.16 -43.93
C CYS C 721 -13.85 -23.03 -42.96
N ASP C 722 -14.80 -22.76 -42.07
CA ASP C 722 -14.72 -21.63 -41.15
C ASP C 722 -14.03 -21.97 -39.83
N LEU C 723 -13.60 -23.21 -39.64
CA LEU C 723 -12.90 -23.63 -38.43
C LEU C 723 -11.49 -24.05 -38.82
N ARG C 724 -10.58 -23.09 -38.90
CA ARG C 724 -9.22 -23.33 -39.37
C ARG C 724 -8.34 -23.68 -38.17
N MET C 725 -7.90 -24.94 -38.11
CA MET C 725 -7.00 -25.35 -37.03
C MET C 725 -5.55 -25.00 -37.34
N GLY C 726 -5.02 -25.52 -38.43
CA GLY C 726 -3.66 -25.24 -38.83
C GLY C 726 -3.07 -26.40 -39.60
N SER C 727 -1.98 -26.09 -40.33
CA SER C 727 -1.24 -27.09 -41.12
C SER C 727 -2.14 -27.77 -42.14
N GLY C 728 -3.07 -27.01 -42.72
CA GLY C 728 -3.94 -27.54 -43.75
C GLY C 728 -4.98 -28.52 -43.26
N PHE C 729 -5.58 -28.26 -42.11
CA PHE C 729 -6.63 -29.11 -41.56
C PHE C 729 -7.74 -28.23 -40.99
N CYS C 730 -8.98 -28.70 -41.12
CA CYS C 730 -10.12 -27.97 -40.60
C CYS C 730 -11.26 -28.95 -40.31
N ILE C 731 -12.15 -28.53 -39.41
CA ILE C 731 -13.28 -29.35 -38.98
C ILE C 731 -14.55 -28.83 -39.64
N ASP C 732 -15.31 -29.73 -40.24
CA ASP C 732 -16.57 -29.40 -40.89
C ASP C 732 -17.73 -30.03 -40.13
N TYR C 733 -18.84 -29.31 -40.06
CA TYR C 733 -20.03 -29.77 -39.34
C TYR C 733 -20.99 -30.41 -40.35
N ALA C 734 -21.18 -31.72 -40.23
CA ALA C 734 -22.07 -32.46 -41.11
C ALA C 734 -23.45 -32.55 -40.48
N LEU C 735 -24.47 -32.20 -41.25
CA LEU C 735 -25.83 -32.26 -40.75
C LEU C 735 -26.26 -33.71 -40.56
N PRO C 736 -26.78 -34.10 -39.39
CA PRO C 736 -27.23 -35.47 -39.11
C PRO C 736 -28.33 -35.94 -40.04
N SER C 746 -22.58 -41.50 -34.44
CA SER C 746 -21.45 -40.90 -35.14
C SER C 746 -21.33 -39.42 -34.79
N SER C 747 -20.11 -38.92 -34.74
CA SER C 747 -19.87 -37.52 -34.42
C SER C 747 -20.17 -36.65 -35.63
N PRO C 748 -20.89 -35.53 -35.45
CA PRO C 748 -21.18 -34.66 -36.60
C PRO C 748 -19.96 -33.94 -37.14
N TYR C 749 -18.89 -33.84 -36.37
CA TYR C 749 -17.69 -33.13 -36.80
C TYR C 749 -16.78 -34.06 -37.59
N ARG C 750 -16.26 -33.54 -38.70
CA ARG C 750 -15.37 -34.28 -39.58
C ARG C 750 -14.06 -33.52 -39.71
N PHE C 751 -12.95 -34.19 -39.40
CA PHE C 751 -11.62 -33.57 -39.43
C PHE C 751 -11.01 -33.82 -40.80
N VAL C 752 -11.13 -32.83 -41.69
CA VAL C 752 -10.69 -33.00 -43.08
C VAL C 752 -9.55 -32.03 -43.37
N THR C 753 -9.02 -32.08 -44.59
CA THR C 753 -7.93 -31.21 -45.00
C THR C 753 -8.48 -29.91 -45.58
N PHE C 754 -7.57 -29.04 -46.03
CA PHE C 754 -7.93 -27.73 -46.58
C PHE C 754 -7.17 -27.53 -47.87
N GLU C 755 -7.90 -27.41 -48.98
CA GLU C 755 -7.32 -27.16 -50.30
C GLU C 755 -8.08 -26.00 -50.93
N PRO C 756 -7.69 -24.76 -50.63
CA PRO C 756 -8.45 -23.61 -51.12
C PRO C 756 -8.20 -23.32 -52.60
N PHE C 757 -7.03 -23.68 -53.11
CA PHE C 757 -6.66 -23.37 -54.48
C PHE C 757 -6.23 -24.65 -55.20
N ASN C 758 -6.57 -24.74 -56.47
CA ASN C 758 -6.21 -25.89 -57.29
C ASN C 758 -6.16 -25.47 -58.75
N VAL C 759 -5.24 -26.07 -59.50
CA VAL C 759 -5.07 -25.73 -60.91
C VAL C 759 -6.14 -26.42 -61.73
N SER C 760 -6.32 -25.94 -62.97
CA SER C 760 -7.26 -26.53 -63.92
C SER C 760 -6.50 -27.43 -64.87
N PHE C 761 -6.90 -28.69 -64.94
CA PHE C 761 -6.20 -29.68 -65.75
C PHE C 761 -6.84 -29.80 -67.13
N VAL C 762 -6.00 -30.08 -68.13
CA VAL C 762 -6.42 -30.25 -69.50
C VAL C 762 -5.93 -31.61 -70.00
N ASN C 763 -6.80 -32.32 -70.72
CA ASN C 763 -6.49 -33.66 -71.19
C ASN C 763 -5.48 -33.67 -72.34
N ASP C 764 -5.03 -32.50 -72.80
CA ASP C 764 -4.07 -32.46 -73.90
C ASP C 764 -2.72 -33.02 -73.47
N SER C 765 -1.90 -33.35 -74.47
CA SER C 765 -0.60 -33.94 -74.22
C SER C 765 0.41 -32.87 -73.82
N VAL C 766 1.66 -33.29 -73.64
CA VAL C 766 2.72 -32.38 -73.21
C VAL C 766 3.92 -32.54 -74.13
N GLU C 767 3.91 -33.61 -74.93
CA GLU C 767 5.00 -33.89 -75.86
C GLU C 767 4.64 -33.43 -77.26
N THR C 768 5.68 -33.19 -78.06
CA THR C 768 5.47 -32.73 -79.43
C THR C 768 5.02 -33.90 -80.31
N VAL C 769 3.92 -33.69 -81.02
CA VAL C 769 3.37 -34.69 -81.94
C VAL C 769 3.52 -34.13 -83.35
N GLY C 770 4.38 -34.77 -84.14
CA GLY C 770 4.63 -34.30 -85.49
C GLY C 770 5.30 -32.94 -85.58
N GLY C 771 5.97 -32.51 -84.53
CA GLY C 771 6.61 -31.21 -84.52
C GLY C 771 5.69 -30.05 -84.22
N LEU C 772 4.43 -30.30 -83.88
CA LEU C 772 3.46 -29.25 -83.60
C LEU C 772 2.84 -29.49 -82.23
N PHE C 773 2.65 -28.41 -81.49
CA PHE C 773 1.99 -28.51 -80.18
C PHE C 773 0.48 -28.48 -80.36
N GLU C 774 -0.24 -28.83 -79.29
CA GLU C 774 -1.70 -28.77 -79.27
C GLU C 774 -2.15 -28.01 -78.04
N ILE C 775 -2.98 -26.99 -78.24
CA ILE C 775 -3.47 -26.14 -77.17
C ILE C 775 -4.97 -25.98 -77.32
N GLN C 776 -5.56 -25.17 -76.44
CA GLN C 776 -6.98 -24.86 -76.47
C GLN C 776 -7.17 -23.37 -76.67
N ILE C 777 -7.99 -23.02 -77.65
CA ILE C 777 -8.28 -21.62 -77.96
C ILE C 777 -9.78 -21.38 -77.74
N PRO C 778 -10.16 -20.27 -77.11
CA PRO C 778 -11.59 -20.00 -76.91
C PRO C 778 -12.31 -19.75 -78.23
N THR C 779 -13.62 -19.96 -78.20
CA THR C 779 -14.48 -19.74 -79.36
C THR C 779 -15.60 -18.74 -79.08
N ASN C 780 -16.19 -18.80 -77.89
CA ASN C 780 -17.23 -17.85 -77.48
C ASN C 780 -16.80 -17.18 -76.19
N PHE C 781 -17.16 -15.91 -76.05
CA PHE C 781 -16.70 -15.11 -74.92
C PHE C 781 -17.84 -14.25 -74.39
N THR C 782 -17.66 -13.79 -73.16
CA THR C 782 -18.60 -12.87 -72.51
C THR C 782 -17.81 -11.93 -71.63
N ILE C 783 -18.51 -11.11 -70.85
CA ILE C 783 -17.90 -10.14 -69.96
C ILE C 783 -18.50 -10.28 -68.58
N ALA C 784 -17.64 -10.41 -67.57
CA ALA C 784 -18.07 -10.56 -66.18
C ALA C 784 -17.51 -9.40 -65.36
N GLY C 785 -18.27 -9.02 -64.33
CA GLY C 785 -17.90 -7.92 -63.46
C GLY C 785 -17.43 -8.43 -62.10
N HIS C 786 -16.57 -7.65 -61.45
CA HIS C 786 -16.03 -8.01 -60.14
C HIS C 786 -15.95 -6.76 -59.28
N GLU C 787 -16.46 -6.85 -58.05
CA GLU C 787 -16.47 -5.73 -57.14
C GLU C 787 -15.34 -5.86 -56.12
N GLU C 788 -14.86 -4.72 -55.64
CA GLU C 788 -13.82 -4.67 -54.63
C GLU C 788 -13.99 -3.42 -53.80
N PHE C 789 -13.64 -3.50 -52.53
CA PHE C 789 -13.73 -2.36 -51.61
C PHE C 789 -12.36 -2.07 -51.01
N ILE C 790 -11.99 -0.80 -50.97
CA ILE C 790 -10.73 -0.36 -50.39
C ILE C 790 -11.01 0.73 -49.38
N GLN C 791 -10.62 0.51 -48.13
CA GLN C 791 -10.82 1.49 -47.07
C GLN C 791 -9.79 2.61 -47.19
N THR C 792 -10.25 3.84 -46.99
CA THR C 792 -9.38 5.00 -47.12
C THR C 792 -9.39 5.90 -45.90
N SER C 793 -10.55 6.08 -45.26
CA SER C 793 -10.69 7.02 -44.15
C SER C 793 -11.07 6.28 -42.87
N SER C 794 -10.85 6.96 -41.76
CA SER C 794 -11.15 6.45 -40.43
C SER C 794 -11.79 7.55 -39.60
N PRO C 795 -12.73 7.22 -38.73
CA PRO C 795 -13.38 8.26 -37.91
C PRO C 795 -12.40 8.95 -36.99
N LYS C 796 -12.52 10.28 -36.92
CA LYS C 796 -11.64 11.10 -36.11
C LYS C 796 -12.17 11.18 -34.69
N VAL C 797 -11.38 10.69 -33.73
CA VAL C 797 -11.77 10.64 -32.33
C VAL C 797 -10.99 11.71 -31.56
N THR C 798 -11.69 12.43 -30.69
CA THR C 798 -11.10 13.46 -29.86
C THR C 798 -11.41 13.18 -28.39
N ILE C 799 -10.40 13.31 -27.54
CA ILE C 799 -10.51 13.06 -26.12
C ILE C 799 -10.04 14.30 -25.36
N ASP C 800 -10.75 14.65 -24.29
CA ASP C 800 -10.44 15.82 -23.50
C ASP C 800 -9.61 15.42 -22.28
N CYS C 801 -8.67 16.31 -21.90
CA CYS C 801 -7.81 16.07 -20.74
C CYS C 801 -8.61 16.00 -19.44
N SER C 802 -9.22 17.12 -19.05
CA SER C 802 -9.86 17.20 -17.74
C SER C 802 -11.17 16.43 -17.68
N ALA C 803 -11.88 16.33 -18.80
CA ALA C 803 -13.19 15.68 -18.80
C ALA C 803 -13.10 14.18 -18.56
N PHE C 804 -11.92 13.57 -18.78
CA PHE C 804 -11.83 12.12 -18.67
C PHE C 804 -10.70 11.67 -17.75
N VAL C 805 -9.58 12.40 -17.73
CA VAL C 805 -8.38 11.89 -17.05
C VAL C 805 -8.63 11.75 -15.55
N CYS C 806 -9.06 12.83 -14.90
CA CYS C 806 -9.22 12.80 -13.45
C CYS C 806 -10.68 12.94 -13.02
N SER C 807 -11.32 14.07 -13.33
CA SER C 807 -12.70 14.34 -12.92
C SER C 807 -13.08 15.73 -13.43
N ASN C 808 -14.34 16.07 -13.23
CA ASN C 808 -14.83 17.42 -13.47
C ASN C 808 -14.75 18.29 -12.22
N TYR C 809 -14.08 17.82 -11.17
CA TYR C 809 -13.96 18.54 -9.91
C TYR C 809 -12.72 19.43 -9.94
N ALA C 810 -12.36 19.98 -8.79
CA ALA C 810 -11.21 20.88 -8.65
C ALA C 810 -10.02 20.23 -7.98
N ALA C 811 -10.24 19.46 -6.90
CA ALA C 811 -9.13 18.80 -6.23
C ALA C 811 -8.47 17.77 -7.14
N CYS C 812 -9.26 17.10 -7.98
CA CYS C 812 -8.68 16.16 -8.94
C CYS C 812 -7.73 16.86 -9.90
N HIS C 813 -8.13 18.03 -10.39
CA HIS C 813 -7.26 18.78 -11.29
C HIS C 813 -6.02 19.30 -10.56
N ASP C 814 -6.20 19.75 -9.31
CA ASP C 814 -5.06 20.23 -8.54
C ASP C 814 -4.05 19.11 -8.30
N LEU C 815 -4.53 17.88 -8.11
CA LEU C 815 -3.62 16.76 -7.93
C LEU C 815 -3.02 16.31 -9.26
N LEU C 816 -3.78 16.39 -10.35
CA LEU C 816 -3.27 16.00 -11.66
C LEU C 816 -2.20 16.98 -12.15
N SER C 817 -2.27 18.24 -11.71
CA SER C 817 -1.27 19.23 -12.11
C SER C 817 0.14 18.84 -11.72
N GLU C 818 0.31 17.86 -10.82
CA GLU C 818 1.66 17.43 -10.42
C GLU C 818 2.33 16.58 -11.50
N TYR C 819 1.55 15.96 -12.39
CA TYR C 819 2.12 15.14 -13.45
C TYR C 819 2.68 15.95 -14.61
N GLY C 820 2.55 17.28 -14.58
CA GLY C 820 3.07 18.09 -15.65
C GLY C 820 2.29 17.92 -16.94
N THR C 821 2.99 18.12 -18.06
CA THR C 821 2.39 18.03 -19.38
C THR C 821 2.40 16.56 -19.84
N PHE C 822 1.46 15.80 -19.28
CA PHE C 822 1.31 14.39 -19.63
C PHE C 822 0.13 14.14 -20.55
N CYS C 823 -0.99 14.82 -20.35
CA CYS C 823 -2.15 14.64 -21.21
C CYS C 823 -2.06 15.44 -22.50
N ASP C 824 -1.11 16.37 -22.62
CA ASP C 824 -0.95 17.13 -23.85
C ASP C 824 -0.39 16.25 -24.97
N ASN C 825 0.37 15.21 -24.62
CA ASN C 825 0.87 14.28 -25.63
C ASN C 825 -0.27 13.56 -26.33
N ILE C 826 -1.33 13.23 -25.58
CA ILE C 826 -2.51 12.61 -26.18
C ILE C 826 -3.13 13.54 -27.21
N ASN C 827 -3.27 14.82 -26.86
CA ASN C 827 -3.85 15.79 -27.79
C ASN C 827 -2.96 15.95 -29.02
N SER C 828 -1.64 15.96 -28.83
CA SER C 828 -0.74 16.09 -29.97
C SER C 828 -0.84 14.88 -30.90
N ILE C 829 -0.93 13.68 -30.33
CA ILE C 829 -1.07 12.48 -31.15
C ILE C 829 -2.39 12.50 -31.91
N LEU C 830 -3.47 12.91 -31.24
CA LEU C 830 -4.76 12.98 -31.92
C LEU C 830 -4.75 14.02 -33.04
N ASN C 831 -4.10 15.16 -32.81
CA ASN C 831 -4.01 16.19 -33.85
C ASN C 831 -3.19 15.69 -35.03
N GLU C 832 -2.09 14.97 -34.77
CA GLU C 832 -1.29 14.41 -35.85
C GLU C 832 -2.09 13.39 -36.65
N VAL C 833 -2.88 12.55 -35.96
CA VAL C 833 -3.72 11.57 -36.64
C VAL C 833 -4.74 12.27 -37.53
N ASN C 834 -5.39 13.30 -37.00
CA ASN C 834 -6.38 14.03 -37.78
C ASN C 834 -5.75 14.73 -38.97
N ASP C 835 -4.56 15.27 -38.80
CA ASP C 835 -3.87 15.92 -39.91
C ASP C 835 -3.51 14.92 -41.00
N LEU C 836 -3.02 13.74 -40.60
CA LEU C 836 -2.71 12.71 -41.58
C LEU C 836 -3.96 12.26 -42.33
N LEU C 837 -5.08 12.10 -41.62
CA LEU C 837 -6.32 11.70 -42.28
C LEU C 837 -6.79 12.77 -43.26
N ASP C 838 -6.70 14.04 -42.87
CA ASP C 838 -7.10 15.11 -43.77
C ASP C 838 -6.20 15.18 -45.00
N ILE C 839 -4.89 14.96 -44.81
CA ILE C 839 -3.97 14.97 -45.94
C ILE C 839 -4.29 13.83 -46.90
N THR C 840 -4.55 12.64 -46.36
CA THR C 840 -4.90 11.50 -47.21
C THR C 840 -6.20 11.76 -47.97
N GLN C 841 -7.20 12.35 -47.31
CA GLN C 841 -8.45 12.64 -47.99
C GLN C 841 -8.26 13.66 -49.10
N LEU C 842 -7.45 14.70 -48.84
CA LEU C 842 -7.18 15.69 -49.87
C LEU C 842 -6.43 15.07 -51.05
N GLN C 843 -5.48 14.17 -50.76
CA GLN C 843 -4.77 13.51 -51.85
C GLN C 843 -5.70 12.63 -52.68
N VAL C 844 -6.63 11.94 -52.02
CA VAL C 844 -7.59 11.12 -52.76
C VAL C 844 -8.48 12.00 -53.63
N ALA C 845 -8.94 13.12 -53.09
CA ALA C 845 -9.77 14.03 -53.88
C ALA C 845 -9.00 14.59 -55.07
N ASN C 846 -7.73 14.95 -54.87
CA ASN C 846 -6.92 15.48 -55.96
C ASN C 846 -6.70 14.42 -57.03
N ALA C 847 -6.42 13.18 -56.63
CA ALA C 847 -6.24 12.11 -57.60
C ALA C 847 -7.53 11.82 -58.36
N LEU C 848 -8.68 11.99 -57.71
CA LEU C 848 -9.95 11.77 -58.39
C LEU C 848 -10.26 12.88 -59.38
N MET C 849 -9.98 14.13 -59.02
CA MET C 849 -10.34 15.29 -59.82
C MET C 849 -9.12 15.90 -60.52
N GLN C 850 -8.20 15.06 -60.99
CA GLN C 850 -6.99 15.52 -61.64
C GLN C 850 -7.15 15.44 -63.16
N GLY C 851 -6.96 16.58 -63.83
CA GLY C 851 -7.01 16.64 -65.27
C GLY C 851 -8.33 16.21 -65.87
N VAL C 852 -9.42 16.85 -65.44
CA VAL C 852 -10.75 16.52 -65.92
C VAL C 852 -11.39 17.81 -66.45
N THR C 853 -11.76 17.81 -67.72
CA THR C 853 -12.42 18.94 -68.35
C THR C 853 -13.67 18.44 -69.07
N LEU C 854 -14.82 19.00 -68.70
CA LEU C 854 -16.10 18.60 -69.25
C LEU C 854 -16.80 19.81 -69.88
N SER C 855 -17.82 19.53 -70.68
CA SER C 855 -18.58 20.59 -71.33
C SER C 855 -19.61 21.18 -70.37
N SER C 856 -20.09 22.37 -70.71
CA SER C 856 -21.07 23.08 -69.91
C SER C 856 -22.50 22.84 -70.37
N ASN C 857 -22.75 21.73 -71.06
CA ASN C 857 -24.08 21.39 -71.55
C ASN C 857 -24.47 19.98 -71.11
N LEU C 858 -24.18 19.64 -69.86
CA LEU C 858 -24.51 18.33 -69.30
C LEU C 858 -25.52 18.53 -68.18
N ASN C 859 -26.75 18.11 -68.42
CA ASN C 859 -27.81 18.23 -67.42
C ASN C 859 -27.99 16.97 -66.59
N THR C 860 -27.42 15.84 -67.02
CA THR C 860 -27.43 14.55 -66.35
C THR C 860 -28.82 13.92 -66.30
N ASN C 861 -29.85 14.60 -66.80
CA ASN C 861 -31.19 14.04 -66.86
C ASN C 861 -31.56 13.53 -68.25
N LEU C 862 -30.77 13.85 -69.26
CA LEU C 862 -31.00 13.37 -70.62
C LEU C 862 -29.82 12.61 -71.20
N HIS C 863 -28.59 12.96 -70.84
CA HIS C 863 -27.40 12.26 -71.33
C HIS C 863 -26.96 11.28 -70.25
N SER C 864 -27.61 10.11 -70.24
CA SER C 864 -27.31 9.07 -69.27
C SER C 864 -27.11 7.70 -69.94
N ASP C 865 -26.91 7.69 -71.25
CA ASP C 865 -26.70 6.45 -71.97
C ASP C 865 -25.98 6.75 -73.28
N VAL C 866 -24.96 5.93 -73.59
CA VAL C 866 -24.16 6.10 -74.78
C VAL C 866 -23.87 4.73 -75.38
N ASP C 867 -24.22 4.56 -76.65
CA ASP C 867 -23.94 3.33 -77.40
C ASP C 867 -24.56 2.11 -76.72
N ASN C 868 -25.85 2.21 -76.41
CA ASN C 868 -26.62 1.11 -75.83
C ASN C 868 -26.04 0.63 -74.50
N ILE C 869 -25.42 1.55 -73.75
CA ILE C 869 -24.86 1.25 -72.44
C ILE C 869 -25.50 2.20 -71.44
N ASP C 870 -26.10 1.64 -70.39
CA ASP C 870 -26.83 2.41 -69.38
C ASP C 870 -25.92 2.62 -68.18
N PHE C 871 -25.53 3.88 -67.95
CA PHE C 871 -24.73 4.26 -66.80
C PHE C 871 -25.50 5.10 -65.79
N LYS C 872 -26.82 5.07 -65.86
CA LYS C 872 -27.63 5.87 -64.93
C LYS C 872 -27.56 5.32 -63.51
N SER C 873 -27.32 4.02 -63.36
CA SER C 873 -27.29 3.39 -62.05
C SER C 873 -26.10 3.81 -61.21
N LEU C 874 -25.10 4.46 -61.81
CA LEU C 874 -23.89 4.85 -61.08
C LEU C 874 -23.57 6.33 -61.30
N LEU C 875 -24.60 7.15 -61.55
CA LEU C 875 -24.42 8.58 -61.75
C LEU C 875 -25.47 9.34 -60.95
N GLY C 876 -25.14 10.57 -60.57
CA GLY C 876 -26.06 11.42 -59.84
C GLY C 876 -26.54 12.59 -60.67
N CYS C 877 -26.09 13.79 -60.33
CA CYS C 877 -26.42 14.99 -61.08
C CYS C 877 -25.18 15.84 -61.25
N LEU C 878 -25.16 16.63 -62.33
CA LEU C 878 -24.04 17.51 -62.61
C LEU C 878 -24.47 18.88 -63.09
N GLY C 879 -25.76 19.17 -63.16
CA GLY C 879 -26.27 20.45 -63.59
C GLY C 879 -26.58 21.37 -62.43
N SER C 880 -27.60 22.20 -62.60
CA SER C 880 -28.03 23.14 -61.57
C SER C 880 -29.14 22.58 -60.69
N GLN C 881 -29.69 21.41 -61.01
CA GLN C 881 -30.76 20.82 -60.23
C GLN C 881 -30.19 19.92 -59.14
N CYS C 882 -31.06 19.14 -58.50
CA CYS C 882 -30.68 18.24 -57.42
C CYS C 882 -29.99 18.99 -56.28
N GLY C 883 -30.74 19.90 -55.67
CA GLY C 883 -30.21 20.69 -54.57
C GLY C 883 -30.03 19.85 -53.33
N SER C 884 -28.85 19.97 -52.71
CA SER C 884 -28.51 19.25 -51.47
C SER C 884 -28.61 17.74 -51.65
N SER C 885 -28.37 17.25 -52.86
CA SER C 885 -28.43 15.82 -53.13
C SER C 885 -27.60 15.54 -54.38
N SER C 886 -26.50 14.80 -54.22
CA SER C 886 -25.63 14.49 -55.36
C SER C 886 -25.14 13.05 -55.34
N ARG C 887 -25.86 12.15 -54.66
CA ARG C 887 -25.47 10.74 -54.61
C ARG C 887 -26.08 9.97 -55.76
N SER C 888 -25.48 8.83 -56.07
CA SER C 888 -25.94 7.95 -57.13
C SER C 888 -26.77 6.81 -56.55
N PRO C 889 -27.64 6.20 -57.36
CA PRO C 889 -28.44 5.08 -56.86
C PRO C 889 -27.60 3.90 -56.37
N LEU C 890 -26.39 3.73 -56.90
CA LEU C 890 -25.53 2.65 -56.43
C LEU C 890 -25.00 2.92 -55.03
N GLU C 891 -24.57 4.17 -54.77
CA GLU C 891 -24.06 4.52 -53.45
C GLU C 891 -25.16 4.59 -52.40
N ASP C 892 -26.41 4.82 -52.80
CA ASP C 892 -27.50 4.86 -51.84
C ASP C 892 -27.72 3.51 -51.19
N LEU C 893 -27.56 2.42 -51.97
CA LEU C 893 -27.74 1.09 -51.42
C LEU C 893 -26.67 0.78 -50.37
N LEU C 894 -25.48 1.35 -50.51
CA LEU C 894 -24.43 1.15 -49.53
C LEU C 894 -24.60 2.06 -48.33
N PHE C 895 -25.08 3.29 -48.54
CA PHE C 895 -25.24 4.23 -47.44
C PHE C 895 -26.47 3.91 -46.58
N ASN C 896 -27.47 3.25 -47.14
CA ASN C 896 -28.67 2.90 -46.39
C ASN C 896 -28.49 1.65 -45.53
N LYS C 897 -27.34 0.97 -45.63
CA LYS C 897 -27.06 -0.22 -44.85
C LYS C 897 -26.09 0.04 -43.71
N VAL C 898 -25.71 1.29 -43.48
CA VAL C 898 -24.84 1.69 -42.38
C VAL C 898 -25.50 2.83 -41.62
N LYS C 899 -25.27 2.87 -40.31
CA LYS C 899 -25.84 3.88 -39.44
C LYS C 899 -24.82 4.90 -38.97
N LEU C 900 -23.62 4.48 -38.59
CA LEU C 900 -22.59 5.39 -38.09
C LEU C 900 -21.72 5.90 -39.24
N SER C 901 -22.37 6.61 -40.16
CA SER C 901 -21.69 7.22 -41.29
C SER C 901 -21.28 8.65 -40.92
N ASP C 902 -20.86 9.43 -41.92
CA ASP C 902 -20.48 10.82 -41.66
C ASP C 902 -21.67 11.62 -41.16
N VAL C 903 -22.82 11.47 -41.81
CA VAL C 903 -24.03 12.16 -41.38
C VAL C 903 -24.64 11.52 -40.14
N GLY C 904 -24.30 10.27 -39.86
CA GLY C 904 -24.90 9.59 -38.71
C GLY C 904 -24.51 10.21 -37.39
N PHE C 905 -23.21 10.50 -37.22
CA PHE C 905 -22.76 11.12 -35.97
C PHE C 905 -23.34 12.51 -35.81
N VAL C 906 -23.46 13.25 -36.92
CA VAL C 906 -24.01 14.61 -36.84
C VAL C 906 -25.48 14.57 -36.46
N GLU C 907 -26.23 13.61 -37.02
CA GLU C 907 -27.65 13.50 -36.71
C GLU C 907 -27.92 12.86 -35.35
N ALA C 908 -26.94 12.14 -34.79
CA ALA C 908 -27.11 11.51 -33.49
C ALA C 908 -26.56 12.34 -32.33
N TYR C 909 -25.66 13.29 -32.60
CA TYR C 909 -25.10 14.10 -31.53
C TYR C 909 -25.98 15.29 -31.16
N ASN C 910 -26.75 15.82 -32.13
CA ASN C 910 -27.59 16.97 -31.86
C ASN C 910 -28.92 16.60 -31.21
N ASN C 911 -29.16 15.33 -30.93
CA ASN C 911 -30.38 14.88 -30.26
C ASN C 911 -30.18 14.70 -28.75
N CYS C 912 -28.96 14.89 -28.24
CA CYS C 912 -28.70 14.72 -26.82
C CYS C 912 -29.28 15.85 -25.98
N THR C 913 -29.75 16.92 -26.60
CA THR C 913 -30.33 18.06 -25.89
C THR C 913 -31.73 18.40 -26.37
N GLY C 914 -32.01 18.26 -27.67
CA GLY C 914 -33.32 18.58 -28.20
C GLY C 914 -34.41 17.57 -27.90
N GLY C 915 -34.07 16.44 -27.31
CA GLY C 915 -35.06 15.42 -27.00
C GLY C 915 -34.85 14.12 -27.75
N SER C 916 -34.44 13.08 -27.03
CA SER C 916 -34.19 11.77 -27.63
C SER C 916 -34.67 10.71 -26.64
N GLU C 917 -34.22 9.48 -26.86
CA GLU C 917 -34.59 8.37 -25.97
C GLU C 917 -34.01 8.60 -24.58
N ILE C 918 -34.42 7.72 -23.66
CA ILE C 918 -33.99 7.85 -22.27
C ILE C 918 -32.49 7.56 -22.15
N ARG C 919 -32.00 6.58 -22.90
CA ARG C 919 -30.60 6.19 -22.86
C ARG C 919 -30.00 6.23 -24.26
N ASP C 920 -28.75 6.66 -24.34
CA ASP C 920 -28.01 6.69 -25.60
C ASP C 920 -26.53 6.62 -25.29
N LEU C 921 -25.80 5.77 -26.04
CA LEU C 921 -24.38 5.60 -25.79
C LEU C 921 -23.56 6.79 -26.29
N LEU C 922 -23.93 7.33 -27.45
CA LEU C 922 -23.15 8.43 -28.01
C LEU C 922 -23.22 9.68 -27.13
N CYS C 923 -24.37 9.93 -26.51
CA CYS C 923 -24.51 11.10 -25.64
C CYS C 923 -23.63 10.95 -24.39
N VAL C 924 -23.66 9.78 -23.76
CA VAL C 924 -22.84 9.58 -22.56
C VAL C 924 -21.36 9.49 -22.91
N GLN C 925 -21.02 9.16 -24.16
CA GLN C 925 -19.63 9.21 -24.57
C GLN C 925 -19.17 10.65 -24.82
N SER C 926 -20.05 11.46 -25.42
CA SER C 926 -19.69 12.86 -25.69
C SER C 926 -19.65 13.69 -24.42
N PHE C 927 -20.46 13.32 -23.42
CA PHE C 927 -20.48 14.06 -22.16
C PHE C 927 -19.31 13.73 -21.24
N ASN C 928 -18.45 12.79 -21.63
CA ASN C 928 -17.26 12.46 -20.86
C ASN C 928 -15.96 12.87 -21.55
N GLY C 929 -16.04 13.45 -22.75
CA GLY C 929 -14.87 13.94 -23.45
C GLY C 929 -14.53 13.20 -24.72
N ILE C 930 -15.20 12.09 -25.01
CA ILE C 930 -14.93 11.29 -26.20
C ILE C 930 -15.92 11.71 -27.28
N LYS C 931 -15.43 12.37 -28.32
CA LYS C 931 -16.27 12.85 -29.41
C LYS C 931 -15.71 12.37 -30.74
N VAL C 932 -16.58 12.39 -31.75
CA VAL C 932 -16.23 11.99 -33.11
C VAL C 932 -16.45 13.20 -34.02
N LEU C 933 -15.36 13.68 -34.62
CA LEU C 933 -15.45 14.85 -35.49
C LEU C 933 -15.63 14.44 -36.95
N PRO C 934 -16.38 15.22 -37.72
CA PRO C 934 -16.57 14.92 -39.14
C PRO C 934 -15.35 15.33 -39.95
N PRO C 935 -15.14 14.73 -41.12
CA PRO C 935 -14.00 15.11 -41.96
C PRO C 935 -14.18 16.49 -42.56
N ILE C 936 -13.09 17.00 -43.14
CA ILE C 936 -13.12 18.32 -43.74
C ILE C 936 -13.90 18.36 -45.05
N LEU C 937 -14.10 17.20 -45.68
CA LEU C 937 -14.86 17.11 -46.92
C LEU C 937 -16.06 16.20 -46.71
N SER C 938 -17.24 16.68 -47.05
CA SER C 938 -18.46 15.91 -46.88
C SER C 938 -18.56 14.83 -47.95
N GLU C 939 -19.53 13.92 -47.75
CA GLU C 939 -19.72 12.83 -48.69
C GLU C 939 -20.32 13.34 -50.01
N THR C 940 -21.03 14.46 -49.97
CA THR C 940 -21.61 15.01 -51.19
C THR C 940 -20.53 15.44 -52.17
N GLN C 941 -19.47 16.08 -51.67
CA GLN C 941 -18.38 16.50 -52.54
C GLN C 941 -17.64 15.30 -53.13
N ILE C 942 -17.46 14.25 -52.33
CA ILE C 942 -16.80 13.05 -52.83
C ILE C 942 -17.65 12.38 -53.90
N SER C 943 -18.97 12.33 -53.69
CA SER C 943 -19.86 11.75 -54.69
C SER C 943 -19.85 12.59 -55.97
N GLY C 944 -19.78 13.91 -55.82
CA GLY C 944 -19.69 14.76 -57.00
C GLY C 944 -18.40 14.55 -57.78
N TYR C 945 -17.28 14.44 -57.07
CA TYR C 945 -16.02 14.15 -57.73
C TYR C 945 -16.07 12.80 -58.44
N THR C 946 -16.68 11.81 -57.79
CA THR C 946 -16.79 10.47 -58.38
C THR C 946 -17.63 10.50 -59.66
N THR C 947 -18.80 11.13 -59.60
CA THR C 947 -19.65 11.17 -60.79
C THR C 947 -19.02 12.02 -61.89
N ALA C 948 -18.24 13.04 -61.54
CA ALA C 948 -17.53 13.81 -62.56
C ALA C 948 -16.48 12.96 -63.24
N ALA C 949 -15.68 12.24 -62.46
CA ALA C 949 -14.67 11.36 -63.04
C ALA C 949 -15.31 10.25 -63.86
N THR C 950 -16.53 9.83 -63.51
CA THR C 950 -17.20 8.79 -64.29
C THR C 950 -17.72 9.34 -65.61
N VAL C 951 -18.36 10.51 -65.58
CA VAL C 951 -18.84 11.13 -66.81
C VAL C 951 -17.69 11.57 -67.71
N ALA C 952 -16.50 11.78 -67.13
CA ALA C 952 -15.34 12.17 -67.93
C ALA C 952 -15.10 11.21 -69.09
N ALA C 953 -15.10 9.91 -68.82
CA ALA C 953 -14.92 8.91 -69.87
C ALA C 953 -16.26 8.44 -70.44
N MET C 954 -17.12 9.41 -70.80
CA MET C 954 -18.38 9.11 -71.45
C MET C 954 -18.72 10.05 -72.61
N PHE C 955 -18.15 11.25 -72.66
CA PHE C 955 -18.50 12.26 -73.65
C PHE C 955 -17.22 12.99 -74.05
N PRO C 956 -17.25 13.72 -75.16
CA PRO C 956 -16.09 14.52 -75.53
C PRO C 956 -15.73 15.48 -74.43
N PRO C 957 -14.43 15.81 -74.28
CA PRO C 957 -13.34 15.34 -75.13
C PRO C 957 -12.68 14.05 -74.63
N TRP C 958 -13.39 13.29 -73.79
CA TRP C 958 -12.89 12.02 -73.26
C TRP C 958 -11.56 12.21 -72.53
N SER C 959 -11.62 12.98 -71.43
CA SER C 959 -10.41 13.27 -70.68
C SER C 959 -9.81 12.03 -70.05
N ALA C 960 -10.65 11.18 -69.46
CA ALA C 960 -10.15 9.99 -68.79
C ALA C 960 -9.67 8.93 -69.79
N ALA C 961 -10.32 8.84 -70.94
CA ALA C 961 -9.96 7.87 -71.97
C ALA C 961 -8.81 8.33 -72.86
N ALA C 962 -8.09 9.39 -72.45
CA ALA C 962 -6.95 9.94 -73.17
C ALA C 962 -7.31 10.49 -74.55
N GLY C 963 -8.59 10.57 -74.88
CA GLY C 963 -9.04 11.14 -76.13
C GLY C 963 -9.66 10.19 -77.13
N VAL C 964 -10.15 9.04 -76.69
CA VAL C 964 -10.80 8.08 -77.59
C VAL C 964 -12.21 7.80 -77.07
N PRO C 965 -13.16 7.46 -77.94
CA PRO C 965 -14.51 7.15 -77.46
C PRO C 965 -14.53 5.89 -76.61
N PHE C 966 -15.65 5.69 -75.93
CA PHE C 966 -15.78 4.54 -75.04
C PHE C 966 -15.79 3.21 -75.79
N PRO C 967 -16.62 3.00 -76.81
CA PRO C 967 -16.59 1.69 -77.50
C PRO C 967 -15.28 1.42 -78.19
N LEU C 968 -14.66 2.43 -78.80
CA LEU C 968 -13.35 2.23 -79.42
C LEU C 968 -12.30 1.88 -78.37
N ASN C 969 -12.38 2.49 -77.19
CA ASN C 969 -11.45 2.16 -76.12
C ASN C 969 -11.64 0.71 -75.66
N VAL C 970 -12.89 0.28 -75.51
CA VAL C 970 -13.16 -1.10 -75.14
C VAL C 970 -12.64 -2.06 -76.20
N GLN C 971 -12.85 -1.72 -77.47
CA GLN C 971 -12.36 -2.58 -78.56
C GLN C 971 -10.85 -2.67 -78.56
N TYR C 972 -10.15 -1.55 -78.33
CA TYR C 972 -8.70 -1.58 -78.27
C TYR C 972 -8.21 -2.39 -77.07
N ARG C 973 -8.87 -2.24 -75.92
CA ARG C 973 -8.45 -2.97 -74.73
C ARG C 973 -8.66 -4.47 -74.89
N ILE C 974 -9.74 -4.88 -75.56
CA ILE C 974 -9.98 -6.30 -75.77
C ILE C 974 -9.15 -6.84 -76.94
N ASN C 975 -8.71 -5.98 -77.85
CA ASN C 975 -7.80 -6.39 -78.92
C ASN C 975 -6.39 -6.56 -78.41
N GLY C 976 -6.00 -5.80 -77.39
CA GLY C 976 -4.68 -5.96 -76.80
C GLY C 976 -4.41 -7.36 -76.26
N LEU C 977 -5.46 -8.13 -75.97
CA LEU C 977 -5.28 -9.48 -75.48
C LEU C 977 -5.00 -10.47 -76.61
N GLY C 978 -5.56 -10.25 -77.79
CA GLY C 978 -5.34 -11.14 -78.91
C GLY C 978 -6.55 -11.35 -79.80
N VAL C 979 -7.70 -10.85 -79.37
CA VAL C 979 -8.93 -10.99 -80.14
C VAL C 979 -8.90 -10.06 -81.33
N THR C 980 -9.16 -10.60 -82.52
CA THR C 980 -9.14 -9.80 -83.74
C THR C 980 -10.32 -8.82 -83.77
N MET C 981 -10.16 -7.78 -84.59
CA MET C 981 -11.17 -6.73 -84.68
C MET C 981 -12.42 -7.19 -85.43
N ASP C 982 -12.33 -8.27 -86.20
CA ASP C 982 -13.46 -8.71 -87.00
C ASP C 982 -14.63 -9.15 -86.14
N VAL C 983 -14.35 -9.89 -85.06
CA VAL C 983 -15.41 -10.31 -84.15
C VAL C 983 -15.91 -9.13 -83.33
N LEU C 984 -15.04 -8.16 -83.06
CA LEU C 984 -15.43 -7.00 -82.26
C LEU C 984 -16.39 -6.10 -83.04
N ASN C 985 -16.15 -5.95 -84.35
CA ASN C 985 -17.05 -5.15 -85.17
C ASN C 985 -18.40 -5.81 -85.38
N LYS C 986 -18.55 -7.09 -85.04
CA LYS C 986 -19.79 -7.81 -85.21
C LYS C 986 -20.55 -8.05 -83.91
N ASN C 987 -19.84 -8.16 -82.77
CA ASN C 987 -20.48 -8.43 -81.48
C ASN C 987 -20.57 -7.19 -80.61
N GLN C 988 -20.80 -6.02 -81.20
CA GLN C 988 -20.96 -4.81 -80.39
C GLN C 988 -22.21 -4.88 -79.52
N LYS C 989 -23.33 -5.37 -80.09
CA LYS C 989 -24.54 -5.55 -79.29
C LYS C 989 -24.32 -6.58 -78.19
N LEU C 990 -23.56 -7.63 -78.47
CA LEU C 990 -23.26 -8.62 -77.45
C LEU C 990 -22.44 -8.03 -76.32
N ILE C 991 -21.44 -7.20 -76.66
CA ILE C 991 -20.64 -6.54 -75.64
C ILE C 991 -21.50 -5.60 -74.80
N ALA C 992 -22.41 -4.88 -75.45
CA ALA C 992 -23.28 -3.96 -74.71
C ALA C 992 -24.21 -4.72 -73.78
N ASN C 993 -24.79 -5.83 -74.25
CA ASN C 993 -25.66 -6.63 -73.39
C ASN C 993 -24.88 -7.25 -72.24
N ALA C 994 -23.64 -7.65 -72.49
CA ALA C 994 -22.81 -8.18 -71.40
C ALA C 994 -22.50 -7.13 -70.36
N PHE C 995 -22.19 -5.90 -70.80
CA PHE C 995 -21.97 -4.81 -69.85
C PHE C 995 -23.22 -4.53 -69.03
N ASN C 996 -24.38 -4.49 -69.68
CA ASN C 996 -25.63 -4.24 -68.96
C ASN C 996 -25.91 -5.33 -67.95
N LYS C 997 -25.72 -6.60 -68.34
CA LYS C 997 -25.96 -7.71 -67.43
C LYS C 997 -24.99 -7.67 -66.25
N ALA C 998 -23.73 -7.33 -66.50
CA ALA C 998 -22.76 -7.24 -65.42
C ALA C 998 -23.12 -6.12 -64.45
N LEU C 999 -23.53 -4.97 -64.97
CA LEU C 999 -23.94 -3.87 -64.09
C LEU C 999 -25.17 -4.26 -63.27
N LEU C 1000 -26.13 -4.94 -63.90
CA LEU C 1000 -27.34 -5.36 -63.18
C LEU C 1000 -26.99 -6.37 -62.09
N SER C 1001 -26.07 -7.29 -62.39
CA SER C 1001 -25.67 -8.28 -61.39
C SER C 1001 -24.93 -7.62 -60.23
N ILE C 1002 -24.05 -6.66 -60.52
CA ILE C 1002 -23.34 -5.95 -59.46
C ILE C 1002 -24.32 -5.17 -58.60
N GLN C 1003 -25.35 -4.59 -59.23
CA GLN C 1003 -26.34 -3.83 -58.46
C GLN C 1003 -27.19 -4.76 -57.59
N ASN C 1004 -27.57 -5.93 -58.11
CA ASN C 1004 -28.41 -6.85 -57.37
C ASN C 1004 -27.65 -7.63 -56.31
N GLY C 1005 -26.32 -7.71 -56.42
CA GLY C 1005 -25.54 -8.44 -55.44
C GLY C 1005 -25.53 -7.82 -54.05
N PHE C 1006 -25.98 -6.58 -53.91
CA PHE C 1006 -26.00 -5.93 -52.61
C PHE C 1006 -27.22 -6.30 -51.77
N THR C 1007 -28.21 -6.99 -52.36
CA THR C 1007 -29.37 -7.42 -51.58
C THR C 1007 -28.97 -8.48 -50.54
N ALA C 1008 -28.04 -9.35 -50.90
CA ALA C 1008 -27.52 -10.35 -49.98
C ALA C 1008 -26.39 -9.72 -49.15
N THR C 1009 -25.64 -10.56 -48.43
CA THR C 1009 -24.51 -10.09 -47.63
C THR C 1009 -23.22 -10.30 -48.39
N PRO C 1010 -22.66 -9.28 -49.04
CA PRO C 1010 -21.42 -9.46 -49.80
C PRO C 1010 -20.18 -9.23 -48.95
N SER C 1011 -19.00 -9.32 -49.57
CA SER C 1011 -17.76 -9.08 -48.86
C SER C 1011 -17.41 -7.60 -48.75
N ALA C 1012 -18.02 -6.75 -49.58
CA ALA C 1012 -17.74 -5.33 -49.51
C ALA C 1012 -18.38 -4.69 -48.30
N LEU C 1013 -19.66 -5.01 -48.05
CA LEU C 1013 -20.35 -4.47 -46.88
C LEU C 1013 -19.82 -5.07 -45.58
N ALA C 1014 -19.27 -6.28 -45.65
CA ALA C 1014 -18.76 -6.93 -44.45
C ALA C 1014 -17.59 -6.16 -43.85
N LYS C 1015 -16.70 -5.63 -44.71
CA LYS C 1015 -15.57 -4.86 -44.20
C LYS C 1015 -16.02 -3.58 -43.52
N ILE C 1016 -16.99 -2.88 -44.12
CA ILE C 1016 -17.51 -1.65 -43.52
C ILE C 1016 -18.17 -1.95 -42.18
N GLN C 1017 -18.97 -3.01 -42.13
CA GLN C 1017 -19.63 -3.38 -40.88
C GLN C 1017 -18.60 -3.75 -39.81
N SER C 1018 -17.55 -4.46 -40.20
CA SER C 1018 -16.52 -4.83 -39.24
C SER C 1018 -15.78 -3.60 -38.72
N VAL C 1019 -15.48 -2.65 -39.59
CA VAL C 1019 -14.81 -1.43 -39.16
C VAL C 1019 -15.68 -0.64 -38.19
N VAL C 1020 -16.97 -0.51 -38.51
CA VAL C 1020 -17.87 0.23 -37.64
C VAL C 1020 -18.00 -0.46 -36.28
N ASN C 1021 -18.14 -1.79 -36.29
CA ASN C 1021 -18.28 -2.52 -35.04
C ASN C 1021 -17.01 -2.44 -34.20
N ALA C 1022 -15.83 -2.49 -34.86
CA ALA C 1022 -14.59 -2.37 -34.12
C ALA C 1022 -14.44 -1.00 -33.49
N ASN C 1023 -14.80 0.06 -34.24
CA ASN C 1023 -14.73 1.41 -33.67
C ASN C 1023 -15.68 1.56 -32.50
N ALA C 1024 -16.91 1.05 -32.64
CA ALA C 1024 -17.88 1.15 -31.54
C ALA C 1024 -17.40 0.38 -30.32
N GLN C 1025 -16.84 -0.81 -30.52
CA GLN C 1025 -16.36 -1.61 -29.41
C GLN C 1025 -15.18 -0.93 -28.72
N ALA C 1026 -14.28 -0.31 -29.50
CA ALA C 1026 -13.16 0.40 -28.90
C ALA C 1026 -13.64 1.58 -28.08
N LEU C 1027 -14.60 2.35 -28.61
CA LEU C 1027 -15.15 3.47 -27.86
C LEU C 1027 -15.83 3.01 -26.58
N ASN C 1028 -16.58 1.91 -26.64
CA ASN C 1028 -17.26 1.41 -25.45
C ASN C 1028 -16.26 0.91 -24.42
N SER C 1029 -15.20 0.23 -24.86
CA SER C 1029 -14.18 -0.26 -23.94
C SER C 1029 -13.43 0.90 -23.30
N LEU C 1030 -13.19 1.97 -24.05
CA LEU C 1030 -12.53 3.14 -23.47
C LEU C 1030 -13.45 3.85 -22.48
N LEU C 1031 -14.76 3.86 -22.75
CA LEU C 1031 -15.69 4.51 -21.83
C LEU C 1031 -15.83 3.70 -20.54
N GLN C 1032 -15.86 2.37 -20.64
CA GLN C 1032 -16.09 1.53 -19.47
C GLN C 1032 -14.90 1.50 -18.51
N GLN C 1033 -13.80 2.17 -18.83
CA GLN C 1033 -12.65 2.21 -17.92
C GLN C 1033 -12.91 3.06 -16.69
N LEU C 1034 -13.95 3.89 -16.69
CA LEU C 1034 -14.25 4.77 -15.57
C LEU C 1034 -14.99 4.06 -14.44
N PHE C 1035 -15.37 2.79 -14.61
CA PHE C 1035 -16.11 2.05 -13.60
C PHE C 1035 -15.23 1.00 -12.89
N ASN C 1036 -13.92 1.13 -12.99
CA ASN C 1036 -12.99 0.22 -12.34
C ASN C 1036 -12.42 0.88 -11.08
N LYS C 1037 -11.90 0.04 -10.18
CA LYS C 1037 -11.34 0.50 -8.93
C LYS C 1037 -9.84 0.75 -9.02
N PHE C 1038 -9.11 -0.14 -9.70
CA PHE C 1038 -7.67 -0.01 -9.88
C PHE C 1038 -6.94 0.06 -8.54
N GLY C 1039 -7.37 -0.76 -7.59
CA GLY C 1039 -6.77 -0.80 -6.27
C GLY C 1039 -7.34 0.17 -5.27
N ALA C 1040 -8.37 0.93 -5.64
CA ALA C 1040 -8.99 1.88 -4.72
C ALA C 1040 -10.17 1.20 -4.02
N ILE C 1041 -10.96 1.97 -3.29
CA ILE C 1041 -12.12 1.43 -2.58
C ILE C 1041 -13.44 1.72 -3.31
N SER C 1042 -13.46 2.69 -4.22
CA SER C 1042 -14.67 3.02 -4.94
C SER C 1042 -14.30 3.68 -6.26
N SER C 1043 -15.05 3.37 -7.32
CA SER C 1043 -14.76 3.95 -8.62
C SER C 1043 -15.19 5.40 -8.68
N SER C 1044 -16.28 5.76 -8.02
CA SER C 1044 -16.77 7.12 -8.00
C SER C 1044 -15.90 7.98 -7.09
N LEU C 1045 -15.48 9.15 -7.60
CA LEU C 1045 -14.65 10.04 -6.81
C LEU C 1045 -15.45 10.80 -5.77
N GLN C 1046 -16.74 11.05 -6.04
CA GLN C 1046 -17.58 11.75 -5.07
C GLN C 1046 -17.72 10.94 -3.78
N GLU C 1047 -17.79 9.61 -3.90
CA GLU C 1047 -17.88 8.78 -2.71
C GLU C 1047 -16.58 8.81 -1.92
N ILE C 1048 -15.44 8.87 -2.62
CA ILE C 1048 -14.15 8.92 -1.92
C ILE C 1048 -13.97 10.26 -1.22
N LEU C 1049 -14.36 11.36 -1.87
CA LEU C 1049 -14.16 12.68 -1.30
C LEU C 1049 -15.15 13.00 -0.19
N SER C 1050 -16.26 12.27 -0.10
CA SER C 1050 -17.30 12.54 0.89
C SER C 1050 -17.37 11.48 1.99
N ARG C 1051 -16.40 10.56 2.02
CA ARG C 1051 -16.41 9.51 3.05
C ARG C 1051 -15.05 9.41 3.73
N LEU C 1052 -13.99 9.80 3.02
CA LEU C 1052 -12.64 9.78 3.54
C LEU C 1052 -12.17 11.19 3.87
N ASP C 1053 -11.20 11.26 4.78
CA ASP C 1053 -10.59 12.53 5.13
C ASP C 1053 -9.66 12.99 4.00
N PRO C 1054 -9.34 14.28 3.96
CA PRO C 1054 -8.46 14.80 2.90
C PRO C 1054 -7.12 14.08 2.82
N PRO C 1055 -6.37 13.95 3.92
CA PRO C 1055 -4.94 13.59 3.77
C PRO C 1055 -4.69 12.19 3.21
N GLU C 1056 -5.68 11.29 3.21
CA GLU C 1056 -5.45 9.94 2.73
C GLU C 1056 -6.14 9.65 1.40
N ALA C 1057 -6.90 10.60 0.85
CA ALA C 1057 -7.53 10.40 -0.44
C ALA C 1057 -6.56 10.50 -1.61
N GLN C 1058 -5.38 11.08 -1.38
CA GLN C 1058 -4.41 11.25 -2.46
C GLN C 1058 -3.98 9.92 -3.05
N VAL C 1059 -3.88 8.87 -2.23
CA VAL C 1059 -3.45 7.58 -2.73
C VAL C 1059 -4.47 7.01 -3.71
N GLN C 1060 -5.75 7.05 -3.34
CA GLN C 1060 -6.80 6.56 -4.23
C GLN C 1060 -6.89 7.39 -5.50
N ILE C 1061 -6.79 8.72 -5.36
CA ILE C 1061 -6.84 9.59 -6.53
C ILE C 1061 -5.68 9.29 -7.47
N ASP C 1062 -4.49 9.04 -6.91
CA ASP C 1062 -3.33 8.73 -7.73
C ASP C 1062 -3.49 7.39 -8.43
N ARG C 1063 -4.05 6.40 -7.73
CA ARG C 1063 -4.31 5.11 -8.37
C ARG C 1063 -5.26 5.26 -9.55
N LEU C 1064 -6.35 5.99 -9.35
CA LEU C 1064 -7.30 6.22 -10.44
C LEU C 1064 -6.64 6.96 -11.60
N ILE C 1065 -5.83 7.98 -11.29
CA ILE C 1065 -5.15 8.75 -12.33
C ILE C 1065 -4.23 7.85 -13.14
N ASN C 1066 -3.43 7.03 -12.46
CA ASN C 1066 -2.50 6.15 -13.15
C ASN C 1066 -3.24 5.15 -14.04
N GLY C 1067 -4.32 4.55 -13.51
CA GLY C 1067 -5.08 3.61 -14.32
C GLY C 1067 -5.66 4.24 -15.56
N ARG C 1068 -6.29 5.41 -15.41
CA ARG C 1068 -6.93 6.05 -16.56
C ARG C 1068 -5.89 6.54 -17.57
N LEU C 1069 -4.75 7.02 -17.08
CA LEU C 1069 -3.69 7.45 -18.00
C LEU C 1069 -3.11 6.26 -18.77
N THR C 1070 -2.95 5.12 -18.10
CA THR C 1070 -2.49 3.92 -18.81
C THR C 1070 -3.49 3.49 -19.87
N ALA C 1071 -4.79 3.55 -19.54
CA ALA C 1071 -5.81 3.20 -20.52
C ALA C 1071 -5.76 4.13 -21.72
N LEU C 1072 -5.64 5.44 -21.48
CA LEU C 1072 -5.59 6.39 -22.58
C LEU C 1072 -4.34 6.20 -23.43
N ASN C 1073 -3.20 5.91 -22.79
CA ASN C 1073 -1.98 5.66 -23.54
C ASN C 1073 -2.12 4.43 -24.43
N ALA C 1074 -2.70 3.35 -23.89
CA ALA C 1074 -2.92 2.16 -24.71
C ALA C 1074 -3.84 2.47 -25.89
N TYR C 1075 -4.91 3.25 -25.65
CA TYR C 1075 -5.84 3.58 -26.72
C TYR C 1075 -5.16 4.38 -27.82
N VAL C 1076 -4.39 5.42 -27.44
CA VAL C 1076 -3.76 6.25 -28.45
C VAL C 1076 -2.66 5.48 -29.17
N SER C 1077 -1.99 4.54 -28.49
CA SER C 1077 -1.01 3.71 -29.17
C SER C 1077 -1.67 2.82 -30.21
N GLN C 1078 -2.81 2.21 -29.86
CA GLN C 1078 -3.52 1.39 -30.83
C GLN C 1078 -4.00 2.22 -32.01
N GLN C 1079 -4.48 3.43 -31.75
CA GLN C 1079 -4.93 4.30 -32.84
C GLN C 1079 -3.77 4.67 -33.76
N LEU C 1080 -2.62 5.05 -33.19
CA LEU C 1080 -1.47 5.40 -34.00
C LEU C 1080 -0.94 4.20 -34.78
N SER C 1081 -1.09 3.00 -34.23
CA SER C 1081 -0.68 1.80 -34.96
C SER C 1081 -1.61 1.52 -36.13
N ASP C 1082 -2.92 1.74 -35.95
CA ASP C 1082 -3.87 1.49 -37.03
C ASP C 1082 -3.78 2.55 -38.12
N ILE C 1083 -3.37 3.77 -37.76
CA ILE C 1083 -3.28 4.85 -38.74
C ILE C 1083 -2.29 4.52 -39.85
N THR C 1084 -1.22 3.79 -39.52
CA THR C 1084 -0.24 3.42 -40.54
C THR C 1084 -0.85 2.53 -41.61
N LEU C 1085 -1.59 1.51 -41.19
CA LEU C 1085 -2.27 0.63 -42.16
C LEU C 1085 -3.33 1.39 -42.93
N ILE C 1086 -4.04 2.31 -42.27
CA ILE C 1086 -5.04 3.11 -42.97
C ILE C 1086 -4.38 3.94 -44.07
N LYS C 1087 -3.24 4.55 -43.77
CA LYS C 1087 -2.56 5.38 -44.77
C LYS C 1087 -1.99 4.52 -45.89
N ALA C 1088 -1.51 3.31 -45.57
CA ALA C 1088 -1.03 2.41 -46.61
C ALA C 1088 -2.17 2.02 -47.56
N GLY C 1089 -3.34 1.69 -47.01
CA GLY C 1089 -4.49 1.39 -47.85
C GLY C 1089 -4.91 2.58 -48.68
N ALA C 1090 -4.86 3.78 -48.11
CA ALA C 1090 -5.20 4.99 -48.86
C ALA C 1090 -4.24 5.20 -50.02
N SER C 1091 -2.94 4.98 -49.78
CA SER C 1091 -1.96 5.14 -50.86
C SER C 1091 -2.18 4.10 -51.96
N ARG C 1092 -2.49 2.85 -51.57
CA ARG C 1092 -2.81 1.84 -52.57
C ARG C 1092 -4.03 2.23 -53.39
N ALA C 1093 -5.06 2.77 -52.73
CA ALA C 1093 -6.26 3.22 -53.45
C ALA C 1093 -5.93 4.35 -54.41
N ILE C 1094 -5.08 5.30 -53.99
CA ILE C 1094 -4.70 6.40 -54.86
C ILE C 1094 -3.96 5.88 -56.08
N GLU C 1095 -3.03 4.94 -55.87
CA GLU C 1095 -2.29 4.37 -56.99
C GLU C 1095 -3.22 3.64 -57.95
N LYS C 1096 -4.18 2.88 -57.41
CA LYS C 1096 -5.11 2.15 -58.27
C LYS C 1096 -6.00 3.11 -59.05
N VAL C 1097 -6.45 4.20 -58.43
CA VAL C 1097 -7.25 5.18 -59.15
C VAL C 1097 -6.43 5.86 -60.24
N ASN C 1098 -5.15 6.10 -59.97
CA ASN C 1098 -4.33 6.80 -60.96
C ASN C 1098 -3.93 5.89 -62.11
N GLU C 1099 -3.83 4.58 -61.89
CA GLU C 1099 -3.28 3.68 -62.91
C GLU C 1099 -4.24 2.60 -63.38
N CYS C 1100 -5.53 2.70 -63.07
CA CYS C 1100 -6.44 1.67 -63.57
C CYS C 1100 -7.65 2.24 -64.29
N VAL C 1101 -8.21 3.35 -63.84
CA VAL C 1101 -9.44 3.90 -64.38
C VAL C 1101 -9.17 5.13 -65.24
N LYS C 1102 -8.40 6.08 -64.73
CA LYS C 1102 -8.16 7.33 -65.44
C LYS C 1102 -7.04 7.24 -66.47
N SER C 1103 -6.34 6.10 -66.54
CA SER C 1103 -5.24 5.95 -67.49
C SER C 1103 -4.97 4.46 -67.69
N GLN C 1104 -4.82 4.06 -68.95
CA GLN C 1104 -4.50 2.68 -69.26
C GLN C 1104 -3.05 2.39 -68.88
N SER C 1105 -2.83 1.32 -68.13
CA SER C 1105 -1.51 0.93 -67.67
C SER C 1105 -1.15 -0.43 -68.26
N PRO C 1106 0.00 -0.54 -68.96
CA PRO C 1106 0.41 -1.82 -69.54
C PRO C 1106 1.04 -2.79 -68.54
N ARG C 1107 0.33 -3.03 -67.44
CA ARG C 1107 0.76 -3.96 -66.41
C ARG C 1107 -0.32 -5.00 -66.19
N ILE C 1108 0.07 -6.27 -66.25
CA ILE C 1108 -0.87 -7.38 -66.12
C ILE C 1108 -0.94 -7.82 -64.66
N ASN C 1109 -2.10 -8.32 -64.26
CA ASN C 1109 -2.33 -8.84 -62.90
C ASN C 1109 -2.14 -7.77 -61.84
N PHE C 1110 -2.52 -6.52 -62.15
CA PHE C 1110 -2.47 -5.45 -61.17
C PHE C 1110 -3.86 -4.90 -60.86
N CYS C 1111 -4.61 -4.48 -61.88
CA CYS C 1111 -5.93 -3.90 -61.66
C CYS C 1111 -7.02 -4.96 -61.51
N GLY C 1112 -6.75 -6.21 -61.88
CA GLY C 1112 -7.74 -7.26 -61.78
C GLY C 1112 -7.13 -8.65 -61.77
N ASN C 1113 -7.79 -9.59 -62.45
CA ASN C 1113 -7.36 -10.98 -62.51
C ASN C 1113 -7.13 -11.35 -63.98
N GLY C 1114 -5.87 -11.28 -64.42
CA GLY C 1114 -5.54 -11.63 -65.79
C GLY C 1114 -6.11 -10.69 -66.82
N ASN C 1115 -7.10 -11.16 -67.57
CA ASN C 1115 -7.73 -10.34 -68.60
C ASN C 1115 -8.51 -9.21 -67.95
N HIS C 1116 -8.10 -7.97 -68.23
CA HIS C 1116 -8.74 -6.79 -67.68
C HIS C 1116 -9.08 -5.83 -68.81
N ILE C 1117 -10.23 -5.16 -68.70
CA ILE C 1117 -10.70 -4.25 -69.74
C ILE C 1117 -10.81 -2.84 -69.19
N LEU C 1118 -11.68 -2.65 -68.21
CA LEU C 1118 -11.93 -1.32 -67.65
C LEU C 1118 -12.24 -1.44 -66.17
N SER C 1119 -12.20 -0.28 -65.50
CA SER C 1119 -12.50 -0.19 -64.08
C SER C 1119 -13.23 1.11 -63.81
N LEU C 1120 -14.22 1.05 -62.92
CA LEU C 1120 -15.00 2.22 -62.52
C LEU C 1120 -14.94 2.38 -61.01
N VAL C 1121 -15.01 3.63 -60.55
CA VAL C 1121 -14.83 3.97 -59.15
C VAL C 1121 -16.11 4.59 -58.62
N GLN C 1122 -16.47 4.25 -57.39
CA GLN C 1122 -17.60 4.86 -56.69
C GLN C 1122 -17.21 5.08 -55.24
N ASN C 1123 -17.95 5.95 -54.57
CA ASN C 1123 -17.73 6.21 -53.15
C ASN C 1123 -18.48 5.18 -52.32
N ALA C 1124 -17.99 4.95 -51.10
CA ALA C 1124 -18.60 4.01 -50.18
C ALA C 1124 -18.27 4.46 -48.77
N PRO C 1125 -19.11 4.09 -47.77
CA PRO C 1125 -18.82 4.51 -46.39
C PRO C 1125 -17.40 4.18 -45.96
N TYR C 1126 -16.60 5.23 -45.77
CA TYR C 1126 -15.20 5.10 -45.39
C TYR C 1126 -14.41 4.30 -46.42
N GLY C 1127 -14.48 4.72 -47.68
CA GLY C 1127 -13.60 4.17 -48.69
C GLY C 1127 -14.21 4.23 -50.07
N LEU C 1128 -13.60 3.46 -50.97
CA LEU C 1128 -13.98 3.43 -52.37
C LEU C 1128 -14.36 2.02 -52.81
N LEU C 1129 -15.17 1.95 -53.85
CA LEU C 1129 -15.68 0.71 -54.41
C LEU C 1129 -15.30 0.67 -55.89
N PHE C 1130 -14.52 -0.32 -56.28
CA PHE C 1130 -14.06 -0.48 -57.65
C PHE C 1130 -14.83 -1.61 -58.32
N ILE C 1131 -15.24 -1.38 -59.56
CA ILE C 1131 -15.94 -2.37 -60.38
C ILE C 1131 -15.06 -2.62 -61.60
N HIS C 1132 -14.54 -3.84 -61.72
CA HIS C 1132 -13.65 -4.23 -62.80
C HIS C 1132 -14.41 -5.10 -63.80
N PHE C 1133 -14.15 -4.87 -65.08
CA PHE C 1133 -14.73 -5.67 -66.16
C PHE C 1133 -13.63 -6.51 -66.79
N SER C 1134 -13.87 -7.81 -66.92
CA SER C 1134 -12.88 -8.75 -67.40
C SER C 1134 -13.35 -9.41 -68.69
N TYR C 1135 -12.56 -10.37 -69.17
CA TYR C 1135 -12.83 -11.10 -70.41
C TYR C 1135 -12.85 -12.59 -70.07
N LYS C 1136 -14.06 -13.17 -70.02
CA LYS C 1136 -14.22 -14.56 -69.62
C LYS C 1136 -14.70 -15.38 -70.81
N PRO C 1137 -13.92 -16.33 -71.30
CA PRO C 1137 -14.39 -17.20 -72.39
C PRO C 1137 -15.49 -18.14 -71.91
N THR C 1138 -16.18 -18.73 -72.88
CA THR C 1138 -17.27 -19.66 -72.62
C THR C 1138 -16.95 -21.09 -73.05
N SER C 1139 -16.58 -21.29 -74.30
CA SER C 1139 -16.26 -22.61 -74.83
C SER C 1139 -14.86 -22.59 -75.44
N PHE C 1140 -14.21 -23.74 -75.42
CA PHE C 1140 -12.86 -23.89 -75.95
C PHE C 1140 -12.84 -24.89 -77.09
N LYS C 1141 -11.73 -24.89 -77.82
CA LYS C 1141 -11.54 -25.83 -78.93
C LYS C 1141 -10.07 -26.19 -79.01
N THR C 1142 -9.79 -27.49 -79.17
CA THR C 1142 -8.42 -27.97 -79.28
C THR C 1142 -7.90 -27.74 -80.69
N VAL C 1143 -6.71 -27.17 -80.80
CA VAL C 1143 -6.13 -26.83 -82.09
C VAL C 1143 -4.62 -27.06 -82.05
N LEU C 1144 -4.08 -27.47 -83.20
CA LEU C 1144 -2.64 -27.66 -83.37
C LEU C 1144 -1.99 -26.34 -83.76
N VAL C 1145 -0.94 -25.96 -83.05
CA VAL C 1145 -0.23 -24.71 -83.27
C VAL C 1145 1.26 -25.00 -83.38
N SER C 1146 1.97 -24.05 -84.00
CA SER C 1146 3.41 -24.11 -84.17
C SER C 1146 4.03 -22.77 -83.81
N PRO C 1147 5.18 -22.77 -83.12
CA PRO C 1147 5.80 -21.50 -82.71
C PRO C 1147 6.51 -20.75 -83.82
N GLY C 1148 6.59 -21.31 -85.02
CA GLY C 1148 7.25 -20.65 -86.13
C GLY C 1148 7.69 -21.63 -87.17
N LEU C 1149 7.87 -21.12 -88.39
CA LEU C 1149 8.30 -21.93 -89.53
C LEU C 1149 9.42 -21.22 -90.28
N CYS C 1150 10.27 -22.01 -90.90
CA CYS C 1150 11.39 -21.48 -91.67
C CYS C 1150 10.99 -21.34 -93.14
N LEU C 1151 11.29 -20.18 -93.72
CA LEU C 1151 10.96 -19.91 -95.11
C LEU C 1151 12.10 -20.38 -96.00
N SER C 1152 11.98 -20.10 -97.30
CA SER C 1152 13.01 -20.47 -98.27
C SER C 1152 14.04 -19.35 -98.35
N GLY C 1153 15.31 -19.70 -98.14
CA GLY C 1153 16.38 -18.72 -98.17
C GLY C 1153 16.92 -18.40 -96.80
N ASP C 1154 16.85 -19.37 -95.89
CA ASP C 1154 17.34 -19.24 -94.52
C ASP C 1154 16.67 -18.08 -93.78
N ARG C 1155 15.42 -17.78 -94.15
CA ARG C 1155 14.65 -16.74 -93.49
C ARG C 1155 13.66 -17.35 -92.51
N GLY C 1156 13.31 -16.58 -91.48
CA GLY C 1156 12.42 -17.05 -90.45
C GLY C 1156 11.28 -16.09 -90.21
N ILE C 1157 10.16 -16.64 -89.75
CA ILE C 1157 8.97 -15.87 -89.40
C ILE C 1157 8.60 -16.19 -87.97
N ALA C 1158 8.05 -15.20 -87.26
CA ALA C 1158 7.65 -15.39 -85.87
C ALA C 1158 6.34 -14.67 -85.62
N PRO C 1159 5.36 -15.35 -85.02
CA PRO C 1159 4.08 -14.69 -84.73
C PRO C 1159 4.16 -13.82 -83.50
N LYS C 1160 3.28 -12.82 -83.46
CA LYS C 1160 3.16 -11.91 -82.33
C LYS C 1160 1.71 -11.89 -81.86
N GLN C 1161 1.50 -12.24 -80.59
CA GLN C 1161 0.16 -12.30 -80.00
C GLN C 1161 -0.75 -13.24 -80.79
N GLY C 1162 -0.29 -14.48 -80.96
CA GLY C 1162 -1.07 -15.46 -81.70
C GLY C 1162 -0.24 -16.69 -81.98
N TYR C 1163 -0.75 -17.50 -82.90
CA TYR C 1163 -0.13 -18.77 -83.27
C TYR C 1163 -0.30 -19.01 -84.76
N PHE C 1164 0.40 -20.02 -85.25
CA PHE C 1164 0.29 -20.47 -86.64
C PHE C 1164 -0.45 -21.80 -86.67
N ILE C 1165 -1.41 -21.91 -87.60
CA ILE C 1165 -2.19 -23.13 -87.77
C ILE C 1165 -2.12 -23.57 -89.23
N LYS C 1166 -2.50 -24.82 -89.45
CA LYS C 1166 -2.48 -25.43 -90.79
C LYS C 1166 -3.88 -25.93 -91.10
N GLN C 1167 -4.47 -25.43 -92.18
CA GLN C 1167 -5.81 -25.82 -92.60
C GLN C 1167 -5.82 -25.99 -94.11
N ASN C 1168 -6.14 -27.21 -94.56
CA ASN C 1168 -6.21 -27.55 -95.99
C ASN C 1168 -4.88 -27.25 -96.68
N ASP C 1169 -3.79 -27.73 -96.07
CA ASP C 1169 -2.44 -27.58 -96.62
C ASP C 1169 -2.09 -26.11 -96.85
N SER C 1170 -2.29 -25.30 -95.82
CA SER C 1170 -2.00 -23.87 -95.90
C SER C 1170 -1.73 -23.35 -94.49
N TRP C 1171 -0.68 -22.57 -94.34
CA TRP C 1171 -0.31 -22.00 -93.04
C TRP C 1171 -0.95 -20.63 -92.88
N MET C 1172 -1.77 -20.47 -91.84
CA MET C 1172 -2.43 -19.22 -91.54
C MET C 1172 -2.15 -18.83 -90.10
N PHE C 1173 -2.58 -17.62 -89.74
CA PHE C 1173 -2.35 -17.06 -88.42
C PHE C 1173 -3.65 -16.96 -87.66
N THR C 1174 -3.63 -17.36 -86.38
CA THR C 1174 -4.79 -17.29 -85.52
C THR C 1174 -4.43 -16.52 -84.26
N GLY C 1175 -5.46 -15.96 -83.62
CA GLY C 1175 -5.25 -15.21 -82.40
C GLY C 1175 -4.98 -16.08 -81.20
N SER C 1176 -4.47 -15.45 -80.14
CA SER C 1176 -4.15 -16.15 -78.90
C SER C 1176 -5.34 -16.24 -77.95
N SER C 1177 -6.46 -15.60 -78.27
CA SER C 1177 -7.64 -15.64 -77.41
C SER C 1177 -8.93 -15.87 -78.17
N TYR C 1178 -8.88 -16.10 -79.49
CA TYR C 1178 -10.08 -16.35 -80.28
C TYR C 1178 -9.67 -17.12 -81.52
N TYR C 1179 -10.49 -18.11 -81.88
CA TYR C 1179 -10.21 -18.97 -83.04
C TYR C 1179 -10.82 -18.31 -84.28
N TYR C 1180 -9.98 -17.67 -85.08
CA TYR C 1180 -10.41 -17.04 -86.33
C TYR C 1180 -9.22 -17.00 -87.27
N PRO C 1181 -9.12 -17.99 -88.17
CA PRO C 1181 -7.99 -18.01 -89.10
C PRO C 1181 -8.01 -16.82 -90.05
N GLU C 1182 -6.82 -16.29 -90.33
CA GLU C 1182 -6.66 -15.15 -91.22
C GLU C 1182 -5.34 -15.31 -91.96
N PRO C 1183 -5.22 -14.77 -93.17
CA PRO C 1183 -3.96 -14.91 -93.91
C PRO C 1183 -2.83 -14.16 -93.24
N ILE C 1184 -1.61 -14.62 -93.51
CA ILE C 1184 -0.41 -14.03 -92.91
C ILE C 1184 -0.10 -12.73 -93.63
N SER C 1185 0.12 -11.67 -92.85
CA SER C 1185 0.47 -10.36 -93.39
C SER C 1185 1.63 -9.78 -92.58
N ASP C 1186 2.16 -8.66 -93.06
CA ASP C 1186 3.28 -8.02 -92.37
C ASP C 1186 2.88 -7.43 -91.04
N LYS C 1187 1.61 -7.05 -90.89
CA LYS C 1187 1.10 -6.45 -89.66
C LYS C 1187 0.76 -7.48 -88.59
N ASN C 1188 1.05 -8.76 -88.81
CA ASN C 1188 0.75 -9.80 -87.85
C ASN C 1188 1.92 -10.69 -87.50
N VAL C 1189 3.06 -10.57 -88.17
CA VAL C 1189 4.24 -11.40 -87.92
C VAL C 1189 5.48 -10.51 -87.95
N VAL C 1190 6.61 -11.09 -87.55
CA VAL C 1190 7.90 -10.42 -87.61
C VAL C 1190 8.87 -11.33 -88.35
N PHE C 1191 9.84 -10.72 -89.01
CA PHE C 1191 10.82 -11.41 -89.83
C PHE C 1191 12.14 -11.58 -89.09
N MET C 1192 12.89 -12.59 -89.49
CA MET C 1192 14.19 -12.91 -88.90
C MET C 1192 15.14 -13.32 -90.01
N ASN C 1193 16.35 -12.76 -89.99
CA ASN C 1193 17.34 -13.07 -91.02
C ASN C 1193 17.83 -14.51 -90.95
N SER C 1194 17.61 -15.19 -89.83
CA SER C 1194 18.01 -16.58 -89.68
C SER C 1194 16.96 -17.30 -88.87
N CYS C 1195 16.53 -18.47 -89.34
CA CYS C 1195 15.51 -19.25 -88.67
C CYS C 1195 16.15 -20.29 -87.76
N SER C 1196 15.47 -20.59 -86.65
CA SER C 1196 15.99 -21.54 -85.68
C SER C 1196 15.95 -22.96 -86.23
N VAL C 1197 16.72 -23.83 -85.59
CA VAL C 1197 16.79 -25.22 -86.06
C VAL C 1197 15.53 -25.99 -85.69
N ASN C 1198 14.86 -25.61 -84.60
CA ASN C 1198 13.64 -26.28 -84.17
C ASN C 1198 12.39 -25.63 -84.74
N PHE C 1199 12.38 -25.44 -86.06
CA PHE C 1199 11.25 -24.85 -86.77
C PHE C 1199 10.89 -25.72 -87.96
N THR C 1200 9.60 -25.83 -88.24
CA THR C 1200 9.16 -26.61 -89.39
C THR C 1200 9.46 -25.87 -90.68
N LYS C 1201 9.53 -26.63 -91.77
CA LYS C 1201 9.84 -26.09 -93.09
C LYS C 1201 8.58 -25.97 -93.92
N ALA C 1202 8.51 -24.90 -94.72
CA ALA C 1202 7.37 -24.67 -95.59
C ALA C 1202 7.78 -23.81 -96.78
N PRO C 1203 8.36 -24.40 -97.83
CA PRO C 1203 8.76 -23.61 -99.00
C PRO C 1203 7.60 -23.11 -99.83
N PHE C 1204 6.37 -23.59 -99.59
CA PHE C 1204 5.24 -23.18 -100.42
C PHE C 1204 4.82 -21.75 -100.11
N ILE C 1205 4.79 -21.36 -98.83
CA ILE C 1205 4.38 -20.02 -98.47
C ILE C 1205 5.48 -19.04 -98.78
N TYR C 1206 5.15 -17.99 -99.54
CA TYR C 1206 6.10 -16.97 -99.93
C TYR C 1206 5.77 -15.62 -99.32
N LEU C 1207 4.56 -15.11 -99.55
CA LEU C 1207 4.13 -13.83 -98.97
C LEU C 1207 2.69 -13.84 -98.48
N ASN C 1208 1.94 -14.92 -98.68
CA ASN C 1208 0.54 -14.97 -98.26
C ASN C 1208 0.43 -15.13 -96.74
N ILE D 147 -33.08 9.65 87.15
CA ILE D 147 -32.55 10.35 85.99
C ILE D 147 -32.14 9.35 84.92
N VAL D 148 -32.76 9.45 83.75
CA VAL D 148 -32.49 8.57 82.62
C VAL D 148 -31.96 9.41 81.48
N GLY D 149 -30.87 8.95 80.87
CA GLY D 149 -30.25 9.65 79.76
C GLY D 149 -29.33 10.79 80.14
N GLY D 150 -29.12 11.02 81.44
CA GLY D 150 -28.26 12.09 81.89
C GLY D 150 -26.81 11.65 82.03
N GLU D 151 -26.02 12.51 82.66
CA GLU D 151 -24.61 12.27 82.90
C GLU D 151 -24.26 12.61 84.34
N SER D 152 -23.07 12.20 84.75
CA SER D 152 -22.61 12.46 86.11
C SER D 152 -22.40 13.96 86.31
N ALA D 153 -22.89 14.48 87.44
CA ALA D 153 -22.77 15.90 87.73
C ALA D 153 -21.38 16.19 88.28
N LEU D 154 -20.64 17.05 87.57
CA LEU D 154 -19.31 17.42 88.02
C LEU D 154 -19.40 18.32 89.25
N PRO D 155 -18.37 18.33 90.10
CA PRO D 155 -18.40 19.18 91.30
C PRO D 155 -18.32 20.66 90.95
N GLY D 156 -19.37 21.21 90.38
CA GLY D 156 -19.42 22.62 90.04
C GLY D 156 -19.96 23.46 91.17
N ALA D 157 -21.00 24.27 90.89
CA ALA D 157 -21.64 25.13 91.89
C ALA D 157 -23.15 24.89 91.81
N TRP D 158 -23.62 23.87 92.51
CA TRP D 158 -25.05 23.56 92.61
C TRP D 158 -25.42 23.33 94.07
N PRO D 159 -25.29 24.38 94.92
CA PRO D 159 -25.50 24.22 96.36
C PRO D 159 -26.95 24.43 96.79
N TRP D 160 -27.87 23.73 96.12
CA TRP D 160 -29.29 23.80 96.46
C TRP D 160 -29.91 22.41 96.42
N GLN D 161 -29.17 21.41 96.89
CA GLN D 161 -29.66 20.03 96.94
C GLN D 161 -29.29 19.45 98.31
N VAL D 162 -30.28 19.30 99.18
CA VAL D 162 -30.10 18.75 100.52
C VAL D 162 -30.95 17.49 100.62
N SER D 163 -30.31 16.37 100.96
CA SER D 163 -30.99 15.08 101.06
C SER D 163 -31.37 14.80 102.51
N LEU D 164 -32.61 14.38 102.73
CA LEU D 164 -33.11 14.05 104.06
C LEU D 164 -33.02 12.55 104.26
N HIS D 165 -32.27 12.14 105.28
CA HIS D 165 -32.08 10.73 105.60
C HIS D 165 -32.76 10.39 106.91
N VAL D 166 -33.47 9.26 106.92
CA VAL D 166 -34.11 8.72 108.11
C VAL D 166 -33.75 7.26 108.22
N GLN D 167 -33.45 6.80 109.45
CA GLN D 167 -33.03 5.43 109.71
C GLN D 167 -31.76 5.06 108.94
N ASN D 168 -30.87 6.04 108.74
CA ASN D 168 -29.57 5.84 108.11
C ASN D 168 -29.68 5.32 106.68
N VAL D 169 -30.77 5.65 106.00
CA VAL D 169 -30.95 5.30 104.59
C VAL D 169 -31.51 6.51 103.85
N HIS D 170 -31.11 6.67 102.59
CA HIS D 170 -31.56 7.79 101.78
C HIS D 170 -33.00 7.55 101.32
N VAL D 171 -33.81 8.60 101.38
CA VAL D 171 -35.21 8.51 100.99
C VAL D 171 -35.51 9.55 99.91
N CYS D 172 -35.24 10.82 100.20
CA CYS D 172 -35.57 11.90 99.28
C CYS D 172 -34.60 13.06 99.48
N GLY D 173 -34.68 14.02 98.57
CA GLY D 173 -33.88 15.22 98.64
C GLY D 173 -34.70 16.46 98.96
N GLY D 174 -34.13 17.61 98.64
CA GLY D 174 -34.81 18.86 98.91
C GLY D 174 -33.98 20.03 98.44
N SER D 175 -34.54 21.23 98.60
CA SER D 175 -33.90 22.46 98.20
C SER D 175 -33.96 23.46 99.35
N ILE D 176 -33.02 24.40 99.35
CA ILE D 176 -32.91 25.42 100.38
C ILE D 176 -33.01 26.80 99.74
N ILE D 177 -33.72 27.70 100.40
CA ILE D 177 -33.85 29.08 99.95
C ILE D 177 -33.21 30.05 100.94
N THR D 178 -33.31 29.77 102.23
CA THR D 178 -32.68 30.52 103.30
C THR D 178 -32.00 29.56 104.25
N PRO D 179 -30.93 29.99 104.94
CA PRO D 179 -30.24 29.05 105.85
C PRO D 179 -30.97 28.87 107.16
N GLU D 180 -32.30 28.73 107.11
CA GLU D 180 -33.09 28.37 108.27
C GLU D 180 -34.23 27.42 107.94
N TRP D 181 -34.37 26.99 106.69
CA TRP D 181 -35.49 26.14 106.28
C TRP D 181 -35.05 25.28 105.10
N ILE D 182 -35.73 24.15 104.93
CA ILE D 182 -35.52 23.24 103.81
C ILE D 182 -36.87 22.91 103.20
N VAL D 183 -36.97 23.08 101.89
CA VAL D 183 -38.20 22.80 101.15
C VAL D 183 -38.11 21.39 100.57
N THR D 184 -39.17 20.61 100.75
CA THR D 184 -39.20 19.24 100.24
C THR D 184 -40.65 18.87 99.94
N ALA D 185 -40.85 17.61 99.57
CA ALA D 185 -42.18 17.12 99.23
C ALA D 185 -42.94 16.73 100.50
N ALA D 186 -44.26 16.72 100.38
CA ALA D 186 -45.14 16.42 101.50
C ALA D 186 -45.63 14.97 101.53
N HIS D 187 -45.41 14.21 100.45
CA HIS D 187 -45.85 12.82 100.42
C HIS D 187 -44.98 11.92 101.27
N CYS D 188 -43.76 12.36 101.59
CA CYS D 188 -42.87 11.61 102.47
C CYS D 188 -43.02 12.02 103.93
N VAL D 189 -44.04 12.82 104.25
CA VAL D 189 -44.27 13.29 105.62
C VAL D 189 -45.60 12.74 106.10
N GLU D 190 -45.95 11.54 105.66
CA GLU D 190 -47.21 10.92 106.03
C GLU D 190 -47.22 10.57 107.52
N LYS D 191 -48.34 10.00 107.97
CA LYS D 191 -48.47 9.62 109.37
C LYS D 191 -47.41 8.62 109.83
N PRO D 192 -47.09 7.56 109.08
CA PRO D 192 -46.00 6.67 109.52
C PRO D 192 -44.63 7.33 109.55
N LEU D 193 -44.47 8.50 108.92
CA LEU D 193 -43.21 9.23 108.89
C LEU D 193 -43.19 10.36 109.91
N ASN D 194 -43.81 10.16 111.08
CA ASN D 194 -43.86 11.17 112.12
C ASN D 194 -42.53 11.17 112.89
N ASN D 195 -42.51 11.87 114.02
CA ASN D 195 -41.33 12.01 114.88
C ASN D 195 -40.17 12.61 114.11
N PRO D 196 -40.22 13.91 113.77
CA PRO D 196 -39.14 14.51 112.97
C PRO D 196 -37.79 14.53 113.66
N TRP D 197 -37.71 14.12 114.93
CA TRP D 197 -36.43 14.13 115.63
C TRP D 197 -35.47 13.10 115.04
N HIS D 198 -35.98 12.03 114.46
CA HIS D 198 -35.14 10.98 113.85
C HIS D 198 -34.92 11.25 112.36
N TRP D 199 -34.42 12.44 112.04
CA TRP D 199 -34.16 12.84 110.67
C TRP D 199 -32.89 13.66 110.62
N THR D 200 -32.08 13.45 109.58
CA THR D 200 -30.87 14.21 109.36
C THR D 200 -30.85 14.77 107.95
N ALA D 201 -30.03 15.79 107.75
CA ALA D 201 -29.92 16.47 106.46
C ALA D 201 -28.46 16.48 106.01
N PHE D 202 -28.24 16.16 104.74
CA PHE D 202 -26.92 16.17 104.15
C PHE D 202 -26.89 17.16 103.00
N ALA D 203 -25.87 18.03 102.99
CA ALA D 203 -25.73 19.06 101.97
C ALA D 203 -24.28 19.12 101.52
N GLY D 204 -24.08 19.46 100.25
CA GLY D 204 -22.74 19.53 99.69
C GLY D 204 -22.02 18.21 99.65
N ILE D 205 -22.75 17.11 99.46
CA ILE D 205 -22.20 15.76 99.45
C ILE D 205 -22.63 15.10 98.16
N LEU D 206 -21.68 14.88 97.25
CA LEU D 206 -22.00 14.26 95.97
C LEU D 206 -22.21 12.76 96.12
N ARG D 207 -21.18 12.04 96.56
CA ARG D 207 -21.29 10.60 96.80
C ARG D 207 -21.77 10.35 98.22
N GLN D 208 -22.84 9.58 98.36
CA GLN D 208 -23.50 9.42 99.65
C GLN D 208 -22.77 8.42 100.54
N SER D 209 -21.47 8.66 100.79
CA SER D 209 -20.72 7.85 101.74
C SER D 209 -19.64 8.75 102.35
N PHE D 210 -19.97 9.37 103.48
CA PHE D 210 -19.01 10.17 104.22
C PHE D 210 -19.10 10.01 105.73
N MET D 211 -20.06 9.25 106.24
CA MET D 211 -20.25 9.08 107.67
C MET D 211 -21.22 7.92 107.89
N PHE D 212 -21.59 7.71 109.14
CA PHE D 212 -22.55 6.66 109.50
C PHE D 212 -23.21 7.05 110.82
N TYR D 213 -24.48 7.45 110.74
CA TYR D 213 -25.25 7.87 111.92
C TYR D 213 -24.57 9.01 112.66
N GLY D 214 -24.14 10.02 111.91
CA GLY D 214 -23.47 11.15 112.50
C GLY D 214 -23.12 12.17 111.44
N ALA D 215 -22.59 13.30 111.90
CA ALA D 215 -22.17 14.40 111.03
C ALA D 215 -23.34 14.90 110.18
N GLY D 216 -24.46 15.16 110.84
CA GLY D 216 -25.66 15.64 110.17
C GLY D 216 -26.33 16.75 110.96
N TYR D 217 -27.47 17.19 110.44
CA TYR D 217 -28.26 18.26 111.05
C TYR D 217 -29.64 17.70 111.37
N GLN D 218 -30.02 17.78 112.64
CA GLN D 218 -31.31 17.25 113.08
C GLN D 218 -32.44 18.21 112.72
N VAL D 219 -33.56 17.65 112.28
CA VAL D 219 -34.73 18.44 111.92
C VAL D 219 -35.53 18.75 113.17
N GLU D 220 -35.84 20.03 113.37
CA GLU D 220 -36.58 20.45 114.56
C GLU D 220 -38.08 20.23 114.38
N LYS D 221 -38.67 20.88 113.37
CA LYS D 221 -40.10 20.79 113.14
C LYS D 221 -40.39 20.76 111.65
N VAL D 222 -41.41 20.00 111.26
CA VAL D 222 -41.84 19.88 109.87
C VAL D 222 -43.26 20.39 109.76
N ILE D 223 -43.51 21.23 108.76
CA ILE D 223 -44.81 21.82 108.51
C ILE D 223 -45.25 21.43 107.10
N SER D 224 -46.41 20.79 107.00
CA SER D 224 -46.98 20.39 105.72
C SER D 224 -48.12 21.32 105.34
N HIS D 225 -48.52 21.23 104.08
CA HIS D 225 -49.61 22.07 103.59
C HIS D 225 -50.93 21.60 104.18
N PRO D 226 -51.76 22.50 104.72
CA PRO D 226 -53.02 22.07 105.33
C PRO D 226 -53.98 21.46 104.33
N ASN D 227 -54.08 22.02 103.12
CA ASN D 227 -54.98 21.51 102.09
C ASN D 227 -54.25 20.52 101.18
N TYR D 228 -53.85 19.41 101.78
CA TYR D 228 -53.13 18.34 101.09
C TYR D 228 -54.03 17.13 100.96
N ASP D 229 -54.17 16.62 99.74
CA ASP D 229 -54.98 15.44 99.46
C ASP D 229 -54.09 14.33 98.94
N SER D 230 -54.22 13.14 99.53
CA SER D 230 -53.39 12.00 99.14
C SER D 230 -53.93 11.28 97.91
N LYS D 231 -55.15 11.58 97.47
CA LYS D 231 -55.71 10.92 96.30
C LYS D 231 -55.23 11.58 95.01
N THR D 232 -55.44 12.90 94.89
CA THR D 232 -55.04 13.64 93.71
C THR D 232 -53.64 14.21 93.79
N LYS D 233 -53.01 14.19 94.98
CA LYS D 233 -51.65 14.67 95.19
C LYS D 233 -51.53 16.14 94.76
N ASN D 234 -52.28 16.99 95.45
CA ASN D 234 -52.30 18.43 95.20
C ASN D 234 -51.64 19.16 96.36
N ASN D 235 -50.95 20.26 96.04
CA ASN D 235 -50.25 21.08 97.02
C ASN D 235 -49.24 20.25 97.81
N ASP D 236 -48.27 19.70 97.07
CA ASP D 236 -47.24 18.84 97.65
C ASP D 236 -46.00 19.70 97.98
N ILE D 237 -46.12 20.46 99.05
CA ILE D 237 -45.06 21.35 99.53
C ILE D 237 -44.94 21.19 101.04
N ALA D 238 -43.72 20.93 101.51
CA ALA D 238 -43.46 20.77 102.94
C ALA D 238 -42.18 21.51 103.30
N LEU D 239 -42.11 21.97 104.54
CA LEU D 239 -40.96 22.70 105.04
C LEU D 239 -40.43 22.04 106.29
N MET D 240 -39.10 22.08 106.46
CA MET D 240 -38.43 21.54 107.62
C MET D 240 -37.50 22.59 108.20
N LYS D 241 -37.41 22.64 109.53
CA LYS D 241 -36.57 23.60 110.22
C LYS D 241 -35.43 22.90 110.94
N LEU D 242 -34.23 23.44 110.80
CA LEU D 242 -33.03 22.89 111.43
C LEU D 242 -32.60 23.78 112.60
N GLN D 243 -32.02 23.15 113.61
CA GLN D 243 -31.52 23.86 114.78
C GLN D 243 -30.12 24.43 114.58
N LYS D 244 -29.53 24.24 113.41
CA LYS D 244 -28.18 24.74 113.14
C LYS D 244 -28.23 26.07 112.40
N PRO D 245 -27.29 26.98 112.67
CA PRO D 245 -27.29 28.26 111.95
C PRO D 245 -27.03 28.13 110.46
N LEU D 246 -26.28 27.10 110.05
CA LEU D 246 -25.96 26.86 108.64
C LEU D 246 -25.25 28.07 108.03
N THR D 247 -24.07 28.36 108.57
CA THR D 247 -23.28 29.48 108.08
C THR D 247 -22.82 29.23 106.64
N PHE D 248 -22.78 30.30 105.86
CA PHE D 248 -22.37 30.19 104.46
C PHE D 248 -20.87 29.90 104.36
N ASN D 249 -20.52 28.96 103.51
CA ASN D 249 -19.14 28.56 103.30
C ASN D 249 -18.98 28.17 101.83
N ASP D 250 -17.88 27.49 101.51
CA ASP D 250 -17.64 27.05 100.14
C ASP D 250 -18.69 26.02 99.73
N LEU D 251 -19.16 26.14 98.49
CA LEU D 251 -20.20 25.26 97.94
C LEU D 251 -21.48 25.29 98.78
N VAL D 252 -21.78 26.44 99.38
CA VAL D 252 -22.97 26.63 100.20
C VAL D 252 -23.59 27.96 99.77
N LYS D 253 -24.64 27.90 98.94
CA LYS D 253 -25.33 29.09 98.47
C LYS D 253 -26.76 28.74 98.10
N PRO D 254 -27.76 29.25 98.84
CA PRO D 254 -29.15 28.92 98.51
C PRO D 254 -29.64 29.57 97.23
N VAL D 255 -30.90 29.34 96.88
CA VAL D 255 -31.50 29.89 95.68
C VAL D 255 -32.68 30.77 96.08
N CYS D 256 -32.83 31.90 95.40
CA CYS D 256 -33.90 32.84 95.72
C CYS D 256 -35.24 32.34 95.21
N LEU D 257 -36.29 32.74 95.90
CA LEU D 257 -37.64 32.36 95.50
C LEU D 257 -38.07 33.11 94.25
N PRO D 258 -38.87 32.48 93.39
CA PRO D 258 -39.33 33.17 92.16
C PRO D 258 -40.33 34.26 92.50
N ASN D 259 -40.11 35.45 91.93
CA ASN D 259 -41.00 36.57 92.16
C ASN D 259 -42.21 36.48 91.23
N PRO D 260 -43.36 36.99 91.68
CA PRO D 260 -44.56 36.95 90.82
C PRO D 260 -44.37 37.80 89.58
N GLY D 261 -45.08 37.43 88.52
CA GLY D 261 -44.97 38.14 87.25
C GLY D 261 -43.66 37.91 86.53
N MET D 262 -43.15 36.67 86.53
CA MET D 262 -41.90 36.38 85.86
C MET D 262 -42.05 36.31 84.35
N MET D 263 -43.23 35.90 83.87
CA MET D 263 -43.52 35.80 82.44
C MET D 263 -42.52 34.85 81.75
N LEU D 264 -42.47 33.63 82.25
CA LEU D 264 -41.56 32.64 81.70
C LEU D 264 -42.05 32.12 80.35
N GLN D 265 -41.12 31.67 79.53
CA GLN D 265 -41.46 31.15 78.21
C GLN D 265 -42.16 29.80 78.35
N PRO D 266 -43.08 29.48 77.43
CA PRO D 266 -43.74 28.15 77.49
C PRO D 266 -42.77 27.00 77.35
N GLU D 267 -41.96 26.99 76.29
CA GLU D 267 -40.98 25.94 76.06
C GLU D 267 -39.64 26.34 76.69
N GLN D 268 -39.65 26.39 78.01
CA GLN D 268 -38.47 26.79 78.77
C GLN D 268 -37.60 25.60 79.09
N LEU D 269 -36.28 25.80 79.05
CA LEU D 269 -35.31 24.76 79.32
C LEU D 269 -34.91 24.80 80.79
N CYS D 270 -34.89 23.63 81.43
CA CYS D 270 -34.56 23.53 82.85
C CYS D 270 -33.70 22.30 83.09
N TRP D 271 -33.21 22.18 84.31
CA TRP D 271 -32.34 21.08 84.72
C TRP D 271 -32.94 20.37 85.92
N ILE D 272 -32.80 19.05 85.95
CA ILE D 272 -33.27 18.22 87.05
C ILE D 272 -32.09 17.43 87.60
N SER D 273 -32.17 17.10 88.89
CA SER D 273 -31.13 16.35 89.57
C SER D 273 -31.73 15.63 90.77
N GLY D 274 -31.07 14.55 91.17
CA GLY D 274 -31.53 13.78 92.31
C GLY D 274 -30.81 12.45 92.38
N TRP D 275 -31.16 11.69 93.41
CA TRP D 275 -30.60 10.37 93.66
C TRP D 275 -31.70 9.34 93.46
N GLY D 276 -31.80 8.82 92.24
CA GLY D 276 -32.82 7.84 91.92
C GLY D 276 -32.29 6.65 91.15
N ALA D 277 -33.19 5.93 90.48
CA ALA D 277 -32.79 4.76 89.71
C ALA D 277 -32.01 5.18 88.47
N THR D 278 -31.38 4.19 87.84
CA THR D 278 -30.58 4.43 86.64
C THR D 278 -31.42 4.31 85.36
N GLU D 279 -32.03 3.14 85.15
CA GLU D 279 -32.84 2.92 83.97
C GLU D 279 -34.30 2.66 84.32
N GLU D 280 -34.59 1.66 85.14
CA GLU D 280 -35.96 1.33 85.51
C GLU D 280 -35.94 0.44 86.74
N LYS D 281 -36.60 0.88 87.82
CA LYS D 281 -36.71 0.10 89.05
C LYS D 281 -35.34 -0.28 89.60
N GLY D 282 -34.38 0.63 89.48
CA GLY D 282 -33.03 0.39 89.94
C GLY D 282 -32.83 0.86 91.37
N LYS D 283 -31.60 0.76 91.84
CA LYS D 283 -31.24 1.16 93.18
C LYS D 283 -30.85 2.63 93.22
N THR D 284 -30.50 3.12 94.41
CA THR D 284 -30.11 4.51 94.56
C THR D 284 -28.74 4.75 93.94
N SER D 285 -28.63 5.79 93.12
CA SER D 285 -27.37 6.11 92.46
C SER D 285 -26.35 6.59 93.48
N GLU D 286 -25.15 6.02 93.41
CA GLU D 286 -24.09 6.41 94.35
C GLU D 286 -23.58 7.82 94.06
N VAL D 287 -23.45 8.17 92.79
CA VAL D 287 -22.96 9.47 92.39
C VAL D 287 -24.14 10.35 92.01
N LEU D 288 -23.89 11.66 91.93
CA LEU D 288 -24.91 12.63 91.58
C LEU D 288 -24.97 12.81 90.08
N ASN D 289 -26.16 12.67 89.51
CA ASN D 289 -26.38 12.85 88.08
C ASN D 289 -27.40 13.95 87.84
N ALA D 290 -27.32 14.56 86.66
CA ALA D 290 -28.22 15.63 86.28
C ALA D 290 -28.71 15.39 84.86
N ALA D 291 -29.84 16.02 84.53
CA ALA D 291 -30.45 15.90 83.22
C ALA D 291 -31.05 17.23 82.81
N LYS D 292 -31.24 17.41 81.50
CA LYS D 292 -31.80 18.62 80.92
C LYS D 292 -33.15 18.30 80.31
N VAL D 293 -34.17 19.09 80.68
CA VAL D 293 -35.53 18.86 80.22
C VAL D 293 -36.10 20.19 79.70
N LEU D 294 -37.24 20.07 79.02
CA LEU D 294 -37.97 21.22 78.51
C LEU D 294 -39.33 21.31 79.20
N LEU D 295 -39.90 22.51 79.16
CA LEU D 295 -41.19 22.78 79.80
C LEU D 295 -42.29 22.74 78.76
N ILE D 296 -43.36 22.01 79.06
CA ILE D 296 -44.52 21.92 78.18
C ILE D 296 -45.70 22.58 78.86
N GLU D 297 -46.59 23.14 78.05
CA GLU D 297 -47.75 23.86 78.57
C GLU D 297 -48.73 22.89 79.23
N THR D 298 -49.57 23.45 80.12
CA THR D 298 -50.55 22.65 80.82
C THR D 298 -51.68 22.18 79.89
N GLN D 299 -52.04 23.00 78.91
CA GLN D 299 -53.12 22.63 78.00
C GLN D 299 -52.77 21.37 77.20
N ARG D 300 -51.54 21.29 76.69
CA ARG D 300 -51.12 20.11 75.96
C ARG D 300 -50.95 18.91 76.88
N CYS D 301 -50.60 19.15 78.14
CA CYS D 301 -50.44 18.05 79.09
C CYS D 301 -51.77 17.45 79.51
N ASN D 302 -52.87 18.18 79.38
CA ASN D 302 -54.19 17.70 79.74
C ASN D 302 -54.86 16.89 78.63
N SER D 303 -54.08 16.39 77.68
CA SER D 303 -54.64 15.59 76.60
C SER D 303 -55.19 14.27 77.12
N ARG D 304 -56.19 13.74 76.43
CA ARG D 304 -56.82 12.48 76.83
C ARG D 304 -55.87 11.30 76.69
N TYR D 305 -54.85 11.41 75.85
CA TYR D 305 -53.89 10.33 75.64
C TYR D 305 -52.68 10.42 76.53
N VAL D 306 -52.57 11.46 77.36
CA VAL D 306 -51.43 11.65 78.26
C VAL D 306 -51.86 11.51 79.72
N TYR D 307 -52.77 12.37 80.18
CA TYR D 307 -53.29 12.29 81.54
C TYR D 307 -54.80 12.42 81.63
N ASP D 308 -55.48 12.88 80.57
CA ASP D 308 -56.94 13.02 80.53
C ASP D 308 -57.42 13.96 81.65
N ASN D 309 -56.89 15.18 81.62
CA ASN D 309 -57.28 16.25 82.54
C ASN D 309 -57.11 15.83 84.00
N LEU D 310 -55.85 15.56 84.37
CA LEU D 310 -55.51 15.22 85.74
C LEU D 310 -54.41 16.12 86.30
N ILE D 311 -54.23 17.30 85.72
CA ILE D 311 -53.20 18.25 86.15
C ILE D 311 -53.91 19.46 86.73
N THR D 312 -53.71 19.71 88.01
CA THR D 312 -54.32 20.85 88.67
C THR D 312 -53.63 22.14 88.23
N PRO D 313 -54.34 23.28 88.36
CA PRO D 313 -53.69 24.56 88.03
C PRO D 313 -52.45 24.85 88.85
N ALA D 314 -52.33 24.28 90.04
CA ALA D 314 -51.13 24.42 90.87
C ALA D 314 -50.07 23.37 90.53
N MET D 315 -50.16 22.76 89.35
CA MET D 315 -49.21 21.75 88.90
C MET D 315 -48.67 22.14 87.53
N ILE D 316 -47.63 21.43 87.08
CA ILE D 316 -47.02 21.70 85.79
C ILE D 316 -46.42 20.41 85.25
N CYS D 317 -46.18 20.37 83.95
CA CYS D 317 -45.58 19.24 83.27
C CYS D 317 -44.31 19.69 82.56
N ALA D 318 -43.31 18.82 82.54
CA ALA D 318 -42.04 19.12 81.89
C ALA D 318 -41.39 17.82 81.45
N GLY D 319 -40.37 17.95 80.59
CA GLY D 319 -39.65 16.81 80.06
C GLY D 319 -39.78 16.73 78.55
N PHE D 320 -39.74 15.51 78.04
CA PHE D 320 -39.86 15.24 76.61
C PHE D 320 -40.98 14.24 76.38
N LEU D 321 -41.83 14.50 75.40
CA LEU D 321 -42.92 13.59 75.10
C LEU D 321 -42.42 12.30 74.45
N GLN D 322 -41.27 12.36 73.78
CA GLN D 322 -40.71 11.16 73.15
C GLN D 322 -40.19 10.16 74.17
N GLY D 323 -39.84 10.62 75.36
CA GLY D 323 -39.35 9.75 76.41
C GLY D 323 -37.84 9.77 76.55
N ASN D 324 -37.33 8.75 77.24
CA ASN D 324 -35.92 8.49 77.50
C ASN D 324 -35.29 9.52 78.44
N VAL D 325 -36.02 10.55 78.85
CA VAL D 325 -35.51 11.56 79.78
C VAL D 325 -36.59 11.77 80.83
N ASP D 326 -36.46 11.11 81.98
CA ASP D 326 -37.43 11.21 83.05
C ASP D 326 -36.80 10.71 84.33
N SER D 327 -37.39 11.11 85.46
CA SER D 327 -36.94 10.70 86.78
C SER D 327 -37.73 9.49 87.24
N CYS D 328 -37.03 8.54 87.85
CA CYS D 328 -37.66 7.31 88.32
C CYS D 328 -38.03 7.45 89.80
N GLN D 329 -38.44 6.35 90.42
CA GLN D 329 -38.82 6.38 91.83
C GLN D 329 -37.61 6.68 92.70
N GLY D 330 -37.78 7.60 93.64
CA GLY D 330 -36.72 8.02 94.52
C GLY D 330 -36.30 9.47 94.37
N ASP D 331 -36.66 10.11 93.25
CA ASP D 331 -36.31 11.50 93.01
C ASP D 331 -37.40 12.45 93.52
N SER D 332 -37.76 12.31 94.79
CA SER D 332 -38.75 13.20 95.39
C SER D 332 -38.14 14.57 95.65
N GLY D 333 -38.98 15.59 95.60
CA GLY D 333 -38.53 16.96 95.74
C GLY D 333 -37.74 17.41 94.52
N GLY D 334 -36.43 17.59 94.67
CA GLY D 334 -35.58 17.92 93.55
C GLY D 334 -35.65 19.39 93.17
N PRO D 335 -34.49 19.99 92.91
CA PRO D 335 -34.46 21.40 92.50
C PRO D 335 -34.69 21.53 91.00
N LEU D 336 -35.78 22.18 90.62
CA LEU D 336 -36.09 22.48 89.23
C LEU D 336 -35.84 23.96 89.03
N VAL D 337 -34.60 24.30 88.70
CA VAL D 337 -34.16 25.69 88.56
C VAL D 337 -34.01 26.03 87.08
N THR D 338 -34.30 27.29 86.76
CA THR D 338 -34.17 27.80 85.41
C THR D 338 -33.30 29.05 85.43
N SER D 339 -32.65 29.31 84.29
CA SER D 339 -31.74 30.45 84.17
C SER D 339 -32.50 31.67 83.65
N LYS D 340 -32.35 32.79 84.34
CA LYS D 340 -33.00 34.04 83.94
C LYS D 340 -32.29 35.18 84.66
N ASN D 341 -32.07 36.28 83.94
CA ASN D 341 -31.37 37.45 84.48
C ASN D 341 -30.03 37.06 85.09
N ASN D 342 -29.37 36.06 84.50
CA ASN D 342 -28.09 35.55 84.97
C ASN D 342 -28.18 35.06 86.41
N ILE D 343 -29.28 34.40 86.76
CA ILE D 343 -29.47 33.82 88.08
C ILE D 343 -30.45 32.67 87.98
N TRP D 344 -30.45 31.80 88.97
CA TRP D 344 -31.30 30.61 88.97
C TRP D 344 -32.57 30.87 89.77
N TRP D 345 -33.70 30.41 89.23
CA TRP D 345 -35.00 30.50 89.88
C TRP D 345 -35.58 29.11 90.02
N LEU D 346 -35.93 28.73 91.25
CA LEU D 346 -36.52 27.43 91.52
C LEU D 346 -38.03 27.52 91.29
N ILE D 347 -38.53 26.83 90.27
CA ILE D 347 -39.93 26.95 89.90
C ILE D 347 -40.58 25.57 89.78
N GLY D 348 -40.03 24.57 90.46
CA GLY D 348 -40.56 23.23 90.36
C GLY D 348 -40.38 22.44 91.64
N ASP D 349 -41.17 21.38 91.76
CA ASP D 349 -41.10 20.48 92.90
C ASP D 349 -41.72 19.16 92.49
N THR D 350 -40.92 18.10 92.38
CA THR D 350 -41.42 16.81 91.96
C THR D 350 -42.26 16.18 93.06
N SER D 351 -43.46 15.74 92.70
CA SER D 351 -44.38 15.09 93.63
C SER D 351 -44.66 13.65 93.27
N TRP D 352 -44.99 13.37 92.00
CA TRP D 352 -45.28 12.01 91.56
C TRP D 352 -44.92 11.89 90.09
N GLY D 353 -45.19 10.72 89.53
CA GLY D 353 -44.90 10.47 88.13
C GLY D 353 -45.27 9.06 87.76
N SER D 354 -45.54 8.87 86.47
CA SER D 354 -45.94 7.57 85.93
C SER D 354 -44.72 6.96 85.25
N GLY D 355 -43.87 6.31 86.05
CA GLY D 355 -42.69 5.67 85.53
C GLY D 355 -41.65 6.68 85.04
N CYS D 356 -40.65 6.15 84.34
CA CYS D 356 -39.58 6.96 83.78
C CYS D 356 -39.15 6.36 82.45
N ALA D 357 -38.73 7.24 81.53
CA ALA D 357 -38.30 6.86 80.19
C ALA D 357 -39.39 6.09 79.46
N LYS D 358 -40.62 6.58 79.56
CA LYS D 358 -41.78 5.96 78.91
C LYS D 358 -42.49 6.98 78.04
N ALA D 359 -43.06 6.51 76.95
CA ALA D 359 -43.76 7.39 76.02
C ALA D 359 -45.08 7.88 76.63
N TYR D 360 -45.45 9.11 76.28
CA TYR D 360 -46.68 9.75 76.73
C TYR D 360 -46.77 9.85 78.24
N ARG D 361 -45.64 9.82 78.94
CA ARG D 361 -45.59 9.91 80.39
C ARG D 361 -44.50 10.90 80.79
N PRO D 362 -44.78 12.19 80.71
CA PRO D 362 -43.78 13.20 81.07
C PRO D 362 -43.66 13.35 82.58
N GLY D 363 -42.77 14.25 82.99
CA GLY D 363 -42.57 14.52 84.41
C GLY D 363 -43.55 15.55 84.93
N VAL D 364 -44.06 15.31 86.13
CA VAL D 364 -45.03 16.18 86.78
C VAL D 364 -44.33 16.89 87.94
N TYR D 365 -44.53 18.20 88.04
CA TYR D 365 -43.89 19.01 89.06
C TYR D 365 -44.91 19.92 89.72
N GLY D 366 -44.61 20.31 90.95
CA GLY D 366 -45.49 21.20 91.70
C GLY D 366 -45.14 22.66 91.46
N ASN D 367 -46.19 23.49 91.38
CA ASN D 367 -46.02 24.93 91.15
C ASN D 367 -46.02 25.64 92.50
N VAL D 368 -44.84 26.10 92.92
CA VAL D 368 -44.70 26.78 94.20
C VAL D 368 -44.93 28.28 94.09
N MET D 369 -45.20 28.80 92.88
CA MET D 369 -45.45 30.22 92.72
C MET D 369 -46.77 30.66 93.36
N VAL D 370 -47.75 29.76 93.41
CA VAL D 370 -49.03 30.10 94.00
C VAL D 370 -48.95 30.06 95.53
N PHE D 371 -48.16 29.13 96.07
CA PHE D 371 -48.01 28.99 97.51
C PHE D 371 -46.78 29.69 98.06
N THR D 372 -46.06 30.44 97.22
CA THR D 372 -44.87 31.15 97.68
C THR D 372 -45.19 32.08 98.84
N ASP D 373 -46.21 32.92 98.66
CA ASP D 373 -46.66 33.78 99.76
C ASP D 373 -47.05 32.96 100.98
N TRP D 374 -47.62 31.78 100.76
CA TRP D 374 -47.92 30.87 101.86
C TRP D 374 -46.66 30.54 102.65
N ILE D 375 -45.55 30.29 101.96
CA ILE D 375 -44.27 30.09 102.64
C ILE D 375 -43.92 31.31 103.46
N TYR D 376 -44.15 32.51 102.91
CA TYR D 376 -43.95 33.73 103.67
C TYR D 376 -44.80 33.75 104.93
N ARG D 377 -46.03 33.21 104.84
CA ARG D 377 -46.86 33.08 106.03
C ARG D 377 -46.17 32.22 107.09
N GLN D 378 -45.51 31.14 106.66
CA GLN D 378 -44.74 30.33 107.59
C GLN D 378 -43.63 31.13 108.24
N MET D 379 -43.08 32.11 107.51
CA MET D 379 -42.08 33.00 108.10
C MET D 379 -42.67 33.78 109.27
N ARG D 380 -43.96 34.11 109.20
CA ARG D 380 -44.62 34.77 110.33
C ARG D 380 -44.64 33.88 111.56
N ALA D 381 -44.58 32.56 111.36
CA ALA D 381 -44.51 31.62 112.47
C ALA D 381 -43.08 31.39 112.94
N ASP D 382 -42.09 32.01 112.30
CA ASP D 382 -40.71 31.82 112.72
C ASP D 382 -40.42 32.56 114.03
N GLY D 383 -40.85 33.82 114.11
CA GLY D 383 -40.63 34.61 115.31
C GLY D 383 -41.37 35.94 115.29
N ILE E 147 17.36 -27.14 90.94
CA ILE E 147 16.44 -27.00 89.82
C ILE E 147 17.11 -26.23 88.69
N VAL E 148 17.24 -26.88 87.53
CA VAL E 148 17.87 -26.28 86.35
C VAL E 148 16.82 -26.21 85.25
N GLY E 149 16.70 -25.03 84.62
CA GLY E 149 15.75 -24.84 83.54
C GLY E 149 14.34 -24.52 83.98
N GLY E 150 14.07 -24.43 85.28
CA GLY E 150 12.75 -24.13 85.78
C GLY E 150 12.51 -22.64 85.93
N GLU E 151 11.41 -22.32 86.59
CA GLU E 151 11.01 -20.94 86.82
C GLU E 151 10.62 -20.78 88.29
N SER E 152 10.47 -19.52 88.71
CA SER E 152 10.09 -19.21 90.07
C SER E 152 8.67 -19.71 90.34
N ALA E 153 8.49 -20.36 91.49
CA ALA E 153 7.19 -20.92 91.85
C ALA E 153 6.30 -19.80 92.41
N LEU E 154 5.17 -19.56 91.75
CA LEU E 154 4.24 -18.55 92.22
C LEU E 154 3.54 -19.02 93.48
N PRO E 155 3.10 -18.08 94.33
CA PRO E 155 2.40 -18.48 95.56
C PRO E 155 1.04 -19.09 95.30
N GLY E 156 1.03 -20.31 94.76
CA GLY E 156 -0.22 -21.00 94.48
C GLY E 156 -0.67 -21.86 95.65
N ALA E 157 -0.88 -23.15 95.42
CA ALA E 157 -1.29 -24.10 96.45
C ALA E 157 -0.36 -25.32 96.39
N TRP E 158 0.79 -25.22 97.05
CA TRP E 158 1.74 -26.32 97.15
C TRP E 158 2.18 -26.47 98.60
N PRO E 159 1.24 -26.82 99.50
CA PRO E 159 1.54 -26.87 100.95
C PRO E 159 2.07 -28.22 101.41
N TRP E 160 3.08 -28.74 100.71
CA TRP E 160 3.71 -30.01 101.07
C TRP E 160 5.22 -29.91 100.96
N GLN E 161 5.79 -28.78 101.38
CA GLN E 161 7.23 -28.57 101.35
C GLN E 161 7.65 -27.91 102.66
N VAL E 162 8.29 -28.67 103.53
CA VAL E 162 8.75 -28.20 104.82
C VAL E 162 10.27 -28.36 104.86
N SER E 163 10.97 -27.26 105.13
CA SER E 163 12.43 -27.24 105.16
C SER E 163 12.92 -27.39 106.60
N LEU E 164 13.87 -28.30 106.80
CA LEU E 164 14.46 -28.54 108.12
C LEU E 164 15.76 -27.76 108.22
N HIS E 165 15.83 -26.86 109.20
CA HIS E 165 17.00 -26.02 109.42
C HIS E 165 17.68 -26.43 110.71
N VAL E 166 19.01 -26.56 110.66
CA VAL E 166 19.84 -26.85 111.83
C VAL E 166 20.99 -25.86 111.85
N GLN E 167 21.31 -25.33 113.03
CA GLN E 167 22.35 -24.33 113.20
C GLN E 167 22.06 -23.06 112.39
N ASN E 168 20.78 -22.73 112.23
CA ASN E 168 20.33 -21.51 111.58
C ASN E 168 20.78 -21.42 110.13
N VAL E 169 20.95 -22.56 109.47
CA VAL E 169 21.28 -22.60 108.05
C VAL E 169 20.43 -23.69 107.38
N HIS E 170 20.01 -23.43 106.15
CA HIS E 170 19.19 -24.39 105.43
C HIS E 170 20.03 -25.57 104.96
N VAL E 171 19.49 -26.78 105.12
CA VAL E 171 20.19 -28.00 104.75
C VAL E 171 19.36 -28.79 103.75
N CYS E 172 18.13 -29.14 104.13
CA CYS E 172 17.29 -29.98 103.30
C CYS E 172 15.82 -29.62 103.54
N GLY E 173 14.96 -30.18 102.68
CA GLY E 173 13.54 -30.00 102.79
C GLY E 173 12.82 -31.28 103.21
N GLY E 174 11.52 -31.31 102.93
CA GLY E 174 10.74 -32.48 103.27
C GLY E 174 9.30 -32.29 102.85
N SER E 175 8.50 -33.33 103.10
CA SER E 175 7.08 -33.33 102.77
C SER E 175 6.27 -33.78 103.98
N ILE E 176 5.00 -33.40 103.99
CA ILE E 176 4.08 -33.73 105.07
C ILE E 176 2.90 -34.50 104.52
N ILE E 177 2.53 -35.58 105.19
CA ILE E 177 1.37 -36.38 104.83
C ILE E 177 0.26 -36.28 105.88
N THR E 178 0.63 -36.18 107.14
CA THR E 178 -0.28 -35.98 108.26
C THR E 178 0.30 -34.90 109.16
N PRO E 179 -0.54 -34.16 109.88
CA PRO E 179 0.00 -33.09 110.75
C PRO E 179 0.59 -33.62 112.04
N GLU E 180 1.32 -34.73 111.96
CA GLU E 180 2.09 -35.23 113.09
C GLU E 180 3.45 -35.79 112.69
N TRP E 181 3.82 -35.74 111.41
CA TRP E 181 5.06 -36.32 110.93
C TRP E 181 5.53 -35.58 109.70
N ILE E 182 6.84 -35.60 109.47
CA ILE E 182 7.46 -35.01 108.29
C ILE E 182 8.40 -36.04 107.68
N VAL E 183 8.23 -36.31 106.39
CA VAL E 183 9.06 -37.27 105.68
C VAL E 183 10.25 -36.54 105.07
N THR E 184 11.45 -37.08 105.29
CA THR E 184 12.66 -36.46 104.78
C THR E 184 13.68 -37.56 104.46
N ALA E 185 14.81 -37.15 103.89
CA ALA E 185 15.86 -38.09 103.55
C ALA E 185 16.55 -38.59 104.81
N ALA E 186 17.16 -39.78 104.69
CA ALA E 186 17.84 -40.41 105.81
C ALA E 186 19.35 -40.19 105.81
N HIS E 187 19.92 -39.71 104.70
CA HIS E 187 21.35 -39.49 104.64
C HIS E 187 21.78 -38.24 105.40
N CYS E 188 20.84 -37.34 105.70
CA CYS E 188 21.13 -36.16 106.49
C CYS E 188 20.87 -36.36 107.97
N VAL E 189 20.59 -37.59 108.40
CA VAL E 189 20.31 -37.89 109.80
C VAL E 189 21.36 -38.87 110.30
N GLU E 190 22.59 -38.74 109.80
CA GLU E 190 23.67 -39.63 110.19
C GLU E 190 24.08 -39.37 111.64
N LYS E 191 25.09 -40.12 112.08
CA LYS E 191 25.57 -39.98 113.46
C LYS E 191 26.06 -38.57 113.79
N PRO E 192 26.83 -37.87 112.95
CA PRO E 192 27.18 -36.49 113.27
C PRO E 192 26.00 -35.54 113.33
N LEU E 193 24.86 -35.93 112.76
CA LEU E 193 23.65 -35.11 112.76
C LEU E 193 22.67 -35.56 113.83
N ASN E 194 23.17 -36.00 114.99
CA ASN E 194 22.32 -36.46 116.07
C ASN E 194 21.76 -35.26 116.83
N ASN E 195 21.16 -35.52 118.00
CA ASN E 195 20.55 -34.51 118.85
C ASN E 195 19.45 -33.76 118.09
N PRO E 196 18.31 -34.40 117.82
CA PRO E 196 17.26 -33.74 117.05
C PRO E 196 16.66 -32.52 117.74
N TRP E 197 17.02 -32.24 118.99
CA TRP E 197 16.46 -31.08 119.68
C TRP E 197 16.90 -29.78 119.04
N HIS E 198 18.07 -29.76 118.40
CA HIS E 198 18.59 -28.56 117.73
C HIS E 198 18.19 -28.52 116.26
N TRP E 199 16.88 -28.66 116.00
CA TRP E 199 16.35 -28.64 114.65
C TRP E 199 15.03 -27.87 114.64
N THR E 200 14.79 -27.12 113.56
CA THR E 200 13.55 -26.40 113.39
C THR E 200 12.98 -26.69 112.01
N ALA E 201 11.67 -26.46 111.87
CA ALA E 201 10.95 -26.74 110.63
C ALA E 201 10.24 -25.48 110.15
N PHE E 202 10.37 -25.19 108.86
CA PHE E 202 9.72 -24.04 108.25
C PHE E 202 8.77 -24.53 107.16
N ALA E 203 7.52 -24.06 107.22
CA ALA E 203 6.49 -24.44 106.27
C ALA E 203 5.74 -23.21 105.79
N GLY E 204 5.27 -23.25 104.54
CA GLY E 204 4.55 -22.12 103.98
C GLY E 204 5.39 -20.87 103.83
N ILE E 205 6.69 -21.03 103.58
CA ILE E 205 7.62 -19.91 103.50
C ILE E 205 8.34 -20.02 102.16
N LEU E 206 8.07 -19.09 101.24
CA LEU E 206 8.71 -19.11 99.93
C LEU E 206 10.14 -18.57 100.01
N ARG E 207 10.29 -17.31 100.41
CA ARG E 207 11.60 -16.70 100.59
C ARG E 207 12.09 -16.96 102.00
N GLN E 208 13.27 -17.57 102.12
CA GLN E 208 13.78 -18.05 103.41
C GLN E 208 14.39 -16.89 104.22
N SER E 209 13.57 -15.87 104.45
CA SER E 209 13.96 -14.77 105.34
C SER E 209 12.68 -14.23 105.99
N PHE E 210 12.35 -14.77 107.16
CA PHE E 210 11.22 -14.27 107.93
C PHE E 210 11.48 -14.23 109.44
N MET E 211 12.63 -14.70 109.90
CA MET E 211 12.94 -14.75 111.33
C MET E 211 14.42 -15.10 111.47
N PHE E 212 14.85 -15.29 112.73
CA PHE E 212 16.22 -15.66 113.01
C PHE E 212 16.25 -16.41 114.33
N TYR E 213 16.47 -17.72 114.27
CA TYR E 213 16.51 -18.59 115.46
C TYR E 213 15.22 -18.49 116.26
N GLY E 214 14.10 -18.60 115.55
CA GLY E 214 12.80 -18.52 116.20
C GLY E 214 11.69 -18.72 115.20
N ALA E 215 10.47 -18.75 115.72
CA ALA E 215 9.26 -18.92 114.91
C ALA E 215 9.32 -20.21 114.08
N GLY E 216 9.65 -21.31 114.75
CA GLY E 216 9.74 -22.60 114.10
C GLY E 216 9.15 -23.69 114.97
N TYR E 217 9.21 -24.91 114.44
CA TYR E 217 8.69 -26.10 115.13
C TYR E 217 9.86 -27.00 115.50
N GLN E 218 9.91 -27.40 116.77
CA GLN E 218 10.99 -28.22 117.28
C GLN E 218 10.67 -29.70 117.05
N VAL E 219 11.66 -30.43 116.54
CA VAL E 219 11.49 -31.86 116.28
C VAL E 219 11.76 -32.62 117.57
N GLU E 220 10.83 -33.50 117.95
CA GLU E 220 10.98 -34.26 119.19
C GLU E 220 11.87 -35.48 118.98
N LYS E 221 11.45 -36.38 118.09
CA LYS E 221 12.20 -37.61 117.83
C LYS E 221 12.24 -37.87 116.33
N VAL E 222 13.30 -38.54 115.89
CA VAL E 222 13.50 -38.89 114.48
C VAL E 222 13.64 -40.40 114.38
N ILE E 223 12.94 -40.99 113.40
CA ILE E 223 12.96 -42.43 113.17
C ILE E 223 13.56 -42.67 111.79
N SER E 224 14.64 -43.44 111.74
CA SER E 224 15.31 -43.81 110.50
C SER E 224 15.03 -45.26 110.16
N HIS E 225 15.25 -45.60 108.89
CA HIS E 225 15.03 -46.96 108.44
C HIS E 225 16.11 -47.88 109.01
N PRO E 226 15.72 -49.01 109.62
CA PRO E 226 16.75 -49.89 110.21
C PRO E 226 17.68 -50.51 109.18
N ASN E 227 17.15 -50.88 108.02
CA ASN E 227 17.97 -51.50 106.97
C ASN E 227 18.47 -50.44 105.98
N TYR E 228 19.27 -49.51 106.52
CA TYR E 228 19.85 -48.43 105.76
C TYR E 228 21.33 -48.73 105.52
N ASP E 229 21.75 -48.59 104.26
CA ASP E 229 23.14 -48.81 103.87
C ASP E 229 23.73 -47.52 103.33
N SER E 230 24.89 -47.13 103.87
CA SER E 230 25.54 -45.89 103.46
C SER E 230 26.39 -46.06 102.20
N LYS E 231 26.61 -47.29 101.73
CA LYS E 231 27.40 -47.54 100.54
C LYS E 231 26.56 -47.42 99.28
N THR E 232 25.49 -48.22 99.18
CA THR E 232 24.61 -48.21 98.02
C THR E 232 23.49 -47.19 98.14
N LYS E 233 23.32 -46.55 99.30
CA LYS E 233 22.28 -45.56 99.53
C LYS E 233 20.89 -46.14 99.26
N ASN E 234 20.55 -47.16 100.04
CA ASN E 234 19.27 -47.85 99.93
C ASN E 234 18.43 -47.56 101.16
N ASN E 235 17.11 -47.53 100.95
CA ASN E 235 16.13 -47.27 102.02
C ASN E 235 16.39 -45.92 102.68
N ASP E 236 16.41 -44.88 101.84
CA ASP E 236 16.70 -43.52 102.29
C ASP E 236 15.38 -42.78 102.58
N ILE E 237 14.72 -43.22 103.64
CA ILE E 237 13.47 -42.63 104.09
C ILE E 237 13.52 -42.49 105.60
N ALA E 238 13.25 -41.29 106.09
CA ALA E 238 13.26 -41.00 107.52
C ALA E 238 12.06 -40.14 107.88
N LEU E 239 11.63 -40.23 109.14
CA LEU E 239 10.48 -39.50 109.63
C LEU E 239 10.89 -38.65 110.82
N MET E 240 10.28 -37.47 110.94
CA MET E 240 10.54 -36.56 112.06
C MET E 240 9.20 -36.18 112.68
N LYS E 241 9.10 -36.31 114.01
CA LYS E 241 7.88 -36.00 114.74
C LYS E 241 8.01 -34.63 115.39
N LEU E 242 6.97 -33.81 115.27
CA LEU E 242 6.94 -32.47 115.83
C LEU E 242 6.16 -32.47 117.14
N GLN E 243 6.57 -31.57 118.05
CA GLN E 243 5.90 -31.42 119.33
C GLN E 243 4.71 -30.48 119.28
N LYS E 244 4.44 -29.86 118.13
CA LYS E 244 3.33 -28.93 117.99
C LYS E 244 2.18 -29.57 117.21
N PRO E 245 0.94 -29.21 117.53
CA PRO E 245 -0.20 -29.81 116.80
C PRO E 245 -0.22 -29.45 115.32
N LEU E 246 0.24 -28.26 114.96
CA LEU E 246 0.28 -27.80 113.56
C LEU E 246 -1.12 -27.84 112.95
N THR E 247 -2.02 -27.03 113.51
CA THR E 247 -3.39 -26.98 113.02
C THR E 247 -3.43 -26.47 111.58
N PHE E 248 -4.43 -26.93 110.83
CA PHE E 248 -4.57 -26.52 109.44
C PHE E 248 -5.03 -25.09 109.34
N ASN E 249 -4.45 -24.35 108.39
CA ASN E 249 -4.77 -22.95 108.17
C ASN E 249 -4.64 -22.68 106.67
N ASP E 250 -4.58 -21.40 106.30
CA ASP E 250 -4.42 -21.04 104.90
C ASP E 250 -3.06 -21.52 104.38
N LEU E 251 -3.06 -22.01 103.13
CA LEU E 251 -1.86 -22.57 102.50
C LEU E 251 -1.25 -23.71 103.32
N VAL E 252 -2.10 -24.47 104.00
CA VAL E 252 -1.65 -25.61 104.78
C VAL E 252 -2.53 -26.82 104.47
N LYS E 253 -2.01 -27.75 103.67
CA LYS E 253 -2.75 -28.94 103.30
C LYS E 253 -1.77 -30.07 102.95
N PRO E 254 -1.77 -31.16 103.72
CA PRO E 254 -0.84 -32.27 103.42
C PRO E 254 -1.22 -33.03 102.16
N VAL E 255 -0.45 -34.06 101.83
CA VAL E 255 -0.69 -34.89 100.66
C VAL E 255 -0.92 -36.32 101.11
N CYS E 256 -1.89 -36.99 100.48
CA CYS E 256 -2.24 -38.35 100.85
C CYS E 256 -1.19 -39.34 100.34
N LEU E 257 -1.02 -40.43 101.08
CA LEU E 257 -0.08 -41.46 100.68
C LEU E 257 -0.63 -42.26 99.51
N PRO E 258 0.24 -42.72 98.60
CA PRO E 258 -0.22 -43.50 97.44
C PRO E 258 -0.69 -44.88 97.87
N ASN E 259 -1.92 -45.23 97.50
CA ASN E 259 -2.47 -46.53 97.82
C ASN E 259 -1.89 -47.59 96.89
N PRO E 260 -1.79 -48.83 97.36
CA PRO E 260 -1.26 -49.91 96.50
C PRO E 260 -2.15 -50.12 95.29
N GLY E 261 -1.53 -50.16 94.11
CA GLY E 261 -2.26 -50.36 92.87
C GLY E 261 -2.64 -49.07 92.18
N MET E 262 -1.67 -48.17 92.00
CA MET E 262 -1.93 -46.90 91.34
C MET E 262 -1.99 -47.04 89.83
N MET E 263 -1.32 -48.05 89.28
CA MET E 263 -1.25 -48.27 87.83
C MET E 263 -0.70 -47.02 87.11
N LEU E 264 0.50 -46.62 87.53
CA LEU E 264 1.11 -45.42 86.97
C LEU E 264 1.62 -45.68 85.56
N GLN E 265 1.49 -44.67 84.70
CA GLN E 265 1.97 -44.78 83.34
C GLN E 265 3.50 -44.79 83.30
N PRO E 266 4.10 -45.48 82.32
CA PRO E 266 5.56 -45.49 82.22
C PRO E 266 6.16 -44.10 82.07
N GLU E 267 5.70 -43.36 81.06
CA GLU E 267 6.17 -42.00 80.81
C GLU E 267 5.23 -41.01 81.48
N GLN E 268 5.31 -40.98 82.81
CA GLN E 268 4.44 -40.13 83.62
C GLN E 268 5.12 -38.78 83.87
N LEU E 269 4.31 -37.72 83.85
CA LEU E 269 4.79 -36.37 84.07
C LEU E 269 4.62 -35.98 85.53
N CYS E 270 5.66 -35.37 86.10
CA CYS E 270 5.65 -34.97 87.49
C CYS E 270 6.34 -33.62 87.64
N TRP E 271 6.29 -33.09 88.86
CA TRP E 271 6.88 -31.80 89.18
C TRP E 271 7.84 -31.92 90.35
N ILE E 272 8.97 -31.24 90.26
CA ILE E 272 9.98 -31.23 91.32
C ILE E 272 10.12 -29.81 91.84
N SER E 273 10.49 -29.70 93.11
CA SER E 273 10.67 -28.39 93.75
C SER E 273 11.62 -28.55 94.92
N GLY E 274 12.33 -27.47 95.22
CA GLY E 274 13.27 -27.48 96.32
C GLY E 274 14.16 -26.25 96.28
N TRP E 275 15.02 -26.16 97.30
CA TRP E 275 15.95 -25.05 97.46
C TRP E 275 17.36 -25.59 97.17
N GLY E 276 17.83 -25.38 95.95
CA GLY E 276 19.14 -25.86 95.56
C GLY E 276 19.92 -24.88 94.71
N ALA E 277 20.95 -25.36 94.02
CA ALA E 277 21.76 -24.50 93.18
C ALA E 277 20.99 -24.07 91.93
N THR E 278 21.55 -23.11 91.21
CA THR E 278 20.92 -22.59 90.00
C THR E 278 21.38 -23.35 88.75
N GLU E 279 22.69 -23.36 88.48
CA GLU E 279 23.24 -24.05 87.33
C GLU E 279 24.14 -25.21 87.72
N GLU E 280 25.19 -24.95 88.51
CA GLU E 280 26.12 -26.00 88.92
C GLU E 280 26.96 -25.47 90.07
N LYS E 281 26.97 -26.22 91.18
CA LYS E 281 27.78 -25.89 92.36
C LYS E 281 27.49 -24.48 92.86
N GLY E 282 26.21 -24.10 92.87
CA GLY E 282 25.80 -22.79 93.32
C GLY E 282 25.43 -22.78 94.79
N LYS E 283 24.76 -21.69 95.19
CA LYS E 283 24.32 -21.51 96.56
C LYS E 283 22.84 -21.86 96.68
N THR E 284 22.32 -21.72 97.89
CA THR E 284 20.91 -22.01 98.14
C THR E 284 20.04 -20.93 97.52
N SER E 285 19.01 -21.36 96.79
CA SER E 285 18.12 -20.42 96.12
C SER E 285 17.29 -19.66 97.16
N GLU E 286 17.25 -18.33 97.03
CA GLU E 286 16.48 -17.52 97.97
C GLU E 286 14.98 -17.68 97.74
N VAL E 287 14.56 -17.73 96.48
CA VAL E 287 13.16 -17.87 96.13
C VAL E 287 12.87 -19.33 95.83
N LEU E 288 11.58 -19.67 95.84
CA LEU E 288 11.14 -21.04 95.57
C LEU E 288 10.93 -21.22 94.07
N ASN E 289 11.58 -22.24 93.51
CA ASN E 289 11.46 -22.55 92.09
C ASN E 289 10.99 -23.99 91.93
N ALA E 290 10.37 -24.25 90.77
CA ALA E 290 9.86 -25.58 90.45
C ALA E 290 10.22 -25.93 89.02
N ALA E 291 10.16 -27.22 88.71
CA ALA E 291 10.47 -27.72 87.38
C ALA E 291 9.56 -28.90 87.06
N LYS E 292 9.47 -29.21 85.77
CA LYS E 292 8.65 -30.30 85.27
C LYS E 292 9.54 -31.40 84.71
N VAL E 293 9.32 -32.64 85.15
CA VAL E 293 10.13 -33.78 84.73
C VAL E 293 9.22 -34.90 84.26
N LEU E 294 9.83 -35.89 83.62
CA LEU E 294 9.13 -37.08 83.15
C LEU E 294 9.72 -38.31 83.81
N LEU E 295 8.88 -39.32 83.99
CA LEU E 295 9.28 -40.57 84.61
C LEU E 295 9.72 -41.56 83.55
N ILE E 296 10.86 -42.21 83.77
CA ILE E 296 11.39 -43.20 82.84
C ILE E 296 11.32 -44.57 83.49
N GLU E 297 11.22 -45.61 82.65
CA GLU E 297 11.11 -46.97 83.15
C GLU E 297 12.43 -47.42 83.79
N THR E 298 12.33 -48.39 84.69
CA THR E 298 13.49 -48.88 85.39
C THR E 298 14.40 -49.70 84.48
N GLN E 299 13.82 -50.43 83.52
CA GLN E 299 14.63 -51.26 82.64
C GLN E 299 15.58 -50.41 81.80
N ARG E 300 15.09 -49.30 81.25
CA ARG E 300 15.95 -48.43 80.46
C ARG E 300 16.97 -47.72 81.35
N CYS E 301 16.64 -47.51 82.63
CA CYS E 301 17.57 -46.83 83.54
C CYS E 301 18.71 -47.74 83.96
N ASN E 302 18.50 -49.05 83.98
CA ASN E 302 19.52 -50.01 84.39
C ASN E 302 20.50 -50.34 83.28
N SER E 303 20.54 -49.56 82.21
CA SER E 303 21.46 -49.83 81.12
C SER E 303 22.90 -49.57 81.56
N ARG E 304 23.84 -50.16 80.82
CA ARG E 304 25.25 -50.03 81.16
C ARG E 304 25.75 -48.59 80.96
N TYR E 305 25.15 -47.85 80.03
CA TYR E 305 25.60 -46.50 79.73
C TYR E 305 25.04 -45.46 80.68
N VAL E 306 24.04 -45.81 81.50
CA VAL E 306 23.44 -44.85 82.41
C VAL E 306 23.95 -45.11 83.83
N TYR E 307 23.66 -46.30 84.36
CA TYR E 307 24.06 -46.65 85.72
C TYR E 307 24.70 -48.03 85.84
N ASP E 308 24.59 -48.88 84.83
CA ASP E 308 25.17 -50.23 84.84
C ASP E 308 24.64 -51.05 86.02
N ASN E 309 23.31 -51.14 86.11
CA ASN E 309 22.63 -51.95 87.11
C ASN E 309 23.04 -51.54 88.53
N LEU E 310 22.73 -50.29 88.87
CA LEU E 310 22.99 -49.76 90.21
C LEU E 310 21.75 -49.13 90.82
N ILE E 311 20.56 -49.45 90.30
CA ILE E 311 19.31 -48.91 90.81
C ILE E 311 18.57 -50.05 91.51
N THR E 312 18.39 -49.91 92.83
CA THR E 312 17.67 -50.90 93.59
C THR E 312 16.17 -50.84 93.28
N PRO E 313 15.46 -51.95 93.49
CA PRO E 313 14.00 -51.92 93.26
C PRO E 313 13.25 -50.90 94.10
N ALA E 314 13.82 -50.46 95.22
CA ALA E 314 13.20 -49.44 96.06
C ALA E 314 13.46 -48.02 95.56
N MET E 315 14.19 -47.87 94.45
CA MET E 315 14.49 -46.57 93.87
C MET E 315 14.01 -46.52 92.43
N ILE E 316 13.64 -45.32 91.99
CA ILE E 316 13.14 -45.11 90.64
C ILE E 316 13.95 -44.00 89.98
N CYS E 317 13.86 -43.93 88.66
CA CYS E 317 14.56 -42.93 87.87
C CYS E 317 13.54 -42.01 87.20
N ALA E 318 13.87 -40.72 87.15
CA ALA E 318 13.00 -39.73 86.53
C ALA E 318 13.85 -38.55 86.07
N GLY E 319 13.47 -37.97 84.95
CA GLY E 319 14.18 -36.85 84.37
C GLY E 319 14.24 -36.97 82.87
N PHE E 320 15.06 -36.13 82.27
CA PHE E 320 15.26 -36.10 80.82
C PHE E 320 16.67 -36.60 80.50
N LEU E 321 16.75 -37.51 79.52
CA LEU E 321 18.06 -38.04 79.12
C LEU E 321 18.90 -36.98 78.42
N GLN E 322 18.26 -36.01 77.77
CA GLN E 322 19.01 -34.95 77.09
C GLN E 322 19.68 -33.99 78.07
N GLY E 323 19.17 -33.89 79.29
CA GLY E 323 19.76 -33.03 80.29
C GLY E 323 19.01 -31.71 80.45
N ASN E 324 19.70 -30.77 81.09
CA ASN E 324 19.26 -29.39 81.34
C ASN E 324 18.11 -29.31 82.34
N VAL E 325 17.59 -30.43 82.83
CA VAL E 325 16.52 -30.46 83.82
C VAL E 325 16.91 -31.49 84.87
N ASP E 326 17.46 -31.02 85.99
CA ASP E 326 17.89 -31.91 87.06
C ASP E 326 18.10 -31.09 88.33
N SER E 327 18.09 -31.78 89.46
CA SER E 327 18.31 -31.15 90.76
C SER E 327 19.78 -31.24 91.14
N CYS E 328 20.30 -30.15 91.69
CA CYS E 328 21.71 -30.08 92.06
C CYS E 328 21.87 -30.43 93.53
N GLN E 329 23.07 -30.23 94.07
CA GLN E 329 23.33 -30.52 95.48
C GLN E 329 22.53 -29.60 96.37
N GLY E 330 21.90 -30.16 97.39
CA GLY E 330 21.07 -29.41 98.33
C GLY E 330 19.60 -29.73 98.24
N ASP E 331 19.15 -30.40 97.19
CA ASP E 331 17.73 -30.74 97.02
C ASP E 331 17.42 -32.11 97.63
N SER E 332 17.78 -32.29 98.89
CA SER E 332 17.46 -33.53 99.58
C SER E 332 15.97 -33.58 99.93
N GLY E 333 15.42 -34.80 99.95
CA GLY E 333 14.00 -34.96 100.18
C GLY E 333 13.19 -34.51 98.98
N GLY E 334 12.47 -33.40 99.13
CA GLY E 334 11.76 -32.80 98.02
C GLY E 334 10.45 -33.50 97.72
N PRO E 335 9.41 -32.72 97.46
CA PRO E 335 8.11 -33.31 97.11
C PRO E 335 8.00 -33.64 95.64
N LEU E 336 7.85 -34.92 95.32
CA LEU E 336 7.68 -35.38 93.94
C LEU E 336 6.33 -36.08 93.84
N VAL E 337 5.32 -35.33 93.40
CA VAL E 337 3.96 -35.82 93.32
C VAL E 337 3.56 -35.93 91.85
N THR E 338 2.36 -36.48 91.61
CA THR E 338 1.83 -36.67 90.27
C THR E 338 0.38 -36.20 90.24
N SER E 339 -0.16 -36.10 89.03
CA SER E 339 -1.54 -35.68 88.81
C SER E 339 -2.37 -36.87 88.38
N LYS E 340 -3.36 -37.23 89.21
CA LYS E 340 -4.25 -38.35 88.91
C LYS E 340 -5.49 -38.24 89.77
N ASN E 341 -6.66 -38.35 89.13
CA ASN E 341 -7.95 -38.29 89.82
C ASN E 341 -8.14 -36.98 90.56
N ASN E 342 -7.58 -35.90 90.03
CA ASN E 342 -7.72 -34.55 90.60
C ASN E 342 -7.21 -34.50 92.04
N ILE E 343 -6.14 -35.24 92.32
CA ILE E 343 -5.55 -35.25 93.65
C ILE E 343 -4.09 -35.66 93.52
N TRP E 344 -3.22 -34.97 94.24
CA TRP E 344 -1.79 -35.24 94.16
C TRP E 344 -1.42 -36.41 95.06
N TRP E 345 -0.45 -37.22 94.60
CA TRP E 345 0.03 -38.37 95.34
C TRP E 345 1.55 -38.32 95.41
N LEU E 346 2.09 -38.28 96.62
CA LEU E 346 3.54 -38.25 96.82
C LEU E 346 4.12 -39.59 96.39
N ILE E 347 4.90 -39.59 95.31
CA ILE E 347 5.45 -40.82 94.77
C ILE E 347 6.97 -40.83 94.69
N GLY E 348 7.63 -39.70 94.90
CA GLY E 348 9.08 -39.65 94.81
C GLY E 348 9.70 -39.05 96.05
N ASP E 349 11.00 -39.33 96.20
CA ASP E 349 11.77 -38.81 97.33
C ASP E 349 13.24 -38.81 96.93
N THR E 350 13.79 -37.62 96.72
CA THR E 350 15.18 -37.50 96.28
C THR E 350 16.13 -38.01 97.36
N SER E 351 17.07 -38.87 96.96
CA SER E 351 18.07 -39.42 97.86
C SER E 351 19.48 -38.95 97.52
N TRP E 352 19.89 -39.09 96.27
CA TRP E 352 21.22 -38.68 95.84
C TRP E 352 21.20 -38.52 94.33
N GLY E 353 22.37 -38.25 93.74
CA GLY E 353 22.46 -38.08 92.30
C GLY E 353 23.89 -37.80 91.91
N SER E 354 24.11 -37.74 90.60
CA SER E 354 25.42 -37.47 90.02
C SER E 354 25.32 -36.17 89.23
N GLY E 355 25.53 -35.04 89.92
CA GLY E 355 25.47 -33.75 89.27
C GLY E 355 24.06 -33.38 88.84
N CYS E 356 23.99 -32.29 88.07
CA CYS E 356 22.73 -31.80 87.55
C CYS E 356 22.96 -31.20 86.16
N ALA E 357 21.92 -31.24 85.34
CA ALA E 357 21.97 -30.74 83.96
C ALA E 357 23.06 -31.44 83.16
N LYS E 358 23.17 -32.75 83.33
CA LYS E 358 24.17 -33.56 82.65
C LYS E 358 23.47 -34.71 81.92
N ALA E 359 23.98 -35.04 80.74
CA ALA E 359 23.40 -36.11 79.95
C ALA E 359 23.73 -37.47 80.56
N TYR E 360 22.86 -38.45 80.27
CA TYR E 360 23.01 -39.83 80.74
C TYR E 360 23.03 -39.94 82.26
N ARG E 361 22.51 -38.93 82.95
CA ARG E 361 22.49 -38.92 84.42
C ARG E 361 21.12 -38.44 84.89
N PRO E 362 20.13 -39.33 84.88
CA PRO E 362 18.79 -38.95 85.35
C PRO E 362 18.72 -38.90 86.86
N GLY E 363 17.65 -38.26 87.35
CA GLY E 363 17.46 -38.13 88.78
C GLY E 363 16.98 -39.43 89.41
N VAL E 364 17.54 -39.74 90.58
CA VAL E 364 17.18 -40.94 91.33
C VAL E 364 16.31 -40.53 92.50
N TYR E 365 15.14 -41.15 92.62
CA TYR E 365 14.18 -40.82 93.67
C TYR E 365 13.78 -42.08 94.42
N GLY E 366 13.22 -41.89 95.61
CA GLY E 366 12.79 -43.00 96.44
C GLY E 366 11.34 -43.35 96.19
N ASN E 367 11.05 -44.65 96.18
CA ASN E 367 9.70 -45.16 95.97
C ASN E 367 9.06 -45.39 97.34
N VAL E 368 8.24 -44.43 97.76
CA VAL E 368 7.58 -44.52 99.08
C VAL E 368 6.40 -45.47 99.08
N MET E 369 6.04 -46.04 97.93
CA MET E 369 4.91 -46.96 97.89
C MET E 369 5.23 -48.27 98.61
N VAL E 370 6.46 -48.76 98.44
CA VAL E 370 6.86 -50.01 99.10
C VAL E 370 7.02 -49.80 100.60
N PHE E 371 7.48 -48.62 101.01
CA PHE E 371 7.71 -48.32 102.42
C PHE E 371 6.47 -47.77 103.12
N THR E 372 5.29 -47.87 102.49
CA THR E 372 4.08 -47.37 103.12
C THR E 372 3.71 -48.21 104.34
N ASP E 373 3.93 -49.52 104.27
CA ASP E 373 3.63 -50.39 105.42
C ASP E 373 4.53 -50.05 106.61
N TRP E 374 5.79 -49.72 106.34
CA TRP E 374 6.69 -49.32 107.42
C TRP E 374 6.22 -48.03 108.07
N ILE E 375 5.77 -47.06 107.27
CA ILE E 375 5.27 -45.81 107.83
C ILE E 375 4.02 -46.05 108.66
N TYR E 376 3.13 -46.92 108.17
CA TYR E 376 1.93 -47.25 108.92
C TYR E 376 2.27 -47.93 110.24
N ARG E 377 3.25 -48.85 110.23
CA ARG E 377 3.66 -49.51 111.46
C ARG E 377 4.28 -48.53 112.44
N GLN E 378 5.10 -47.60 111.95
CA GLN E 378 5.69 -46.60 112.83
C GLN E 378 4.63 -45.69 113.43
N MET E 379 3.65 -45.28 112.63
CA MET E 379 2.57 -44.44 113.15
C MET E 379 1.70 -45.19 114.15
N ARG E 380 1.51 -46.49 113.95
CA ARG E 380 0.72 -47.29 114.90
C ARG E 380 1.49 -47.49 116.20
N ALA E 381 2.80 -47.70 116.12
CA ALA E 381 3.60 -47.91 117.32
C ALA E 381 3.90 -46.61 118.06
N ASP E 382 3.82 -45.46 117.39
CA ASP E 382 4.06 -44.19 118.06
C ASP E 382 2.95 -43.86 119.04
N GLY E 383 1.71 -44.14 118.67
CA GLY E 383 0.58 -43.85 119.53
C GLY E 383 0.06 -45.07 120.27
C1 NAG F . 28.44 -9.85 31.87
C2 NAG F . 28.45 -10.69 33.16
C3 NAG F . 28.68 -9.80 34.37
C4 NAG F . 29.94 -8.96 34.18
C5 NAG F . 29.86 -8.19 32.87
C6 NAG F . 31.12 -7.41 32.57
C7 NAG F . 25.98 -10.92 33.38
C8 NAG F . 24.86 -11.90 33.52
N2 NAG F . 27.21 -11.46 33.30
O3 NAG F . 28.80 -10.61 35.53
O4 NAG F . 30.06 -8.04 35.27
O5 NAG F . 29.66 -9.10 31.78
O6 NAG F . 31.25 -7.14 31.18
O7 NAG F . 25.80 -9.70 33.34
C1 NAG F . 31.16 -8.47 36.10
C2 NAG F . 31.77 -7.23 36.77
C3 NAG F . 32.91 -7.65 37.70
C4 NAG F . 32.43 -8.70 38.69
C5 NAG F . 31.79 -9.87 37.94
C6 NAG F . 31.18 -10.91 38.86
C7 NAG F . 31.89 -5.00 35.77
C8 NAG F . 32.47 -4.16 34.68
N2 NAG F . 32.24 -6.28 35.78
O3 NAG F . 33.39 -6.51 38.41
O4 NAG F . 33.52 -9.18 39.45
O5 NAG F . 30.72 -9.40 37.11
O6 NAG F . 30.20 -10.34 39.72
O7 NAG F . 31.13 -4.53 36.61
C1 NAG G . 35.01 -29.63 17.67
C2 NAG G . 34.02 -30.33 18.60
C3 NAG G . 34.37 -30.02 20.06
C4 NAG G . 35.82 -30.37 20.34
C5 NAG G . 36.73 -29.67 19.33
C6 NAG G . 38.19 -30.06 19.48
C7 NAG G . 31.77 -30.74 17.72
C8 NAG G . 30.40 -30.16 17.49
N2 NAG G . 32.65 -29.93 18.30
O3 NAG G . 33.51 -30.78 20.91
O4 NAG G . 36.18 -29.95 21.65
O5 NAG G . 36.34 -30.02 18.00
O6 NAG G . 38.45 -31.31 18.85
O7 NAG G . 32.05 -31.89 17.39
C1 NAG G . 36.38 -31.11 22.48
C2 NAG G . 37.49 -30.81 23.48
C3 NAG G . 37.71 -32.00 24.41
C4 NAG G . 36.39 -32.41 25.07
C5 NAG G . 35.32 -32.65 24.00
C6 NAG G . 33.96 -32.94 24.58
C7 NAG G . 39.33 -29.28 22.95
C8 NAG G . 40.61 -29.09 22.18
N2 NAG G . 38.73 -30.47 22.80
O3 NAG G . 38.66 -31.67 25.41
O4 NAG G . 36.57 -33.61 25.81
O5 NAG G . 35.19 -31.48 23.18
O6 NAG G . 33.48 -31.85 25.35
O7 NAG G . 38.88 -28.40 23.67
C1 NAG H . 27.23 45.96 -2.22
C2 NAG H . 28.14 46.54 -1.15
C3 NAG H . 27.31 47.13 -0.01
C4 NAG H . 26.29 48.11 -0.54
C5 NAG H . 25.45 47.48 -1.65
C6 NAG H . 24.50 48.44 -2.31
C7 NAG H . 30.34 45.45 -1.05
C8 NAG H . 31.16 44.36 -0.43
N2 NAG H . 29.07 45.54 -0.65
O3 NAG H . 28.17 47.77 0.93
O4 NAG H . 25.43 48.54 0.51
O5 NAG H . 26.32 46.96 -2.67
O6 NAG H . 25.17 49.63 -2.71
O7 NAG H . 30.81 46.22 -1.88
C1 NAG H . 25.71 49.93 0.81
C2 NAG H . 24.42 50.59 1.30
C3 NAG H . 24.68 52.05 1.67
C4 NAG H . 25.82 52.14 2.68
C5 NAG H . 27.06 51.41 2.14
C6 NAG H . 28.19 51.35 3.14
C7 NAG H . 22.32 49.69 0.40
C8 NAG H . 21.34 49.74 -0.73
N2 NAG H . 23.38 50.50 0.29
O3 NAG H . 23.50 52.60 2.24
O4 NAG H . 26.16 53.49 2.92
O5 NAG H . 26.72 50.05 1.82
O6 NAG H . 27.83 50.64 4.30
O7 NAG H . 22.15 48.96 1.37
C1 NAG I . 45.16 12.68 -41.66
C2 NAG I . 45.29 14.14 -41.23
C3 NAG I . 44.79 15.06 -42.33
C4 NAG I . 45.48 14.76 -43.65
C5 NAG I . 45.35 13.28 -43.98
C6 NAG I . 46.13 12.87 -45.21
C7 NAG I . 45.00 15.26 -39.06
C8 NAG I . 44.15 15.39 -37.85
N2 NAG I . 44.58 14.39 -39.99
O3 NAG I . 45.03 16.42 -41.96
O4 NAG I . 44.91 15.53 -44.69
O5 NAG I . 45.85 12.48 -42.90
O6 NAG I . 47.53 13.02 -45.01
O7 NAG I . 46.03 15.92 -39.21
C1 NAG I . 45.85 16.54 -45.12
C2 NAG I . 45.43 17.04 -46.50
C3 NAG I . 46.37 18.15 -46.96
C4 NAG I . 46.44 19.25 -45.91
C5 NAG I . 46.81 18.67 -44.55
C6 NAG I . 46.77 19.68 -43.43
C7 NAG I . 44.30 15.30 -47.83
C8 NAG I . 44.48 14.20 -48.83
N2 NAG I . 45.42 15.95 -47.46
O3 NAG I . 45.92 18.68 -48.19
O4 NAG I . 47.42 20.21 -46.28
O5 NAG I . 45.87 17.64 -44.19
O6 NAG I . 45.49 20.31 -43.34
O7 NAG I . 43.21 15.59 -47.36
C1 NAG J . 28.92 -26.74 -23.55
C2 NAG J . 28.83 -28.09 -24.28
C3 NAG J . 29.29 -27.93 -25.73
C4 NAG J . 28.52 -26.82 -26.42
C5 NAG J . 28.61 -25.53 -25.61
C6 NAG J . 27.77 -24.41 -26.17
C7 NAG J . 29.06 -30.20 -23.05
C8 NAG J . 27.57 -30.33 -23.17
N2 NAG J . 29.60 -29.10 -23.59
O3 NAG J . 29.10 -29.17 -26.41
O4 NAG J . 29.06 -26.60 -27.71
O5 NAG J . 28.15 -25.76 -24.27
O6 NAG J . 26.50 -24.88 -26.59
O7 NAG J . 29.74 -31.04 -22.46
C1 NAG J . 28.12 -27.02 -28.71
C2 NAG J . 28.66 -26.65 -30.09
C3 NAG J . 27.69 -27.13 -31.18
C4 NAG J . 27.40 -28.61 -31.02
C5 NAG J . 26.92 -28.90 -29.61
C6 NAG J . 26.73 -30.38 -29.34
C7 NAG J . 30.06 -24.64 -29.95
C8 NAG J . 30.11 -23.15 -30.11
N2 NAG J . 28.87 -25.22 -30.19
O3 NAG J . 28.27 -26.87 -32.46
O4 NAG J . 26.41 -29.02 -31.95
O5 NAG J . 27.89 -28.44 -28.65
O6 NAG J . 26.34 -30.62 -27.99
O7 NAG J . 31.05 -25.29 -29.63
C1 NAG K . 14.77 38.29 -26.72
C2 NAG K . 16.09 38.38 -27.47
C3 NAG K . 15.85 38.67 -28.95
C4 NAG K . 14.90 37.63 -29.54
C5 NAG K . 13.62 37.57 -28.71
C6 NAG K . 12.66 36.48 -29.17
C7 NAG K . 18.10 39.12 -26.27
C8 NAG K . 18.86 40.29 -25.73
N2 NAG K . 16.95 39.39 -26.89
O3 NAG K . 17.09 38.64 -29.65
O4 NAG K . 14.57 37.98 -30.88
O5 NAG K . 13.94 37.29 -27.34
O6 NAG K . 13.21 35.19 -28.91
O7 NAG K . 18.51 37.97 -26.15
C1 NAG K . 15.21 37.04 -31.77
C2 NAG K . 14.53 37.13 -33.14
C3 NAG K . 15.22 36.19 -34.13
C4 NAG K . 16.72 36.46 -34.17
C5 NAG K . 17.31 36.40 -32.76
C6 NAG K . 18.76 36.77 -32.71
C7 NAG K . 12.18 37.78 -32.92
C8 NAG K . 10.76 37.29 -32.84
N2 NAG K . 13.11 36.83 -33.05
O3 NAG K . 14.65 36.37 -35.42
O4 NAG K . 17.36 35.48 -34.99
O5 NAG K . 16.61 37.32 -31.90
O6 NAG K . 18.94 38.17 -32.73
O7 NAG K . 12.46 38.98 -32.88
C1 NAG L . -47.47 2.86 -3.08
C2 NAG L . -48.29 3.45 -1.93
C3 NAG L . -48.40 2.45 -0.79
C4 NAG L . -48.94 1.12 -1.30
C5 NAG L . -48.09 0.62 -2.46
C6 NAG L . -48.63 -0.65 -3.10
C7 NAG L . -48.33 5.88 -1.58
C8 NAG L . -47.58 7.06 -1.04
N2 NAG L . -47.71 4.69 -1.46
O3 NAG L . -49.27 2.97 0.22
O4 NAG L . -48.93 0.15 -0.25
O5 NAG L . -48.05 1.61 -3.50
O6 NAG L . -49.44 -0.34 -4.23
O7 NAG L . -49.43 5.99 -2.10
C1 NAG L . -50.28 -0.17 0.10
C2 NAG L . -50.28 -1.45 0.94
C3 NAG L . -51.70 -1.80 1.39
C4 NAG L . -52.34 -0.61 2.10
C5 NAG L . -52.26 0.63 1.22
C6 NAG L . -52.77 1.87 1.92
C7 NAG L . -48.45 -3.00 0.41
C8 NAG L . -48.01 -4.15 -0.45
N2 NAG L . -49.69 -2.55 0.20
O3 NAG L . -51.66 -2.93 2.25
O4 NAG L . -53.70 -0.90 2.38
O5 NAG L . -50.90 0.89 0.86
O6 NAG L . -52.10 2.09 3.15
O7 NAG L . -47.72 -2.50 1.26
C1 NAG M . -27.62 31.33 -44.56
C2 NAG M . -29.01 30.97 -44.02
C3 NAG M . -29.63 29.88 -44.89
C4 NAG M . -29.63 30.30 -46.35
C5 NAG M . -28.22 30.68 -46.79
C6 NAG M . -28.17 31.22 -48.20
C7 NAG M . -29.42 31.29 -41.62
C8 NAG M . -29.27 30.70 -40.25
N2 NAG M . -28.93 30.55 -42.63
O3 NAG M . -30.96 29.63 -44.45
O4 NAG M . -30.10 29.22 -47.16
O5 NAG M . -27.70 31.71 -45.94
O6 NAG M . -28.96 32.39 -48.34
O7 NAG M . -29.95 32.38 -41.82
C1 NAG M . -31.39 29.58 -47.69
C2 NAG M . -31.57 28.88 -49.04
C3 NAG M . -32.96 29.19 -49.60
C4 NAG M . -34.04 28.84 -48.59
C5 NAG M . -33.76 29.54 -47.26
C6 NAG M . -34.72 29.15 -46.17
C7 NAG M . -29.49 28.49 -50.27
C8 NAG M . -28.52 29.05 -51.26
N2 NAG M . -30.54 29.26 -49.98
O3 NAG M . -33.16 28.43 -50.80
O4 NAG M . -35.31 29.26 -49.08
O5 NAG M . -32.44 29.19 -46.80
O6 NAG M . -34.51 27.81 -45.73
O7 NAG M . -29.34 27.38 -49.76
C1 NAG N . -50.32 -19.44 -2.23
C2 NAG N . -51.02 -18.44 -3.14
C3 NAG N . -52.28 -19.07 -3.74
C4 NAG N . -51.95 -20.39 -4.41
C5 NAG N . -51.23 -21.31 -3.45
C6 NAG N . -50.76 -22.59 -4.09
C7 NAG N . -50.60 -16.11 -2.52
C8 NAG N . -51.08 -14.94 -1.71
N2 NAG N . -51.34 -17.21 -2.43
O3 NAG N . -52.86 -18.16 -4.68
O4 NAG N . -53.16 -21.02 -4.86
O5 NAG N . -50.05 -20.65 -2.95
O6 NAG N . -49.44 -22.47 -4.61
O7 NAG N . -49.58 -16.05 -3.21
C1 NAG N . -53.18 -21.01 -6.30
C2 NAG N . -54.05 -22.17 -6.78
C3 NAG N . -54.14 -22.17 -8.31
C4 NAG N . -54.60 -20.80 -8.81
C5 NAG N . -53.71 -19.70 -8.25
C6 NAG N . -54.20 -18.32 -8.61
C7 NAG N . -54.00 -24.05 -5.21
C8 NAG N . -53.35 -25.35 -4.85
N2 NAG N . -53.52 -23.44 -6.30
O3 NAG N . -55.03 -23.19 -8.72
O4 NAG N . -54.56 -20.77 -10.23
O5 NAG N . -53.70 -19.77 -6.81
O6 NAG N . -55.61 -18.22 -8.55
O7 NAG N . -54.90 -23.57 -4.53
C1 NAG O . 26.63 -39.85 1.24
C2 NAG O . 26.71 -40.53 2.61
C3 NAG O . 27.86 -39.92 3.41
C4 NAG O . 29.17 -39.97 2.62
C5 NAG O . 28.97 -39.32 1.25
C6 NAG O . 30.18 -39.44 0.37
C7 NAG O . 24.64 -41.45 3.53
C8 NAG O . 23.39 -41.16 4.30
N2 NAG O . 25.46 -40.42 3.33
O3 NAG O . 28.01 -40.63 4.64
O4 NAG O . 30.18 -39.28 3.33
O5 NAG O . 27.89 -39.96 0.56
O6 NAG O . 30.40 -40.79 -0.04
O7 NAG O . 24.90 -42.58 3.10
C1 NAG O . 31.16 -40.25 3.78
C2 NAG O . 32.52 -39.54 3.92
C3 NAG O . 33.56 -40.52 4.44
C4 NAG O . 33.09 -41.17 5.74
C5 NAG O . 31.71 -41.79 5.54
C6 NAG O . 31.12 -42.34 6.82
C7 NAG O . 32.82 -37.69 2.34
C8 NAG O . 33.31 -37.28 0.99
N2 NAG O . 32.93 -38.98 2.64
O3 NAG O . 34.79 -39.82 4.67
O4 NAG O . 34.00 -42.17 6.16
O5 NAG O . 30.79 -40.81 5.05
O6 NAG O . 30.69 -41.31 7.68
O7 NAG O . 32.35 -36.87 3.14
C1 NAG P . -22.13 -17.29 -77.30
C2 NAG P . -22.91 -17.68 -78.56
C3 NAG P . -24.17 -16.83 -78.69
C4 NAG P . -25.00 -16.92 -77.41
C5 NAG P . -24.14 -16.55 -76.21
C6 NAG P . -24.87 -16.72 -74.89
C7 NAG P . -21.42 -18.57 -80.30
C8 NAG P . -20.62 -18.25 -81.52
N2 NAG P . -22.08 -17.55 -79.74
O3 NAG P . -24.94 -17.29 -79.79
O4 NAG P . -26.11 -16.03 -77.49
O5 NAG P . -22.99 -17.41 -76.15
O6 NAG P . -25.49 -18.01 -74.80
O7 NAG P . -21.48 -19.71 -79.83
C1 NAG P . -27.33 -16.79 -77.57
C2 NAG P . -28.50 -15.89 -77.20
C3 NAG P . -29.81 -16.66 -77.32
C4 NAG P . -29.94 -17.29 -78.70
C5 NAG P . -28.71 -18.12 -79.02
C6 NAG P . -28.71 -18.67 -80.42
C7 NAG P . -27.87 -14.12 -75.62
C8 NAG P . -27.78 -13.73 -74.17
N2 NAG P . -28.34 -15.35 -75.86
O3 NAG P . -30.90 -15.77 -77.08
O4 NAG P . -31.10 -18.12 -78.74
O5 NAG P . -27.53 -17.32 -78.89
O6 NAG P . -27.43 -19.15 -80.81
O7 NAG P . -27.56 -13.36 -76.52
C1 BMA P . -32.10 -17.50 -79.59
C2 BMA P . -33.12 -18.59 -79.98
C3 BMA P . -34.30 -17.96 -80.74
C4 BMA P . -34.86 -16.75 -79.99
C5 BMA P . -33.73 -15.75 -79.70
C6 BMA P . -34.19 -14.53 -78.93
O2 BMA P . -33.65 -19.22 -78.83
O3 BMA P . -35.34 -18.92 -80.96
O4 BMA P . -35.86 -16.11 -80.76
O5 BMA P . -32.73 -16.42 -78.92
O6 BMA P . -35.33 -13.99 -79.60
C1 NAG Q . 46.97 -32.23 1.16
C2 NAG Q . 46.34 -33.36 0.33
C3 NAG Q . 47.42 -34.31 -0.16
C4 NAG Q . 48.50 -33.54 -0.91
C5 NAG Q . 49.04 -32.41 -0.04
C6 NAG Q . 50.03 -31.53 -0.76
C7 NAG Q . 44.02 -33.87 0.97
C8 NAG Q . 43.14 -34.70 1.85
N2 NAG Q . 45.34 -34.07 1.11
O3 NAG Q . 46.82 -35.29 -1.03
O4 NAG Q . 49.56 -34.43 -1.25
O5 NAG Q . 47.97 -31.57 0.37
O6 NAG Q . 49.42 -30.82 -1.83
O7 NAG Q . 43.57 -33.06 0.17
C1 NAG R . 40.38 21.25 -17.21
C2 NAG R . 40.36 22.26 -18.36
C3 NAG R . 40.94 23.59 -17.89
C4 NAG R . 40.23 24.08 -16.63
C5 NAG R . 40.25 23.00 -15.56
C6 NAG R . 39.45 23.36 -14.33
C7 NAG R . 40.85 22.13 -20.75
C8 NAG R . 41.71 21.51 -21.81
N2 NAG R . 41.10 21.76 -19.50
O3 NAG R . 40.82 24.56 -18.92
O4 NAG R . 40.87 25.24 -16.13
O5 NAG R . 39.68 21.79 -16.08
O6 NAG R . 38.35 22.48 -14.14
O7 NAG R . 39.96 22.94 -21.03
C1 NAG S . 32.26 -15.57 -76.01
C2 NAG S . 33.23 -16.09 -77.08
C3 NAG S . 33.04 -17.59 -77.26
C4 NAG S . 33.17 -18.31 -75.93
C5 NAG S . 32.22 -17.69 -74.91
C6 NAG S . 32.38 -18.28 -73.52
C7 NAG S . 33.91 -14.50 -78.82
C8 NAG S . 33.55 -13.87 -80.13
N2 NAG S . 33.04 -15.39 -78.34
O3 NAG S . 34.03 -18.07 -78.17
O4 NAG S . 32.87 -19.69 -76.09
O5 NAG S . 32.47 -16.29 -74.79
O6 NAG S . 33.72 -18.17 -73.06
O7 NAG S . 34.93 -14.20 -78.21
C1 NAG T . 24.06 21.59 -81.78
C2 NAG T . 24.60 21.38 -80.37
C3 NAG T . 24.87 22.73 -79.71
C4 NAG T . 25.76 23.60 -80.59
C5 NAG T . 25.16 23.71 -81.99
C6 NAG T . 26.06 24.46 -82.96
C7 NAG T . 23.92 19.29 -79.29
C8 NAG T . 22.89 18.62 -78.44
N2 NAG T . 23.70 20.58 -79.57
O3 NAG T . 25.49 22.52 -78.44
O4 NAG T . 25.88 24.90 -80.03
O5 NAG T . 24.96 22.40 -82.55
O6 NAG T . 27.40 24.01 -82.87
O7 NAG T . 24.92 18.70 -79.68
C1 NAG U . -10.29 25.77 -58.95
C2 NAG U . -10.60 27.16 -58.42
C3 NAG U . -9.38 28.07 -58.57
C4 NAG U . -8.16 27.43 -57.92
C5 NAG U . -7.95 26.02 -58.47
C6 NAG U . -6.83 25.27 -57.80
C7 NAG U . -12.94 27.91 -58.50
C8 NAG U . -14.01 28.52 -59.35
N2 NAG U . -11.75 27.74 -59.10
O3 NAG U . -9.64 29.33 -57.96
O4 NAG U . -7.00 28.21 -58.19
O5 NAG U . -9.14 25.24 -58.29
O6 NAG U . -7.19 24.86 -56.49
O7 NAG U . -13.14 27.57 -57.34
C1 NAG V . 3.50 30.74 -79.86
C2 NAG V . 3.63 31.19 -81.32
C3 NAG V . 4.97 31.88 -81.54
C4 NAG V . 5.15 33.02 -80.54
C5 NAG V . 4.96 32.50 -79.12
C6 NAG V . 5.01 33.59 -78.08
C7 NAG V . 2.36 29.83 -82.93
C8 NAG V . 2.38 28.63 -83.82
N2 NAG V . 3.48 30.07 -82.23
O3 NAG V . 5.02 32.40 -82.87
O4 NAG V . 6.46 33.57 -80.67
O5 NAG V . 3.68 31.87 -79.00
O6 NAG V . 3.79 34.33 -78.05
O7 NAG V . 1.38 30.57 -82.86
C1 NAG W . 29.98 26.73 -33.07
C2 NAG W . 29.03 27.58 -33.92
C3 NAG W . 29.70 27.92 -35.25
C4 NAG W . 31.05 28.58 -35.01
C5 NAG W . 31.91 27.71 -34.10
C6 NAG W . 33.22 28.35 -33.72
C7 NAG W . 26.68 27.11 -33.42
C8 NAG W . 25.47 26.31 -33.79
N2 NAG W . 27.78 26.88 -34.15
O3 NAG W . 28.86 28.80 -35.99
O4 NAG W . 31.72 28.77 -36.25
O5 NAG W . 31.21 27.44 -32.87
O6 NAG W . 34.29 27.88 -34.53
O7 NAG W . 26.66 27.93 -32.51
C1 NAG X . -24.80 4.62 -83.04
C2 NAG X . -24.91 3.37 -82.18
C3 NAG X . -26.33 3.22 -81.64
C4 NAG X . -26.74 4.49 -80.92
C5 NAG X . -26.57 5.70 -81.82
C6 NAG X . -26.85 7.01 -81.13
C7 NAG X . -23.55 1.34 -82.55
C8 NAG X . -22.87 1.69 -81.27
N2 NAG X . -24.52 2.18 -82.94
O3 NAG X . -26.38 2.11 -80.75
O4 NAG X . -28.12 4.40 -80.53
O5 NAG X . -25.20 5.77 -82.28
O6 NAG X . -26.15 7.11 -79.90
O7 NAG X . -23.25 0.36 -83.21
C1 NAG Y . 11.31 -37.65 15.29
C2 NAG Y . 11.59 -38.64 14.16
C3 NAG Y . 10.48 -38.59 13.13
C4 NAG Y . 9.13 -38.80 13.80
C5 NAG Y . 8.94 -37.80 14.94
C6 NAG Y . 7.67 -38.03 15.73
C7 NAG Y . 13.91 -39.21 13.59
C8 NAG Y . 15.17 -38.76 12.90
N2 NAG Y . 12.88 -38.37 13.55
O3 NAG Y . 10.69 -39.61 12.15
O4 NAG Y . 8.08 -38.61 12.84
O5 NAG Y . 10.03 -37.93 15.87
O6 NAG Y . 7.13 -39.33 15.50
O7 NAG Y . 13.84 -40.29 14.18
C1 NAG Z . -32.96 12.94 -33.96
C2 NAG Z . -33.00 11.58 -34.66
C3 NAG Z . -33.69 11.72 -36.02
C4 NAG Z . -35.05 12.37 -35.87
C5 NAG Z . -34.92 13.69 -35.12
C6 NAG Z . -36.26 14.34 -34.82
C7 NAG Z . -31.42 9.71 -34.75
C8 NAG Z . -29.99 9.31 -34.92
N2 NAG Z . -31.68 11.02 -34.81
O3 NAG Z . -33.83 10.43 -36.61
O4 NAG Z . -35.62 12.62 -37.16
O5 NAG Z . -34.28 13.47 -33.85
O6 NAG Z . -37.11 13.47 -34.09
O7 NAG Z . -32.31 8.88 -34.55
C1 NAG AA . -7.03 -41.55 -41.14
C2 NAG AA . -5.71 -42.06 -40.58
C3 NAG AA . -4.68 -42.23 -41.70
C4 NAG AA . -5.24 -43.11 -42.80
C5 NAG AA . -6.59 -42.57 -43.28
C6 NAG AA . -7.26 -43.47 -44.30
C7 NAG AA . -4.46 -41.56 -38.53
C8 NAG AA . -4.02 -40.49 -37.57
N2 NAG AA . -5.21 -41.16 -39.56
O3 NAG AA . -3.50 -42.79 -41.17
O4 NAG AA . -4.34 -43.15 -43.90
O5 NAG AA . -7.49 -42.45 -42.17
O6 NAG AA . -8.35 -44.16 -43.73
O7 NAG AA . -4.14 -42.73 -38.37
C1 NAG BA . 14.11 -29.28 -80.33
C2 NAG BA . 15.53 -29.75 -80.04
C3 NAG BA . 15.49 -31.14 -79.40
C4 NAG BA . 14.58 -31.15 -78.19
C5 NAG BA . 13.20 -30.61 -78.55
C6 NAG BA . 12.29 -30.48 -77.36
C7 NAG BA . 17.58 -29.26 -81.30
C8 NAG BA . 18.26 -29.36 -82.63
N2 NAG BA . 16.33 -29.76 -81.25
O3 NAG BA . 16.81 -31.53 -79.04
O4 NAG BA . 14.45 -32.48 -77.68
O5 NAG BA . 13.33 -29.31 -79.13
O6 NAG BA . 12.94 -29.83 -76.27
O7 NAG BA . 18.12 -28.76 -80.32
C1 NAG CA . -35.46 -6.03 -26.18
C2 NAG CA . -34.90 -6.52 -27.51
C3 NAG CA . -34.98 -5.42 -28.57
C4 NAG CA . -36.40 -4.88 -28.66
C5 NAG CA . -36.91 -4.46 -27.28
C6 NAG CA . -38.35 -4.03 -27.29
C7 NAG CA . -33.20 -8.28 -27.28
C8 NAG CA . -31.73 -8.57 -27.12
N2 NAG CA . -33.53 -6.98 -27.37
O3 NAG CA . -34.58 -5.93 -29.83
O4 NAG CA . -36.44 -3.76 -29.53
O5 NAG CA . -36.81 -5.56 -26.37
O6 NAG CA . -39.13 -4.80 -28.21
O7 NAG CA . -34.04 -9.17 -27.33
#